data_2OQS
#
_entry.id   2OQS
#
loop_
_entity.id
_entity.type
_entity.pdbx_description
1 polymer 'Disks large homolog 1'
2 polymer 'C-terminal HPV-18 E6 peptide'
#
loop_
_entity_poly.entity_id
_entity_poly.type
_entity_poly.pdbx_seq_one_letter_code
_entity_poly.pdbx_strand_id
1 'polypeptide(L)'
;MEIKLIKGPKGLGFSIAGGVGNQHIPGDNSIYVTKIIEGGAAHKDGKLQIGDKLLAVNNVCLEEVTHEEAVTALKNTSDF
VYLKVAKPTGSHHHHHH
;
A
2 'polypeptide(L)' RRETQV B
#
# COMPACT_ATOMS: atom_id res chain seq x y z
N MET A 1 -12.13 -0.23 -2.45
CA MET A 1 -12.04 -0.73 -1.05
C MET A 1 -11.21 0.20 -0.17
N GLU A 2 -11.90 0.99 0.65
CA GLU A 2 -11.23 1.93 1.56
C GLU A 2 -11.15 1.37 2.97
N ILE A 3 -10.16 1.82 3.74
CA ILE A 3 -9.96 1.38 5.12
C ILE A 3 -9.43 2.55 5.95
N LYS A 4 -10.09 2.86 7.06
CA LYS A 4 -9.64 3.97 7.91
C LYS A 4 -8.73 3.48 9.03
N LEU A 5 -7.43 3.49 8.74
CA LEU A 5 -6.42 3.06 9.70
C LEU A 5 -5.93 4.21 10.57
N ILE A 6 -5.92 3.98 11.89
CA ILE A 6 -5.49 5.00 12.84
C ILE A 6 -3.98 4.92 13.08
N LYS A 7 -3.29 6.05 12.89
CA LYS A 7 -1.83 6.10 13.08
C LYS A 7 -1.44 5.77 14.52
N GLY A 8 -0.65 4.71 14.67
CA GLY A 8 -0.21 4.29 15.99
C GLY A 8 1.27 4.58 16.22
N PRO A 9 1.74 4.56 17.49
CA PRO A 9 3.14 4.82 17.82
C PRO A 9 4.11 3.93 17.04
N LYS A 10 3.76 2.65 16.92
CA LYS A 10 4.58 1.69 16.18
C LYS A 10 4.76 2.12 14.73
N GLY A 11 3.67 2.08 13.96
CA GLY A 11 3.71 2.49 12.57
C GLY A 11 2.73 1.72 11.70
N LEU A 12 3.16 1.38 10.49
CA LEU A 12 2.32 0.62 9.56
C LEU A 12 2.40 -0.88 9.85
N GLY A 13 3.63 -1.40 9.93
CA GLY A 13 3.81 -2.81 10.23
C GLY A 13 3.74 -3.73 9.01
N PHE A 14 4.15 -3.23 7.84
CA PHE A 14 4.13 -4.03 6.62
C PHE A 14 5.06 -3.41 5.56
N SER A 15 5.05 -3.99 4.36
CA SER A 15 5.88 -3.50 3.28
C SER A 15 5.05 -3.30 2.01
N ILE A 16 5.65 -2.72 0.98
CA ILE A 16 4.95 -2.47 -0.28
C ILE A 16 5.94 -2.40 -1.45
N ALA A 17 5.40 -2.40 -2.65
CA ALA A 17 6.17 -2.29 -3.89
C ALA A 17 5.44 -1.31 -4.81
N GLY A 18 6.09 -0.78 -5.85
CA GLY A 18 5.35 0.13 -6.71
C GLY A 18 6.19 0.96 -7.66
N GLY A 19 5.79 1.05 -8.93
CA GLY A 19 6.52 1.88 -9.89
C GLY A 19 7.37 1.09 -10.85
N VAL A 20 7.74 1.73 -11.96
CA VAL A 20 8.57 1.08 -12.97
C VAL A 20 9.96 0.79 -12.42
N GLY A 21 10.49 -0.40 -12.72
CA GLY A 21 11.81 -0.79 -12.22
C GLY A 21 11.75 -1.41 -10.83
N ASN A 22 10.67 -1.13 -10.10
CA ASN A 22 10.45 -1.65 -8.76
C ASN A 22 9.03 -2.22 -8.61
N GLN A 23 8.37 -2.51 -9.76
CA GLN A 23 7.00 -3.02 -9.78
C GLN A 23 6.82 -4.30 -8.96
N HIS A 24 5.67 -4.41 -8.31
CA HIS A 24 5.34 -5.59 -7.50
C HIS A 24 4.64 -6.66 -8.36
N ILE A 25 3.93 -6.21 -9.38
CA ILE A 25 3.20 -7.11 -10.27
C ILE A 25 3.37 -6.69 -11.73
N PRO A 26 3.77 -7.64 -12.61
CA PRO A 26 3.97 -7.37 -14.03
C PRO A 26 2.72 -6.79 -14.69
N GLY A 27 2.87 -5.63 -15.33
CA GLY A 27 1.74 -4.99 -16.00
C GLY A 27 1.01 -3.99 -15.12
N ASP A 28 1.30 -4.00 -13.81
CA ASP A 28 0.64 -3.07 -12.87
C ASP A 28 1.69 -2.37 -12.00
N ASN A 29 1.86 -1.07 -12.23
CA ASN A 29 2.83 -0.28 -11.47
C ASN A 29 2.21 0.30 -10.17
N SER A 30 1.07 -0.26 -9.74
CA SER A 30 0.41 0.21 -8.52
C SER A 30 1.22 -0.18 -7.28
N ILE A 31 0.71 0.18 -6.10
CA ILE A 31 1.40 -0.14 -4.85
C ILE A 31 0.79 -1.37 -4.17
N TYR A 32 1.53 -2.48 -4.18
CA TYR A 32 1.09 -3.73 -3.57
C TYR A 32 1.89 -4.06 -2.31
N VAL A 33 1.21 -4.66 -1.33
CA VAL A 33 1.87 -5.07 -0.09
C VAL A 33 2.63 -6.38 -0.31
N THR A 34 3.93 -6.38 0.03
CA THR A 34 4.77 -7.56 -0.17
C THR A 34 4.98 -8.39 1.10
N LYS A 35 4.85 -7.76 2.28
CA LYS A 35 5.07 -8.47 3.54
C LYS A 35 4.45 -7.72 4.72
N ILE A 36 3.52 -8.38 5.42
CA ILE A 36 2.87 -7.76 6.56
C ILE A 36 3.46 -8.30 7.88
N ILE A 37 3.92 -7.38 8.73
CA ILE A 37 4.51 -7.74 10.02
C ILE A 37 3.42 -8.02 11.05
N GLU A 38 3.70 -8.94 11.99
CA GLU A 38 2.74 -9.29 13.03
C GLU A 38 2.42 -8.10 13.92
N GLY A 39 1.19 -8.06 14.44
CA GLY A 39 0.76 -6.98 15.30
C GLY A 39 0.84 -5.59 14.65
N GLY A 40 0.91 -5.57 13.31
CA GLY A 40 0.98 -4.31 12.60
C GLY A 40 -0.38 -3.73 12.25
N ALA A 41 -0.41 -2.47 11.81
CA ALA A 41 -1.66 -1.80 11.45
C ALA A 41 -2.52 -2.65 10.53
N ALA A 42 -1.94 -3.09 9.41
CA ALA A 42 -2.66 -3.92 8.44
C ALA A 42 -2.98 -5.30 9.04
N HIS A 43 -1.95 -5.96 9.59
CA HIS A 43 -2.11 -7.28 10.20
C HIS A 43 -3.25 -7.30 11.21
N LYS A 44 -3.30 -6.29 12.07
CA LYS A 44 -4.35 -6.18 13.10
C LYS A 44 -5.71 -5.87 12.47
N ASP A 45 -5.71 -5.00 11.45
CA ASP A 45 -6.94 -4.62 10.76
C ASP A 45 -7.61 -5.82 10.11
N GLY A 46 -6.82 -6.59 9.34
CA GLY A 46 -7.34 -7.77 8.67
C GLY A 46 -7.84 -7.49 7.26
N LYS A 47 -8.25 -6.24 7.00
CA LYS A 47 -8.74 -5.85 5.69
C LYS A 47 -7.65 -5.94 4.62
N LEU A 48 -6.43 -5.49 4.98
CA LEU A 48 -5.31 -5.52 4.06
C LEU A 48 -4.57 -6.85 4.13
N GLN A 49 -4.46 -7.51 2.97
CA GLN A 49 -3.78 -8.79 2.85
C GLN A 49 -2.90 -8.80 1.61
N ILE A 50 -1.77 -9.53 1.67
CA ILE A 50 -0.85 -9.61 0.53
C ILE A 50 -1.60 -9.78 -0.79
N GLY A 51 -1.14 -9.07 -1.84
CA GLY A 51 -1.79 -9.16 -3.14
C GLY A 51 -2.65 -7.96 -3.48
N ASP A 52 -3.10 -7.20 -2.47
CA ASP A 52 -3.93 -6.03 -2.73
C ASP A 52 -3.11 -4.90 -3.35
N LYS A 53 -3.79 -4.06 -4.12
CA LYS A 53 -3.15 -2.93 -4.76
C LYS A 53 -3.65 -1.61 -4.18
N LEU A 54 -2.78 -0.63 -4.17
CA LEU A 54 -3.12 0.68 -3.62
C LEU A 54 -3.57 1.65 -4.71
N LEU A 55 -4.89 1.84 -4.79
CA LEU A 55 -5.47 2.76 -5.75
C LEU A 55 -5.06 4.19 -5.40
N ALA A 56 -5.28 4.59 -4.14
CA ALA A 56 -4.90 5.93 -3.70
C ALA A 56 -4.70 5.98 -2.18
N VAL A 57 -3.98 6.98 -1.70
CA VAL A 57 -3.73 7.14 -0.27
C VAL A 57 -3.57 8.61 0.11
N ASN A 58 -4.47 9.09 0.96
CA ASN A 58 -4.46 10.50 1.40
C ASN A 58 -4.80 11.44 0.23
N ASN A 59 -5.74 11.01 -0.61
CA ASN A 59 -6.19 11.79 -1.78
C ASN A 59 -5.27 11.61 -3.00
N VAL A 60 -4.08 11.04 -2.80
CA VAL A 60 -3.14 10.84 -3.91
C VAL A 60 -3.29 9.43 -4.49
N CYS A 61 -3.14 9.30 -5.80
CA CYS A 61 -3.24 7.99 -6.45
C CYS A 61 -1.91 7.25 -6.33
N LEU A 62 -1.98 6.01 -5.87
CA LEU A 62 -0.79 5.18 -5.73
C LEU A 62 -0.68 4.14 -6.85
N GLU A 63 -1.25 4.43 -8.02
CA GLU A 63 -1.23 3.51 -9.14
C GLU A 63 -0.33 3.98 -10.29
N GLU A 64 0.00 5.28 -10.31
CA GLU A 64 0.85 5.83 -11.36
C GLU A 64 2.06 6.58 -10.76
N VAL A 65 2.69 5.96 -9.76
CA VAL A 65 3.85 6.55 -9.11
C VAL A 65 4.98 5.54 -8.92
N THR A 66 6.19 6.06 -8.72
CA THR A 66 7.37 5.22 -8.49
C THR A 66 7.29 4.56 -7.12
N HIS A 67 8.36 3.90 -6.70
CA HIS A 67 8.36 3.25 -5.40
C HIS A 67 8.48 4.30 -4.30
N GLU A 68 9.31 5.32 -4.54
CA GLU A 68 9.50 6.40 -3.57
C GLU A 68 8.15 6.97 -3.14
N GLU A 69 7.27 7.22 -4.11
CA GLU A 69 5.94 7.75 -3.84
C GLU A 69 5.11 6.73 -3.05
N ALA A 70 5.27 5.45 -3.37
CA ALA A 70 4.56 4.37 -2.68
C ALA A 70 4.89 4.38 -1.18
N VAL A 71 6.16 4.58 -0.86
CA VAL A 71 6.62 4.62 0.52
C VAL A 71 6.34 5.99 1.16
N THR A 72 6.51 7.05 0.36
CA THR A 72 6.29 8.41 0.84
C THR A 72 4.83 8.62 1.26
N ALA A 73 3.90 8.04 0.51
CA ALA A 73 2.48 8.16 0.79
C ALA A 73 2.07 7.28 1.96
N LEU A 74 2.68 6.08 2.05
CA LEU A 74 2.40 5.17 3.15
C LEU A 74 2.96 5.74 4.45
N LYS A 75 4.06 6.48 4.33
CA LYS A 75 4.71 7.09 5.50
C LYS A 75 4.08 8.46 5.85
N ASN A 76 3.35 9.05 4.89
CA ASN A 76 2.71 10.36 5.12
C ASN A 76 1.43 10.20 5.94
N THR A 77 1.56 9.72 7.17
CA THR A 77 0.43 9.51 8.05
C THR A 77 0.59 10.31 9.35
N SER A 78 -0.34 11.24 9.59
CA SER A 78 -0.31 12.06 10.80
C SER A 78 -1.13 11.41 11.92
N ASP A 79 -2.44 11.67 11.93
CA ASP A 79 -3.32 11.09 12.95
C ASP A 79 -4.03 9.86 12.38
N PHE A 80 -4.53 9.97 11.15
CA PHE A 80 -5.21 8.88 10.48
C PHE A 80 -4.65 8.67 9.07
N VAL A 81 -5.06 7.59 8.42
CA VAL A 81 -4.61 7.30 7.06
C VAL A 81 -5.75 6.70 6.24
N TYR A 82 -6.13 7.37 5.16
CA TYR A 82 -7.22 6.89 4.31
C TYR A 82 -6.66 6.12 3.11
N LEU A 83 -6.67 4.80 3.23
CA LEU A 83 -6.15 3.92 2.20
C LEU A 83 -7.23 3.56 1.17
N LYS A 84 -6.90 3.76 -0.10
CA LYS A 84 -7.81 3.45 -1.20
C LYS A 84 -7.23 2.30 -2.01
N VAL A 85 -7.92 1.16 -1.99
CA VAL A 85 -7.47 -0.03 -2.70
C VAL A 85 -8.35 -0.31 -3.91
N ALA A 86 -7.72 -0.59 -5.05
CA ALA A 86 -8.45 -0.88 -6.29
C ALA A 86 -8.71 -2.39 -6.43
N LYS A 87 -9.84 -2.73 -7.05
CA LYS A 87 -10.19 -4.13 -7.26
C LYS A 87 -9.73 -4.61 -8.63
N PRO A 88 -8.79 -5.58 -8.67
CA PRO A 88 -8.25 -6.11 -9.93
C PRO A 88 -9.28 -6.94 -10.69
N THR A 89 -9.63 -6.49 -11.90
CA THR A 89 -10.60 -7.20 -12.73
C THR A 89 -10.08 -7.35 -14.16
N GLY A 90 -9.89 -6.21 -14.84
CA GLY A 90 -9.38 -6.22 -16.20
C GLY A 90 -10.41 -6.70 -17.22
N SER A 91 -10.16 -6.40 -18.49
CA SER A 91 -11.06 -6.80 -19.57
C SER A 91 -10.54 -8.04 -20.28
N HIS A 92 -9.23 -8.05 -20.59
CA HIS A 92 -8.61 -9.18 -21.26
C HIS A 92 -8.41 -10.36 -20.31
N ARG B 1 12.40 -5.05 -9.92
CA ARG B 1 11.42 -5.15 -8.79
C ARG B 1 12.06 -4.75 -7.46
N ARG B 2 11.33 -3.97 -6.66
CA ARG B 2 11.82 -3.53 -5.36
C ARG B 2 10.69 -3.52 -4.33
N GLU B 3 10.95 -4.14 -3.18
CA GLU B 3 9.97 -4.22 -2.09
C GLU B 3 10.57 -3.68 -0.80
N THR B 4 10.09 -2.51 -0.36
CA THR B 4 10.60 -1.89 0.85
C THR B 4 9.52 -1.85 1.94
N GLN B 5 9.95 -2.00 3.19
CA GLN B 5 9.02 -1.97 4.32
C GLN B 5 8.68 -0.53 4.69
N VAL B 6 7.50 -0.33 5.26
CA VAL B 6 7.04 0.99 5.65
C VAL B 6 6.31 0.96 7.00
N MET A 1 -13.04 1.03 -3.49
CA MET A 1 -12.93 0.57 -2.08
C MET A 1 -11.94 1.44 -1.30
N GLU A 2 -12.31 1.79 -0.06
CA GLU A 2 -11.45 2.61 0.80
C GLU A 2 -11.21 1.92 2.14
N ILE A 3 -10.14 2.31 2.83
CA ILE A 3 -9.79 1.73 4.13
C ILE A 3 -9.15 2.78 5.04
N LYS A 4 -9.80 3.06 6.17
CA LYS A 4 -9.28 4.04 7.14
C LYS A 4 -8.96 3.34 8.46
N LEU A 5 -7.95 3.82 9.19
CA LEU A 5 -7.57 3.21 10.47
C LEU A 5 -6.97 4.26 11.40
N ILE A 6 -6.76 3.89 12.66
CA ILE A 6 -6.17 4.79 13.66
C ILE A 6 -4.68 4.50 13.83
N LYS A 7 -3.87 5.56 13.94
CA LYS A 7 -2.42 5.41 14.10
C LYS A 7 -2.07 4.56 15.32
N GLY A 8 -1.16 3.60 15.12
CA GLY A 8 -0.73 2.73 16.20
C GLY A 8 0.55 3.22 16.85
N PRO A 9 1.37 2.30 17.41
CA PRO A 9 2.63 2.66 18.06
C PRO A 9 3.71 3.08 17.04
N LYS A 10 4.40 2.11 16.44
CA LYS A 10 5.44 2.41 15.45
C LYS A 10 4.87 3.12 14.23
N GLY A 11 4.05 2.41 13.45
CA GLY A 11 3.46 3.01 12.26
C GLY A 11 2.53 2.06 11.52
N LEU A 12 2.95 1.62 10.33
CA LEU A 12 2.15 0.70 9.51
C LEU A 12 2.41 -0.75 9.89
N GLY A 13 3.69 -1.14 9.92
CA GLY A 13 4.04 -2.50 10.26
C GLY A 13 3.98 -3.46 9.09
N PHE A 14 4.31 -2.97 7.88
CA PHE A 14 4.29 -3.81 6.69
C PHE A 14 5.16 -3.19 5.58
N SER A 15 5.15 -3.81 4.40
CA SER A 15 5.93 -3.32 3.28
C SER A 15 5.06 -3.23 2.02
N ILE A 16 5.63 -2.69 0.95
CA ILE A 16 4.92 -2.54 -0.32
C ILE A 16 5.90 -2.46 -1.50
N ALA A 17 5.35 -2.52 -2.70
CA ALA A 17 6.12 -2.41 -3.94
C ALA A 17 5.36 -1.47 -4.87
N GLY A 18 5.98 -0.94 -5.92
CA GLY A 18 5.20 -0.07 -6.80
C GLY A 18 6.00 0.76 -7.78
N GLY A 19 5.56 0.80 -9.05
CA GLY A 19 6.24 1.61 -10.05
C GLY A 19 7.06 0.78 -11.01
N VAL A 20 7.31 1.33 -12.20
CA VAL A 20 8.10 0.63 -13.21
C VAL A 20 9.53 0.42 -12.72
N GLY A 21 10.08 -0.77 -12.94
CA GLY A 21 11.44 -1.08 -12.50
C GLY A 21 11.51 -1.52 -11.03
N ASN A 22 10.47 -1.19 -10.26
CA ASN A 22 10.38 -1.55 -8.84
C ASN A 22 8.95 -1.97 -8.50
N GLN A 23 8.20 -2.47 -9.49
CA GLN A 23 6.81 -2.89 -9.29
C GLN A 23 6.70 -4.21 -8.54
N HIS A 24 5.51 -4.44 -7.99
CA HIS A 24 5.25 -5.65 -7.21
C HIS A 24 4.71 -6.78 -8.09
N ILE A 25 4.07 -6.42 -9.21
CA ILE A 25 3.51 -7.41 -10.11
C ILE A 25 3.60 -6.96 -11.57
N PRO A 26 4.07 -7.84 -12.47
CA PRO A 26 4.21 -7.53 -13.90
C PRO A 26 2.88 -7.06 -14.52
N GLY A 27 2.92 -5.91 -15.19
CA GLY A 27 1.72 -5.38 -15.80
C GLY A 27 1.05 -4.33 -14.92
N ASP A 28 0.73 -4.71 -13.68
CA ASP A 28 0.09 -3.80 -12.74
C ASP A 28 1.14 -3.01 -11.95
N ASN A 29 1.29 -1.74 -12.29
CA ASN A 29 2.26 -0.86 -11.63
C ASN A 29 1.70 -0.20 -10.36
N SER A 30 0.60 -0.74 -9.83
CA SER A 30 -0.01 -0.21 -8.61
C SER A 30 0.71 -0.75 -7.39
N ILE A 31 0.65 -0.04 -6.27
CA ILE A 31 1.36 -0.46 -5.06
C ILE A 31 0.70 -1.66 -4.36
N TYR A 32 1.49 -2.73 -4.15
CA TYR A 32 1.02 -3.94 -3.48
C TYR A 32 1.85 -4.20 -2.23
N VAL A 33 1.22 -4.82 -1.22
CA VAL A 33 1.92 -5.15 0.02
C VAL A 33 2.79 -6.40 -0.18
N THR A 34 4.08 -6.27 0.15
CA THR A 34 5.03 -7.37 -0.03
C THR A 34 5.28 -8.20 1.25
N LYS A 35 5.15 -7.57 2.43
CA LYS A 35 5.37 -8.28 3.70
C LYS A 35 4.73 -7.56 4.87
N ILE A 36 3.87 -8.26 5.60
CA ILE A 36 3.21 -7.67 6.77
C ILE A 36 3.87 -8.11 8.07
N ILE A 37 4.33 -7.13 8.87
CA ILE A 37 4.98 -7.41 10.14
C ILE A 37 3.94 -7.72 11.22
N GLU A 38 4.32 -8.56 12.19
CA GLU A 38 3.42 -8.94 13.28
C GLU A 38 3.04 -7.72 14.13
N GLY A 39 1.82 -7.75 14.68
CA GLY A 39 1.33 -6.65 15.50
C GLY A 39 1.28 -5.32 14.77
N GLY A 40 1.31 -5.35 13.44
CA GLY A 40 1.25 -4.12 12.66
C GLY A 40 -0.17 -3.66 12.36
N ALA A 41 -0.30 -2.43 11.89
CA ALA A 41 -1.61 -1.85 11.56
C ALA A 41 -2.43 -2.80 10.70
N ALA A 42 -1.85 -3.28 9.60
CA ALA A 42 -2.55 -4.20 8.70
C ALA A 42 -2.74 -5.57 9.35
N HIS A 43 -1.66 -6.13 9.88
CA HIS A 43 -1.68 -7.43 10.54
C HIS A 43 -2.76 -7.51 11.61
N LYS A 44 -2.86 -6.47 12.44
CA LYS A 44 -3.84 -6.43 13.53
C LYS A 44 -5.25 -6.20 12.99
N ASP A 45 -5.38 -5.36 11.96
CA ASP A 45 -6.68 -5.07 11.36
C ASP A 45 -7.28 -6.30 10.69
N GLY A 46 -6.53 -6.91 9.77
CA GLY A 46 -7.01 -8.10 9.07
C GLY A 46 -7.52 -7.81 7.67
N LYS A 47 -8.03 -6.60 7.45
CA LYS A 47 -8.55 -6.21 6.13
C LYS A 47 -7.45 -6.21 5.07
N LEU A 48 -6.27 -5.69 5.43
CA LEU A 48 -5.15 -5.65 4.49
C LEU A 48 -4.31 -6.92 4.56
N GLN A 49 -4.27 -7.64 3.44
CA GLN A 49 -3.51 -8.88 3.33
C GLN A 49 -2.64 -8.87 2.08
N ILE A 50 -1.46 -9.47 2.16
CA ILE A 50 -0.53 -9.53 1.01
C ILE A 50 -1.30 -9.84 -0.28
N GLY A 51 -1.04 -9.06 -1.33
CA GLY A 51 -1.72 -9.27 -2.60
C GLY A 51 -2.63 -8.12 -2.98
N ASP A 52 -3.04 -7.30 -1.99
CA ASP A 52 -3.91 -6.16 -2.26
C ASP A 52 -3.17 -5.07 -3.03
N LYS A 53 -3.93 -4.38 -3.88
CA LYS A 53 -3.38 -3.30 -4.70
C LYS A 53 -3.83 -1.93 -4.18
N LEU A 54 -2.98 -0.94 -4.39
CA LEU A 54 -3.26 0.42 -3.93
C LEU A 54 -3.67 1.33 -5.08
N LEU A 55 -4.81 2.00 -4.90
CA LEU A 55 -5.32 2.93 -5.89
C LEU A 55 -4.88 4.35 -5.54
N ALA A 56 -5.16 4.79 -4.31
CA ALA A 56 -4.77 6.14 -3.88
C ALA A 56 -4.48 6.20 -2.38
N VAL A 57 -3.72 7.21 -1.95
CA VAL A 57 -3.38 7.40 -0.56
C VAL A 57 -3.53 8.88 -0.17
N ASN A 58 -4.51 9.17 0.70
CA ASN A 58 -4.76 10.53 1.14
C ASN A 58 -5.11 11.46 -0.04
N ASN A 59 -5.87 10.92 -1.00
CA ASN A 59 -6.29 11.67 -2.20
C ASN A 59 -5.29 11.54 -3.36
N VAL A 60 -4.06 11.12 -3.07
CA VAL A 60 -3.03 10.96 -4.10
C VAL A 60 -3.12 9.57 -4.72
N CYS A 61 -2.94 9.45 -6.04
CA CYS A 61 -3.01 8.14 -6.69
C CYS A 61 -1.70 7.40 -6.53
N LEU A 62 -1.79 6.16 -6.06
CA LEU A 62 -0.62 5.29 -5.88
C LEU A 62 -0.54 4.25 -7.01
N GLU A 63 -1.20 4.52 -8.14
CA GLU A 63 -1.22 3.60 -9.27
C GLU A 63 -0.28 4.03 -10.39
N GLU A 64 0.05 5.33 -10.45
CA GLU A 64 0.94 5.85 -11.49
C GLU A 64 2.07 6.68 -10.89
N VAL A 65 2.79 6.09 -9.95
CA VAL A 65 3.90 6.77 -9.29
C VAL A 65 5.05 5.80 -8.99
N THR A 66 6.27 6.37 -8.91
CA THR A 66 7.46 5.58 -8.61
C THR A 66 7.36 4.95 -7.23
N HIS A 67 8.16 3.92 -6.96
CA HIS A 67 8.13 3.25 -5.67
C HIS A 67 8.26 4.26 -4.53
N GLU A 68 9.10 5.28 -4.72
CA GLU A 68 9.29 6.32 -3.71
C GLU A 68 7.94 6.86 -3.23
N GLU A 69 7.06 7.19 -4.19
CA GLU A 69 5.73 7.71 -3.88
C GLU A 69 4.91 6.68 -3.09
N ALA A 70 5.11 5.40 -3.42
CA ALA A 70 4.41 4.31 -2.72
C ALA A 70 4.76 4.31 -1.24
N VAL A 71 6.04 4.52 -0.95
CA VAL A 71 6.53 4.55 0.42
C VAL A 71 6.25 5.90 1.09
N THR A 72 6.38 6.99 0.32
CA THR A 72 6.15 8.33 0.85
C THR A 72 4.69 8.53 1.25
N ALA A 73 3.77 7.85 0.55
CA ALA A 73 2.34 7.97 0.84
C ALA A 73 1.94 7.08 2.01
N LEU A 74 2.56 5.89 2.11
CA LEU A 74 2.27 4.99 3.20
C LEU A 74 2.94 5.48 4.48
N LYS A 75 4.13 6.06 4.31
CA LYS A 75 4.92 6.58 5.43
C LYS A 75 4.32 7.87 6.00
N ASN A 76 3.65 8.66 5.16
CA ASN A 76 3.07 9.93 5.60
C ASN A 76 1.80 9.72 6.45
N THR A 77 2.01 9.33 7.70
CA THR A 77 0.92 9.10 8.65
C THR A 77 1.13 9.89 9.93
N SER A 78 0.04 10.43 10.48
CA SER A 78 0.10 11.22 11.72
C SER A 78 -0.90 10.71 12.74
N ASP A 79 -2.17 11.11 12.58
CA ASP A 79 -3.23 10.68 13.49
C ASP A 79 -4.01 9.53 12.88
N PHE A 80 -4.58 9.77 11.69
CA PHE A 80 -5.35 8.76 10.97
C PHE A 80 -4.76 8.54 9.59
N VAL A 81 -5.21 7.50 8.89
CA VAL A 81 -4.73 7.20 7.56
C VAL A 81 -5.89 6.75 6.66
N TYR A 82 -5.85 7.13 5.39
CA TYR A 82 -6.91 6.77 4.46
C TYR A 82 -6.34 6.15 3.18
N LEU A 83 -6.35 4.82 3.14
CA LEU A 83 -5.83 4.07 2.01
C LEU A 83 -6.95 3.75 1.01
N LYS A 84 -6.71 4.05 -0.26
CA LYS A 84 -7.68 3.78 -1.32
C LYS A 84 -7.23 2.62 -2.19
N VAL A 85 -7.95 1.51 -2.09
CA VAL A 85 -7.62 0.30 -2.86
C VAL A 85 -8.70 -0.01 -3.90
N ALA A 86 -8.28 -0.08 -5.17
CA ALA A 86 -9.22 -0.37 -6.26
C ALA A 86 -8.88 -1.70 -6.93
N LYS A 87 -9.85 -2.61 -6.93
CA LYS A 87 -9.66 -3.93 -7.55
C LYS A 87 -9.59 -3.82 -9.08
N PRO A 88 -8.44 -4.19 -9.67
CA PRO A 88 -8.22 -4.13 -11.13
C PRO A 88 -9.24 -5.00 -11.89
N THR A 89 -9.80 -4.45 -12.96
CA THR A 89 -10.77 -5.18 -13.77
C THR A 89 -10.66 -4.80 -15.26
N GLY A 90 -10.61 -5.83 -16.11
CA GLY A 90 -10.50 -5.60 -17.54
C GLY A 90 -9.21 -6.17 -18.15
N SER A 91 -8.46 -6.94 -17.36
CA SER A 91 -7.21 -7.54 -17.84
C SER A 91 -7.48 -8.65 -18.85
N HIS A 92 -8.56 -9.41 -18.64
CA HIS A 92 -8.93 -10.50 -19.53
C HIS A 92 -9.56 -9.96 -20.82
N ARG B 1 11.69 -5.28 -10.26
CA ARG B 1 10.80 -5.20 -9.06
C ARG B 1 11.60 -4.86 -7.80
N ARG B 2 10.99 -4.09 -6.90
CA ARG B 2 11.63 -3.69 -5.65
C ARG B 2 10.60 -3.55 -4.53
N GLU B 3 10.95 -4.06 -3.35
CA GLU B 3 10.07 -4.01 -2.19
C GLU B 3 10.72 -3.25 -1.05
N THR B 4 9.91 -2.53 -0.28
CA THR B 4 10.41 -1.74 0.85
C THR B 4 9.35 -1.61 1.94
N GLN B 5 9.80 -1.59 3.20
CA GLN B 5 8.90 -1.46 4.34
C GLN B 5 8.43 -0.02 4.52
N VAL B 6 7.27 0.13 5.16
CA VAL B 6 6.69 1.45 5.39
C VAL B 6 5.98 1.51 6.75
N MET A 1 -15.10 0.20 -0.10
CA MET A 1 -13.87 -0.47 0.40
C MET A 1 -12.79 0.55 0.73
N GLU A 2 -12.77 0.99 1.99
CA GLU A 2 -11.79 1.98 2.44
C GLU A 2 -11.11 1.53 3.75
N ILE A 3 -9.79 1.53 3.73
CA ILE A 3 -9.01 1.12 4.90
C ILE A 3 -8.56 2.35 5.70
N LYS A 4 -9.26 2.59 6.81
CA LYS A 4 -8.93 3.73 7.67
C LYS A 4 -8.15 3.27 8.90
N LEU A 5 -6.83 3.29 8.76
CA LEU A 5 -5.93 2.84 9.83
C LEU A 5 -5.57 3.99 10.76
N ILE A 6 -5.69 3.74 12.07
CA ILE A 6 -5.37 4.74 13.09
C ILE A 6 -3.90 4.68 13.49
N LYS A 7 -3.20 5.81 13.36
CA LYS A 7 -1.79 5.90 13.69
C LYS A 7 -1.52 5.59 15.17
N GLY A 8 -0.81 4.50 15.42
CA GLY A 8 -0.48 4.10 16.78
C GLY A 8 1.00 4.05 17.03
N PRO A 9 1.45 3.36 18.11
CA PRO A 9 2.87 3.24 18.46
C PRO A 9 3.68 2.55 17.35
N LYS A 10 3.08 1.53 16.74
CA LYS A 10 3.74 0.79 15.66
C LYS A 10 3.44 1.44 14.32
N GLY A 11 2.16 1.52 13.96
CA GLY A 11 1.76 2.09 12.69
C GLY A 11 1.46 1.04 11.65
N LEU A 12 1.63 1.40 10.38
CA LEU A 12 1.36 0.48 9.26
C LEU A 12 1.75 -0.96 9.60
N GLY A 13 3.04 -1.18 9.86
CA GLY A 13 3.52 -2.50 10.20
C GLY A 13 3.44 -3.48 9.05
N PHE A 14 3.92 -3.06 7.88
CA PHE A 14 3.92 -3.89 6.67
C PHE A 14 4.89 -3.32 5.63
N SER A 15 4.89 -3.89 4.43
CA SER A 15 5.77 -3.42 3.36
C SER A 15 4.96 -3.22 2.08
N ILE A 16 5.56 -2.59 1.08
CA ILE A 16 4.88 -2.35 -0.19
C ILE A 16 5.88 -2.21 -1.34
N ALA A 17 5.33 -2.22 -2.54
CA ALA A 17 6.10 -2.04 -3.76
C ALA A 17 5.33 -1.07 -4.65
N GLY A 18 5.94 -0.54 -5.71
CA GLY A 18 5.20 0.38 -6.56
C GLY A 18 6.04 1.19 -7.52
N GLY A 19 5.74 1.15 -8.83
CA GLY A 19 6.51 1.95 -9.76
C GLY A 19 7.37 1.14 -10.71
N VAL A 20 7.66 1.75 -11.88
CA VAL A 20 8.49 1.09 -12.89
C VAL A 20 9.93 0.94 -12.37
N GLY A 21 10.62 -0.10 -12.81
CA GLY A 21 11.98 -0.35 -12.35
C GLY A 21 12.01 -1.07 -11.00
N ASN A 22 10.88 -1.04 -10.29
CA ASN A 22 10.74 -1.70 -9.00
C ASN A 22 9.35 -2.37 -8.92
N GLN A 23 8.73 -2.58 -10.09
CA GLN A 23 7.39 -3.17 -10.20
C GLN A 23 7.20 -4.43 -9.33
N HIS A 24 6.03 -4.52 -8.70
CA HIS A 24 5.68 -5.65 -7.84
C HIS A 24 4.86 -6.69 -8.61
N ILE A 25 4.07 -6.22 -9.57
CA ILE A 25 3.22 -7.11 -10.37
C ILE A 25 3.38 -6.81 -11.86
N PRO A 26 3.64 -7.86 -12.67
CA PRO A 26 3.83 -7.70 -14.13
C PRO A 26 2.61 -7.05 -14.80
N GLY A 27 2.82 -5.85 -15.33
CA GLY A 27 1.74 -5.13 -15.99
C GLY A 27 1.20 -3.99 -15.16
N ASP A 28 0.93 -4.24 -13.89
CA ASP A 28 0.40 -3.22 -12.99
C ASP A 28 1.48 -2.62 -12.10
N ASN A 29 1.85 -1.38 -12.37
CA ASN A 29 2.87 -0.67 -11.59
C ASN A 29 2.28 -0.03 -10.32
N SER A 30 1.12 -0.53 -9.87
CA SER A 30 0.46 -0.01 -8.68
C SER A 30 1.27 -0.31 -7.42
N ILE A 31 0.76 0.11 -6.26
CA ILE A 31 1.46 -0.14 -5.01
C ILE A 31 0.87 -1.37 -4.28
N TYR A 32 1.65 -2.45 -4.26
CA TYR A 32 1.21 -3.71 -3.62
C TYR A 32 1.98 -4.00 -2.33
N VAL A 33 1.29 -4.62 -1.37
CA VAL A 33 1.90 -5.00 -0.10
C VAL A 33 2.60 -6.36 -0.25
N THR A 34 3.89 -6.41 0.10
CA THR A 34 4.67 -7.64 -0.04
C THR A 34 4.84 -8.41 1.28
N LYS A 35 4.77 -7.73 2.43
CA LYS A 35 4.93 -8.40 3.73
C LYS A 35 4.29 -7.61 4.86
N ILE A 36 3.32 -8.23 5.54
CA ILE A 36 2.65 -7.57 6.67
C ILE A 36 3.23 -8.05 8.00
N ILE A 37 3.74 -7.11 8.79
CA ILE A 37 4.34 -7.42 10.09
C ILE A 37 3.25 -7.73 11.13
N GLU A 38 3.57 -8.63 12.07
CA GLU A 38 2.63 -9.02 13.11
C GLU A 38 2.25 -7.82 13.99
N GLY A 39 1.00 -7.79 14.44
CA GLY A 39 0.51 -6.71 15.28
C GLY A 39 0.55 -5.34 14.61
N GLY A 40 0.63 -5.33 13.27
CA GLY A 40 0.67 -4.07 12.53
C GLY A 40 -0.71 -3.58 12.13
N ALA A 41 -0.78 -2.32 11.70
CA ALA A 41 -2.04 -1.71 11.28
C ALA A 41 -2.85 -2.62 10.36
N ALA A 42 -2.22 -3.07 9.27
CA ALA A 42 -2.89 -3.95 8.31
C ALA A 42 -3.19 -5.32 8.92
N HIS A 43 -2.16 -5.93 9.54
CA HIS A 43 -2.31 -7.24 10.17
C HIS A 43 -3.48 -7.27 11.15
N LYS A 44 -3.53 -6.29 12.05
CA LYS A 44 -4.59 -6.21 13.05
C LYS A 44 -5.95 -5.93 12.40
N ASP A 45 -5.95 -5.06 11.39
CA ASP A 45 -7.18 -4.71 10.68
C ASP A 45 -7.79 -5.94 10.01
N GLY A 46 -6.96 -6.67 9.27
CA GLY A 46 -7.42 -7.88 8.57
C GLY A 46 -7.87 -7.60 7.14
N LYS A 47 -8.32 -6.37 6.87
CA LYS A 47 -8.78 -5.99 5.54
C LYS A 47 -7.65 -6.10 4.51
N LEU A 48 -6.47 -5.57 4.86
CA LEU A 48 -5.32 -5.61 3.97
C LEU A 48 -4.59 -6.95 4.05
N GLN A 49 -4.47 -7.62 2.91
CA GLN A 49 -3.79 -8.90 2.80
C GLN A 49 -2.77 -8.87 1.66
N ILE A 50 -1.65 -9.56 1.83
CA ILE A 50 -0.60 -9.60 0.81
C ILE A 50 -1.19 -9.90 -0.58
N GLY A 51 -0.93 -8.99 -1.53
CA GLY A 51 -1.44 -9.16 -2.89
C GLY A 51 -2.34 -8.02 -3.33
N ASP A 52 -2.96 -7.31 -2.38
CA ASP A 52 -3.83 -6.19 -2.73
C ASP A 52 -3.05 -5.05 -3.35
N LYS A 53 -3.73 -4.24 -4.15
CA LYS A 53 -3.10 -3.10 -4.80
C LYS A 53 -3.65 -1.78 -4.25
N LEU A 54 -2.78 -0.78 -4.24
CA LEU A 54 -3.15 0.53 -3.72
C LEU A 54 -3.55 1.48 -4.84
N LEU A 55 -4.83 1.87 -4.82
CA LEU A 55 -5.38 2.79 -5.81
C LEU A 55 -4.93 4.22 -5.50
N ALA A 56 -5.14 4.67 -4.25
CA ALA A 56 -4.74 6.02 -3.88
C ALA A 56 -4.47 6.14 -2.37
N VAL A 57 -3.73 7.19 -1.98
CA VAL A 57 -3.41 7.43 -0.57
C VAL A 57 -3.39 8.93 -0.24
N ASN A 58 -4.39 9.37 0.52
CA ASN A 58 -4.49 10.78 0.93
C ASN A 58 -4.71 11.68 -0.30
N ASN A 59 -5.69 11.31 -1.12
CA ASN A 59 -6.06 12.07 -2.33
C ASN A 59 -5.10 11.84 -3.50
N VAL A 60 -3.93 11.22 -3.25
CA VAL A 60 -2.97 10.96 -4.32
C VAL A 60 -3.12 9.54 -4.85
N CYS A 61 -2.96 9.35 -6.15
CA CYS A 61 -3.07 8.01 -6.72
C CYS A 61 -1.79 7.23 -6.49
N LEU A 62 -1.93 5.97 -6.10
CA LEU A 62 -0.79 5.10 -5.85
C LEU A 62 -0.56 4.12 -7.01
N GLU A 63 -0.93 4.53 -8.23
CA GLU A 63 -0.79 3.67 -9.41
C GLU A 63 0.09 4.31 -10.50
N GLU A 64 0.26 5.63 -10.45
CA GLU A 64 1.07 6.34 -11.46
C GLU A 64 2.30 7.01 -10.82
N VAL A 65 2.96 6.28 -9.92
CA VAL A 65 4.15 6.82 -9.25
C VAL A 65 5.24 5.76 -9.02
N THR A 66 6.46 6.24 -8.82
CA THR A 66 7.61 5.37 -8.55
C THR A 66 7.48 4.75 -7.15
N HIS A 67 8.52 4.05 -6.70
CA HIS A 67 8.47 3.42 -5.39
C HIS A 67 8.53 4.46 -4.26
N GLU A 68 9.38 5.48 -4.41
CA GLU A 68 9.51 6.52 -3.39
C GLU A 68 8.14 7.13 -3.07
N GLU A 69 7.33 7.36 -4.12
CA GLU A 69 5.99 7.93 -3.94
C GLU A 69 5.07 6.94 -3.22
N ALA A 70 5.23 5.65 -3.53
CA ALA A 70 4.45 4.58 -2.91
C ALA A 70 4.68 4.55 -1.40
N VAL A 71 5.96 4.58 -1.02
CA VAL A 71 6.39 4.55 0.38
C VAL A 71 6.09 5.88 1.07
N THR A 72 6.33 6.99 0.38
CA THR A 72 6.10 8.32 0.93
C THR A 72 4.63 8.54 1.23
N ALA A 73 3.75 7.92 0.44
CA ALA A 73 2.31 8.07 0.60
C ALA A 73 1.79 7.31 1.81
N LEU A 74 2.26 6.08 2.02
CA LEU A 74 1.80 5.30 3.17
C LEU A 74 2.43 5.85 4.46
N LYS A 75 3.61 6.48 4.34
CA LYS A 75 4.28 7.03 5.52
C LYS A 75 3.78 8.44 5.85
N ASN A 76 3.26 9.15 4.85
CA ASN A 76 2.75 10.51 5.05
C ASN A 76 1.46 10.51 5.87
N THR A 77 1.57 10.19 7.16
CA THR A 77 0.42 10.13 8.05
C THR A 77 0.69 10.86 9.37
N SER A 78 -0.39 11.21 10.08
CA SER A 78 -0.29 11.90 11.37
C SER A 78 -1.13 11.18 12.42
N ASP A 79 -2.46 11.37 12.33
CA ASP A 79 -3.38 10.73 13.27
C ASP A 79 -4.06 9.53 12.62
N PHE A 80 -4.48 9.71 11.37
CA PHE A 80 -5.14 8.63 10.62
C PHE A 80 -4.52 8.48 9.23
N VAL A 81 -4.89 7.41 8.52
CA VAL A 81 -4.39 7.17 7.17
C VAL A 81 -5.51 6.59 6.29
N TYR A 82 -5.85 7.30 5.22
CA TYR A 82 -6.91 6.85 4.32
C TYR A 82 -6.33 6.11 3.12
N LEU A 83 -6.37 4.78 3.20
CA LEU A 83 -5.85 3.92 2.15
C LEU A 83 -6.93 3.54 1.15
N LYS A 84 -6.66 3.83 -0.13
CA LYS A 84 -7.59 3.50 -1.21
C LYS A 84 -7.03 2.33 -2.01
N VAL A 85 -7.76 1.20 -2.00
CA VAL A 85 -7.31 0.01 -2.72
C VAL A 85 -8.38 -0.51 -3.68
N ALA A 86 -7.97 -0.75 -4.93
CA ALA A 86 -8.87 -1.26 -5.95
C ALA A 86 -8.72 -2.77 -6.12
N LYS A 87 -9.77 -3.43 -6.62
CA LYS A 87 -9.75 -4.87 -6.81
C LYS A 87 -9.47 -5.22 -8.28
N PRO A 88 -8.60 -6.22 -8.53
CA PRO A 88 -8.24 -6.65 -9.89
C PRO A 88 -9.39 -7.40 -10.58
N THR A 89 -9.80 -6.91 -11.75
CA THR A 89 -10.88 -7.54 -12.50
C THR A 89 -10.59 -7.51 -14.01
N GLY A 90 -9.81 -8.49 -14.48
CA GLY A 90 -9.47 -8.56 -15.88
C GLY A 90 -9.58 -9.97 -16.46
N SER A 91 -10.22 -10.88 -15.74
CA SER A 91 -10.38 -12.26 -16.19
C SER A 91 -11.29 -12.34 -17.41
N HIS A 92 -12.46 -11.69 -17.34
CA HIS A 92 -13.41 -11.68 -18.44
C HIS A 92 -13.10 -10.57 -19.42
N ARG B 1 12.65 -4.69 -9.45
CA ARG B 1 11.67 -4.95 -8.35
C ARG B 1 12.22 -4.49 -7.00
N ARG B 2 11.46 -3.64 -6.31
CA ARG B 2 11.87 -3.13 -5.00
C ARG B 2 10.71 -3.14 -4.02
N GLU B 3 10.92 -3.82 -2.89
CA GLU B 3 9.89 -3.92 -1.85
C GLU B 3 10.44 -3.38 -0.53
N THR B 4 9.92 -2.22 -0.10
CA THR B 4 10.37 -1.60 1.14
C THR B 4 9.25 -1.57 2.18
N GLN B 5 9.63 -1.69 3.46
CA GLN B 5 8.68 -1.67 4.56
C GLN B 5 8.26 -0.24 4.90
N VAL B 6 7.05 -0.09 5.44
CA VAL B 6 6.53 1.21 5.80
C VAL B 6 5.66 1.16 7.07
N MET A 1 -11.78 -0.62 -2.58
CA MET A 1 -12.45 -0.35 -1.28
C MET A 1 -11.59 0.53 -0.37
N GLU A 2 -12.24 1.32 0.48
CA GLU A 2 -11.54 2.21 1.41
C GLU A 2 -11.55 1.65 2.82
N ILE A 3 -10.57 2.07 3.63
CA ILE A 3 -10.45 1.62 5.02
C ILE A 3 -9.90 2.76 5.86
N LYS A 4 -10.50 3.01 7.03
CA LYS A 4 -10.03 4.10 7.89
C LYS A 4 -9.02 3.58 8.92
N LEU A 5 -7.74 3.64 8.56
CA LEU A 5 -6.67 3.16 9.42
C LEU A 5 -6.15 4.27 10.34
N ILE A 6 -6.12 3.97 11.64
CA ILE A 6 -5.65 4.93 12.64
C ILE A 6 -4.15 4.74 12.93
N LYS A 7 -3.39 5.83 12.84
CA LYS A 7 -1.94 5.77 13.08
C LYS A 7 -1.63 5.65 14.58
N GLY A 8 -1.19 4.47 15.00
CA GLY A 8 -0.86 4.24 16.39
C GLY A 8 0.64 4.28 16.66
N PRO A 9 1.09 3.78 17.83
CA PRO A 9 2.51 3.76 18.20
C PRO A 9 3.36 2.95 17.20
N LYS A 10 2.89 1.73 16.91
CA LYS A 10 3.59 0.86 15.97
C LYS A 10 3.51 1.43 14.56
N GLY A 11 2.30 1.45 14.01
CA GLY A 11 2.08 1.98 12.68
C GLY A 11 1.79 0.90 11.65
N LEU A 12 1.93 1.24 10.37
CA LEU A 12 1.67 0.30 9.27
C LEU A 12 2.15 -1.11 9.63
N GLY A 13 3.46 -1.26 9.85
CA GLY A 13 4.02 -2.55 10.19
C GLY A 13 3.91 -3.56 9.05
N PHE A 14 4.35 -3.15 7.86
CA PHE A 14 4.30 -4.01 6.68
C PHE A 14 5.20 -3.46 5.58
N SER A 15 5.15 -4.05 4.38
CA SER A 15 5.96 -3.58 3.26
C SER A 15 5.07 -3.38 2.04
N ILE A 16 5.65 -2.80 0.98
CA ILE A 16 4.92 -2.56 -0.25
C ILE A 16 5.88 -2.39 -1.43
N ALA A 17 5.30 -2.28 -2.61
CA ALA A 17 6.04 -2.06 -3.85
C ALA A 17 5.24 -1.07 -4.70
N GLY A 18 5.80 -0.55 -5.78
CA GLY A 18 5.01 0.38 -6.58
C GLY A 18 5.79 1.19 -7.59
N GLY A 19 5.40 1.16 -8.86
CA GLY A 19 6.08 1.96 -9.86
C GLY A 19 6.94 1.15 -10.82
N VAL A 20 7.26 1.77 -11.96
CA VAL A 20 8.09 1.11 -12.98
C VAL A 20 9.50 0.85 -12.45
N GLY A 21 10.05 -0.31 -12.80
CA GLY A 21 11.39 -0.67 -12.33
C GLY A 21 11.38 -1.29 -10.93
N ASN A 22 10.34 -0.99 -10.16
CA ASN A 22 10.17 -1.52 -8.81
C ASN A 22 8.76 -2.12 -8.63
N GLN A 23 8.09 -2.40 -9.76
CA GLN A 23 6.72 -2.95 -9.76
C GLN A 23 6.60 -4.24 -8.94
N HIS A 24 5.48 -4.36 -8.24
CA HIS A 24 5.19 -5.54 -7.42
C HIS A 24 4.49 -6.63 -8.21
N ILE A 25 3.77 -6.23 -9.27
CA ILE A 25 3.03 -7.18 -10.09
C ILE A 25 3.12 -6.82 -11.57
N PRO A 26 3.56 -7.76 -12.43
CA PRO A 26 3.70 -7.53 -13.88
C PRO A 26 2.42 -6.98 -14.51
N GLY A 27 2.54 -5.83 -15.18
CA GLY A 27 1.39 -5.20 -15.81
C GLY A 27 0.82 -4.07 -14.98
N ASP A 28 0.62 -4.33 -13.69
CA ASP A 28 0.08 -3.32 -12.77
C ASP A 28 1.21 -2.61 -12.02
N ASN A 29 1.37 -1.31 -12.28
CA ASN A 29 2.40 -0.52 -11.63
C ASN A 29 1.88 0.11 -10.33
N SER A 30 0.76 -0.37 -9.82
CA SER A 30 0.18 0.14 -8.57
C SER A 30 1.04 -0.28 -7.38
N ILE A 31 0.62 0.11 -6.18
CA ILE A 31 1.35 -0.25 -4.97
C ILE A 31 0.75 -1.48 -4.31
N TYR A 32 1.54 -2.55 -4.22
CA TYR A 32 1.10 -3.80 -3.61
C TYR A 32 1.91 -4.14 -2.37
N VAL A 33 1.26 -4.73 -1.38
CA VAL A 33 1.93 -5.13 -0.14
C VAL A 33 2.79 -6.37 -0.38
N THR A 34 4.00 -6.38 0.18
CA THR A 34 4.93 -7.49 0.00
C THR A 34 5.08 -8.35 1.26
N LYS A 35 4.98 -7.75 2.44
CA LYS A 35 5.13 -8.49 3.69
C LYS A 35 4.50 -7.74 4.87
N ILE A 36 3.54 -8.37 5.54
CA ILE A 36 2.88 -7.75 6.69
C ILE A 36 3.53 -8.20 8.00
N ILE A 37 4.03 -7.24 8.78
CA ILE A 37 4.68 -7.53 10.06
C ILE A 37 3.63 -7.78 11.15
N GLU A 38 3.96 -8.69 12.08
CA GLU A 38 3.05 -9.02 13.18
C GLU A 38 2.72 -7.79 14.03
N GLY A 39 1.49 -7.73 14.52
CA GLY A 39 1.05 -6.61 15.35
C GLY A 39 1.08 -5.28 14.61
N GLY A 40 1.01 -5.33 13.28
CA GLY A 40 1.03 -4.11 12.48
C GLY A 40 -0.36 -3.61 12.14
N ALA A 41 -0.45 -2.37 11.66
CA ALA A 41 -1.72 -1.75 11.28
C ALA A 41 -2.57 -2.69 10.42
N ALA A 42 -2.00 -3.19 9.32
CA ALA A 42 -2.72 -4.09 8.43
C ALA A 42 -2.98 -5.44 9.10
N HIS A 43 -1.93 -6.03 9.65
CA HIS A 43 -2.03 -7.33 10.34
C HIS A 43 -3.17 -7.34 11.35
N LYS A 44 -3.23 -6.30 12.19
CA LYS A 44 -4.27 -6.19 13.22
C LYS A 44 -5.64 -5.91 12.60
N ASP A 45 -5.66 -5.08 11.56
CA ASP A 45 -6.90 -4.72 10.87
C ASP A 45 -7.56 -5.96 10.26
N GLY A 46 -6.79 -6.72 9.48
CA GLY A 46 -7.32 -7.91 8.85
C GLY A 46 -7.86 -7.69 7.45
N LYS A 47 -8.19 -6.43 7.13
CA LYS A 47 -8.72 -6.09 5.81
C LYS A 47 -7.62 -6.13 4.74
N LEU A 48 -6.41 -5.73 5.11
CA LEU A 48 -5.28 -5.73 4.17
C LEU A 48 -4.53 -7.06 4.21
N GLN A 49 -4.35 -7.65 3.03
CA GLN A 49 -3.64 -8.92 2.89
C GLN A 49 -2.63 -8.83 1.75
N ILE A 50 -1.48 -9.49 1.92
CA ILE A 50 -0.43 -9.47 0.90
C ILE A 50 -0.99 -9.79 -0.49
N GLY A 51 -0.80 -8.86 -1.44
CA GLY A 51 -1.30 -9.05 -2.79
C GLY A 51 -2.27 -7.96 -3.22
N ASP A 52 -2.88 -7.25 -2.26
CA ASP A 52 -3.82 -6.19 -2.59
C ASP A 52 -3.09 -5.00 -3.24
N LYS A 53 -3.84 -4.16 -3.93
CA LYS A 53 -3.27 -3.00 -4.60
C LYS A 53 -3.73 -1.69 -3.94
N LEU A 54 -2.86 -0.70 -4.00
CA LEU A 54 -3.14 0.60 -3.41
C LEU A 54 -3.55 1.61 -4.47
N LEU A 55 -4.85 1.89 -4.53
CA LEU A 55 -5.41 2.83 -5.49
C LEU A 55 -5.03 4.25 -5.10
N ALA A 56 -5.23 4.59 -3.82
CA ALA A 56 -4.89 5.94 -3.34
C ALA A 56 -4.57 5.94 -1.84
N VAL A 57 -3.73 6.89 -1.42
CA VAL A 57 -3.34 7.03 -0.01
C VAL A 57 -3.31 8.50 0.41
N ASN A 58 -4.22 8.88 1.31
CA ASN A 58 -4.30 10.26 1.79
C ASN A 58 -4.68 11.23 0.66
N ASN A 59 -5.68 10.82 -0.14
CA ASN A 59 -6.19 11.63 -1.27
C ASN A 59 -5.31 11.52 -2.53
N VAL A 60 -4.09 10.99 -2.40
CA VAL A 60 -3.20 10.83 -3.55
C VAL A 60 -3.33 9.43 -4.14
N CYS A 61 -3.17 9.32 -5.46
CA CYS A 61 -3.26 8.01 -6.11
C CYS A 61 -1.93 7.28 -6.01
N LEU A 62 -1.98 6.02 -5.59
CA LEU A 62 -0.77 5.20 -5.47
C LEU A 62 -0.62 4.22 -6.64
N GLU A 63 -1.05 4.66 -7.83
CA GLU A 63 -0.96 3.82 -9.01
C GLU A 63 0.29 4.16 -9.84
N GLU A 64 0.11 4.91 -10.95
CA GLU A 64 1.22 5.28 -11.85
C GLU A 64 2.30 6.16 -11.20
N VAL A 65 2.87 5.69 -10.09
CA VAL A 65 3.93 6.41 -9.38
C VAL A 65 5.09 5.47 -9.08
N THR A 66 6.30 6.01 -8.99
CA THR A 66 7.48 5.19 -8.70
C THR A 66 7.38 4.62 -7.29
N HIS A 67 8.47 4.03 -6.79
CA HIS A 67 8.46 3.49 -5.44
C HIS A 67 8.57 4.62 -4.42
N GLU A 68 9.33 5.67 -4.76
CA GLU A 68 9.50 6.82 -3.87
C GLU A 68 8.14 7.33 -3.40
N GLU A 69 7.21 7.50 -4.34
CA GLU A 69 5.86 7.97 -4.01
C GLU A 69 5.11 6.89 -3.23
N ALA A 70 5.35 5.63 -3.59
CA ALA A 70 4.72 4.49 -2.92
C ALA A 70 5.10 4.44 -1.43
N VAL A 71 6.40 4.59 -1.17
CA VAL A 71 6.92 4.55 0.19
C VAL A 71 6.60 5.82 0.97
N THR A 72 6.65 6.97 0.27
CA THR A 72 6.38 8.26 0.90
C THR A 72 4.91 8.37 1.31
N ALA A 73 3.99 7.86 0.48
CA ALA A 73 2.56 7.92 0.76
C ALA A 73 2.20 7.09 1.97
N LEU A 74 2.79 5.88 2.06
CA LEU A 74 2.54 5.01 3.20
C LEU A 74 3.21 5.59 4.43
N LYS A 75 4.36 6.24 4.22
CA LYS A 75 5.13 6.86 5.30
C LYS A 75 4.48 8.15 5.81
N ASN A 76 3.71 8.82 4.95
CA ASN A 76 3.06 10.07 5.32
C ASN A 76 1.80 9.85 6.15
N THR A 77 1.99 9.27 7.35
CA THR A 77 0.88 8.99 8.26
C THR A 77 1.08 9.72 9.58
N SER A 78 0.16 10.64 9.88
CA SER A 78 0.20 11.42 11.12
C SER A 78 -0.79 10.88 12.14
N ASP A 79 -2.05 11.32 12.06
CA ASP A 79 -3.10 10.87 12.96
C ASP A 79 -3.88 9.71 12.35
N PHE A 80 -4.40 9.95 11.14
CA PHE A 80 -5.16 8.93 10.42
C PHE A 80 -4.64 8.78 8.99
N VAL A 81 -5.04 7.70 8.33
CA VAL A 81 -4.65 7.44 6.94
C VAL A 81 -5.81 6.84 6.16
N TYR A 82 -6.17 7.47 5.05
CA TYR A 82 -7.27 6.98 4.22
C TYR A 82 -6.75 6.10 3.09
N LEU A 83 -6.82 4.79 3.32
CA LEU A 83 -6.33 3.81 2.36
C LEU A 83 -7.37 3.46 1.29
N LYS A 84 -6.95 3.56 0.03
CA LYS A 84 -7.79 3.22 -1.11
C LYS A 84 -7.19 2.03 -1.86
N VAL A 85 -8.04 1.12 -2.33
CA VAL A 85 -7.56 -0.06 -3.04
C VAL A 85 -8.38 -0.32 -4.30
N ALA A 86 -7.70 -0.73 -5.38
CA ALA A 86 -8.36 -1.02 -6.64
C ALA A 86 -8.82 -2.47 -6.69
N LYS A 87 -10.02 -2.71 -7.19
CA LYS A 87 -10.57 -4.06 -7.29
C LYS A 87 -10.28 -4.67 -8.66
N PRO A 88 -9.45 -5.74 -8.70
CA PRO A 88 -9.11 -6.42 -9.95
C PRO A 88 -10.27 -7.22 -10.54
N THR A 89 -10.38 -7.22 -11.87
CA THR A 89 -11.44 -7.95 -12.56
C THR A 89 -10.91 -8.60 -13.83
N GLY A 90 -10.44 -7.78 -14.77
CA GLY A 90 -9.91 -8.29 -16.02
C GLY A 90 -10.07 -7.31 -17.17
N SER A 91 -8.97 -6.71 -17.60
CA SER A 91 -8.99 -5.73 -18.69
C SER A 91 -9.41 -6.38 -20.02
N HIS A 92 -9.03 -7.65 -20.22
CA HIS A 92 -9.38 -8.37 -21.45
C HIS A 92 -10.90 -8.44 -21.65
N ARG B 1 12.19 -5.01 -9.30
CA ARG B 1 10.97 -4.93 -8.45
C ARG B 1 11.33 -4.67 -6.98
N ARG B 2 11.90 -3.49 -6.72
CA ARG B 2 12.30 -3.11 -5.36
C ARG B 2 11.09 -3.03 -4.43
N GLU B 3 11.14 -3.80 -3.35
CA GLU B 3 10.07 -3.83 -2.37
C GLU B 3 10.59 -3.39 -1.01
N THR B 4 10.15 -2.20 -0.56
CA THR B 4 10.59 -1.63 0.71
C THR B 4 9.48 -1.69 1.76
N GLN B 5 9.88 -1.73 3.03
CA GLN B 5 8.93 -1.77 4.15
C GLN B 5 8.48 -0.36 4.53
N VAL B 6 7.26 -0.26 5.06
CA VAL B 6 6.71 1.03 5.47
C VAL B 6 5.95 0.93 6.79
N MET A 1 -13.24 -2.17 1.42
CA MET A 1 -13.02 -1.18 0.33
C MET A 1 -12.16 0.00 0.81
N GLU A 2 -12.52 0.56 1.97
CA GLU A 2 -11.79 1.70 2.52
C GLU A 2 -11.12 1.32 3.85
N ILE A 3 -9.78 1.37 3.84
CA ILE A 3 -8.99 1.03 5.01
C ILE A 3 -8.59 2.29 5.78
N LYS A 4 -9.27 2.55 6.90
CA LYS A 4 -8.99 3.72 7.71
C LYS A 4 -8.16 3.33 8.94
N LEU A 5 -6.84 3.40 8.79
CA LEU A 5 -5.91 3.04 9.86
C LEU A 5 -5.58 4.23 10.75
N ILE A 6 -5.70 4.05 12.06
CA ILE A 6 -5.41 5.11 13.02
C ILE A 6 -3.94 5.09 13.42
N LYS A 7 -3.27 6.24 13.27
CA LYS A 7 -1.85 6.35 13.59
C LYS A 7 -1.56 5.98 15.05
N GLY A 8 -0.75 4.95 15.23
CA GLY A 8 -0.39 4.49 16.56
C GLY A 8 1.11 4.49 16.80
N PRO A 9 1.57 3.93 17.93
CA PRO A 9 3.01 3.87 18.27
C PRO A 9 3.83 3.14 17.21
N LYS A 10 3.25 2.11 16.60
CA LYS A 10 3.93 1.34 15.57
C LYS A 10 3.86 2.05 14.22
N GLY A 11 2.65 2.17 13.69
CA GLY A 11 2.47 2.84 12.40
C GLY A 11 1.62 2.01 11.45
N LEU A 12 2.22 1.62 10.32
CA LEU A 12 1.52 0.79 9.33
C LEU A 12 1.68 -0.69 9.66
N GLY A 13 2.92 -1.14 9.81
CA GLY A 13 3.19 -2.52 10.15
C GLY A 13 3.19 -3.45 8.95
N PHE A 14 3.64 -2.97 7.80
CA PHE A 14 3.69 -3.80 6.58
C PHE A 14 4.67 -3.21 5.57
N SER A 15 4.73 -3.80 4.37
CA SER A 15 5.62 -3.33 3.32
C SER A 15 4.85 -3.19 2.01
N ILE A 16 5.49 -2.63 1.00
CA ILE A 16 4.86 -2.44 -0.30
C ILE A 16 5.89 -2.39 -1.43
N ALA A 17 5.39 -2.48 -2.66
CA ALA A 17 6.19 -2.41 -3.87
C ALA A 17 5.48 -1.44 -4.81
N GLY A 18 6.14 -0.89 -5.84
CA GLY A 18 5.40 0.00 -6.71
C GLY A 18 6.25 0.86 -7.63
N GLY A 19 5.90 0.92 -8.92
CA GLY A 19 6.63 1.76 -9.85
C GLY A 19 7.49 0.98 -10.82
N VAL A 20 7.83 1.61 -11.94
CA VAL A 20 8.66 0.96 -12.95
C VAL A 20 10.07 0.71 -12.40
N GLY A 21 10.62 -0.47 -12.68
CA GLY A 21 11.96 -0.81 -12.19
C GLY A 21 11.95 -1.32 -10.76
N ASN A 22 10.85 -1.06 -10.04
CA ASN A 22 10.68 -1.50 -8.66
C ASN A 22 9.23 -1.95 -8.42
N GLN A 23 8.57 -2.40 -9.51
CA GLN A 23 7.17 -2.82 -9.44
C GLN A 23 6.98 -4.16 -8.76
N HIS A 24 5.76 -4.36 -8.26
CA HIS A 24 5.37 -5.59 -7.57
C HIS A 24 4.71 -6.60 -8.52
N ILE A 25 3.96 -6.07 -9.48
CA ILE A 25 3.26 -6.91 -10.44
C ILE A 25 3.53 -6.47 -11.88
N PRO A 26 3.89 -7.43 -12.77
CA PRO A 26 4.19 -7.14 -14.17
C PRO A 26 2.99 -6.50 -14.89
N GLY A 27 3.20 -5.32 -15.46
CA GLY A 27 2.12 -4.62 -16.15
C GLY A 27 1.49 -3.56 -15.27
N ASP A 28 1.12 -3.96 -14.05
CA ASP A 28 0.50 -3.03 -13.10
C ASP A 28 1.54 -2.44 -12.15
N ASN A 29 1.96 -1.20 -12.44
CA ASN A 29 2.95 -0.51 -11.62
C ASN A 29 2.33 0.13 -10.37
N SER A 30 1.18 -0.40 -9.92
CA SER A 30 0.51 0.10 -8.71
C SER A 30 1.33 -0.25 -7.48
N ILE A 31 0.84 0.12 -6.29
CA ILE A 31 1.57 -0.20 -5.08
C ILE A 31 0.92 -1.37 -4.32
N TYR A 32 1.60 -2.52 -4.37
CA TYR A 32 1.13 -3.74 -3.73
C TYR A 32 1.88 -4.03 -2.43
N VAL A 33 1.19 -4.64 -1.48
CA VAL A 33 1.78 -5.00 -0.20
C VAL A 33 2.60 -6.29 -0.34
N THR A 34 3.88 -6.23 0.05
CA THR A 34 4.78 -7.37 -0.09
C THR A 34 4.92 -8.20 1.19
N LYS A 35 4.73 -7.57 2.35
CA LYS A 35 4.85 -8.28 3.64
C LYS A 35 4.17 -7.52 4.77
N ILE A 36 3.24 -8.19 5.47
CA ILE A 36 2.54 -7.56 6.59
C ILE A 36 3.14 -8.03 7.92
N ILE A 37 3.62 -7.08 8.72
CA ILE A 37 4.21 -7.37 10.03
C ILE A 37 3.12 -7.71 11.06
N GLU A 38 3.45 -8.60 12.00
CA GLU A 38 2.50 -9.01 13.04
C GLU A 38 2.11 -7.81 13.91
N GLY A 39 0.86 -7.83 14.39
CA GLY A 39 0.36 -6.75 15.24
C GLY A 39 0.38 -5.39 14.56
N GLY A 40 0.50 -5.38 13.23
CA GLY A 40 0.52 -4.12 12.49
C GLY A 40 -0.86 -3.61 12.12
N ALA A 41 -0.94 -2.35 11.70
CA ALA A 41 -2.20 -1.73 11.31
C ALA A 41 -3.03 -2.62 10.39
N ALA A 42 -2.43 -3.03 9.25
CA ALA A 42 -3.11 -3.89 8.29
C ALA A 42 -3.33 -5.29 8.87
N HIS A 43 -2.26 -5.88 9.41
CA HIS A 43 -2.31 -7.22 10.00
C HIS A 43 -3.48 -7.36 10.97
N LYS A 44 -3.65 -6.37 11.85
CA LYS A 44 -4.72 -6.38 12.84
C LYS A 44 -6.08 -6.08 12.21
N ASP A 45 -6.08 -5.18 11.21
CA ASP A 45 -7.31 -4.80 10.52
C ASP A 45 -7.93 -6.00 9.80
N GLY A 46 -7.11 -6.67 8.98
CA GLY A 46 -7.58 -7.84 8.24
C GLY A 46 -8.02 -7.51 6.82
N LYS A 47 -8.53 -6.28 6.62
CA LYS A 47 -8.99 -5.85 5.30
C LYS A 47 -7.86 -5.96 4.26
N LEU A 48 -6.70 -5.41 4.60
CA LEU A 48 -5.55 -5.45 3.69
C LEU A 48 -4.80 -6.79 3.81
N GLN A 49 -4.73 -7.51 2.70
CA GLN A 49 -4.05 -8.79 2.63
C GLN A 49 -3.12 -8.85 1.43
N ILE A 50 -2.00 -9.56 1.56
CA ILE A 50 -1.03 -9.68 0.48
C ILE A 50 -1.71 -9.86 -0.88
N GLY A 51 -1.17 -9.19 -1.91
CA GLY A 51 -1.74 -9.30 -3.25
C GLY A 51 -2.61 -8.12 -3.65
N ASP A 52 -3.10 -7.34 -2.67
CA ASP A 52 -3.94 -6.19 -3.00
C ASP A 52 -3.12 -5.05 -3.57
N LYS A 53 -3.77 -4.22 -4.38
CA LYS A 53 -3.12 -3.08 -4.99
C LYS A 53 -3.66 -1.78 -4.39
N LEU A 54 -2.79 -0.80 -4.35
CA LEU A 54 -3.14 0.51 -3.78
C LEU A 54 -3.65 1.47 -4.83
N LEU A 55 -4.95 1.80 -4.74
CA LEU A 55 -5.58 2.72 -5.66
C LEU A 55 -5.15 4.14 -5.34
N ALA A 56 -5.29 4.54 -4.06
CA ALA A 56 -4.90 5.90 -3.65
C ALA A 56 -4.65 5.97 -2.14
N VAL A 57 -3.88 6.99 -1.72
CA VAL A 57 -3.56 7.17 -0.30
C VAL A 57 -3.48 8.65 0.06
N ASN A 58 -4.41 9.11 0.91
CA ASN A 58 -4.45 10.51 1.35
C ASN A 58 -4.77 11.45 0.18
N ASN A 59 -5.72 11.03 -0.67
CA ASN A 59 -6.17 11.80 -1.84
C ASN A 59 -5.27 11.60 -3.07
N VAL A 60 -4.05 11.06 -2.89
CA VAL A 60 -3.16 10.83 -4.02
C VAL A 60 -3.31 9.41 -4.55
N CYS A 61 -3.16 9.24 -5.86
CA CYS A 61 -3.28 7.91 -6.46
C CYS A 61 -1.96 7.16 -6.31
N LEU A 62 -2.05 5.89 -5.91
CA LEU A 62 -0.87 5.05 -5.73
C LEU A 62 -0.71 4.05 -6.89
N GLU A 63 -1.22 4.41 -8.08
CA GLU A 63 -1.15 3.52 -9.23
C GLU A 63 -0.22 4.06 -10.34
N GLU A 64 0.03 5.37 -10.33
CA GLU A 64 0.90 5.98 -11.34
C GLU A 64 2.08 6.72 -10.68
N VAL A 65 2.79 6.02 -9.80
CA VAL A 65 3.94 6.60 -9.10
C VAL A 65 5.06 5.60 -8.89
N THR A 66 6.29 6.12 -8.76
CA THR A 66 7.46 5.29 -8.53
C THR A 66 7.38 4.68 -7.12
N HIS A 67 8.38 3.90 -6.75
CA HIS A 67 8.37 3.27 -5.42
C HIS A 67 8.46 4.34 -4.33
N GLU A 68 9.31 5.34 -4.53
CA GLU A 68 9.49 6.43 -3.56
C GLU A 68 8.13 6.98 -3.13
N GLU A 69 7.33 7.41 -4.11
CA GLU A 69 5.99 7.95 -3.84
C GLU A 69 5.12 6.93 -3.10
N ALA A 70 5.33 5.64 -3.39
CA ALA A 70 4.59 4.57 -2.74
C ALA A 70 4.87 4.54 -1.24
N VAL A 71 6.15 4.68 -0.89
CA VAL A 71 6.58 4.68 0.50
C VAL A 71 6.31 6.02 1.16
N THR A 72 6.55 7.11 0.42
CA THR A 72 6.33 8.46 0.93
C THR A 72 4.84 8.70 1.22
N ALA A 73 3.97 8.11 0.40
CA ALA A 73 2.53 8.26 0.57
C ALA A 73 2.04 7.46 1.78
N LEU A 74 2.61 6.27 1.97
CA LEU A 74 2.27 5.43 3.11
C LEU A 74 2.85 6.04 4.39
N LYS A 75 4.03 6.63 4.25
CA LYS A 75 4.73 7.25 5.37
C LYS A 75 4.07 8.58 5.78
N ASN A 76 3.44 9.26 4.83
CA ASN A 76 2.78 10.55 5.09
C ASN A 76 1.53 10.38 5.95
N THR A 77 1.73 10.03 7.22
CA THR A 77 0.62 9.83 8.15
C THR A 77 0.80 10.66 9.42
N SER A 78 -0.28 11.28 9.87
CA SER A 78 -0.24 12.11 11.08
C SER A 78 -1.15 11.52 12.15
N ASP A 79 -2.45 11.81 12.07
CA ASP A 79 -3.42 11.28 13.03
C ASP A 79 -4.09 10.03 12.47
N PHE A 80 -4.57 10.13 11.22
CA PHE A 80 -5.21 9.01 10.54
C PHE A 80 -4.61 8.81 9.15
N VAL A 81 -4.96 7.70 8.50
CA VAL A 81 -4.49 7.42 7.15
C VAL A 81 -5.59 6.76 6.32
N TYR A 82 -5.97 7.42 5.23
CA TYR A 82 -7.03 6.88 4.37
C TYR A 82 -6.41 6.12 3.21
N LEU A 83 -6.39 4.79 3.35
CA LEU A 83 -5.82 3.91 2.34
C LEU A 83 -6.88 3.40 1.37
N LYS A 84 -6.65 3.61 0.09
CA LYS A 84 -7.55 3.16 -0.96
C LYS A 84 -6.91 2.05 -1.76
N VAL A 85 -7.61 0.92 -1.89
CA VAL A 85 -7.09 -0.22 -2.62
C VAL A 85 -8.01 -0.60 -3.78
N ALA A 86 -7.42 -0.83 -4.96
CA ALA A 86 -8.18 -1.20 -6.14
C ALA A 86 -8.38 -2.71 -6.20
N LYS A 87 -9.47 -3.13 -6.85
CA LYS A 87 -9.79 -4.56 -6.97
C LYS A 87 -9.58 -5.03 -8.42
N PRO A 88 -8.82 -6.12 -8.61
CA PRO A 88 -8.55 -6.68 -9.95
C PRO A 88 -9.82 -7.16 -10.63
N THR A 89 -9.95 -6.87 -11.93
CA THR A 89 -11.12 -7.27 -12.71
C THR A 89 -10.78 -7.34 -14.20
N GLY A 90 -10.29 -8.50 -14.64
CA GLY A 90 -9.92 -8.68 -16.03
C GLY A 90 -11.12 -8.95 -16.93
N SER A 91 -11.15 -8.32 -18.09
CA SER A 91 -12.25 -8.49 -19.04
C SER A 91 -12.13 -9.84 -19.76
N HIS A 92 -10.93 -10.15 -20.26
CA HIS A 92 -10.69 -11.41 -20.96
C HIS A 92 -10.42 -12.54 -19.97
N ARG B 1 12.27 -4.88 -9.95
CA ARG B 1 11.32 -4.88 -8.80
C ARG B 1 12.04 -4.50 -7.49
N ARG B 2 11.27 -3.94 -6.56
CA ARG B 2 11.81 -3.53 -5.26
C ARG B 2 10.71 -3.48 -4.21
N GLU B 3 10.99 -4.07 -3.04
CA GLU B 3 10.03 -4.11 -1.94
C GLU B 3 10.62 -3.46 -0.70
N THR B 4 9.89 -2.51 -0.11
CA THR B 4 10.34 -1.81 1.08
C THR B 4 9.22 -1.69 2.11
N GLN B 5 9.59 -1.77 3.40
CA GLN B 5 8.61 -1.66 4.48
C GLN B 5 8.20 -0.20 4.70
N VAL B 6 7.00 -0.02 5.24
CA VAL B 6 6.47 1.32 5.49
C VAL B 6 5.65 1.36 6.78
N MET A 1 -12.05 -0.28 -2.86
CA MET A 1 -12.35 -0.40 -1.40
C MET A 1 -11.43 0.50 -0.57
N GLU A 2 -11.95 0.99 0.55
CA GLU A 2 -11.19 1.86 1.44
C GLU A 2 -11.19 1.32 2.87
N ILE A 3 -10.22 1.76 3.67
CA ILE A 3 -10.11 1.34 5.07
C ILE A 3 -9.68 2.52 5.93
N LYS A 4 -10.24 2.62 7.14
CA LYS A 4 -9.90 3.72 8.03
C LYS A 4 -8.84 3.29 9.06
N LEU A 5 -7.58 3.50 8.69
CA LEU A 5 -6.46 3.10 9.55
C LEU A 5 -6.08 4.20 10.55
N ILE A 6 -6.07 3.82 11.83
CA ILE A 6 -5.76 4.75 12.91
C ILE A 6 -4.25 4.77 13.16
N LYS A 7 -3.62 5.93 12.93
CA LYS A 7 -2.18 6.06 13.11
C LYS A 7 -1.77 5.81 14.56
N GLY A 8 -0.95 4.77 14.77
CA GLY A 8 -0.48 4.43 16.10
C GLY A 8 1.01 4.68 16.27
N PRO A 9 1.54 4.54 17.50
CA PRO A 9 2.97 4.74 17.79
C PRO A 9 3.87 3.88 16.90
N LYS A 10 3.42 2.66 16.62
CA LYS A 10 4.18 1.73 15.78
C LYS A 10 4.30 2.27 14.35
N GLY A 11 3.17 2.30 13.63
CA GLY A 11 3.16 2.78 12.27
C GLY A 11 2.25 1.96 11.37
N LEU A 12 2.76 1.55 10.21
CA LEU A 12 2.00 0.73 9.27
C LEU A 12 2.15 -0.75 9.61
N GLY A 13 3.40 -1.20 9.73
CA GLY A 13 3.66 -2.59 10.07
C GLY A 13 3.58 -3.53 8.88
N PHE A 14 4.01 -3.06 7.71
CA PHE A 14 3.99 -3.89 6.50
C PHE A 14 4.95 -3.33 5.45
N SER A 15 4.95 -3.92 4.26
CA SER A 15 5.80 -3.46 3.17
C SER A 15 4.98 -3.28 1.90
N ILE A 16 5.59 -2.70 0.87
CA ILE A 16 4.90 -2.48 -0.40
C ILE A 16 5.89 -2.40 -1.56
N ALA A 17 5.33 -2.42 -2.78
CA ALA A 17 6.09 -2.32 -4.02
C ALA A 17 5.33 -1.34 -4.91
N GLY A 18 5.94 -0.80 -5.96
CA GLY A 18 5.18 0.12 -6.80
C GLY A 18 5.98 0.96 -7.76
N GLY A 19 5.55 1.05 -9.02
CA GLY A 19 6.25 1.89 -9.98
C GLY A 19 7.10 1.10 -10.96
N VAL A 20 7.44 1.74 -12.09
CA VAL A 20 8.26 1.09 -13.11
C VAL A 20 9.67 0.81 -12.57
N GLY A 21 10.21 -0.35 -12.93
CA GLY A 21 11.54 -0.73 -12.44
C GLY A 21 11.50 -1.37 -11.05
N ASN A 22 10.40 -1.16 -10.34
CA ASN A 22 10.20 -1.71 -9.00
C ASN A 22 8.77 -2.28 -8.85
N GLN A 23 8.13 -2.63 -9.99
CA GLN A 23 6.75 -3.15 -9.98
C GLN A 23 6.61 -4.41 -9.14
N HIS A 24 5.46 -4.53 -8.47
CA HIS A 24 5.15 -5.69 -7.64
C HIS A 24 4.41 -6.75 -8.46
N ILE A 25 3.66 -6.29 -9.46
CA ILE A 25 2.88 -7.17 -10.33
C ILE A 25 2.98 -6.72 -11.78
N PRO A 26 3.37 -7.63 -12.70
CA PRO A 26 3.51 -7.31 -14.13
C PRO A 26 2.21 -6.80 -14.74
N GLY A 27 2.28 -5.62 -15.35
CA GLY A 27 1.10 -5.04 -15.98
C GLY A 27 0.57 -3.84 -15.21
N ASP A 28 0.49 -3.96 -13.87
CA ASP A 28 -0.02 -2.88 -13.03
C ASP A 28 1.08 -2.28 -12.17
N ASN A 29 1.39 -0.99 -12.43
CA ASN A 29 2.42 -0.27 -11.69
C ASN A 29 1.88 0.28 -10.36
N SER A 30 0.78 -0.30 -9.86
CA SER A 30 0.19 0.14 -8.59
C SER A 30 1.09 -0.21 -7.41
N ILE A 31 0.63 0.12 -6.20
CA ILE A 31 1.40 -0.19 -5.00
C ILE A 31 0.80 -1.39 -4.26
N TYR A 32 1.51 -2.52 -4.31
CA TYR A 32 1.05 -3.75 -3.67
C TYR A 32 1.85 -4.06 -2.41
N VAL A 33 1.18 -4.65 -1.42
CA VAL A 33 1.82 -5.04 -0.16
C VAL A 33 2.59 -6.34 -0.35
N THR A 34 3.88 -6.33 0.03
CA THR A 34 4.73 -7.50 -0.13
C THR A 34 4.90 -8.33 1.15
N LYS A 35 4.80 -7.69 2.32
CA LYS A 35 4.96 -8.41 3.60
C LYS A 35 4.33 -7.63 4.76
N ILE A 36 3.39 -8.27 5.46
CA ILE A 36 2.75 -7.64 6.60
C ILE A 36 3.39 -8.09 7.92
N ILE A 37 3.91 -7.15 8.70
CA ILE A 37 4.54 -7.44 9.98
C ILE A 37 3.49 -7.72 11.05
N GLU A 38 3.83 -8.59 12.00
CA GLU A 38 2.92 -8.95 13.10
C GLU A 38 2.60 -7.72 13.97
N GLY A 39 1.36 -7.65 14.45
CA GLY A 39 0.93 -6.55 15.28
C GLY A 39 0.94 -5.20 14.58
N GLY A 40 0.95 -5.22 13.24
CA GLY A 40 0.96 -3.98 12.46
C GLY A 40 -0.43 -3.48 12.12
N ALA A 41 -0.50 -2.23 11.67
CA ALA A 41 -1.78 -1.61 11.30
C ALA A 41 -2.63 -2.52 10.41
N ALA A 42 -2.05 -2.98 9.30
CA ALA A 42 -2.76 -3.87 8.38
C ALA A 42 -3.02 -5.22 9.03
N HIS A 43 -1.96 -5.81 9.60
CA HIS A 43 -2.06 -7.12 10.27
C HIS A 43 -3.22 -7.16 11.26
N LYS A 44 -3.31 -6.14 12.11
CA LYS A 44 -4.38 -6.05 13.10
C LYS A 44 -5.73 -5.80 12.45
N ASP A 45 -5.75 -4.98 11.39
CA ASP A 45 -6.98 -4.68 10.66
C ASP A 45 -7.59 -5.94 10.06
N GLY A 46 -6.79 -6.65 9.26
CA GLY A 46 -7.26 -7.87 8.63
C GLY A 46 -7.78 -7.66 7.22
N LYS A 47 -8.19 -6.43 6.90
CA LYS A 47 -8.72 -6.10 5.58
C LYS A 47 -7.62 -6.17 4.51
N LEU A 48 -6.44 -5.67 4.85
CA LEU A 48 -5.31 -5.67 3.90
C LEU A 48 -4.53 -6.98 3.98
N GLN A 49 -4.32 -7.60 2.81
CA GLN A 49 -3.59 -8.85 2.70
C GLN A 49 -2.64 -8.80 1.49
N ILE A 50 -1.49 -9.46 1.61
CA ILE A 50 -0.49 -9.48 0.53
C ILE A 50 -1.13 -9.81 -0.81
N GLY A 51 -0.93 -8.92 -1.80
CA GLY A 51 -1.49 -9.12 -3.12
C GLY A 51 -2.42 -8.00 -3.55
N ASP A 52 -3.00 -7.27 -2.59
CA ASP A 52 -3.90 -6.18 -2.90
C ASP A 52 -3.11 -5.00 -3.49
N LYS A 53 -3.80 -4.14 -4.24
CA LYS A 53 -3.16 -2.98 -4.84
C LYS A 53 -3.69 -1.69 -4.22
N LEU A 54 -2.81 -0.71 -4.15
CA LEU A 54 -3.16 0.58 -3.57
C LEU A 54 -3.57 1.58 -4.62
N LEU A 55 -4.88 1.80 -4.72
CA LEU A 55 -5.45 2.75 -5.66
C LEU A 55 -5.02 4.18 -5.32
N ALA A 56 -5.14 4.56 -4.04
CA ALA A 56 -4.74 5.90 -3.62
C ALA A 56 -4.39 5.97 -2.13
N VAL A 57 -3.62 6.99 -1.75
CA VAL A 57 -3.22 7.19 -0.36
C VAL A 57 -3.24 8.67 0.03
N ASN A 58 -4.21 9.05 0.87
CA ASN A 58 -4.35 10.43 1.32
C ASN A 58 -4.69 11.37 0.17
N ASN A 59 -5.66 10.96 -0.66
CA ASN A 59 -6.11 11.74 -1.82
C ASN A 59 -5.21 11.58 -3.04
N VAL A 60 -4.01 11.04 -2.88
CA VAL A 60 -3.09 10.84 -4.00
C VAL A 60 -3.23 9.43 -4.57
N CYS A 61 -3.07 9.27 -5.88
CA CYS A 61 -3.17 7.95 -6.49
C CYS A 61 -1.86 7.19 -6.34
N LEU A 62 -1.97 5.93 -5.92
CA LEU A 62 -0.80 5.07 -5.74
C LEU A 62 -0.66 4.07 -6.89
N GLU A 63 -1.15 4.44 -8.08
CA GLU A 63 -1.07 3.58 -9.26
C GLU A 63 -0.22 4.17 -10.39
N GLU A 64 -0.01 5.49 -10.35
CA GLU A 64 0.78 6.16 -11.38
C GLU A 64 2.00 6.87 -10.78
N VAL A 65 2.66 6.21 -9.82
CA VAL A 65 3.83 6.78 -9.17
C VAL A 65 4.95 5.76 -8.97
N THR A 66 6.17 6.26 -8.83
CA THR A 66 7.34 5.41 -8.60
C THR A 66 7.28 4.79 -7.21
N HIS A 67 8.22 3.89 -6.91
CA HIS A 67 8.23 3.24 -5.60
C HIS A 67 8.36 4.28 -4.48
N GLU A 68 9.21 5.28 -4.68
CA GLU A 68 9.41 6.34 -3.69
C GLU A 68 8.07 6.89 -3.20
N GLU A 69 7.22 7.29 -4.15
CA GLU A 69 5.89 7.83 -3.84
C GLU A 69 5.05 6.81 -3.05
N ALA A 70 5.23 5.53 -3.37
CA ALA A 70 4.50 4.45 -2.68
C ALA A 70 4.85 4.44 -1.19
N VAL A 71 6.13 4.59 -0.89
CA VAL A 71 6.61 4.61 0.49
C VAL A 71 6.37 5.96 1.15
N THR A 72 6.57 7.03 0.39
CA THR A 72 6.39 8.39 0.90
C THR A 72 4.93 8.65 1.28
N ALA A 73 4.00 8.06 0.53
CA ALA A 73 2.57 8.24 0.77
C ALA A 73 2.11 7.39 1.94
N LEU A 74 2.67 6.18 2.05
CA LEU A 74 2.34 5.28 3.15
C LEU A 74 2.91 5.83 4.46
N LYS A 75 4.09 6.42 4.34
CA LYS A 75 4.79 6.99 5.50
C LYS A 75 4.27 8.40 5.85
N ASN A 76 3.65 9.08 4.88
CA ASN A 76 3.13 10.43 5.09
C ASN A 76 1.81 10.39 5.88
N THR A 77 1.89 9.98 7.15
CA THR A 77 0.71 9.87 8.00
C THR A 77 0.92 10.59 9.34
N SER A 78 -0.14 11.21 9.85
CA SER A 78 -0.08 11.95 11.10
C SER A 78 -1.06 11.39 12.15
N ASP A 79 -2.34 11.77 12.04
CA ASP A 79 -3.36 11.31 12.97
C ASP A 79 -4.10 10.09 12.43
N PHE A 80 -4.60 10.21 11.20
CA PHE A 80 -5.33 9.11 10.56
C PHE A 80 -4.68 8.74 9.24
N VAL A 81 -5.14 7.63 8.65
CA VAL A 81 -4.61 7.16 7.38
C VAL A 81 -5.75 6.62 6.52
N TYR A 82 -5.96 7.21 5.34
CA TYR A 82 -7.03 6.77 4.46
C TYR A 82 -6.47 5.92 3.32
N LEU A 83 -6.57 4.62 3.49
CA LEU A 83 -6.07 3.66 2.50
C LEU A 83 -7.09 3.40 1.40
N LYS A 84 -6.68 3.64 0.15
CA LYS A 84 -7.54 3.40 -1.00
C LYS A 84 -6.97 2.26 -1.83
N VAL A 85 -7.66 1.12 -1.81
CA VAL A 85 -7.21 -0.06 -2.54
C VAL A 85 -8.06 -0.32 -3.78
N ALA A 86 -7.40 -0.62 -4.89
CA ALA A 86 -8.08 -0.90 -6.16
C ALA A 86 -8.52 -2.36 -6.22
N LYS A 87 -9.68 -2.60 -6.83
CA LYS A 87 -10.22 -3.96 -6.95
C LYS A 87 -10.08 -4.47 -8.38
N PRO A 88 -9.20 -5.47 -8.61
CA PRO A 88 -8.98 -6.05 -9.93
C PRO A 88 -10.15 -6.92 -10.39
N THR A 89 -10.36 -6.98 -11.70
CA THR A 89 -11.46 -7.77 -12.28
C THR A 89 -10.96 -8.67 -13.41
N GLY A 90 -10.43 -8.05 -14.47
CA GLY A 90 -9.93 -8.82 -15.59
C GLY A 90 -9.67 -7.96 -16.82
N SER A 91 -8.41 -7.62 -17.05
CA SER A 91 -8.02 -6.80 -18.19
C SER A 91 -8.02 -7.62 -19.50
N HIS A 92 -7.54 -8.86 -19.41
CA HIS A 92 -7.49 -9.75 -20.57
C HIS A 92 -8.88 -10.25 -20.94
N ARG B 1 11.39 -5.00 -10.48
CA ARG B 1 10.64 -5.32 -9.23
C ARG B 1 11.46 -4.97 -7.99
N ARG B 2 10.80 -4.30 -7.03
CA ARG B 2 11.45 -3.90 -5.78
C ARG B 2 10.43 -3.74 -4.66
N GLU B 3 10.79 -4.23 -3.48
CA GLU B 3 9.91 -4.15 -2.31
C GLU B 3 10.61 -3.43 -1.15
N THR B 4 9.83 -2.71 -0.34
CA THR B 4 10.37 -1.98 0.80
C THR B 4 9.33 -1.85 1.90
N GLN B 5 9.78 -1.97 3.15
CA GLN B 5 8.90 -1.86 4.31
C GLN B 5 8.58 -0.41 4.63
N VAL B 6 7.41 -0.18 5.21
CA VAL B 6 6.96 1.17 5.56
C VAL B 6 6.28 1.19 6.92
N MET A 1 -14.94 -0.45 -0.75
CA MET A 1 -13.94 -0.88 0.27
C MET A 1 -13.00 0.26 0.64
N GLU A 2 -13.12 0.74 1.88
CA GLU A 2 -12.27 1.84 2.35
C GLU A 2 -11.56 1.46 3.66
N ILE A 3 -10.24 1.55 3.63
CA ILE A 3 -9.42 1.22 4.77
C ILE A 3 -9.04 2.47 5.56
N LYS A 4 -9.64 2.65 6.73
CA LYS A 4 -9.35 3.81 7.57
C LYS A 4 -8.48 3.40 8.77
N LEU A 5 -7.17 3.47 8.55
CA LEU A 5 -6.20 3.09 9.57
C LEU A 5 -5.80 4.27 10.46
N ILE A 6 -5.84 4.05 11.77
CA ILE A 6 -5.47 5.07 12.73
C ILE A 6 -3.97 5.03 13.02
N LYS A 7 -3.30 6.16 12.85
CA LYS A 7 -1.85 6.23 13.07
C LYS A 7 -1.50 6.09 14.55
N GLY A 8 -0.85 4.98 14.88
CA GLY A 8 -0.45 4.71 16.25
C GLY A 8 1.06 4.77 16.44
N PRO A 9 1.57 4.36 17.61
CA PRO A 9 3.02 4.37 17.90
C PRO A 9 3.83 3.55 16.90
N LYS A 10 3.32 2.36 16.55
CA LYS A 10 3.99 1.48 15.60
C LYS A 10 3.78 1.98 14.16
N GLY A 11 2.53 1.91 13.70
CA GLY A 11 2.21 2.36 12.35
C GLY A 11 1.85 1.22 11.41
N LEU A 12 1.95 1.49 10.11
CA LEU A 12 1.63 0.51 9.06
C LEU A 12 2.10 -0.90 9.44
N GLY A 13 3.41 -1.07 9.61
CA GLY A 13 3.95 -2.36 9.98
C GLY A 13 3.85 -3.40 8.88
N PHE A 14 4.29 -3.04 7.67
CA PHE A 14 4.27 -3.94 6.52
C PHE A 14 5.22 -3.46 5.43
N SER A 15 5.19 -4.13 4.27
CA SER A 15 6.02 -3.73 3.15
C SER A 15 5.16 -3.58 1.91
N ILE A 16 5.74 -3.02 0.86
CA ILE A 16 5.01 -2.78 -0.39
C ILE A 16 5.97 -2.59 -1.56
N ALA A 17 5.39 -2.53 -2.76
CA ALA A 17 6.12 -2.30 -4.00
C ALA A 17 5.30 -1.30 -4.81
N GLY A 18 5.84 -0.73 -5.88
CA GLY A 18 5.02 0.21 -6.65
C GLY A 18 5.77 1.09 -7.64
N GLY A 19 5.33 1.12 -8.89
CA GLY A 19 5.97 1.98 -9.88
C GLY A 19 6.77 1.22 -10.91
N VAL A 20 7.01 1.85 -12.06
CA VAL A 20 7.78 1.22 -13.13
C VAL A 20 9.23 1.01 -12.70
N GLY A 21 9.82 -0.12 -13.10
CA GLY A 21 11.20 -0.43 -12.73
C GLY A 21 11.30 -1.05 -11.34
N ASN A 22 10.22 -0.92 -10.55
CA ASN A 22 10.15 -1.47 -9.21
C ASN A 22 8.75 -2.03 -8.94
N GLN A 23 8.07 -2.45 -10.01
CA GLN A 23 6.70 -2.99 -9.92
C GLN A 23 6.63 -4.28 -9.12
N HIS A 24 5.50 -4.47 -8.44
CA HIS A 24 5.27 -5.67 -7.62
C HIS A 24 4.63 -6.79 -8.44
N ILE A 25 3.95 -6.42 -9.53
CA ILE A 25 3.29 -7.40 -10.38
C ILE A 25 3.25 -6.90 -11.84
N PRO A 26 3.73 -7.73 -12.79
CA PRO A 26 3.76 -7.36 -14.22
C PRO A 26 2.40 -6.89 -14.72
N GLY A 27 2.38 -5.69 -15.31
CA GLY A 27 1.14 -5.13 -15.82
C GLY A 27 0.57 -4.06 -14.91
N ASP A 28 0.29 -4.43 -13.66
CA ASP A 28 -0.26 -3.49 -12.69
C ASP A 28 0.86 -2.73 -11.97
N ASN A 29 0.97 -1.44 -12.29
CA ASN A 29 1.99 -0.58 -11.70
C ASN A 29 1.53 0.05 -10.37
N SER A 30 0.44 -0.47 -9.81
CA SER A 30 -0.08 0.04 -8.54
C SER A 30 0.68 -0.60 -7.38
N ILE A 31 0.69 0.05 -6.22
CA ILE A 31 1.45 -0.46 -5.08
C ILE A 31 0.78 -1.68 -4.42
N TYR A 32 1.57 -2.74 -4.25
CA TYR A 32 1.09 -3.98 -3.63
C TYR A 32 1.90 -4.29 -2.36
N VAL A 33 1.23 -4.90 -1.37
CA VAL A 33 1.89 -5.28 -0.12
C VAL A 33 2.68 -6.58 -0.29
N THR A 34 3.94 -6.56 0.14
CA THR A 34 4.82 -7.73 -0.01
C THR A 34 4.96 -8.53 1.29
N LYS A 35 4.84 -7.88 2.45
CA LYS A 35 4.95 -8.58 3.74
C LYS A 35 4.37 -7.73 4.88
N ILE A 36 3.45 -8.32 5.64
CA ILE A 36 2.85 -7.61 6.76
C ILE A 36 3.48 -8.04 8.09
N ILE A 37 3.98 -7.06 8.85
CA ILE A 37 4.61 -7.33 10.14
C ILE A 37 3.57 -7.59 11.23
N GLU A 38 3.90 -8.44 12.18
CA GLU A 38 2.99 -8.78 13.28
C GLU A 38 2.62 -7.54 14.11
N GLY A 39 1.38 -7.51 14.58
CA GLY A 39 0.90 -6.39 15.38
C GLY A 39 0.93 -5.05 14.64
N GLY A 40 0.96 -5.10 13.31
CA GLY A 40 0.99 -3.87 12.53
C GLY A 40 -0.39 -3.41 12.11
N ALA A 41 -0.47 -2.18 11.57
CA ALA A 41 -1.73 -1.59 11.13
C ALA A 41 -2.58 -2.58 10.33
N ALA A 42 -2.03 -3.07 9.21
CA ALA A 42 -2.74 -4.02 8.35
C ALA A 42 -3.00 -5.34 9.08
N HIS A 43 -1.95 -5.88 9.71
CA HIS A 43 -2.04 -7.15 10.44
C HIS A 43 -3.20 -7.13 11.44
N LYS A 44 -3.25 -6.09 12.27
CA LYS A 44 -4.29 -5.95 13.29
C LYS A 44 -5.67 -5.71 12.66
N ASP A 45 -5.69 -4.89 11.61
CA ASP A 45 -6.94 -4.57 10.91
C ASP A 45 -7.58 -5.83 10.31
N GLY A 46 -6.79 -6.57 9.54
CA GLY A 46 -7.29 -7.78 8.91
C GLY A 46 -7.82 -7.55 7.50
N LYS A 47 -8.28 -6.32 7.23
CA LYS A 47 -8.81 -5.97 5.91
C LYS A 47 -7.73 -6.06 4.84
N LEU A 48 -6.52 -5.59 5.17
CA LEU A 48 -5.40 -5.61 4.23
C LEU A 48 -4.64 -6.94 4.33
N GLN A 49 -4.45 -7.59 3.16
CA GLN A 49 -3.74 -8.86 3.08
C GLN A 49 -2.75 -8.83 1.92
N ILE A 50 -1.62 -9.53 2.09
CA ILE A 50 -0.59 -9.59 1.05
C ILE A 50 -1.20 -9.91 -0.31
N GLY A 51 -0.98 -9.03 -1.28
CA GLY A 51 -1.53 -9.24 -2.62
C GLY A 51 -2.45 -8.13 -3.09
N ASP A 52 -3.04 -7.38 -2.15
CA ASP A 52 -3.94 -6.29 -2.53
C ASP A 52 -3.18 -5.15 -3.19
N LYS A 53 -3.90 -4.34 -3.97
CA LYS A 53 -3.30 -3.20 -4.66
C LYS A 53 -3.74 -1.88 -4.03
N LEU A 54 -2.86 -0.89 -4.13
CA LEU A 54 -3.11 0.42 -3.55
C LEU A 54 -3.57 1.42 -4.60
N LEU A 55 -4.80 1.91 -4.44
CA LEU A 55 -5.37 2.89 -5.36
C LEU A 55 -4.96 4.30 -4.93
N ALA A 56 -5.29 4.67 -3.69
CA ALA A 56 -4.94 6.00 -3.19
C ALA A 56 -4.54 5.98 -1.71
N VAL A 57 -3.58 6.85 -1.35
CA VAL A 57 -3.11 6.94 0.03
C VAL A 57 -3.20 8.37 0.55
N ASN A 58 -4.10 8.61 1.49
CA ASN A 58 -4.29 9.95 2.07
C ASN A 58 -4.74 10.97 1.02
N ASN A 59 -5.69 10.56 0.18
CA ASN A 59 -6.26 11.42 -0.88
C ASN A 59 -5.43 11.38 -2.18
N VAL A 60 -4.16 10.97 -2.10
CA VAL A 60 -3.32 10.91 -3.30
C VAL A 60 -3.41 9.53 -3.95
N CYS A 61 -3.17 9.46 -5.25
CA CYS A 61 -3.23 8.18 -5.96
C CYS A 61 -1.87 7.47 -5.91
N LEU A 62 -1.88 6.20 -5.51
CA LEU A 62 -0.67 5.41 -5.43
C LEU A 62 -0.56 4.43 -6.61
N GLU A 63 -1.12 4.81 -7.76
CA GLU A 63 -1.12 3.95 -8.94
C GLU A 63 -0.26 4.50 -10.08
N GLU A 64 0.00 5.82 -10.07
CA GLU A 64 0.81 6.45 -11.12
C GLU A 64 2.02 7.17 -10.51
N VAL A 65 2.76 6.45 -9.66
CA VAL A 65 3.94 7.03 -9.01
C VAL A 65 5.04 5.98 -8.80
N THR A 66 6.29 6.46 -8.78
CA THR A 66 7.45 5.59 -8.56
C THR A 66 7.39 4.99 -7.17
N HIS A 67 8.25 4.01 -6.89
CA HIS A 67 8.25 3.37 -5.58
C HIS A 67 8.43 4.40 -4.46
N GLU A 68 9.30 5.39 -4.70
CA GLU A 68 9.53 6.44 -3.69
C GLU A 68 8.20 6.96 -3.15
N GLU A 69 7.32 7.40 -4.06
CA GLU A 69 6.00 7.91 -3.68
C GLU A 69 5.19 6.86 -2.93
N ALA A 70 5.40 5.58 -3.28
CA ALA A 70 4.70 4.47 -2.61
C ALA A 70 4.99 4.47 -1.11
N VAL A 71 6.26 4.68 -0.77
CA VAL A 71 6.69 4.74 0.63
C VAL A 71 6.41 6.11 1.23
N THR A 72 6.56 7.16 0.41
CA THR A 72 6.32 8.53 0.86
C THR A 72 4.87 8.74 1.27
N ALA A 73 3.94 8.13 0.52
CA ALA A 73 2.51 8.26 0.81
C ALA A 73 2.11 7.39 2.00
N LEU A 74 2.72 6.21 2.10
CA LEU A 74 2.44 5.31 3.21
C LEU A 74 3.01 5.88 4.50
N LYS A 75 4.09 6.65 4.38
CA LYS A 75 4.75 7.26 5.54
C LYS A 75 4.18 8.65 5.85
N ASN A 76 3.52 9.28 4.88
CA ASN A 76 2.94 10.61 5.08
C ASN A 76 1.61 10.51 5.83
N THR A 77 1.69 10.04 7.08
CA THR A 77 0.50 9.89 7.92
C THR A 77 0.68 10.61 9.25
N SER A 78 -0.38 11.31 9.68
CA SER A 78 -0.35 12.05 10.94
C SER A 78 -1.24 11.38 11.99
N ASP A 79 -2.55 11.63 11.91
CA ASP A 79 -3.50 11.04 12.84
C ASP A 79 -4.21 9.83 12.22
N PHE A 80 -4.68 9.98 10.98
CA PHE A 80 -5.35 8.91 10.26
C PHE A 80 -4.78 8.74 8.85
N VAL A 81 -5.16 7.65 8.19
CA VAL A 81 -4.72 7.37 6.82
C VAL A 81 -5.86 6.74 6.03
N TYR A 82 -6.25 7.37 4.91
CA TYR A 82 -7.32 6.85 4.08
C TYR A 82 -6.77 6.09 2.88
N LEU A 83 -6.74 4.77 3.01
CA LEU A 83 -6.23 3.89 1.97
C LEU A 83 -7.34 3.39 1.05
N LYS A 84 -7.13 3.58 -0.26
CA LYS A 84 -8.08 3.15 -1.27
C LYS A 84 -7.46 2.05 -2.12
N VAL A 85 -8.28 1.18 -2.71
CA VAL A 85 -7.76 0.08 -3.53
C VAL A 85 -8.54 -0.04 -4.85
N ALA A 86 -7.80 -0.26 -5.94
CA ALA A 86 -8.41 -0.40 -7.26
C ALA A 86 -8.46 -1.86 -7.69
N LYS A 87 -9.40 -2.17 -8.59
CA LYS A 87 -9.57 -3.54 -9.09
C LYS A 87 -9.24 -3.61 -10.58
N PRO A 88 -8.12 -4.28 -10.94
CA PRO A 88 -7.69 -4.42 -12.35
C PRO A 88 -8.71 -5.18 -13.19
N THR A 89 -9.23 -4.53 -14.24
CA THR A 89 -10.20 -5.16 -15.13
C THR A 89 -9.92 -4.79 -16.59
N GLY A 90 -9.79 -5.81 -17.44
CA GLY A 90 -9.53 -5.58 -18.85
C GLY A 90 -10.16 -6.62 -19.75
N SER A 91 -9.48 -6.95 -20.84
CA SER A 91 -9.98 -7.94 -21.80
C SER A 91 -9.66 -9.36 -21.34
N HIS A 92 -8.42 -9.58 -20.91
CA HIS A 92 -7.98 -10.89 -20.45
C HIS A 92 -8.54 -11.20 -19.06
N ARG B 1 11.47 -4.75 -10.21
CA ARG B 1 10.86 -5.20 -8.92
C ARG B 1 11.65 -4.72 -7.72
N ARG B 2 11.08 -3.76 -6.97
CA ARG B 2 11.72 -3.21 -5.79
C ARG B 2 10.73 -3.13 -4.64
N GLU B 3 10.93 -3.96 -3.63
CA GLU B 3 10.05 -3.99 -2.46
C GLU B 3 10.71 -3.32 -1.26
N THR B 4 9.90 -2.58 -0.49
CA THR B 4 10.41 -1.86 0.68
C THR B 4 9.34 -1.77 1.77
N GLN B 5 9.78 -1.77 3.03
CA GLN B 5 8.86 -1.68 4.16
C GLN B 5 8.41 -0.22 4.37
N VAL B 6 7.24 -0.06 4.99
CA VAL B 6 6.70 1.26 5.26
C VAL B 6 6.00 1.32 6.62
N MET A 1 -14.64 -0.84 -0.50
CA MET A 1 -13.85 -1.15 0.73
C MET A 1 -12.83 -0.06 1.01
N GLU A 2 -12.84 0.45 2.24
CA GLU A 2 -11.91 1.50 2.65
C GLU A 2 -11.24 1.17 3.99
N ILE A 3 -9.91 1.30 4.00
CA ILE A 3 -9.13 1.02 5.19
C ILE A 3 -8.81 2.29 5.97
N LYS A 4 -9.55 2.52 7.06
CA LYS A 4 -9.34 3.71 7.88
C LYS A 4 -8.51 3.37 9.11
N LEU A 5 -7.19 3.52 8.96
CA LEU A 5 -6.24 3.23 10.03
C LEU A 5 -5.84 4.50 10.78
N ILE A 6 -5.89 4.43 12.11
CA ILE A 6 -5.54 5.58 12.94
C ILE A 6 -4.05 5.60 13.24
N LYS A 7 -3.42 6.76 13.04
CA LYS A 7 -1.97 6.90 13.27
C LYS A 7 -1.63 6.88 14.76
N GLY A 8 -1.10 5.76 15.22
CA GLY A 8 -0.73 5.62 16.62
C GLY A 8 0.77 5.69 16.84
N PRO A 9 1.28 5.18 17.99
CA PRO A 9 2.72 5.19 18.31
C PRO A 9 3.56 4.41 17.29
N LYS A 10 3.00 3.31 16.78
CA LYS A 10 3.70 2.48 15.80
C LYS A 10 3.59 3.09 14.39
N GLY A 11 3.07 2.34 13.42
CA GLY A 11 2.94 2.86 12.06
C GLY A 11 2.05 2.01 11.18
N LEU A 12 2.60 1.58 10.04
CA LEU A 12 1.84 0.75 9.10
C LEU A 12 1.94 -0.73 9.47
N GLY A 13 3.16 -1.21 9.70
CA GLY A 13 3.37 -2.60 10.07
C GLY A 13 3.32 -3.55 8.88
N PHE A 14 3.80 -3.09 7.72
CA PHE A 14 3.81 -3.89 6.51
C PHE A 14 4.79 -3.32 5.48
N SER A 15 4.82 -3.87 4.27
CA SER A 15 5.70 -3.40 3.22
C SER A 15 4.90 -3.23 1.93
N ILE A 16 5.52 -2.62 0.92
CA ILE A 16 4.84 -2.40 -0.37
C ILE A 16 5.84 -2.28 -1.51
N ALA A 17 5.29 -2.30 -2.72
CA ALA A 17 6.05 -2.14 -3.95
C ALA A 17 5.29 -1.14 -4.82
N GLY A 18 5.92 -0.57 -5.85
CA GLY A 18 5.17 0.37 -6.68
C GLY A 18 6.01 1.23 -7.60
N GLY A 19 5.68 1.27 -8.89
CA GLY A 19 6.42 2.12 -9.82
C GLY A 19 7.26 1.33 -10.79
N VAL A 20 7.59 1.95 -11.93
CA VAL A 20 8.41 1.29 -12.96
C VAL A 20 9.82 1.04 -12.42
N GLY A 21 10.42 -0.08 -12.83
CA GLY A 21 11.76 -0.43 -12.37
C GLY A 21 11.75 -1.09 -10.99
N ASN A 22 10.64 -0.91 -10.27
CA ASN A 22 10.46 -1.48 -8.93
C ASN A 22 9.02 -2.02 -8.79
N GLN A 23 8.40 -2.37 -9.92
CA GLN A 23 7.02 -2.87 -9.93
C GLN A 23 6.87 -4.17 -9.14
N HIS A 24 5.69 -4.32 -8.52
CA HIS A 24 5.39 -5.51 -7.73
C HIS A 24 4.75 -6.61 -8.58
N ILE A 25 4.17 -6.22 -9.72
CA ILE A 25 3.52 -7.18 -10.61
C ILE A 25 3.63 -6.73 -12.07
N PRO A 26 4.06 -7.62 -12.98
CA PRO A 26 4.21 -7.30 -14.40
C PRO A 26 2.95 -6.70 -15.00
N GLY A 27 3.07 -5.48 -15.52
CA GLY A 27 1.94 -4.81 -16.13
C GLY A 27 1.32 -3.75 -15.24
N ASP A 28 0.95 -4.14 -14.01
CA ASP A 28 0.35 -3.21 -13.05
C ASP A 28 1.43 -2.52 -12.21
N ASN A 29 1.62 -1.23 -12.45
CA ASN A 29 2.62 -0.44 -11.72
C ASN A 29 2.06 0.14 -10.43
N SER A 30 0.90 -0.38 -9.97
CA SER A 30 0.29 0.10 -8.73
C SER A 30 1.16 -0.25 -7.53
N ILE A 31 0.70 0.12 -6.33
CA ILE A 31 1.45 -0.20 -5.13
C ILE A 31 0.84 -1.40 -4.41
N TYR A 32 1.57 -2.50 -4.46
CA TYR A 32 1.14 -3.76 -3.84
C TYR A 32 1.89 -4.04 -2.54
N VAL A 33 1.19 -4.63 -1.57
CA VAL A 33 1.79 -5.01 -0.29
C VAL A 33 2.59 -6.30 -0.46
N THR A 34 3.84 -6.30 -0.01
CA THR A 34 4.70 -7.46 -0.18
C THR A 34 4.87 -8.28 1.11
N LYS A 35 4.75 -7.65 2.27
CA LYS A 35 4.93 -8.33 3.55
C LYS A 35 4.26 -7.59 4.70
N ILE A 36 3.28 -8.24 5.33
CA ILE A 36 2.57 -7.63 6.45
C ILE A 36 3.13 -8.12 7.79
N ILE A 37 3.59 -7.18 8.62
CA ILE A 37 4.14 -7.50 9.94
C ILE A 37 3.03 -7.77 10.94
N GLU A 38 3.29 -8.66 11.90
CA GLU A 38 2.30 -9.00 12.93
C GLU A 38 2.01 -7.80 13.83
N GLY A 39 0.75 -7.71 14.28
CA GLY A 39 0.34 -6.60 15.14
C GLY A 39 0.42 -5.23 14.46
N GLY A 40 0.51 -5.21 13.13
CA GLY A 40 0.59 -3.96 12.40
C GLY A 40 -0.77 -3.43 11.98
N ALA A 41 -0.82 -2.17 11.54
CA ALA A 41 -2.06 -1.53 11.09
C ALA A 41 -2.87 -2.44 10.18
N ALA A 42 -2.27 -2.85 9.06
CA ALA A 42 -2.95 -3.72 8.10
C ALA A 42 -3.27 -5.09 8.71
N HIS A 43 -2.26 -5.70 9.35
CA HIS A 43 -2.41 -7.02 9.97
C HIS A 43 -3.60 -7.03 10.95
N LYS A 44 -3.63 -6.05 11.86
CA LYS A 44 -4.70 -5.95 12.86
C LYS A 44 -6.05 -5.70 12.19
N ASP A 45 -6.04 -4.83 11.16
CA ASP A 45 -7.27 -4.50 10.42
C ASP A 45 -7.87 -5.74 9.78
N GLY A 46 -7.03 -6.52 9.10
CA GLY A 46 -7.49 -7.74 8.45
C GLY A 46 -8.01 -7.52 7.03
N LYS A 47 -8.43 -6.29 6.73
CA LYS A 47 -8.95 -5.97 5.40
C LYS A 47 -7.85 -6.08 4.35
N LEU A 48 -6.67 -5.55 4.67
CA LEU A 48 -5.54 -5.59 3.75
C LEU A 48 -4.80 -6.94 3.84
N GLN A 49 -4.56 -7.53 2.68
CA GLN A 49 -3.86 -8.82 2.59
C GLN A 49 -2.79 -8.77 1.49
N ILE A 50 -1.69 -9.48 1.70
CA ILE A 50 -0.59 -9.52 0.73
C ILE A 50 -1.10 -9.83 -0.68
N GLY A 51 -0.84 -8.93 -1.62
CA GLY A 51 -1.28 -9.12 -3.00
C GLY A 51 -2.21 -8.03 -3.51
N ASP A 52 -2.93 -7.36 -2.60
CA ASP A 52 -3.85 -6.31 -3.01
C ASP A 52 -3.09 -5.13 -3.61
N LYS A 53 -3.81 -4.30 -4.39
CA LYS A 53 -3.19 -3.13 -5.01
C LYS A 53 -3.69 -1.85 -4.35
N LEU A 54 -2.82 -0.87 -4.30
CA LEU A 54 -3.14 0.41 -3.68
C LEU A 54 -3.61 1.44 -4.70
N LEU A 55 -4.93 1.68 -4.71
CA LEU A 55 -5.51 2.66 -5.62
C LEU A 55 -5.08 4.06 -5.20
N ALA A 56 -5.29 4.40 -3.92
CA ALA A 56 -4.89 5.71 -3.41
C ALA A 56 -4.56 5.67 -1.92
N VAL A 57 -3.70 6.59 -1.48
CA VAL A 57 -3.30 6.65 -0.08
C VAL A 57 -3.16 8.10 0.40
N ASN A 58 -4.03 8.48 1.34
CA ASN A 58 -4.03 9.84 1.89
C ASN A 58 -4.37 10.88 0.81
N ASN A 59 -5.48 10.62 0.10
CA ASN A 59 -5.96 11.52 -0.97
C ASN A 59 -5.16 11.40 -2.27
N VAL A 60 -3.94 10.86 -2.23
CA VAL A 60 -3.14 10.73 -3.44
C VAL A 60 -3.27 9.34 -4.05
N CYS A 61 -3.07 9.23 -5.36
CA CYS A 61 -3.17 7.94 -6.05
C CYS A 61 -1.85 7.19 -5.94
N LEU A 62 -1.93 5.90 -5.60
CA LEU A 62 -0.74 5.06 -5.50
C LEU A 62 -0.58 4.14 -6.72
N GLU A 63 -1.01 4.61 -7.88
CA GLU A 63 -0.93 3.83 -9.12
C GLU A 63 -0.05 4.50 -10.19
N GLU A 64 0.13 5.81 -10.09
CA GLU A 64 0.95 6.54 -11.06
C GLU A 64 2.18 7.18 -10.41
N VAL A 65 2.92 6.37 -9.65
CA VAL A 65 4.13 6.86 -8.98
C VAL A 65 5.21 5.78 -8.84
N THR A 66 6.45 6.24 -8.72
CA THR A 66 7.59 5.34 -8.54
C THR A 66 7.52 4.70 -7.15
N HIS A 67 8.58 4.01 -6.73
CA HIS A 67 8.58 3.38 -5.42
C HIS A 67 8.71 4.44 -4.33
N GLU A 68 9.59 5.42 -4.54
CA GLU A 68 9.77 6.50 -3.54
C GLU A 68 8.41 7.04 -3.11
N GLU A 69 7.59 7.42 -4.08
CA GLU A 69 6.25 7.94 -3.81
C GLU A 69 5.38 6.91 -3.11
N ALA A 70 5.57 5.63 -3.45
CA ALA A 70 4.83 4.53 -2.83
C ALA A 70 5.07 4.50 -1.32
N VAL A 71 6.33 4.68 -0.95
CA VAL A 71 6.73 4.69 0.46
C VAL A 71 6.43 6.05 1.08
N THR A 72 6.63 7.12 0.32
CA THR A 72 6.38 8.47 0.79
C THR A 72 4.91 8.67 1.14
N ALA A 73 4.02 8.09 0.34
CA ALA A 73 2.58 8.20 0.55
C ALA A 73 2.13 7.35 1.72
N LEU A 74 2.72 6.16 1.86
CA LEU A 74 2.40 5.27 2.97
C LEU A 74 2.90 5.89 4.27
N LYS A 75 4.04 6.55 4.18
CA LYS A 75 4.66 7.20 5.33
C LYS A 75 4.06 8.59 5.59
N ASN A 76 3.38 9.16 4.59
CA ASN A 76 2.77 10.49 4.73
C ASN A 76 1.40 10.38 5.42
N THR A 77 1.42 9.87 6.65
CA THR A 77 0.21 9.69 7.44
C THR A 77 0.29 10.51 8.73
N SER A 78 -0.47 11.60 8.78
CA SER A 78 -0.47 12.48 9.95
C SER A 78 -1.50 12.04 10.99
N ASP A 79 -2.73 12.56 10.90
CA ASP A 79 -3.78 12.23 11.85
C ASP A 79 -4.38 10.84 11.58
N PHE A 80 -5.08 10.69 10.45
CA PHE A 80 -5.70 9.42 10.11
C PHE A 80 -5.22 8.87 8.76
N VAL A 81 -4.96 7.56 8.71
CA VAL A 81 -4.51 6.91 7.49
C VAL A 81 -5.70 6.37 6.67
N TYR A 82 -5.84 6.87 5.44
CA TYR A 82 -6.93 6.43 4.57
C TYR A 82 -6.38 5.71 3.35
N LEU A 83 -6.42 4.39 3.41
CA LEU A 83 -5.91 3.54 2.33
C LEU A 83 -7.01 3.14 1.36
N LYS A 84 -6.80 3.46 0.09
CA LYS A 84 -7.74 3.12 -0.98
C LYS A 84 -7.15 2.01 -1.83
N VAL A 85 -7.85 0.88 -1.90
CA VAL A 85 -7.37 -0.27 -2.67
C VAL A 85 -8.11 -0.41 -3.99
N ALA A 86 -7.35 -0.66 -5.06
CA ALA A 86 -7.93 -0.81 -6.40
C ALA A 86 -8.42 -2.23 -6.64
N LYS A 87 -9.51 -2.35 -7.41
CA LYS A 87 -10.09 -3.65 -7.73
C LYS A 87 -9.98 -3.93 -9.23
N PRO A 88 -8.98 -4.73 -9.64
CA PRO A 88 -8.76 -5.09 -11.05
C PRO A 88 -9.84 -6.02 -11.59
N THR A 89 -10.16 -5.87 -12.87
CA THR A 89 -11.19 -6.69 -13.51
C THR A 89 -10.64 -7.35 -14.79
N GLY A 90 -10.19 -6.52 -15.73
CA GLY A 90 -9.65 -7.05 -16.97
C GLY A 90 -9.62 -5.99 -18.08
N SER A 91 -8.46 -5.39 -18.28
CA SER A 91 -8.29 -4.37 -19.32
C SER A 91 -8.23 -5.00 -20.71
N HIS A 92 -7.48 -6.10 -20.84
CA HIS A 92 -7.34 -6.79 -22.12
C HIS A 92 -8.46 -7.81 -22.30
N ARG B 1 12.52 -5.24 -9.94
CA ARG B 1 11.47 -4.84 -8.95
C ARG B 1 12.09 -4.47 -7.60
N ARG B 2 11.31 -3.75 -6.79
CA ARG B 2 11.78 -3.33 -5.47
C ARG B 2 10.65 -3.38 -4.44
N GLU B 3 10.92 -4.01 -3.30
CA GLU B 3 9.94 -4.14 -2.23
C GLU B 3 10.52 -3.61 -0.92
N THR B 4 9.99 -2.49 -0.45
CA THR B 4 10.47 -1.86 0.78
C THR B 4 9.37 -1.81 1.85
N GLN B 5 9.77 -1.90 3.12
CA GLN B 5 8.84 -1.84 4.24
C GLN B 5 8.48 -0.40 4.57
N VAL B 6 7.29 -0.19 5.10
CA VAL B 6 6.82 1.14 5.47
C VAL B 6 6.06 1.13 6.80
N MET A 1 -12.61 0.49 -2.92
CA MET A 1 -12.41 -0.04 -1.54
C MET A 1 -11.48 0.86 -0.72
N GLU A 2 -11.96 1.27 0.45
CA GLU A 2 -11.19 2.13 1.33
C GLU A 2 -10.91 1.44 2.67
N ILE A 3 -9.79 1.80 3.29
CA ILE A 3 -9.41 1.23 4.58
C ILE A 3 -8.79 2.31 5.46
N LYS A 4 -9.62 2.91 6.32
CA LYS A 4 -9.16 3.97 7.22
C LYS A 4 -8.89 3.38 8.60
N LEU A 5 -7.87 3.88 9.30
CA LEU A 5 -7.53 3.37 10.62
C LEU A 5 -6.89 4.48 11.46
N ILE A 6 -6.69 4.24 12.75
CA ILE A 6 -6.09 5.23 13.64
C ILE A 6 -4.56 5.01 13.73
N LYS A 7 -3.81 6.06 13.45
CA LYS A 7 -2.34 5.99 13.49
C LYS A 7 -1.83 5.75 14.90
N GLY A 8 -0.89 4.82 15.04
CA GLY A 8 -0.32 4.50 16.34
C GLY A 8 1.16 4.80 16.42
N PRO A 9 1.79 4.57 17.59
CA PRO A 9 3.22 4.82 17.79
C PRO A 9 4.11 3.98 16.86
N LYS A 10 3.72 2.72 16.65
CA LYS A 10 4.47 1.81 15.79
C LYS A 10 4.51 2.33 14.36
N GLY A 11 3.37 2.29 13.67
CA GLY A 11 3.30 2.76 12.30
C GLY A 11 2.36 1.92 11.44
N LEU A 12 2.81 1.56 10.25
CA LEU A 12 2.02 0.73 9.34
C LEU A 12 2.18 -0.74 9.70
N GLY A 13 3.43 -1.20 9.76
CA GLY A 13 3.72 -2.59 10.12
C GLY A 13 3.67 -3.54 8.94
N PHE A 14 4.01 -3.06 7.75
CA PHE A 14 4.00 -3.90 6.55
C PHE A 14 4.94 -3.33 5.49
N SER A 15 4.98 -3.97 4.32
CA SER A 15 5.82 -3.53 3.22
C SER A 15 4.98 -3.31 1.97
N ILE A 16 5.58 -2.69 0.96
CA ILE A 16 4.90 -2.42 -0.30
C ILE A 16 5.91 -2.26 -1.44
N ALA A 17 5.38 -2.26 -2.65
CA ALA A 17 6.18 -2.09 -3.86
C ALA A 17 5.41 -1.16 -4.79
N GLY A 18 6.01 -0.65 -5.86
CA GLY A 18 5.25 0.23 -6.73
C GLY A 18 6.05 1.04 -7.74
N GLY A 19 5.67 0.96 -9.01
CA GLY A 19 6.37 1.77 -10.02
C GLY A 19 7.30 0.97 -10.92
N VAL A 20 7.52 1.51 -12.13
CA VAL A 20 8.40 0.87 -13.10
C VAL A 20 9.83 0.82 -12.58
N GLY A 21 10.57 -0.22 -12.97
CA GLY A 21 11.95 -0.37 -12.50
C GLY A 21 12.03 -1.06 -11.15
N ASN A 22 10.91 -1.06 -10.42
CA ASN A 22 10.81 -1.69 -9.10
C ASN A 22 9.46 -2.41 -8.96
N GLN A 23 8.77 -2.62 -10.09
CA GLN A 23 7.44 -3.27 -10.12
C GLN A 23 7.34 -4.49 -9.22
N HIS A 24 6.19 -4.63 -8.56
CA HIS A 24 5.91 -5.75 -7.66
C HIS A 24 5.29 -6.94 -8.39
N ILE A 25 4.52 -6.64 -9.45
CA ILE A 25 3.86 -7.68 -10.23
C ILE A 25 3.90 -7.37 -11.72
N PRO A 26 4.40 -8.31 -12.55
CA PRO A 26 4.50 -8.13 -14.00
C PRO A 26 3.18 -7.65 -14.61
N GLY A 27 3.23 -6.50 -15.28
CA GLY A 27 2.04 -5.93 -15.91
C GLY A 27 1.41 -4.82 -15.10
N ASP A 28 1.22 -5.06 -13.79
CA ASP A 28 0.60 -4.06 -12.91
C ASP A 28 1.67 -3.24 -12.17
N ASN A 29 1.73 -1.96 -12.50
CA ASN A 29 2.69 -1.04 -11.87
C ASN A 29 2.11 -0.33 -10.65
N SER A 30 0.98 -0.84 -10.13
CA SER A 30 0.36 -0.25 -8.95
C SER A 30 1.06 -0.72 -7.68
N ILE A 31 0.87 0.01 -6.59
CA ILE A 31 1.53 -0.31 -5.32
C ILE A 31 0.88 -1.53 -4.64
N TYR A 32 1.68 -2.57 -4.39
CA TYR A 32 1.20 -3.80 -3.75
C TYR A 32 1.96 -4.08 -2.44
N VAL A 33 1.24 -4.67 -1.48
CA VAL A 33 1.85 -5.03 -0.20
C VAL A 33 2.71 -6.29 -0.37
N THR A 34 3.99 -6.16 -0.04
CA THR A 34 4.94 -7.27 -0.18
C THR A 34 5.05 -8.15 1.07
N LYS A 35 4.72 -7.61 2.24
CA LYS A 35 4.81 -8.39 3.48
C LYS A 35 4.21 -7.63 4.67
N ILE A 36 3.39 -8.32 5.46
CA ILE A 36 2.77 -7.70 6.62
C ILE A 36 3.45 -8.18 7.92
N ILE A 37 3.88 -7.23 8.73
CA ILE A 37 4.54 -7.53 10.00
C ILE A 37 3.50 -7.81 11.10
N GLU A 38 3.89 -8.62 12.08
CA GLU A 38 3.01 -8.98 13.19
C GLU A 38 2.61 -7.73 13.99
N GLY A 39 1.38 -7.72 14.51
CA GLY A 39 0.89 -6.60 15.29
C GLY A 39 0.87 -5.28 14.52
N GLY A 40 0.90 -5.36 13.19
CA GLY A 40 0.87 -4.15 12.37
C GLY A 40 -0.54 -3.67 12.06
N ALA A 41 -0.65 -2.43 11.59
CA ALA A 41 -1.95 -1.85 11.26
C ALA A 41 -2.79 -2.78 10.40
N ALA A 42 -2.21 -3.24 9.27
CA ALA A 42 -2.90 -4.16 8.38
C ALA A 42 -3.14 -5.51 9.04
N HIS A 43 -2.07 -6.08 9.60
CA HIS A 43 -2.13 -7.38 10.28
C HIS A 43 -3.26 -7.42 11.32
N LYS A 44 -3.38 -6.36 12.10
CA LYS A 44 -4.42 -6.26 13.14
C LYS A 44 -5.80 -6.04 12.53
N ASP A 45 -5.86 -5.22 11.47
CA ASP A 45 -7.13 -4.93 10.80
C ASP A 45 -7.71 -6.18 10.13
N GLY A 46 -6.92 -6.82 9.27
CA GLY A 46 -7.37 -8.02 8.59
C GLY A 46 -7.85 -7.75 7.17
N LYS A 47 -8.33 -6.53 6.90
CA LYS A 47 -8.82 -6.16 5.58
C LYS A 47 -7.72 -6.19 4.52
N LEU A 48 -6.53 -5.70 4.88
CA LEU A 48 -5.40 -5.67 3.95
C LEU A 48 -4.55 -6.94 4.05
N GLN A 49 -4.39 -7.61 2.91
CA GLN A 49 -3.61 -8.84 2.82
C GLN A 49 -2.67 -8.79 1.61
N ILE A 50 -1.48 -9.37 1.75
CA ILE A 50 -0.50 -9.39 0.64
C ILE A 50 -1.17 -9.78 -0.67
N GLY A 51 -0.99 -8.95 -1.71
CA GLY A 51 -1.59 -9.22 -3.01
C GLY A 51 -2.51 -8.10 -3.47
N ASP A 52 -3.00 -7.28 -2.53
CA ASP A 52 -3.87 -6.17 -2.86
C ASP A 52 -3.09 -5.04 -3.52
N LYS A 53 -3.79 -4.25 -4.35
CA LYS A 53 -3.17 -3.12 -5.02
C LYS A 53 -3.63 -1.81 -4.38
N LEU A 54 -2.75 -0.83 -4.40
CA LEU A 54 -3.05 0.46 -3.79
C LEU A 54 -3.58 1.47 -4.82
N LEU A 55 -4.88 1.74 -4.71
CA LEU A 55 -5.55 2.69 -5.59
C LEU A 55 -5.05 4.11 -5.28
N ALA A 56 -5.16 4.50 -4.00
CA ALA A 56 -4.71 5.82 -3.57
C ALA A 56 -4.53 5.89 -2.06
N VAL A 57 -3.85 6.94 -1.58
CA VAL A 57 -3.62 7.11 -0.14
C VAL A 57 -3.38 8.59 0.20
N ASN A 58 -4.22 9.14 1.06
CA ASN A 58 -4.12 10.54 1.46
C ASN A 58 -4.18 11.45 0.22
N ASN A 59 -5.34 11.44 -0.44
CA ASN A 59 -5.61 12.27 -1.63
C ASN A 59 -4.74 11.90 -2.86
N VAL A 60 -3.60 11.24 -2.67
CA VAL A 60 -2.73 10.90 -3.81
C VAL A 60 -2.99 9.49 -4.31
N CYS A 61 -3.02 9.33 -5.64
CA CYS A 61 -3.23 8.02 -6.25
C CYS A 61 -1.91 7.27 -6.29
N LEU A 62 -1.96 5.98 -5.93
CA LEU A 62 -0.78 5.14 -5.92
C LEU A 62 -0.78 4.17 -7.12
N GLU A 63 -1.58 4.48 -8.16
CA GLU A 63 -1.68 3.61 -9.34
C GLU A 63 -0.64 3.94 -10.41
N GLU A 64 -0.19 5.20 -10.46
CA GLU A 64 0.80 5.60 -11.46
C GLU A 64 1.94 6.40 -10.84
N VAL A 65 2.75 5.73 -10.02
CA VAL A 65 3.88 6.37 -9.36
C VAL A 65 5.04 5.40 -9.10
N THR A 66 6.25 5.97 -9.01
CA THR A 66 7.46 5.19 -8.75
C THR A 66 7.39 4.57 -7.34
N HIS A 67 8.48 3.97 -6.87
CA HIS A 67 8.47 3.40 -5.53
C HIS A 67 8.55 4.49 -4.47
N GLU A 68 9.32 5.54 -4.77
CA GLU A 68 9.46 6.67 -3.84
C GLU A 68 8.08 7.19 -3.42
N GLU A 69 7.16 7.27 -4.39
CA GLU A 69 5.80 7.74 -4.11
C GLU A 69 5.01 6.70 -3.32
N ALA A 70 5.21 5.42 -3.65
CA ALA A 70 4.53 4.33 -2.95
C ALA A 70 4.93 4.31 -1.47
N VAL A 71 6.23 4.53 -1.22
CA VAL A 71 6.76 4.54 0.13
C VAL A 71 6.49 5.87 0.85
N THR A 72 6.59 6.98 0.10
CA THR A 72 6.36 8.31 0.67
C THR A 72 4.88 8.51 1.05
N ALA A 73 3.98 7.91 0.28
CA ALA A 73 2.55 8.03 0.54
C ALA A 73 2.14 7.17 1.74
N LEU A 74 2.73 5.98 1.84
CA LEU A 74 2.45 5.07 2.96
C LEU A 74 3.00 5.67 4.25
N LYS A 75 4.11 6.40 4.11
CA LYS A 75 4.76 7.04 5.27
C LYS A 75 4.12 8.39 5.61
N ASN A 76 3.38 8.98 4.66
CA ASN A 76 2.73 10.28 4.88
C ASN A 76 1.51 10.15 5.81
N THR A 77 1.77 9.87 7.08
CA THR A 77 0.69 9.72 8.07
C THR A 77 0.97 10.55 9.33
N SER A 78 -0.11 10.95 10.02
CA SER A 78 0.02 11.75 11.24
C SER A 78 -0.91 11.22 12.34
N ASP A 79 -2.20 11.59 12.27
CA ASP A 79 -3.19 11.16 13.24
C ASP A 79 -3.99 9.97 12.71
N PHE A 80 -4.61 10.18 11.55
CA PHE A 80 -5.40 9.14 10.88
C PHE A 80 -4.88 8.93 9.46
N VAL A 81 -5.25 7.82 8.84
CA VAL A 81 -4.81 7.53 7.47
C VAL A 81 -5.93 6.87 6.67
N TYR A 82 -6.25 7.46 5.52
CA TYR A 82 -7.32 6.92 4.67
C TYR A 82 -6.71 6.28 3.43
N LEU A 83 -6.57 4.96 3.49
CA LEU A 83 -5.98 4.20 2.39
C LEU A 83 -7.03 3.72 1.39
N LYS A 84 -6.70 3.84 0.10
CA LYS A 84 -7.59 3.40 -0.97
C LYS A 84 -6.98 2.24 -1.73
N VAL A 85 -7.55 1.05 -1.55
CA VAL A 85 -7.06 -0.15 -2.21
C VAL A 85 -8.01 -0.59 -3.31
N ALA A 86 -7.46 -0.85 -4.50
CA ALA A 86 -8.26 -1.29 -5.64
C ALA A 86 -8.44 -2.80 -5.62
N LYS A 87 -9.58 -3.28 -6.14
CA LYS A 87 -9.87 -4.71 -6.19
C LYS A 87 -9.64 -5.26 -7.59
N PRO A 88 -8.91 -6.39 -7.71
CA PRO A 88 -8.61 -7.02 -9.00
C PRO A 88 -9.87 -7.57 -9.68
N THR A 89 -9.94 -7.45 -11.01
CA THR A 89 -11.07 -7.94 -11.77
C THR A 89 -10.61 -8.70 -13.01
N GLY A 90 -11.42 -9.65 -13.46
CA GLY A 90 -11.07 -10.45 -14.63
C GLY A 90 -12.28 -10.81 -15.48
N SER A 91 -12.30 -10.29 -16.71
CA SER A 91 -13.40 -10.56 -17.64
C SER A 91 -13.31 -11.98 -18.20
N HIS A 92 -12.09 -12.45 -18.45
CA HIS A 92 -11.86 -13.79 -18.99
C HIS A 92 -12.29 -14.85 -17.98
N ARG B 1 12.73 -4.67 -10.05
CA ARG B 1 11.82 -5.02 -8.92
C ARG B 1 12.44 -4.65 -7.57
N ARG B 2 11.72 -3.84 -6.80
CA ARG B 2 12.20 -3.42 -5.48
C ARG B 2 11.05 -3.33 -4.48
N GLU B 3 11.24 -3.97 -3.32
CA GLU B 3 10.23 -3.97 -2.27
C GLU B 3 10.79 -3.39 -0.98
N THR B 4 10.09 -2.41 -0.41
CA THR B 4 10.54 -1.76 0.82
C THR B 4 9.44 -1.76 1.89
N GLN B 5 9.86 -1.85 3.15
CA GLN B 5 8.92 -1.85 4.28
C GLN B 5 8.56 -0.42 4.67
N VAL B 6 7.35 -0.25 5.21
CA VAL B 6 6.86 1.06 5.61
C VAL B 6 6.21 1.01 7.00
N MET A 1 -12.92 -1.71 -0.78
CA MET A 1 -12.47 -0.51 -1.55
C MET A 1 -11.57 0.39 -0.69
N GLU A 2 -12.15 1.02 0.32
CA GLU A 2 -11.41 1.91 1.22
C GLU A 2 -11.21 1.24 2.58
N ILE A 3 -10.10 1.60 3.24
CA ILE A 3 -9.79 1.05 4.55
C ILE A 3 -9.10 2.10 5.43
N LYS A 4 -9.88 2.77 6.27
CA LYS A 4 -9.36 3.79 7.18
C LYS A 4 -9.15 3.21 8.58
N LEU A 5 -8.13 3.69 9.29
CA LEU A 5 -7.84 3.20 10.64
C LEU A 5 -7.20 4.31 11.48
N ILE A 6 -7.06 4.07 12.79
CA ILE A 6 -6.45 5.07 13.68
C ILE A 6 -4.95 4.80 13.86
N LYS A 7 -4.15 5.85 13.71
CA LYS A 7 -2.69 5.74 13.85
C LYS A 7 -2.29 4.99 15.10
N GLY A 8 -1.40 4.01 14.94
CA GLY A 8 -0.92 3.22 16.07
C GLY A 8 0.40 3.75 16.62
N PRO A 9 1.23 2.87 17.23
CA PRO A 9 2.52 3.27 17.79
C PRO A 9 3.57 3.55 16.71
N LYS A 10 4.17 2.50 16.15
CA LYS A 10 5.20 2.64 15.11
C LYS A 10 4.64 3.37 13.88
N GLY A 11 3.81 2.69 13.10
CA GLY A 11 3.23 3.30 11.92
C GLY A 11 2.30 2.35 11.18
N LEU A 12 2.74 1.88 10.02
CA LEU A 12 1.95 0.96 9.20
C LEU A 12 2.19 -0.49 9.62
N GLY A 13 3.46 -0.90 9.65
CA GLY A 13 3.79 -2.26 10.04
C GLY A 13 3.73 -3.25 8.89
N PHE A 14 4.13 -2.82 7.69
CA PHE A 14 4.12 -3.70 6.51
C PHE A 14 5.04 -3.15 5.42
N SER A 15 5.05 -3.79 4.24
CA SER A 15 5.88 -3.37 3.13
C SER A 15 5.03 -3.22 1.87
N ILE A 16 5.65 -2.72 0.80
CA ILE A 16 4.95 -2.52 -0.48
C ILE A 16 5.94 -2.51 -1.65
N ALA A 17 5.38 -2.55 -2.85
CA ALA A 17 6.13 -2.48 -4.10
C ALA A 17 5.39 -1.52 -5.02
N GLY A 18 5.98 -1.01 -6.10
CA GLY A 18 5.18 -0.11 -6.93
C GLY A 18 5.94 0.72 -7.95
N GLY A 19 5.44 0.77 -9.19
CA GLY A 19 6.07 1.59 -10.21
C GLY A 19 6.89 0.80 -11.21
N VAL A 20 7.14 1.40 -12.37
CA VAL A 20 7.92 0.74 -13.43
C VAL A 20 9.37 0.51 -12.97
N GLY A 21 9.91 -0.66 -13.29
CA GLY A 21 11.28 -1.00 -12.88
C GLY A 21 11.34 -1.59 -11.47
N ASN A 22 10.28 -1.38 -10.70
CA ASN A 22 10.16 -1.88 -9.33
C ASN A 22 8.74 -2.41 -9.07
N GLN A 23 8.00 -2.73 -10.15
CA GLN A 23 6.62 -3.23 -10.04
C GLN A 23 6.49 -4.49 -9.21
N HIS A 24 5.36 -4.61 -8.51
CA HIS A 24 5.06 -5.77 -7.69
C HIS A 24 4.33 -6.85 -8.50
N ILE A 25 3.54 -6.41 -9.48
CA ILE A 25 2.77 -7.32 -10.32
C ILE A 25 2.94 -6.97 -11.80
N PRO A 26 3.29 -7.96 -12.64
CA PRO A 26 3.48 -7.75 -14.08
C PRO A 26 2.28 -7.06 -14.74
N GLY A 27 2.53 -5.91 -15.37
CA GLY A 27 1.47 -5.17 -16.02
C GLY A 27 0.86 -4.11 -15.12
N ASP A 28 0.57 -4.48 -13.86
CA ASP A 28 -0.01 -3.55 -12.90
C ASP A 28 1.08 -2.81 -12.12
N ASN A 29 1.25 -1.53 -12.43
CA ASN A 29 2.28 -0.71 -11.75
C ASN A 29 1.74 -0.07 -10.47
N SER A 30 0.63 -0.57 -9.94
CA SER A 30 0.06 -0.04 -8.70
C SER A 30 0.78 -0.63 -7.50
N ILE A 31 0.77 0.08 -6.37
CA ILE A 31 1.49 -0.37 -5.18
C ILE A 31 0.78 -1.54 -4.47
N TYR A 32 1.53 -2.64 -4.26
CA TYR A 32 1.01 -3.82 -3.60
C TYR A 32 1.82 -4.13 -2.33
N VAL A 33 1.14 -4.68 -1.32
CA VAL A 33 1.81 -5.05 -0.07
C VAL A 33 2.56 -6.39 -0.24
N THR A 34 3.87 -6.36 -0.02
CA THR A 34 4.70 -7.55 -0.19
C THR A 34 4.93 -8.33 1.11
N LYS A 35 4.81 -7.65 2.25
CA LYS A 35 5.03 -8.29 3.55
C LYS A 35 4.46 -7.47 4.70
N ILE A 36 3.56 -8.08 5.47
CA ILE A 36 2.96 -7.40 6.62
C ILE A 36 3.59 -7.85 7.93
N ILE A 37 4.07 -6.87 8.72
CA ILE A 37 4.70 -7.15 10.01
C ILE A 37 3.65 -7.46 11.07
N GLU A 38 3.99 -8.36 12.01
CA GLU A 38 3.08 -8.75 13.08
C GLU A 38 2.70 -7.54 13.94
N GLY A 39 1.48 -7.57 14.48
CA GLY A 39 1.00 -6.47 15.32
C GLY A 39 1.00 -5.12 14.61
N GLY A 40 1.01 -5.13 13.27
CA GLY A 40 1.02 -3.88 12.52
C GLY A 40 -0.38 -3.38 12.20
N ALA A 41 -0.46 -2.16 11.67
CA ALA A 41 -1.73 -1.54 11.31
C ALA A 41 -2.59 -2.46 10.46
N ALA A 42 -2.02 -2.99 9.38
CA ALA A 42 -2.75 -3.91 8.50
C ALA A 42 -2.99 -5.25 9.17
N HIS A 43 -1.91 -5.86 9.66
CA HIS A 43 -1.98 -7.16 10.34
C HIS A 43 -3.07 -7.19 11.41
N LYS A 44 -3.12 -6.13 12.22
CA LYS A 44 -4.12 -6.02 13.30
C LYS A 44 -5.51 -5.75 12.74
N ASP A 45 -5.58 -4.94 11.69
CA ASP A 45 -6.86 -4.59 11.06
C ASP A 45 -7.52 -5.82 10.44
N GLY A 46 -6.79 -6.50 9.56
CA GLY A 46 -7.33 -7.69 8.90
C GLY A 46 -7.84 -7.42 7.50
N LYS A 47 -8.25 -6.17 7.24
CA LYS A 47 -8.76 -5.78 5.92
C LYS A 47 -7.68 -5.87 4.84
N LEU A 48 -6.47 -5.43 5.18
CA LEU A 48 -5.36 -5.46 4.22
C LEU A 48 -4.58 -6.77 4.30
N GLN A 49 -4.45 -7.43 3.15
CA GLN A 49 -3.73 -8.70 3.06
C GLN A 49 -2.74 -8.65 1.89
N ILE A 50 -1.56 -9.26 2.07
CA ILE A 50 -0.54 -9.27 1.03
C ILE A 50 -1.13 -9.67 -0.33
N GLY A 51 -0.96 -8.81 -1.32
CA GLY A 51 -1.49 -9.06 -2.66
C GLY A 51 -2.44 -7.99 -3.14
N ASP A 52 -3.01 -7.20 -2.21
CA ASP A 52 -3.93 -6.14 -2.58
C ASP A 52 -3.17 -4.99 -3.25
N LYS A 53 -3.91 -4.16 -3.99
CA LYS A 53 -3.32 -3.02 -4.69
C LYS A 53 -3.71 -1.70 -4.04
N LEU A 54 -2.82 -0.74 -4.14
CA LEU A 54 -3.03 0.58 -3.55
C LEU A 54 -3.46 1.60 -4.59
N LEU A 55 -4.76 1.90 -4.60
CA LEU A 55 -5.33 2.87 -5.52
C LEU A 55 -4.91 4.29 -5.13
N ALA A 56 -5.10 4.63 -3.86
CA ALA A 56 -4.72 5.96 -3.36
C ALA A 56 -4.46 5.95 -1.85
N VAL A 57 -3.59 6.86 -1.39
CA VAL A 57 -3.27 6.95 0.04
C VAL A 57 -3.03 8.40 0.45
N ASN A 58 -3.77 8.86 1.46
CA ASN A 58 -3.66 10.24 1.95
C ASN A 58 -4.15 11.24 0.90
N ASN A 59 -5.13 10.80 0.08
CA ASN A 59 -5.73 11.63 -0.99
C ASN A 59 -4.96 11.52 -2.31
N VAL A 60 -3.70 11.08 -2.27
CA VAL A 60 -2.90 10.93 -3.48
C VAL A 60 -3.09 9.54 -4.09
N CYS A 61 -2.98 9.45 -5.41
CA CYS A 61 -3.13 8.16 -6.09
C CYS A 61 -1.80 7.41 -6.11
N LEU A 62 -1.85 6.15 -5.70
CA LEU A 62 -0.65 5.31 -5.65
C LEU A 62 -0.61 4.33 -6.84
N GLU A 63 -1.28 4.67 -7.93
CA GLU A 63 -1.33 3.79 -9.11
C GLU A 63 -0.45 4.31 -10.26
N GLU A 64 -0.14 5.62 -10.25
CA GLU A 64 0.68 6.21 -11.32
C GLU A 64 1.90 6.92 -10.74
N VAL A 65 2.68 6.21 -9.92
CA VAL A 65 3.88 6.78 -9.30
C VAL A 65 4.97 5.74 -9.08
N THR A 66 6.23 6.21 -9.10
CA THR A 66 7.39 5.36 -8.88
C THR A 66 7.36 4.77 -7.46
N HIS A 67 8.17 3.74 -7.22
CA HIS A 67 8.20 3.10 -5.90
C HIS A 67 8.42 4.13 -4.80
N GLU A 68 9.27 5.12 -5.05
CA GLU A 68 9.56 6.18 -4.06
C GLU A 68 8.25 6.78 -3.53
N GLU A 69 7.33 7.11 -4.44
CA GLU A 69 6.04 7.69 -4.07
C GLU A 69 5.22 6.71 -3.23
N ALA A 70 5.34 5.41 -3.54
CA ALA A 70 4.63 4.36 -2.80
C ALA A 70 5.02 4.40 -1.32
N VAL A 71 6.31 4.58 -1.07
CA VAL A 71 6.84 4.66 0.28
C VAL A 71 6.62 6.05 0.89
N THR A 72 6.74 7.08 0.07
CA THR A 72 6.56 8.46 0.53
C THR A 72 5.13 8.71 1.02
N ALA A 73 4.16 8.08 0.36
CA ALA A 73 2.75 8.24 0.72
C ALA A 73 2.39 7.38 1.92
N LEU A 74 2.99 6.18 2.00
CA LEU A 74 2.75 5.27 3.12
C LEU A 74 3.46 5.76 4.37
N LYS A 75 4.62 6.40 4.17
CA LYS A 75 5.42 6.92 5.28
C LYS A 75 4.86 8.24 5.81
N ASN A 76 4.13 8.99 4.97
CA ASN A 76 3.56 10.28 5.37
C ASN A 76 2.33 10.09 6.27
N THR A 77 2.57 9.64 7.50
CA THR A 77 1.50 9.41 8.47
C THR A 77 1.11 10.70 9.18
N SER A 78 -0.12 10.73 9.69
CA SER A 78 -0.65 11.88 10.42
C SER A 78 -1.38 11.40 11.68
N ASP A 79 -2.66 11.78 11.83
CA ASP A 79 -3.47 11.35 12.97
C ASP A 79 -4.25 10.10 12.58
N PHE A 80 -4.86 10.16 11.40
CA PHE A 80 -5.63 9.04 10.85
C PHE A 80 -5.07 8.69 9.47
N VAL A 81 -5.53 7.58 8.89
CA VAL A 81 -5.06 7.17 7.57
C VAL A 81 -6.22 6.59 6.77
N TYR A 82 -6.36 7.01 5.51
CA TYR A 82 -7.42 6.52 4.65
C TYR A 82 -6.86 5.85 3.40
N LEU A 83 -6.79 4.53 3.45
CA LEU A 83 -6.24 3.75 2.35
C LEU A 83 -7.29 3.45 1.28
N LYS A 84 -6.87 3.56 0.01
CA LYS A 84 -7.74 3.30 -1.13
C LYS A 84 -7.16 2.18 -1.98
N VAL A 85 -7.98 1.16 -2.27
CA VAL A 85 -7.51 0.02 -3.07
C VAL A 85 -8.35 -0.17 -4.33
N ALA A 86 -7.68 -0.45 -5.44
CA ALA A 86 -8.35 -0.67 -6.72
C ALA A 86 -8.80 -2.13 -6.86
N LYS A 87 -9.94 -2.34 -7.51
CA LYS A 87 -10.48 -3.69 -7.71
C LYS A 87 -10.26 -4.17 -9.15
N PRO A 88 -9.38 -5.18 -9.34
CA PRO A 88 -9.10 -5.73 -10.68
C PRO A 88 -10.27 -6.53 -11.23
N THR A 89 -10.83 -6.09 -12.36
CA THR A 89 -11.96 -6.78 -12.99
C THR A 89 -11.83 -6.78 -14.51
N GLY A 90 -11.65 -7.97 -15.07
CA GLY A 90 -11.52 -8.11 -16.52
C GLY A 90 -10.26 -7.47 -17.07
N SER A 91 -9.18 -7.47 -16.27
CA SER A 91 -7.91 -6.88 -16.69
C SER A 91 -7.42 -7.47 -18.02
N HIS A 92 -7.59 -8.79 -18.19
CA HIS A 92 -7.17 -9.48 -19.41
C HIS A 92 -7.88 -8.89 -20.63
N ARG B 1 11.16 -5.23 -10.38
CA ARG B 1 10.47 -5.51 -9.10
C ARG B 1 11.29 -5.03 -7.90
N ARG B 2 10.62 -4.40 -6.93
CA ARG B 2 11.29 -3.88 -5.74
C ARG B 2 10.29 -3.69 -4.60
N GLU B 3 10.60 -4.27 -3.44
CA GLU B 3 9.75 -4.17 -2.26
C GLU B 3 10.48 -3.46 -1.12
N THR B 4 9.74 -2.68 -0.34
CA THR B 4 10.31 -1.95 0.79
C THR B 4 9.28 -1.74 1.89
N GLN B 5 9.72 -1.82 3.14
CA GLN B 5 8.83 -1.64 4.29
C GLN B 5 8.40 -0.19 4.43
N VAL B 6 7.26 0.03 5.08
CA VAL B 6 6.71 1.37 5.28
C VAL B 6 5.94 1.47 6.59
N MET A 1 -13.12 0.84 -3.33
CA MET A 1 -12.97 0.35 -1.92
C MET A 1 -11.92 1.15 -1.17
N GLU A 2 -12.24 1.53 0.07
CA GLU A 2 -11.33 2.31 0.91
C GLU A 2 -11.13 1.61 2.26
N ILE A 3 -10.00 1.91 2.91
CA ILE A 3 -9.69 1.34 4.21
C ILE A 3 -8.97 2.35 5.09
N LYS A 4 -9.72 3.05 5.94
CA LYS A 4 -9.16 4.04 6.84
C LYS A 4 -8.95 3.42 8.23
N LEU A 5 -7.89 3.84 8.93
CA LEU A 5 -7.60 3.31 10.26
C LEU A 5 -6.90 4.36 11.12
N ILE A 6 -6.74 4.08 12.41
CA ILE A 6 -6.08 5.01 13.32
C ILE A 6 -4.59 4.68 13.48
N LYS A 7 -3.74 5.66 13.22
CA LYS A 7 -2.29 5.49 13.30
C LYS A 7 -1.88 4.91 14.66
N GLY A 8 -1.00 3.90 14.62
CA GLY A 8 -0.52 3.26 15.84
C GLY A 8 0.74 3.91 16.38
N PRO A 9 1.53 3.20 17.19
CA PRO A 9 2.77 3.72 17.77
C PRO A 9 3.90 3.83 16.74
N LYS A 10 4.51 2.70 16.39
CA LYS A 10 5.60 2.69 15.41
C LYS A 10 5.10 3.06 14.01
N GLY A 11 4.17 2.28 13.48
CA GLY A 11 3.63 2.56 12.15
C GLY A 11 2.79 1.43 11.60
N LEU A 12 2.55 1.48 10.29
CA LEU A 12 1.74 0.46 9.61
C LEU A 12 2.24 -0.95 9.90
N GLY A 13 3.56 -1.13 9.91
CA GLY A 13 4.14 -2.43 10.19
C GLY A 13 4.05 -3.41 9.03
N PHE A 14 4.43 -2.96 7.83
CA PHE A 14 4.40 -3.81 6.64
C PHE A 14 5.28 -3.23 5.54
N SER A 15 5.25 -3.83 4.36
CA SER A 15 6.03 -3.36 3.22
C SER A 15 5.14 -3.21 1.99
N ILE A 16 5.71 -2.69 0.91
CA ILE A 16 4.97 -2.50 -0.33
C ILE A 16 5.92 -2.44 -1.53
N ALA A 17 5.33 -2.45 -2.72
CA ALA A 17 6.06 -2.35 -3.98
C ALA A 17 5.30 -1.38 -4.88
N GLY A 18 5.89 -0.89 -5.97
CA GLY A 18 5.12 0.00 -6.82
C GLY A 18 5.92 0.79 -7.84
N GLY A 19 5.45 0.83 -9.10
CA GLY A 19 6.13 1.61 -10.12
C GLY A 19 6.94 0.77 -11.08
N VAL A 20 7.21 1.33 -12.27
CA VAL A 20 7.99 0.63 -13.30
C VAL A 20 9.43 0.41 -12.83
N GLY A 21 9.99 -0.75 -13.16
CA GLY A 21 11.36 -1.07 -12.73
C GLY A 21 11.41 -1.63 -11.31
N ASN A 22 10.36 -1.37 -10.54
CA ASN A 22 10.25 -1.85 -9.16
C ASN A 22 8.81 -2.38 -8.90
N GLN A 23 8.10 -2.74 -9.98
CA GLN A 23 6.72 -3.23 -9.88
C GLN A 23 6.59 -4.48 -9.03
N HIS A 24 5.44 -4.60 -8.37
CA HIS A 24 5.13 -5.74 -7.51
C HIS A 24 4.45 -6.87 -8.30
N ILE A 25 3.79 -6.49 -9.39
CA ILE A 25 3.07 -7.46 -10.22
C ILE A 25 3.12 -7.06 -11.69
N PRO A 26 3.40 -8.04 -12.59
CA PRO A 26 3.49 -7.79 -14.04
C PRO A 26 2.25 -7.07 -14.60
N GLY A 27 2.49 -5.89 -15.18
CA GLY A 27 1.39 -5.13 -15.76
C GLY A 27 0.83 -4.07 -14.83
N ASP A 28 0.51 -4.46 -13.60
CA ASP A 28 -0.03 -3.53 -12.61
C ASP A 28 1.07 -2.78 -11.87
N ASN A 29 1.20 -1.48 -12.20
CA ASN A 29 2.22 -0.63 -11.58
C ASN A 29 1.71 0.00 -10.27
N SER A 30 0.63 -0.53 -9.71
CA SER A 30 0.06 -0.02 -8.47
C SER A 30 0.96 -0.36 -7.27
N ILE A 31 0.53 0.04 -6.08
CA ILE A 31 1.31 -0.24 -4.87
C ILE A 31 0.73 -1.45 -4.12
N TYR A 32 1.47 -2.57 -4.16
CA TYR A 32 1.05 -3.81 -3.50
C TYR A 32 1.88 -4.09 -2.25
N VAL A 33 1.22 -4.64 -1.22
CA VAL A 33 1.91 -5.00 0.02
C VAL A 33 2.75 -6.25 -0.20
N THR A 34 4.05 -6.17 0.16
CA THR A 34 4.96 -7.28 -0.03
C THR A 34 5.15 -8.14 1.22
N LYS A 35 5.06 -7.53 2.41
CA LYS A 35 5.24 -8.26 3.67
C LYS A 35 4.63 -7.51 4.84
N ILE A 36 3.72 -8.15 5.57
CA ILE A 36 3.08 -7.53 6.73
C ILE A 36 3.71 -8.05 8.03
N ILE A 37 4.22 -7.11 8.83
CA ILE A 37 4.86 -7.45 10.10
C ILE A 37 3.82 -7.86 11.15
N GLU A 38 4.18 -8.84 12.00
CA GLU A 38 3.29 -9.34 13.04
C GLU A 38 2.75 -8.19 13.89
N GLY A 39 1.49 -8.32 14.33
CA GLY A 39 0.87 -7.29 15.15
C GLY A 39 0.89 -5.90 14.52
N GLY A 40 0.96 -5.85 13.19
CA GLY A 40 1.00 -4.58 12.49
C GLY A 40 -0.39 -4.03 12.18
N ALA A 41 -0.45 -2.81 11.68
CA ALA A 41 -1.71 -2.15 11.33
C ALA A 41 -2.60 -3.05 10.46
N ALA A 42 -2.00 -3.64 9.42
CA ALA A 42 -2.74 -4.52 8.52
C ALA A 42 -3.04 -5.86 9.19
N HIS A 43 -1.99 -6.52 9.70
CA HIS A 43 -2.12 -7.81 10.37
C HIS A 43 -3.18 -7.78 11.47
N LYS A 44 -3.15 -6.74 12.30
CA LYS A 44 -4.10 -6.59 13.40
C LYS A 44 -5.51 -6.24 12.90
N ASP A 45 -5.58 -5.38 11.87
CA ASP A 45 -6.86 -4.96 11.30
C ASP A 45 -7.56 -6.14 10.63
N GLY A 46 -6.86 -6.82 9.72
CA GLY A 46 -7.44 -7.95 9.02
C GLY A 46 -7.93 -7.61 7.62
N LYS A 47 -8.35 -6.36 7.42
CA LYS A 47 -8.84 -5.90 6.12
C LYS A 47 -7.75 -5.97 5.05
N LEU A 48 -6.54 -5.51 5.40
CA LEU A 48 -5.42 -5.53 4.45
C LEU A 48 -4.64 -6.83 4.53
N GLN A 49 -4.56 -7.52 3.40
CA GLN A 49 -3.84 -8.79 3.29
C GLN A 49 -2.97 -8.79 2.03
N ILE A 50 -1.80 -9.43 2.11
CA ILE A 50 -0.89 -9.50 0.96
C ILE A 50 -1.67 -9.75 -0.34
N GLY A 51 -1.25 -9.10 -1.43
CA GLY A 51 -1.92 -9.28 -2.70
C GLY A 51 -2.79 -8.09 -3.09
N ASP A 52 -3.18 -7.26 -2.10
CA ASP A 52 -4.00 -6.09 -2.39
C ASP A 52 -3.18 -4.99 -3.06
N LYS A 53 -3.88 -4.15 -3.83
CA LYS A 53 -3.25 -3.04 -4.52
C LYS A 53 -3.73 -1.70 -3.98
N LEU A 54 -2.84 -0.71 -4.04
CA LEU A 54 -3.14 0.63 -3.54
C LEU A 54 -3.57 1.56 -4.66
N LEU A 55 -4.84 1.97 -4.59
CA LEU A 55 -5.40 2.89 -5.57
C LEU A 55 -4.98 4.32 -5.24
N ALA A 56 -5.19 4.72 -3.98
CA ALA A 56 -4.82 6.07 -3.55
C ALA A 56 -4.65 6.14 -2.04
N VAL A 57 -3.90 7.14 -1.55
CA VAL A 57 -3.69 7.32 -0.12
C VAL A 57 -3.46 8.79 0.22
N ASN A 58 -4.28 9.32 1.13
CA ASN A 58 -4.19 10.73 1.53
C ASN A 58 -4.53 11.66 0.35
N ASN A 59 -5.47 11.19 -0.50
CA ASN A 59 -5.93 11.95 -1.68
C ASN A 59 -5.04 11.72 -2.91
N VAL A 60 -3.81 11.20 -2.70
CA VAL A 60 -2.90 10.94 -3.83
C VAL A 60 -3.10 9.54 -4.38
N CYS A 61 -2.95 9.38 -5.69
CA CYS A 61 -3.11 8.07 -6.31
C CYS A 61 -1.81 7.27 -6.23
N LEU A 62 -1.92 6.03 -5.75
CA LEU A 62 -0.77 5.14 -5.62
C LEU A 62 -0.76 4.09 -6.74
N GLU A 63 -1.37 4.42 -7.88
CA GLU A 63 -1.46 3.49 -9.01
C GLU A 63 -0.58 3.91 -10.19
N GLU A 64 -0.24 5.21 -10.27
CA GLU A 64 0.59 5.72 -11.37
C GLU A 64 1.80 6.49 -10.84
N VAL A 65 2.50 5.89 -9.87
CA VAL A 65 3.68 6.52 -9.28
C VAL A 65 4.83 5.53 -9.10
N THR A 66 6.05 6.06 -8.98
CA THR A 66 7.23 5.24 -8.77
C THR A 66 7.20 4.63 -7.36
N HIS A 67 8.15 3.74 -7.06
CA HIS A 67 8.18 3.10 -5.75
C HIS A 67 8.36 4.14 -4.65
N GLU A 68 9.20 5.15 -4.89
CA GLU A 68 9.42 6.21 -3.89
C GLU A 68 8.11 6.81 -3.42
N GLU A 69 7.21 7.11 -4.36
CA GLU A 69 5.91 7.67 -4.04
C GLU A 69 5.07 6.68 -3.21
N ALA A 70 5.23 5.39 -3.49
CA ALA A 70 4.51 4.35 -2.75
C ALA A 70 4.89 4.38 -1.27
N VAL A 71 6.18 4.57 -1.01
CA VAL A 71 6.70 4.63 0.35
C VAL A 71 6.46 6.01 0.98
N THR A 72 6.61 7.05 0.17
CA THR A 72 6.41 8.42 0.65
C THR A 72 4.96 8.66 1.10
N ALA A 73 4.02 8.02 0.41
CA ALA A 73 2.59 8.16 0.73
C ALA A 73 2.22 7.31 1.94
N LEU A 74 2.82 6.12 2.04
CA LEU A 74 2.57 5.23 3.17
C LEU A 74 3.18 5.81 4.44
N LYS A 75 4.33 6.47 4.26
CA LYS A 75 5.04 7.09 5.39
C LYS A 75 4.41 8.42 5.80
N ASN A 76 3.64 9.03 4.89
CA ASN A 76 3.00 10.32 5.18
C ASN A 76 1.75 10.14 6.06
N THR A 77 1.96 9.66 7.28
CA THR A 77 0.86 9.44 8.23
C THR A 77 1.12 10.15 9.55
N SER A 78 0.07 10.71 10.14
CA SER A 78 0.19 11.42 11.41
C SER A 78 -0.78 10.87 12.46
N ASP A 79 -2.06 11.21 12.32
CA ASP A 79 -3.09 10.73 13.25
C ASP A 79 -3.92 9.62 12.61
N PHE A 80 -4.47 9.92 11.43
CA PHE A 80 -5.28 8.95 10.69
C PHE A 80 -4.74 8.78 9.27
N VAL A 81 -5.14 7.71 8.60
CA VAL A 81 -4.70 7.45 7.23
C VAL A 81 -5.84 6.86 6.40
N TYR A 82 -6.23 7.54 5.33
CA TYR A 82 -7.31 7.06 4.46
C TYR A 82 -6.73 6.35 3.25
N LEU A 83 -6.70 5.02 3.33
CA LEU A 83 -6.16 4.19 2.26
C LEU A 83 -7.24 3.81 1.24
N LYS A 84 -6.85 3.85 -0.03
CA LYS A 84 -7.76 3.50 -1.13
C LYS A 84 -7.18 2.34 -1.92
N VAL A 85 -7.99 1.30 -2.12
CA VAL A 85 -7.55 0.13 -2.86
C VAL A 85 -8.59 -0.30 -3.89
N ALA A 86 -8.13 -0.62 -5.10
CA ALA A 86 -9.02 -1.05 -6.17
C ALA A 86 -8.99 -2.57 -6.34
N LYS A 87 -10.07 -3.13 -6.88
CA LYS A 87 -10.16 -4.57 -7.10
C LYS A 87 -9.90 -4.92 -8.56
N PRO A 88 -9.14 -6.01 -8.82
CA PRO A 88 -8.82 -6.45 -10.18
C PRO A 88 -10.03 -7.02 -10.91
N THR A 89 -9.97 -7.02 -12.24
CA THR A 89 -11.08 -7.54 -13.06
C THR A 89 -10.54 -8.20 -14.33
N GLY A 90 -10.10 -7.38 -15.30
CA GLY A 90 -9.56 -7.90 -16.54
C GLY A 90 -10.53 -7.75 -17.70
N SER A 91 -10.03 -7.27 -18.84
CA SER A 91 -10.85 -7.08 -20.03
C SER A 91 -11.10 -8.40 -20.76
N HIS A 92 -10.09 -9.27 -20.77
CA HIS A 92 -10.18 -10.58 -21.43
C HIS A 92 -11.32 -11.41 -20.85
N ARG B 1 12.03 -5.68 -9.69
CA ARG B 1 11.03 -5.56 -8.59
C ARG B 1 11.68 -5.06 -7.30
N ARG B 2 11.08 -4.04 -6.68
CA ARG B 2 11.60 -3.48 -5.43
C ARG B 2 10.54 -3.51 -4.35
N GLU B 3 10.92 -4.05 -3.18
CA GLU B 3 10.00 -4.14 -2.04
C GLU B 3 10.62 -3.46 -0.82
N THR B 4 9.93 -2.45 -0.29
CA THR B 4 10.43 -1.72 0.87
C THR B 4 9.36 -1.60 1.96
N GLN B 5 9.80 -1.63 3.22
CA GLN B 5 8.89 -1.52 4.36
C GLN B 5 8.42 -0.08 4.56
N VAL B 6 7.23 0.06 5.14
CA VAL B 6 6.65 1.38 5.39
C VAL B 6 5.79 1.37 6.66
N MET A 1 -13.07 0.58 -2.62
CA MET A 1 -13.01 0.17 -1.19
C MET A 1 -12.01 1.01 -0.40
N GLU A 2 -12.42 1.46 0.79
CA GLU A 2 -11.57 2.28 1.64
C GLU A 2 -11.47 1.70 3.05
N ILE A 3 -10.42 2.09 3.78
CA ILE A 3 -10.20 1.63 5.14
C ILE A 3 -9.70 2.80 6.00
N LYS A 4 -10.23 2.92 7.22
CA LYS A 4 -9.82 4.01 8.11
C LYS A 4 -8.92 3.50 9.23
N LEU A 5 -7.62 3.52 8.98
CA LEU A 5 -6.63 3.04 9.94
C LEU A 5 -6.19 4.14 10.91
N ILE A 6 -6.18 3.80 12.20
CA ILE A 6 -5.80 4.74 13.24
C ILE A 6 -4.29 4.71 13.48
N LYS A 7 -3.63 5.84 13.25
CA LYS A 7 -2.18 5.94 13.43
C LYS A 7 -1.79 5.72 14.88
N GLY A 8 -1.13 4.59 15.15
CA GLY A 8 -0.70 4.26 16.50
C GLY A 8 0.76 4.61 16.74
N PRO A 9 1.24 4.45 17.99
CA PRO A 9 2.63 4.75 18.36
C PRO A 9 3.61 3.67 17.89
N LYS A 10 3.65 3.45 16.58
CA LYS A 10 4.54 2.43 16.00
C LYS A 10 4.75 2.71 14.51
N GLY A 11 3.67 2.55 13.72
CA GLY A 11 3.75 2.79 12.28
C GLY A 11 2.75 1.96 11.51
N LEU A 12 3.15 1.51 10.31
CA LEU A 12 2.29 0.70 9.46
C LEU A 12 2.43 -0.78 9.81
N GLY A 13 3.67 -1.27 9.88
CA GLY A 13 3.92 -2.66 10.22
C GLY A 13 3.82 -3.60 9.03
N PHE A 14 4.26 -3.15 7.86
CA PHE A 14 4.23 -3.98 6.65
C PHE A 14 5.15 -3.39 5.57
N SER A 15 5.12 -3.97 4.38
CA SER A 15 5.93 -3.50 3.27
C SER A 15 5.05 -3.25 2.05
N ILE A 16 5.62 -2.65 1.01
CA ILE A 16 4.86 -2.37 -0.21
C ILE A 16 5.80 -2.28 -1.41
N ALA A 17 5.20 -2.25 -2.59
CA ALA A 17 5.92 -2.12 -3.85
C ALA A 17 5.16 -1.11 -4.71
N GLY A 18 5.74 -0.62 -5.79
CA GLY A 18 5.01 0.34 -6.62
C GLY A 18 5.85 1.10 -7.62
N GLY A 19 5.48 1.06 -8.91
CA GLY A 19 6.23 1.82 -9.91
C GLY A 19 7.10 1.00 -10.84
N VAL A 20 7.36 1.56 -12.03
CA VAL A 20 8.19 0.90 -13.04
C VAL A 20 9.62 0.72 -12.52
N GLY A 21 10.29 -0.33 -12.99
CA GLY A 21 11.65 -0.60 -12.55
C GLY A 21 11.71 -1.34 -11.23
N ASN A 22 10.61 -1.26 -10.46
CA ASN A 22 10.50 -1.93 -9.17
C ASN A 22 9.12 -2.59 -9.04
N GLN A 23 8.44 -2.80 -10.19
CA GLN A 23 7.10 -3.39 -10.23
C GLN A 23 6.95 -4.64 -9.36
N HIS A 24 5.81 -4.72 -8.66
CA HIS A 24 5.51 -5.84 -7.78
C HIS A 24 4.81 -6.99 -8.53
N ILE A 25 4.15 -6.65 -9.63
CA ILE A 25 3.42 -7.64 -10.43
C ILE A 25 3.46 -7.27 -11.91
N PRO A 26 3.88 -8.21 -12.78
CA PRO A 26 3.96 -7.98 -14.23
C PRO A 26 2.65 -7.46 -14.80
N GLY A 27 2.71 -6.29 -15.45
CA GLY A 27 1.50 -5.70 -16.05
C GLY A 27 0.76 -4.77 -15.10
N ASP A 28 1.19 -4.71 -13.83
CA ASP A 28 0.56 -3.84 -12.85
C ASP A 28 1.60 -2.99 -12.12
N ASN A 29 1.56 -1.68 -12.35
CA ASN A 29 2.51 -0.76 -11.72
C ASN A 29 1.95 -0.12 -10.43
N SER A 30 0.80 -0.62 -9.95
CA SER A 30 0.20 -0.10 -8.72
C SER A 30 1.07 -0.42 -7.51
N ILE A 31 0.63 -0.01 -6.33
CA ILE A 31 1.39 -0.29 -5.11
C ILE A 31 0.79 -1.51 -4.39
N TYR A 32 1.58 -2.57 -4.30
CA TYR A 32 1.15 -3.82 -3.66
C TYR A 32 1.94 -4.13 -2.40
N VAL A 33 1.25 -4.68 -1.39
CA VAL A 33 1.90 -5.06 -0.14
C VAL A 33 2.73 -6.34 -0.37
N THR A 34 3.98 -6.32 0.08
CA THR A 34 4.88 -7.45 -0.11
C THR A 34 5.04 -8.31 1.16
N LYS A 35 4.94 -7.70 2.34
CA LYS A 35 5.10 -8.44 3.60
C LYS A 35 4.48 -7.68 4.77
N ILE A 36 3.52 -8.32 5.45
CA ILE A 36 2.87 -7.69 6.59
C ILE A 36 3.48 -8.21 7.91
N ILE A 37 4.01 -7.28 8.72
CA ILE A 37 4.61 -7.63 10.00
C ILE A 37 3.54 -7.94 11.04
N GLU A 38 3.83 -8.89 11.93
CA GLU A 38 2.90 -9.29 12.98
C GLU A 38 2.53 -8.10 13.87
N GLY A 39 1.30 -8.10 14.38
CA GLY A 39 0.84 -7.03 15.25
C GLY A 39 0.90 -5.65 14.61
N GLY A 40 0.96 -5.59 13.28
CA GLY A 40 1.04 -4.32 12.58
C GLY A 40 -0.33 -3.75 12.26
N ALA A 41 -0.34 -2.50 11.79
CA ALA A 41 -1.60 -1.81 11.45
C ALA A 41 -2.49 -2.67 10.55
N ALA A 42 -1.93 -3.19 9.46
CA ALA A 42 -2.68 -4.04 8.53
C ALA A 42 -2.98 -5.40 9.14
N HIS A 43 -1.93 -6.06 9.66
CA HIS A 43 -2.06 -7.38 10.28
C HIS A 43 -3.17 -7.40 11.34
N LYS A 44 -3.17 -6.38 12.21
CA LYS A 44 -4.17 -6.27 13.27
C LYS A 44 -5.55 -5.96 12.70
N ASP A 45 -5.59 -5.12 11.66
CA ASP A 45 -6.86 -4.76 11.02
C ASP A 45 -7.54 -5.98 10.42
N GLY A 46 -6.81 -6.71 9.57
CA GLY A 46 -7.35 -7.89 8.93
C GLY A 46 -7.87 -7.63 7.53
N LYS A 47 -8.26 -6.37 7.26
CA LYS A 47 -8.79 -5.99 5.95
C LYS A 47 -7.70 -6.04 4.88
N LEU A 48 -6.48 -5.63 5.24
CA LEU A 48 -5.37 -5.63 4.30
C LEU A 48 -4.60 -6.95 4.36
N GLN A 49 -4.44 -7.57 3.19
CA GLN A 49 -3.74 -8.84 3.06
C GLN A 49 -2.71 -8.77 1.94
N ILE A 50 -1.55 -9.40 2.14
CA ILE A 50 -0.49 -9.40 1.13
C ILE A 50 -1.04 -9.74 -0.26
N GLY A 51 -0.84 -8.82 -1.20
CA GLY A 51 -1.33 -9.02 -2.56
C GLY A 51 -2.29 -7.95 -3.03
N ASP A 52 -2.93 -7.24 -2.09
CA ASP A 52 -3.87 -6.18 -2.46
C ASP A 52 -3.14 -5.03 -3.17
N LYS A 53 -3.91 -4.23 -3.90
CA LYS A 53 -3.34 -3.09 -4.63
C LYS A 53 -3.76 -1.77 -4.01
N LEU A 54 -2.89 -0.79 -4.12
CA LEU A 54 -3.14 0.54 -3.58
C LEU A 54 -3.54 1.52 -4.67
N LEU A 55 -4.84 1.81 -4.73
CA LEU A 55 -5.38 2.75 -5.70
C LEU A 55 -4.95 4.17 -5.32
N ALA A 56 -5.21 4.55 -4.06
CA ALA A 56 -4.83 5.88 -3.59
C ALA A 56 -4.65 5.90 -2.07
N VAL A 57 -3.81 6.83 -1.59
CA VAL A 57 -3.56 6.94 -0.15
C VAL A 57 -3.29 8.39 0.26
N ASN A 58 -4.10 8.88 1.20
CA ASN A 58 -3.97 10.26 1.68
C ASN A 58 -4.34 11.28 0.58
N ASN A 59 -5.30 10.88 -0.28
CA ASN A 59 -5.78 11.73 -1.39
C ASN A 59 -4.94 11.55 -2.67
N VAL A 60 -3.72 11.01 -2.55
CA VAL A 60 -2.86 10.81 -3.73
C VAL A 60 -3.06 9.41 -4.30
N CYS A 61 -2.89 9.27 -5.62
CA CYS A 61 -3.04 7.98 -6.27
C CYS A 61 -1.73 7.19 -6.17
N LEU A 62 -1.84 5.93 -5.75
CA LEU A 62 -0.69 5.05 -5.62
C LEU A 62 -0.59 4.06 -6.78
N GLU A 63 -1.06 4.48 -7.96
CA GLU A 63 -1.04 3.63 -9.15
C GLU A 63 -0.19 4.21 -10.29
N GLU A 64 0.08 5.51 -10.24
CA GLU A 64 0.88 6.16 -11.28
C GLU A 64 2.12 6.83 -10.70
N VAL A 65 2.78 6.14 -9.78
CA VAL A 65 4.00 6.68 -9.15
C VAL A 65 5.08 5.62 -8.97
N THR A 66 6.32 6.10 -8.86
CA THR A 66 7.47 5.22 -8.66
C THR A 66 7.42 4.61 -7.26
N HIS A 67 8.48 3.89 -6.86
CA HIS A 67 8.49 3.29 -5.54
C HIS A 67 8.65 4.33 -4.45
N GLU A 68 9.49 5.34 -4.70
CA GLU A 68 9.71 6.42 -3.71
C GLU A 68 8.37 7.00 -3.25
N GLU A 69 7.48 7.26 -4.21
CA GLU A 69 6.15 7.80 -3.88
C GLU A 69 5.31 6.77 -3.14
N ALA A 70 5.49 5.49 -3.49
CA ALA A 70 4.77 4.40 -2.82
C ALA A 70 5.04 4.41 -1.32
N VAL A 71 6.30 4.61 -0.96
CA VAL A 71 6.72 4.66 0.44
C VAL A 71 6.44 6.04 1.04
N THR A 72 6.56 7.07 0.22
CA THR A 72 6.33 8.45 0.68
C THR A 72 4.87 8.63 1.11
N ALA A 73 3.95 8.07 0.33
CA ALA A 73 2.52 8.18 0.61
C ALA A 73 2.14 7.30 1.79
N LEU A 74 2.76 6.12 1.90
CA LEU A 74 2.49 5.21 3.02
C LEU A 74 3.04 5.82 4.30
N LYS A 75 4.10 6.61 4.18
CA LYS A 75 4.73 7.25 5.33
C LYS A 75 4.10 8.63 5.63
N ASN A 76 3.31 9.15 4.70
CA ASN A 76 2.66 10.46 4.88
C ASN A 76 1.40 10.32 5.75
N THR A 77 1.59 9.84 6.97
CA THR A 77 0.48 9.65 7.91
C THR A 77 0.73 10.40 9.22
N SER A 78 -0.29 11.11 9.70
CA SER A 78 -0.19 11.87 10.95
C SER A 78 -1.11 11.30 12.02
N ASP A 79 -2.40 11.66 11.97
CA ASP A 79 -3.38 11.18 12.93
C ASP A 79 -4.14 9.98 12.39
N PHE A 80 -4.63 10.10 11.16
CA PHE A 80 -5.38 9.03 10.50
C PHE A 80 -4.80 8.72 9.12
N VAL A 81 -5.27 7.63 8.51
CA VAL A 81 -4.80 7.23 7.19
C VAL A 81 -5.98 6.69 6.36
N TYR A 82 -6.14 7.21 5.16
CA TYR A 82 -7.24 6.78 4.29
C TYR A 82 -6.71 6.02 3.09
N LEU A 83 -6.76 4.69 3.19
CA LEU A 83 -6.26 3.81 2.13
C LEU A 83 -7.33 3.47 1.10
N LYS A 84 -6.96 3.57 -0.17
CA LYS A 84 -7.86 3.27 -1.29
C LYS A 84 -7.28 2.13 -2.12
N VAL A 85 -8.11 1.14 -2.44
CA VAL A 85 -7.66 -0.01 -3.22
C VAL A 85 -8.46 -0.16 -4.51
N ALA A 86 -7.75 -0.50 -5.59
CA ALA A 86 -8.39 -0.69 -6.90
C ALA A 86 -8.95 -2.10 -7.03
N LYS A 87 -10.10 -2.22 -7.69
CA LYS A 87 -10.75 -3.52 -7.89
C LYS A 87 -10.37 -4.11 -9.24
N PRO A 88 -9.54 -5.18 -9.25
CA PRO A 88 -9.10 -5.84 -10.48
C PRO A 88 -10.22 -6.63 -11.15
N THR A 89 -10.60 -6.23 -12.37
CA THR A 89 -11.66 -6.91 -13.10
C THR A 89 -11.34 -6.94 -14.60
N GLY A 90 -10.87 -8.09 -15.08
CA GLY A 90 -10.54 -8.23 -16.49
C GLY A 90 -9.05 -8.06 -16.73
N SER A 91 -8.33 -9.18 -16.82
CA SER A 91 -6.88 -9.16 -17.05
C SER A 91 -6.56 -8.88 -18.52
N HIS A 92 -7.19 -9.65 -19.42
CA HIS A 92 -6.97 -9.48 -20.85
C HIS A 92 -7.95 -8.46 -21.45
N ARG B 1 12.02 -5.23 -10.35
CA ARG B 1 11.12 -5.39 -9.17
C ARG B 1 11.85 -5.08 -7.86
N ARG B 2 11.17 -4.35 -6.98
CA ARG B 2 11.74 -3.97 -5.69
C ARG B 2 10.65 -3.56 -4.70
N GLU B 3 10.81 -3.97 -3.44
CA GLU B 3 9.85 -3.65 -2.39
C GLU B 3 10.55 -3.20 -1.12
N THR B 4 9.93 -2.26 -0.41
CA THR B 4 10.51 -1.73 0.83
C THR B 4 9.47 -1.70 1.94
N GLN B 5 9.93 -1.90 3.19
CA GLN B 5 9.03 -1.89 4.34
C GLN B 5 8.73 -0.45 4.75
N VAL B 6 7.50 -0.23 5.21
CA VAL B 6 7.06 1.10 5.63
C VAL B 6 6.37 1.06 6.99
N MET A 1 -11.74 0.00 -2.87
CA MET A 1 -12.49 0.34 -1.63
C MET A 1 -11.64 1.17 -0.67
N GLU A 2 -12.31 1.97 0.16
CA GLU A 2 -11.62 2.82 1.14
C GLU A 2 -11.37 2.05 2.44
N ILE A 3 -10.22 2.32 3.06
CA ILE A 3 -9.85 1.66 4.31
C ILE A 3 -9.14 2.63 5.25
N LYS A 4 -9.90 3.23 6.17
CA LYS A 4 -9.35 4.18 7.13
C LYS A 4 -9.02 3.47 8.43
N LEU A 5 -7.97 3.90 9.12
CA LEU A 5 -7.57 3.29 10.39
C LEU A 5 -6.97 4.35 11.31
N ILE A 6 -6.80 4.00 12.59
CA ILE A 6 -6.21 4.92 13.56
C ILE A 6 -4.72 4.67 13.72
N LYS A 7 -3.92 5.71 13.46
CA LYS A 7 -2.46 5.59 13.55
C LYS A 7 -1.98 5.94 14.96
N GLY A 8 -1.56 4.92 15.70
CA GLY A 8 -1.07 5.12 17.06
C GLY A 8 0.45 5.25 17.12
N PRO A 9 1.04 5.15 18.33
CA PRO A 9 2.49 5.26 18.52
C PRO A 9 3.24 3.98 18.13
N LYS A 10 3.02 3.53 16.89
CA LYS A 10 3.69 2.32 16.39
C LYS A 10 4.04 2.46 14.91
N GLY A 11 3.06 2.26 14.04
CA GLY A 11 3.28 2.38 12.60
C GLY A 11 2.66 1.24 11.81
N LEU A 12 2.51 1.45 10.50
CA LEU A 12 1.91 0.45 9.61
C LEU A 12 2.45 -0.95 9.90
N GLY A 13 3.78 -1.10 9.87
CA GLY A 13 4.39 -2.39 10.15
C GLY A 13 4.26 -3.39 9.00
N PHE A 14 4.60 -2.95 7.79
CA PHE A 14 4.54 -3.83 6.62
C PHE A 14 5.39 -3.25 5.49
N SER A 15 5.35 -3.88 4.31
CA SER A 15 6.12 -3.39 3.17
C SER A 15 5.23 -3.26 1.94
N ILE A 16 5.80 -2.74 0.85
CA ILE A 16 5.06 -2.56 -0.39
C ILE A 16 6.03 -2.50 -1.58
N ALA A 17 5.45 -2.49 -2.78
CA ALA A 17 6.20 -2.37 -4.03
C ALA A 17 5.43 -1.43 -4.94
N GLY A 18 6.03 -0.93 -6.02
CA GLY A 18 5.24 -0.05 -6.88
C GLY A 18 6.03 0.76 -7.88
N GLY A 19 5.56 0.83 -9.13
CA GLY A 19 6.22 1.64 -10.13
C GLY A 19 7.05 0.84 -11.11
N VAL A 20 7.35 1.45 -12.26
CA VAL A 20 8.15 0.79 -13.29
C VAL A 20 9.59 0.59 -12.80
N GLY A 21 10.14 -0.60 -13.06
CA GLY A 21 11.50 -0.92 -12.61
C GLY A 21 11.52 -1.47 -11.19
N ASN A 22 10.46 -1.21 -10.42
CA ASN A 22 10.32 -1.69 -9.05
C ASN A 22 8.94 -2.33 -8.83
N GLN A 23 8.24 -2.66 -9.93
CA GLN A 23 6.90 -3.25 -9.88
C GLN A 23 6.83 -4.49 -9.01
N HIS A 24 5.69 -4.66 -8.33
CA HIS A 24 5.44 -5.82 -7.46
C HIS A 24 4.84 -6.98 -8.24
N ILE A 25 4.20 -6.67 -9.36
CA ILE A 25 3.57 -7.69 -10.20
C ILE A 25 3.57 -7.27 -11.67
N PRO A 26 4.01 -8.16 -12.58
CA PRO A 26 4.05 -7.88 -14.02
C PRO A 26 2.69 -7.46 -14.56
N GLY A 27 2.66 -6.33 -15.27
CA GLY A 27 1.42 -5.84 -15.84
C GLY A 27 0.67 -4.88 -14.92
N ASP A 28 1.09 -4.78 -13.65
CA ASP A 28 0.45 -3.88 -12.70
C ASP A 28 1.49 -3.02 -11.97
N ASN A 29 1.49 -1.72 -12.25
CA ASN A 29 2.44 -0.79 -11.63
C ASN A 29 1.89 -0.17 -10.34
N SER A 30 0.79 -0.72 -9.82
CA SER A 30 0.19 -0.21 -8.58
C SER A 30 1.06 -0.54 -7.37
N ILE A 31 0.62 -0.15 -6.18
CA ILE A 31 1.38 -0.43 -4.97
C ILE A 31 0.80 -1.65 -4.25
N TYR A 32 1.59 -2.72 -4.19
CA TYR A 32 1.16 -3.97 -3.53
C TYR A 32 2.01 -4.25 -2.30
N VAL A 33 1.37 -4.81 -1.27
CA VAL A 33 2.08 -5.15 -0.03
C VAL A 33 2.84 -6.46 -0.21
N THR A 34 4.16 -6.41 0.06
CA THR A 34 5.02 -7.58 -0.11
C THR A 34 5.25 -8.37 1.20
N LYS A 35 5.18 -7.70 2.35
CA LYS A 35 5.39 -8.37 3.64
C LYS A 35 4.79 -7.58 4.80
N ILE A 36 3.91 -8.23 5.56
CA ILE A 36 3.28 -7.58 6.71
C ILE A 36 3.90 -8.08 8.02
N ILE A 37 4.37 -7.14 8.83
CA ILE A 37 4.99 -7.47 10.12
C ILE A 37 3.92 -7.73 11.18
N GLU A 38 4.23 -8.64 12.12
CA GLU A 38 3.29 -9.00 13.19
C GLU A 38 2.90 -7.79 14.02
N GLY A 39 1.68 -7.83 14.57
CA GLY A 39 1.18 -6.73 15.39
C GLY A 39 1.17 -5.39 14.66
N GLY A 40 1.16 -5.42 13.33
CA GLY A 40 1.15 -4.20 12.54
C GLY A 40 -0.25 -3.70 12.22
N ALA A 41 -0.33 -2.48 11.68
CA ALA A 41 -1.61 -1.87 11.32
C ALA A 41 -2.47 -2.80 10.47
N ALA A 42 -1.87 -3.37 9.43
CA ALA A 42 -2.59 -4.28 8.53
C ALA A 42 -2.86 -5.62 9.21
N HIS A 43 -1.79 -6.25 9.70
CA HIS A 43 -1.88 -7.55 10.38
C HIS A 43 -2.93 -7.55 11.49
N LYS A 44 -2.91 -6.50 12.32
CA LYS A 44 -3.85 -6.39 13.43
C LYS A 44 -5.27 -6.13 12.95
N ASP A 45 -5.42 -5.31 11.91
CA ASP A 45 -6.74 -4.98 11.37
C ASP A 45 -7.41 -6.20 10.74
N GLY A 46 -6.73 -6.82 9.76
CA GLY A 46 -7.29 -7.99 9.11
C GLY A 46 -7.77 -7.70 7.69
N LYS A 47 -8.18 -6.45 7.44
CA LYS A 47 -8.67 -6.04 6.12
C LYS A 47 -7.57 -6.11 5.07
N LEU A 48 -6.35 -5.69 5.44
CA LEU A 48 -5.22 -5.70 4.52
C LEU A 48 -4.46 -7.03 4.60
N GLN A 49 -4.29 -7.69 3.45
CA GLN A 49 -3.60 -8.96 3.38
C GLN A 49 -2.77 -9.07 2.09
N ILE A 50 -1.63 -9.78 2.16
CA ILE A 50 -0.74 -9.96 1.00
C ILE A 50 -1.54 -10.03 -0.32
N GLY A 51 -0.98 -9.41 -1.37
CA GLY A 51 -1.65 -9.42 -2.66
C GLY A 51 -2.59 -8.25 -2.88
N ASP A 52 -2.83 -7.43 -1.84
CA ASP A 52 -3.73 -6.29 -1.97
C ASP A 52 -3.10 -5.20 -2.82
N LYS A 53 -3.94 -4.51 -3.58
CA LYS A 53 -3.47 -3.43 -4.45
C LYS A 53 -3.94 -2.07 -3.93
N LEU A 54 -3.13 -1.06 -4.18
CA LEU A 54 -3.42 0.29 -3.72
C LEU A 54 -3.87 1.21 -4.86
N LEU A 55 -5.01 1.86 -4.64
CA LEU A 55 -5.57 2.80 -5.61
C LEU A 55 -5.04 4.19 -5.33
N ALA A 56 -5.16 4.64 -4.07
CA ALA A 56 -4.67 5.97 -3.68
C ALA A 56 -4.63 6.14 -2.17
N VAL A 57 -3.86 7.12 -1.69
CA VAL A 57 -3.74 7.38 -0.25
C VAL A 57 -3.33 8.83 0.02
N ASN A 58 -4.14 9.54 0.81
CA ASN A 58 -3.87 10.93 1.15
C ASN A 58 -3.73 11.78 -0.12
N ASN A 59 -4.84 11.90 -0.86
CA ASN A 59 -4.91 12.69 -2.10
C ASN A 59 -4.01 12.17 -3.24
N VAL A 60 -2.97 11.39 -2.94
CA VAL A 60 -2.07 10.88 -3.99
C VAL A 60 -2.45 9.48 -4.44
N CYS A 61 -2.49 9.27 -5.75
CA CYS A 61 -2.83 7.96 -6.30
C CYS A 61 -1.71 6.96 -6.11
N LEU A 62 -2.09 5.71 -5.85
CA LEU A 62 -1.14 4.63 -5.65
C LEU A 62 -1.05 3.72 -6.89
N GLU A 63 -1.62 4.17 -8.02
CA GLU A 63 -1.61 3.39 -9.25
C GLU A 63 -0.74 4.03 -10.34
N GLU A 64 -0.48 5.33 -10.23
CA GLU A 64 0.33 6.05 -11.22
C GLU A 64 1.51 6.75 -10.55
N VAL A 65 2.29 6.00 -9.77
CA VAL A 65 3.45 6.56 -9.09
C VAL A 65 4.57 5.54 -8.94
N THR A 66 5.80 6.05 -8.87
CA THR A 66 6.98 5.21 -8.71
C THR A 66 6.96 4.53 -7.33
N HIS A 67 8.04 3.87 -6.95
CA HIS A 67 8.10 3.22 -5.64
C HIS A 67 8.23 4.26 -4.54
N GLU A 68 9.03 5.31 -4.81
CA GLU A 68 9.24 6.38 -3.82
C GLU A 68 7.92 6.96 -3.35
N GLU A 69 7.00 7.22 -4.30
CA GLU A 69 5.69 7.77 -3.96
C GLU A 69 4.85 6.75 -3.18
N ALA A 70 4.99 5.47 -3.55
CA ALA A 70 4.28 4.38 -2.87
C ALA A 70 4.64 4.34 -1.39
N VAL A 71 5.92 4.53 -1.09
CA VAL A 71 6.43 4.53 0.28
C VAL A 71 6.18 5.88 0.96
N THR A 72 6.32 6.97 0.20
CA THR A 72 6.12 8.31 0.73
C THR A 72 4.68 8.53 1.19
N ALA A 73 3.72 7.91 0.49
CA ALA A 73 2.31 8.05 0.82
C ALA A 73 1.91 7.11 1.96
N LEU A 74 2.51 5.92 2.00
CA LEU A 74 2.22 4.97 3.07
C LEU A 74 2.82 5.44 4.39
N LYS A 75 3.94 6.16 4.28
CA LYS A 75 4.63 6.70 5.46
C LYS A 75 4.14 8.10 5.84
N ASN A 76 3.47 8.79 4.91
CA ASN A 76 2.98 10.16 5.18
C ASN A 76 1.71 10.15 6.03
N THR A 77 1.87 9.81 7.32
CA THR A 77 0.74 9.76 8.26
C THR A 77 1.08 10.46 9.57
N SER A 78 0.05 10.87 10.32
CA SER A 78 0.25 11.56 11.59
C SER A 78 -0.64 10.97 12.70
N ASP A 79 -1.94 11.29 12.64
CA ASP A 79 -2.91 10.81 13.63
C ASP A 79 -3.79 9.72 13.04
N PHE A 80 -4.46 10.04 11.93
CA PHE A 80 -5.32 9.09 11.24
C PHE A 80 -4.83 8.86 9.82
N VAL A 81 -5.33 7.81 9.17
CA VAL A 81 -4.92 7.50 7.81
C VAL A 81 -6.09 6.99 6.97
N TYR A 82 -6.07 7.30 5.68
CA TYR A 82 -7.10 6.87 4.75
C TYR A 82 -6.44 6.25 3.53
N LEU A 83 -6.88 5.06 3.12
CA LEU A 83 -6.29 4.39 1.97
C LEU A 83 -7.36 3.92 0.98
N LYS A 84 -7.00 3.93 -0.30
CA LYS A 84 -7.90 3.51 -1.37
C LYS A 84 -7.29 2.31 -2.10
N VAL A 85 -8.13 1.36 -2.52
CA VAL A 85 -7.65 0.18 -3.23
C VAL A 85 -8.37 0.03 -4.57
N ALA A 86 -7.60 -0.34 -5.61
CA ALA A 86 -8.17 -0.51 -6.93
C ALA A 86 -8.54 -1.97 -7.20
N LYS A 87 -9.58 -2.17 -8.01
CA LYS A 87 -10.04 -3.51 -8.34
C LYS A 87 -9.80 -3.82 -9.83
N PRO A 88 -8.62 -4.38 -10.16
CA PRO A 88 -8.26 -4.73 -11.54
C PRO A 88 -9.29 -5.68 -12.17
N THR A 89 -9.73 -5.34 -13.38
CA THR A 89 -10.72 -6.17 -14.09
C THR A 89 -10.46 -6.18 -15.60
N GLY A 90 -10.09 -7.35 -16.11
CA GLY A 90 -9.81 -7.50 -17.53
C GLY A 90 -8.71 -6.58 -18.02
N SER A 91 -7.72 -6.31 -17.16
CA SER A 91 -6.60 -5.44 -17.52
C SER A 91 -5.76 -6.04 -18.63
N HIS A 92 -5.61 -7.37 -18.62
CA HIS A 92 -4.83 -8.08 -19.63
C HIS A 92 -5.42 -7.87 -21.02
N ARG B 1 12.65 -4.83 -9.67
CA ARG B 1 11.61 -4.91 -8.62
C ARG B 1 12.13 -4.42 -7.27
N ARG B 2 11.34 -3.58 -6.60
CA ARG B 2 11.72 -3.02 -5.31
C ARG B 2 10.62 -3.24 -4.27
N GLU B 3 11.01 -3.76 -3.12
CA GLU B 3 10.07 -4.02 -2.03
C GLU B 3 10.61 -3.45 -0.73
N THR B 4 10.17 -2.23 -0.41
CA THR B 4 10.61 -1.55 0.82
C THR B 4 9.53 -1.56 1.89
N GLN B 5 9.96 -1.54 3.15
CA GLN B 5 9.03 -1.54 4.28
C GLN B 5 8.56 -0.12 4.58
N VAL B 6 7.34 0.00 5.10
CA VAL B 6 6.75 1.30 5.42
C VAL B 6 5.90 1.24 6.69
N MET A 1 -12.55 0.62 -3.55
CA MET A 1 -12.86 0.47 -2.11
C MET A 1 -11.86 1.24 -1.25
N GLU A 2 -12.33 1.71 -0.09
CA GLU A 2 -11.48 2.46 0.83
C GLU A 2 -11.34 1.74 2.17
N ILE A 3 -10.20 1.97 2.84
CA ILE A 3 -9.93 1.35 4.13
C ILE A 3 -9.17 2.32 5.03
N LYS A 4 -9.92 3.02 5.89
CA LYS A 4 -9.32 3.98 6.82
C LYS A 4 -9.07 3.33 8.17
N LEU A 5 -8.02 3.75 8.87
CA LEU A 5 -7.69 3.20 10.18
C LEU A 5 -6.99 4.27 11.02
N ILE A 6 -6.79 3.99 12.31
CA ILE A 6 -6.12 4.94 13.20
C ILE A 6 -4.61 4.69 13.22
N LYS A 7 -3.84 5.72 12.86
CA LYS A 7 -2.38 5.62 12.82
C LYS A 7 -1.78 5.66 14.22
N GLY A 8 -1.05 4.60 14.57
CA GLY A 8 -0.42 4.52 15.88
C GLY A 8 1.02 5.01 15.88
N PRO A 9 1.62 5.21 17.07
CA PRO A 9 3.01 5.68 17.19
C PRO A 9 4.02 4.73 16.54
N LYS A 10 3.80 3.42 16.70
CA LYS A 10 4.69 2.41 16.12
C LYS A 10 4.89 2.65 14.62
N GLY A 11 3.82 2.50 13.84
CA GLY A 11 3.90 2.71 12.40
C GLY A 11 2.90 1.87 11.63
N LEU A 12 3.29 1.42 10.44
CA LEU A 12 2.42 0.59 9.61
C LEU A 12 2.58 -0.88 9.97
N GLY A 13 3.82 -1.35 9.94
CA GLY A 13 4.10 -2.75 10.26
C GLY A 13 4.03 -3.68 9.08
N PHE A 14 4.38 -3.18 7.89
CA PHE A 14 4.36 -4.00 6.67
C PHE A 14 5.24 -3.37 5.59
N SER A 15 5.23 -3.97 4.39
CA SER A 15 6.01 -3.46 3.27
C SER A 15 5.13 -3.29 2.04
N ILE A 16 5.71 -2.79 0.95
CA ILE A 16 4.97 -2.58 -0.30
C ILE A 16 5.93 -2.56 -1.50
N ALA A 17 5.34 -2.57 -2.69
CA ALA A 17 6.06 -2.50 -3.95
C ALA A 17 5.27 -1.56 -4.86
N GLY A 18 5.82 -1.07 -5.97
CA GLY A 18 5.00 -0.21 -6.81
C GLY A 18 5.73 0.60 -7.86
N GLY A 19 5.21 0.66 -9.08
CA GLY A 19 5.82 1.46 -10.13
C GLY A 19 6.63 0.65 -11.12
N VAL A 20 6.84 1.21 -12.31
CA VAL A 20 7.60 0.54 -13.35
C VAL A 20 9.05 0.31 -12.91
N GLY A 21 9.61 -0.86 -13.24
CA GLY A 21 10.98 -1.18 -12.85
C GLY A 21 11.08 -1.75 -11.44
N ASN A 22 10.05 -1.49 -10.63
CA ASN A 22 9.97 -1.97 -9.26
C ASN A 22 8.56 -2.50 -8.95
N GLN A 23 7.79 -2.79 -10.00
CA GLN A 23 6.40 -3.28 -9.87
C GLN A 23 6.29 -4.55 -9.04
N HIS A 24 5.17 -4.66 -8.32
CA HIS A 24 4.89 -5.82 -7.49
C HIS A 24 4.14 -6.90 -8.27
N ILE A 25 3.34 -6.46 -9.24
CA ILE A 25 2.55 -7.38 -10.06
C ILE A 25 2.61 -6.99 -11.53
N PRO A 26 2.91 -7.97 -12.44
CA PRO A 26 3.01 -7.71 -13.88
C PRO A 26 1.74 -7.06 -14.45
N GLY A 27 1.92 -5.91 -15.10
CA GLY A 27 0.80 -5.20 -15.68
C GLY A 27 0.27 -4.07 -14.81
N ASP A 28 0.08 -4.36 -13.52
CA ASP A 28 -0.42 -3.36 -12.58
C ASP A 28 0.71 -2.72 -11.77
N ASN A 29 0.99 -1.46 -12.08
CA ASN A 29 2.05 -0.72 -11.39
C ASN A 29 1.55 -0.05 -10.11
N SER A 30 0.43 -0.54 -9.56
CA SER A 30 -0.12 0.01 -8.31
C SER A 30 0.61 -0.58 -7.12
N ILE A 31 0.59 0.11 -5.98
CA ILE A 31 1.32 -0.35 -4.80
C ILE A 31 0.65 -1.54 -4.10
N TYR A 32 1.39 -2.66 -4.02
CA TYR A 32 0.91 -3.87 -3.36
C TYR A 32 1.77 -4.18 -2.13
N VAL A 33 1.16 -4.74 -1.09
CA VAL A 33 1.89 -5.10 0.13
C VAL A 33 2.70 -6.37 -0.12
N THR A 34 4.00 -6.30 0.16
CA THR A 34 4.91 -7.44 -0.06
C THR A 34 5.13 -8.29 1.20
N LYS A 35 5.03 -7.69 2.38
CA LYS A 35 5.24 -8.42 3.64
C LYS A 35 4.63 -7.68 4.83
N ILE A 36 3.74 -8.34 5.55
CA ILE A 36 3.12 -7.75 6.72
C ILE A 36 3.76 -8.26 8.01
N ILE A 37 4.26 -7.33 8.82
CA ILE A 37 4.92 -7.66 10.09
C ILE A 37 3.89 -7.99 11.17
N GLU A 38 4.23 -8.93 12.06
CA GLU A 38 3.33 -9.34 13.15
C GLU A 38 2.94 -8.15 14.02
N GLY A 39 1.74 -8.21 14.58
CA GLY A 39 1.25 -7.14 15.44
C GLY A 39 1.26 -5.77 14.78
N GLY A 40 1.28 -5.74 13.43
CA GLY A 40 1.31 -4.49 12.71
C GLY A 40 -0.08 -3.92 12.46
N ALA A 41 -0.14 -2.68 11.97
CA ALA A 41 -1.40 -2.02 11.67
C ALA A 41 -2.31 -2.88 10.80
N ALA A 42 -1.75 -3.42 9.71
CA ALA A 42 -2.51 -4.27 8.80
C ALA A 42 -2.80 -5.62 9.44
N HIS A 43 -1.73 -6.29 9.90
CA HIS A 43 -1.85 -7.62 10.53
C HIS A 43 -2.90 -7.62 11.65
N LYS A 44 -2.92 -6.56 12.46
CA LYS A 44 -3.89 -6.44 13.55
C LYS A 44 -5.29 -6.09 13.05
N ASP A 45 -5.36 -5.25 12.02
CA ASP A 45 -6.64 -4.83 11.45
C ASP A 45 -7.36 -6.01 10.79
N GLY A 46 -6.65 -6.71 9.90
CA GLY A 46 -7.24 -7.86 9.22
C GLY A 46 -7.74 -7.52 7.82
N LYS A 47 -8.13 -6.26 7.61
CA LYS A 47 -8.63 -5.81 6.31
C LYS A 47 -7.57 -5.89 5.22
N LEU A 48 -6.34 -5.47 5.54
CA LEU A 48 -5.24 -5.49 4.58
C LEU A 48 -4.48 -6.81 4.61
N GLN A 49 -4.41 -7.48 3.46
CA GLN A 49 -3.71 -8.75 3.33
C GLN A 49 -2.75 -8.69 2.14
N ILE A 50 -1.56 -9.30 2.30
CA ILE A 50 -0.56 -9.30 1.22
C ILE A 50 -1.18 -9.68 -0.12
N GLY A 51 -1.02 -8.79 -1.12
CA GLY A 51 -1.59 -9.02 -2.44
C GLY A 51 -2.54 -7.92 -2.87
N ASP A 52 -3.03 -7.12 -1.92
CA ASP A 52 -3.94 -6.03 -2.25
C ASP A 52 -3.19 -4.90 -2.95
N LYS A 53 -3.93 -4.06 -3.68
CA LYS A 53 -3.34 -2.94 -4.40
C LYS A 53 -3.75 -1.60 -3.80
N LEU A 54 -2.90 -0.61 -3.99
CA LEU A 54 -3.12 0.72 -3.46
C LEU A 54 -3.50 1.71 -4.57
N LEU A 55 -4.78 2.03 -4.65
CA LEU A 55 -5.30 2.97 -5.63
C LEU A 55 -4.95 4.40 -5.24
N ALA A 56 -5.21 4.75 -3.96
CA ALA A 56 -4.91 6.11 -3.49
C ALA A 56 -4.68 6.15 -1.97
N VAL A 57 -3.88 7.11 -1.51
CA VAL A 57 -3.59 7.25 -0.08
C VAL A 57 -3.56 8.73 0.31
N ASN A 58 -4.40 9.10 1.28
CA ASN A 58 -4.47 10.49 1.75
C ASN A 58 -4.87 11.45 0.61
N ASN A 59 -5.72 10.95 -0.31
CA ASN A 59 -6.21 11.74 -1.45
C ASN A 59 -5.30 11.61 -2.68
N VAL A 60 -4.05 11.16 -2.49
CA VAL A 60 -3.13 10.99 -3.62
C VAL A 60 -3.27 9.62 -4.24
N CYS A 61 -3.11 9.52 -5.56
CA CYS A 61 -3.22 8.23 -6.24
C CYS A 61 -1.89 7.48 -6.17
N LEU A 62 -1.95 6.25 -5.67
CA LEU A 62 -0.79 5.38 -5.57
C LEU A 62 -0.77 4.32 -6.66
N GLU A 63 -1.56 4.53 -7.73
CA GLU A 63 -1.64 3.56 -8.83
C GLU A 63 -0.83 4.01 -10.05
N GLU A 64 -0.49 5.31 -10.12
CA GLU A 64 0.28 5.84 -11.24
C GLU A 64 1.52 6.59 -10.75
N VAL A 65 2.25 5.97 -9.82
CA VAL A 65 3.46 6.57 -9.25
C VAL A 65 4.58 5.55 -9.06
N THR A 66 5.81 6.05 -9.06
CA THR A 66 6.98 5.19 -8.86
C THR A 66 7.01 4.64 -7.44
N HIS A 67 7.86 3.63 -7.21
CA HIS A 67 7.95 3.02 -5.88
C HIS A 67 8.19 4.07 -4.79
N GLU A 68 9.03 5.07 -5.09
CA GLU A 68 9.34 6.14 -4.14
C GLU A 68 8.04 6.74 -3.57
N GLU A 69 7.10 7.06 -4.46
CA GLU A 69 5.82 7.64 -4.06
C GLU A 69 5.03 6.68 -3.17
N ALA A 70 5.14 5.38 -3.46
CA ALA A 70 4.46 4.34 -2.68
C ALA A 70 4.88 4.40 -1.21
N VAL A 71 6.17 4.65 -0.99
CA VAL A 71 6.70 4.75 0.37
C VAL A 71 6.44 6.12 0.98
N THR A 72 6.46 7.16 0.16
CA THR A 72 6.21 8.53 0.62
C THR A 72 4.80 8.68 1.18
N ALA A 73 3.83 8.02 0.53
CA ALA A 73 2.43 8.09 0.96
C ALA A 73 2.16 7.20 2.15
N LEU A 74 2.83 6.02 2.19
CA LEU A 74 2.66 5.11 3.32
C LEU A 74 3.34 5.68 4.56
N LYS A 75 4.41 6.44 4.34
CA LYS A 75 5.15 7.06 5.44
C LYS A 75 4.55 8.42 5.85
N ASN A 76 3.74 9.01 4.96
CA ASN A 76 3.10 10.30 5.23
C ASN A 76 2.20 10.25 6.47
N THR A 77 1.66 9.06 6.75
CA THR A 77 0.77 8.84 7.89
C THR A 77 1.19 9.64 9.13
N SER A 78 0.20 10.21 9.82
CA SER A 78 0.43 10.99 11.03
C SER A 78 -0.55 10.61 12.13
N ASP A 79 -1.77 11.17 12.07
CA ASP A 79 -2.82 10.86 13.04
C ASP A 79 -3.70 9.74 12.52
N PHE A 80 -4.33 9.99 11.38
CA PHE A 80 -5.20 9.01 10.73
C PHE A 80 -4.71 8.75 9.31
N VAL A 81 -5.23 7.70 8.68
CA VAL A 81 -4.84 7.37 7.30
C VAL A 81 -6.05 6.89 6.51
N TYR A 82 -6.09 7.24 5.22
CA TYR A 82 -7.19 6.82 4.36
C TYR A 82 -6.66 6.10 3.13
N LEU A 83 -6.69 4.77 3.21
CA LEU A 83 -6.18 3.92 2.13
C LEU A 83 -7.27 3.60 1.10
N LYS A 84 -6.90 3.67 -0.17
CA LYS A 84 -7.81 3.36 -1.27
C LYS A 84 -7.22 2.24 -2.11
N VAL A 85 -8.07 1.29 -2.53
CA VAL A 85 -7.61 0.16 -3.33
C VAL A 85 -8.34 0.10 -4.66
N ALA A 86 -7.60 -0.21 -5.73
CA ALA A 86 -8.17 -0.30 -7.06
C ALA A 86 -8.73 -1.70 -7.32
N LYS A 87 -9.84 -1.75 -8.04
CA LYS A 87 -10.49 -3.04 -8.36
C LYS A 87 -9.88 -3.65 -9.62
N PRO A 88 -9.22 -4.82 -9.49
CA PRO A 88 -8.60 -5.51 -10.63
C PRO A 88 -9.64 -6.01 -11.63
N THR A 89 -9.20 -6.19 -12.89
CA THR A 89 -10.09 -6.66 -13.94
C THR A 89 -9.39 -7.71 -14.82
N GLY A 90 -10.18 -8.68 -15.31
CA GLY A 90 -9.63 -9.73 -16.15
C GLY A 90 -10.16 -9.66 -17.57
N SER A 91 -9.24 -9.63 -18.54
CA SER A 91 -9.62 -9.58 -19.96
C SER A 91 -10.12 -10.93 -20.44
N HIS A 92 -9.44 -12.00 -20.01
CA HIS A 92 -9.82 -13.36 -20.40
C HIS A 92 -11.08 -13.81 -19.68
N ARG B 1 11.82 -5.09 -9.99
CA ARG B 1 10.85 -5.40 -8.92
C ARG B 1 11.52 -5.38 -7.54
N ARG B 2 11.35 -4.26 -6.82
CA ARG B 2 11.93 -4.10 -5.49
C ARG B 2 10.85 -3.82 -4.45
N GLU B 3 11.04 -4.36 -3.25
CA GLU B 3 10.09 -4.18 -2.15
C GLU B 3 10.74 -3.39 -1.01
N THR B 4 9.92 -2.64 -0.28
CA THR B 4 10.42 -1.83 0.83
C THR B 4 9.39 -1.72 1.95
N GLN B 5 9.87 -1.80 3.19
CA GLN B 5 8.99 -1.70 4.37
C GLN B 5 8.55 -0.26 4.60
N VAL B 6 7.39 -0.12 5.24
CA VAL B 6 6.84 1.20 5.54
C VAL B 6 6.14 1.20 6.90
N MET A 1 -11.94 0.47 -3.02
CA MET A 1 -11.90 -0.20 -1.69
C MET A 1 -11.09 0.62 -0.68
N GLU A 2 -11.72 1.66 -0.13
CA GLU A 2 -11.06 2.53 0.84
C GLU A 2 -11.10 1.91 2.24
N ILE A 3 -10.02 2.10 2.99
CA ILE A 3 -9.91 1.57 4.35
C ILE A 3 -9.13 2.55 5.24
N LYS A 4 -9.82 3.15 6.20
CA LYS A 4 -9.21 4.09 7.13
C LYS A 4 -9.00 3.43 8.49
N LEU A 5 -7.97 3.85 9.21
CA LEU A 5 -7.66 3.29 10.53
C LEU A 5 -6.97 4.34 11.40
N ILE A 6 -6.80 4.04 12.68
CA ILE A 6 -6.14 4.97 13.60
C ILE A 6 -4.67 4.61 13.73
N LYS A 7 -3.80 5.57 13.39
CA LYS A 7 -2.35 5.36 13.45
C LYS A 7 -1.90 4.88 14.83
N GLY A 8 -1.01 3.89 14.84
CA GLY A 8 -0.50 3.34 16.09
C GLY A 8 0.81 3.98 16.50
N PRO A 9 1.65 3.26 17.28
CA PRO A 9 2.94 3.78 17.75
C PRO A 9 3.98 3.88 16.62
N LYS A 10 4.53 2.74 16.20
CA LYS A 10 5.54 2.71 15.14
C LYS A 10 5.02 3.37 13.85
N GLY A 11 4.17 2.67 13.12
CA GLY A 11 3.62 3.22 11.89
C GLY A 11 2.62 2.30 11.22
N LEU A 12 2.96 1.80 10.03
CA LEU A 12 2.07 0.90 9.29
C LEU A 12 2.29 -0.55 9.72
N GLY A 13 3.55 -0.99 9.73
CA GLY A 13 3.88 -2.34 10.11
C GLY A 13 3.81 -3.34 8.97
N PHE A 14 4.19 -2.91 7.77
CA PHE A 14 4.17 -3.78 6.59
C PHE A 14 5.08 -3.21 5.49
N SER A 15 5.07 -3.85 4.33
CA SER A 15 5.89 -3.40 3.21
C SER A 15 5.03 -3.22 1.95
N ILE A 16 5.66 -2.72 0.89
CA ILE A 16 4.97 -2.51 -0.38
C ILE A 16 5.96 -2.47 -1.54
N ALA A 17 5.43 -2.46 -2.76
CA ALA A 17 6.22 -2.38 -3.98
C ALA A 17 5.50 -1.43 -4.93
N GLY A 18 6.13 -0.98 -6.02
CA GLY A 18 5.40 -0.09 -6.91
C GLY A 18 6.23 0.65 -7.93
N GLY A 19 5.80 0.65 -9.21
CA GLY A 19 6.50 1.38 -10.25
C GLY A 19 7.37 0.51 -11.13
N VAL A 20 7.70 1.02 -12.32
CA VAL A 20 8.55 0.30 -13.26
C VAL A 20 9.96 0.14 -12.69
N GLY A 21 10.58 -1.02 -12.95
CA GLY A 21 11.92 -1.27 -12.43
C GLY A 21 11.92 -1.76 -10.99
N ASN A 22 10.86 -1.43 -10.26
CA ASN A 22 10.68 -1.83 -8.86
C ASN A 22 9.29 -2.44 -8.65
N GLN A 23 8.63 -2.84 -9.75
CA GLN A 23 7.28 -3.40 -9.72
C GLN A 23 7.14 -4.63 -8.83
N HIS A 24 5.95 -4.77 -8.25
CA HIS A 24 5.64 -5.89 -7.35
C HIS A 24 5.10 -7.11 -8.09
N ILE A 25 4.50 -6.88 -9.26
CA ILE A 25 3.93 -7.97 -10.04
C ILE A 25 3.82 -7.57 -11.52
N PRO A 26 4.03 -8.53 -12.45
CA PRO A 26 3.95 -8.25 -13.89
C PRO A 26 2.53 -7.92 -14.33
N GLY A 27 2.37 -6.82 -15.05
CA GLY A 27 1.06 -6.43 -15.54
C GLY A 27 0.48 -5.21 -14.82
N ASP A 28 0.83 -5.04 -13.54
CA ASP A 28 0.32 -3.90 -12.77
C ASP A 28 1.45 -3.15 -12.06
N ASN A 29 1.62 -1.88 -12.44
CA ASN A 29 2.65 -1.03 -11.85
C ASN A 29 2.14 -0.31 -10.60
N SER A 30 1.02 -0.80 -10.03
CA SER A 30 0.43 -0.21 -8.83
C SER A 30 1.27 -0.54 -7.60
N ILE A 31 0.82 -0.10 -6.43
CA ILE A 31 1.53 -0.38 -5.19
C ILE A 31 0.91 -1.57 -4.46
N TYR A 32 1.68 -2.67 -4.37
CA TYR A 32 1.21 -3.89 -3.72
C TYR A 32 1.95 -4.18 -2.42
N VAL A 33 1.24 -4.67 -1.42
CA VAL A 33 1.83 -5.02 -0.13
C VAL A 33 2.55 -6.37 -0.23
N THR A 34 3.86 -6.36 0.04
CA THR A 34 4.68 -7.57 -0.09
C THR A 34 4.88 -8.33 1.23
N LYS A 35 4.80 -7.65 2.38
CA LYS A 35 4.98 -8.32 3.68
C LYS A 35 4.39 -7.51 4.83
N ILE A 36 3.51 -8.14 5.60
CA ILE A 36 2.89 -7.47 6.75
C ILE A 36 3.55 -7.93 8.06
N ILE A 37 4.09 -6.96 8.82
CA ILE A 37 4.75 -7.24 10.09
C ILE A 37 3.72 -7.61 11.16
N GLU A 38 4.08 -8.54 12.04
CA GLU A 38 3.18 -8.98 13.12
C GLU A 38 2.70 -7.79 13.95
N GLY A 39 1.46 -7.88 14.44
CA GLY A 39 0.88 -6.81 15.25
C GLY A 39 0.91 -5.45 14.57
N GLY A 40 0.97 -5.44 13.24
CA GLY A 40 1.01 -4.19 12.49
C GLY A 40 -0.38 -3.63 12.20
N ALA A 41 -0.43 -2.43 11.65
CA ALA A 41 -1.70 -1.77 11.31
C ALA A 41 -2.58 -2.68 10.45
N ALA A 42 -1.99 -3.28 9.41
CA ALA A 42 -2.72 -4.17 8.52
C ALA A 42 -2.99 -5.51 9.20
N HIS A 43 -1.92 -6.15 9.70
CA HIS A 43 -2.01 -7.44 10.39
C HIS A 43 -3.11 -7.43 11.45
N LYS A 44 -3.20 -6.35 12.21
CA LYS A 44 -4.21 -6.23 13.26
C LYS A 44 -5.58 -5.93 12.66
N ASP A 45 -5.61 -5.18 11.56
CA ASP A 45 -6.85 -4.82 10.89
C ASP A 45 -7.53 -6.06 10.31
N GLY A 46 -6.80 -6.81 9.48
CA GLY A 46 -7.35 -8.01 8.87
C GLY A 46 -7.85 -7.78 7.46
N LYS A 47 -8.25 -6.54 7.14
CA LYS A 47 -8.76 -6.21 5.81
C LYS A 47 -7.65 -6.21 4.75
N LEU A 48 -6.46 -5.73 5.11
CA LEU A 48 -5.33 -5.69 4.18
C LEU A 48 -4.50 -6.97 4.24
N GLN A 49 -4.41 -7.67 3.11
CA GLN A 49 -3.64 -8.91 3.01
C GLN A 49 -2.62 -8.81 1.88
N ILE A 50 -1.41 -9.32 2.13
CA ILE A 50 -0.34 -9.29 1.11
C ILE A 50 -0.86 -9.69 -0.27
N GLY A 51 -0.70 -8.79 -1.24
CA GLY A 51 -1.15 -9.04 -2.60
C GLY A 51 -2.18 -8.04 -3.09
N ASP A 52 -2.79 -7.28 -2.17
CA ASP A 52 -3.77 -6.28 -2.56
C ASP A 52 -3.10 -5.15 -3.33
N LYS A 53 -3.90 -4.39 -4.07
CA LYS A 53 -3.37 -3.27 -4.85
C LYS A 53 -3.78 -1.94 -4.26
N LEU A 54 -2.91 -0.96 -4.40
CA LEU A 54 -3.15 0.37 -3.85
C LEU A 54 -3.64 1.35 -4.92
N LEU A 55 -4.89 1.80 -4.74
CA LEU A 55 -5.51 2.75 -5.66
C LEU A 55 -5.06 4.16 -5.34
N ALA A 56 -5.20 4.57 -4.07
CA ALA A 56 -4.81 5.92 -3.66
C ALA A 56 -4.48 6.00 -2.17
N VAL A 57 -3.62 6.95 -1.79
CA VAL A 57 -3.24 7.14 -0.39
C VAL A 57 -3.23 8.62 -0.03
N ASN A 58 -4.08 9.02 0.92
CA ASN A 58 -4.17 10.42 1.36
C ASN A 58 -4.59 11.33 0.20
N ASN A 59 -5.54 10.84 -0.61
CA ASN A 59 -6.08 11.57 -1.77
C ASN A 59 -5.22 11.41 -3.04
N VAL A 60 -3.96 10.99 -2.88
CA VAL A 60 -3.09 10.79 -4.05
C VAL A 60 -3.24 9.38 -4.61
N CYS A 61 -3.06 9.22 -5.91
CA CYS A 61 -3.19 7.90 -6.53
C CYS A 61 -1.88 7.13 -6.44
N LEU A 62 -1.97 5.89 -5.95
CA LEU A 62 -0.82 5.01 -5.83
C LEU A 62 -0.82 3.95 -6.93
N GLU A 63 -1.47 4.26 -8.05
CA GLU A 63 -1.57 3.34 -9.18
C GLU A 63 -0.67 3.75 -10.35
N GLU A 64 -0.32 5.04 -10.41
CA GLU A 64 0.54 5.54 -11.48
C GLU A 64 1.74 6.31 -10.92
N VAL A 65 2.42 5.71 -9.94
CA VAL A 65 3.58 6.34 -9.31
C VAL A 65 4.72 5.34 -9.09
N THR A 66 5.94 5.86 -9.00
CA THR A 66 7.12 5.04 -8.76
C THR A 66 7.09 4.46 -7.36
N HIS A 67 8.13 3.72 -6.99
CA HIS A 67 8.19 3.13 -5.65
C HIS A 67 8.32 4.22 -4.58
N GLU A 68 9.12 5.25 -4.88
CA GLU A 68 9.33 6.36 -3.95
C GLU A 68 7.99 6.92 -3.47
N GLU A 69 7.08 7.20 -4.41
CA GLU A 69 5.76 7.72 -4.06
C GLU A 69 4.95 6.70 -3.26
N ALA A 70 5.16 5.42 -3.54
CA ALA A 70 4.46 4.35 -2.81
C ALA A 70 4.80 4.40 -1.32
N VAL A 71 6.09 4.60 -1.02
CA VAL A 71 6.56 4.68 0.35
C VAL A 71 6.28 6.07 0.95
N THR A 72 6.38 7.10 0.11
CA THR A 72 6.15 8.48 0.54
C THR A 72 4.70 8.68 0.99
N ALA A 73 3.75 8.00 0.32
CA ALA A 73 2.34 8.12 0.65
C ALA A 73 1.99 7.29 1.87
N LEU A 74 2.62 6.12 2.00
CA LEU A 74 2.38 5.25 3.16
C LEU A 74 3.00 5.86 4.40
N LYS A 75 4.13 6.55 4.20
CA LYS A 75 4.85 7.18 5.31
C LYS A 75 4.27 8.57 5.65
N ASN A 76 3.54 9.18 4.71
CA ASN A 76 2.94 10.50 4.92
C ASN A 76 1.60 10.40 5.64
N THR A 77 1.62 9.88 6.87
CA THR A 77 0.39 9.72 7.67
C THR A 77 0.55 10.32 9.06
N SER A 78 -0.55 10.84 9.62
CA SER A 78 -0.54 11.44 10.95
C SER A 78 -1.33 10.60 11.95
N ASP A 79 -1.97 11.25 12.94
CA ASP A 79 -2.73 10.55 13.99
C ASP A 79 -3.67 9.50 13.39
N PHE A 80 -4.32 9.82 12.27
CA PHE A 80 -5.22 8.88 11.62
C PHE A 80 -4.70 8.53 10.23
N VAL A 81 -5.27 7.49 9.61
CA VAL A 81 -4.82 7.06 8.29
C VAL A 81 -6.01 6.74 7.37
N TYR A 82 -5.83 7.00 6.07
CA TYR A 82 -6.84 6.71 5.06
C TYR A 82 -6.15 6.15 3.83
N LEU A 83 -6.61 4.99 3.36
CA LEU A 83 -6.02 4.35 2.19
C LEU A 83 -7.08 3.88 1.20
N LYS A 84 -6.73 3.87 -0.08
CA LYS A 84 -7.63 3.44 -1.14
C LYS A 84 -7.01 2.26 -1.89
N VAL A 85 -7.79 1.19 -2.06
CA VAL A 85 -7.31 0.00 -2.73
C VAL A 85 -8.04 -0.21 -4.06
N ALA A 86 -7.29 -0.60 -5.09
CA ALA A 86 -7.85 -0.84 -6.42
C ALA A 86 -8.13 -2.32 -6.64
N LYS A 87 -9.15 -2.62 -7.43
CA LYS A 87 -9.53 -4.00 -7.73
C LYS A 87 -9.12 -4.39 -9.15
N PRO A 88 -8.14 -5.32 -9.29
CA PRO A 88 -7.66 -5.78 -10.60
C PRO A 88 -8.76 -6.48 -11.41
N THR A 89 -8.49 -6.71 -12.70
CA THR A 89 -9.45 -7.37 -13.58
C THR A 89 -8.85 -8.63 -14.20
N GLY A 90 -9.34 -9.79 -13.75
CA GLY A 90 -8.86 -11.06 -14.28
C GLY A 90 -9.57 -11.48 -15.55
N SER A 91 -8.81 -11.68 -16.62
CA SER A 91 -9.38 -12.09 -17.90
C SER A 91 -9.48 -13.61 -17.99
N HIS A 92 -8.37 -14.30 -17.71
CA HIS A 92 -8.33 -15.77 -17.75
C HIS A 92 -8.52 -16.36 -16.36
N ARG B 1 12.99 -5.89 -9.23
CA ARG B 1 11.93 -5.73 -8.21
C ARG B 1 12.42 -4.97 -6.99
N ARG B 2 11.52 -4.23 -6.36
CA ARG B 2 11.87 -3.45 -5.17
C ARG B 2 10.72 -3.45 -4.16
N GLU B 3 10.98 -4.04 -2.99
CA GLU B 3 9.98 -4.13 -1.92
C GLU B 3 10.54 -3.54 -0.63
N THR B 4 10.06 -2.35 -0.28
CA THR B 4 10.52 -1.68 0.93
C THR B 4 9.41 -1.62 2.00
N GLN B 5 9.81 -1.68 3.27
CA GLN B 5 8.87 -1.64 4.37
C GLN B 5 8.44 -0.19 4.66
N VAL B 6 7.22 -0.03 5.17
CA VAL B 6 6.68 1.29 5.47
C VAL B 6 5.84 1.27 6.75
N MET A 1 -12.82 -1.82 -0.18
CA MET A 1 -12.23 -0.75 -1.03
C MET A 1 -11.38 0.22 -0.19
N GLU A 2 -11.98 0.77 0.87
CA GLU A 2 -11.28 1.71 1.74
C GLU A 2 -11.25 1.20 3.18
N ILE A 3 -10.29 1.71 3.96
CA ILE A 3 -10.15 1.33 5.36
C ILE A 3 -9.70 2.55 6.17
N LYS A 4 -10.22 2.70 7.39
CA LYS A 4 -9.85 3.83 8.24
C LYS A 4 -8.83 3.42 9.29
N LEU A 5 -7.55 3.56 8.94
CA LEU A 5 -6.46 3.20 9.84
C LEU A 5 -6.06 4.37 10.74
N ILE A 6 -6.10 4.14 12.05
CA ILE A 6 -5.75 5.17 13.03
C ILE A 6 -4.29 5.05 13.47
N LYS A 7 -3.56 6.16 13.45
CA LYS A 7 -2.15 6.18 13.84
C LYS A 7 -1.96 5.69 15.27
N GLY A 8 -1.29 4.54 15.43
CA GLY A 8 -1.05 3.98 16.74
C GLY A 8 0.39 4.17 17.20
N PRO A 9 0.92 3.23 18.02
CA PRO A 9 2.30 3.28 18.53
C PRO A 9 3.36 2.96 17.48
N LYS A 10 2.92 2.75 16.23
CA LYS A 10 3.85 2.44 15.14
C LYS A 10 3.28 2.93 13.80
N GLY A 11 2.22 2.27 13.34
CA GLY A 11 1.59 2.66 12.09
C GLY A 11 1.26 1.47 11.21
N LEU A 12 1.36 1.67 9.89
CA LEU A 12 1.06 0.63 8.90
C LEU A 12 1.64 -0.73 9.31
N GLY A 13 2.96 -0.79 9.49
CA GLY A 13 3.60 -2.02 9.89
C GLY A 13 3.57 -3.10 8.81
N PHE A 14 4.03 -2.74 7.61
CA PHE A 14 4.06 -3.68 6.49
C PHE A 14 4.99 -3.16 5.40
N SER A 15 5.04 -3.85 4.26
CA SER A 15 5.88 -3.45 3.15
C SER A 15 5.04 -3.29 1.88
N ILE A 16 5.64 -2.70 0.85
CA ILE A 16 4.94 -2.50 -0.42
C ILE A 16 5.94 -2.36 -1.57
N ALA A 17 5.40 -2.35 -2.78
CA ALA A 17 6.18 -2.17 -4.00
C ALA A 17 5.40 -1.20 -4.89
N GLY A 18 5.98 -0.67 -5.95
CA GLY A 18 5.20 0.25 -6.78
C GLY A 18 5.98 1.05 -7.79
N GLY A 19 5.60 0.97 -9.06
CA GLY A 19 6.27 1.75 -10.09
C GLY A 19 7.07 0.91 -11.06
N VAL A 20 7.29 1.44 -12.26
CA VAL A 20 8.06 0.74 -13.29
C VAL A 20 9.51 0.56 -12.83
N GLY A 21 10.11 -0.59 -13.16
CA GLY A 21 11.49 -0.86 -12.75
C GLY A 21 11.61 -1.39 -11.33
N ASN A 22 10.54 -1.22 -10.55
CA ASN A 22 10.46 -1.69 -9.16
C ASN A 22 9.06 -2.21 -8.87
N GLN A 23 8.34 -2.64 -9.92
CA GLN A 23 6.97 -3.12 -9.81
C GLN A 23 6.86 -4.39 -8.98
N HIS A 24 5.71 -4.55 -8.33
CA HIS A 24 5.42 -5.70 -7.48
C HIS A 24 4.78 -6.84 -8.29
N ILE A 25 4.05 -6.47 -9.34
CA ILE A 25 3.38 -7.46 -10.19
C ILE A 25 3.35 -7.00 -11.65
N PRO A 26 3.78 -7.87 -12.59
CA PRO A 26 3.80 -7.55 -14.02
C PRO A 26 2.43 -7.15 -14.55
N GLY A 27 2.36 -5.98 -15.18
CA GLY A 27 1.10 -5.49 -15.72
C GLY A 27 0.53 -4.33 -14.93
N ASP A 28 0.34 -4.55 -13.62
CA ASP A 28 -0.20 -3.52 -12.74
C ASP A 28 0.93 -2.74 -12.05
N ASN A 29 1.09 -1.47 -12.45
CA ASN A 29 2.15 -0.62 -11.89
C ASN A 29 1.69 0.08 -10.60
N SER A 30 0.61 -0.40 -9.97
CA SER A 30 0.13 0.18 -8.73
C SER A 30 0.86 -0.45 -7.55
N ILE A 31 0.84 0.21 -6.40
CA ILE A 31 1.57 -0.29 -5.22
C ILE A 31 0.87 -1.50 -4.58
N TYR A 32 1.65 -2.57 -4.34
CA TYR A 32 1.15 -3.79 -3.71
C TYR A 32 1.91 -4.09 -2.42
N VAL A 33 1.23 -4.70 -1.46
CA VAL A 33 1.85 -5.06 -0.18
C VAL A 33 2.70 -6.33 -0.34
N THR A 34 3.96 -6.23 0.05
CA THR A 34 4.91 -7.35 -0.08
C THR A 34 5.03 -8.19 1.20
N LYS A 35 4.80 -7.58 2.37
CA LYS A 35 4.90 -8.29 3.65
C LYS A 35 4.26 -7.49 4.78
N ILE A 36 3.37 -8.12 5.54
CA ILE A 36 2.71 -7.44 6.65
C ILE A 36 3.37 -7.80 7.98
N ILE A 37 3.83 -6.79 8.72
CA ILE A 37 4.47 -7.00 10.02
C ILE A 37 3.42 -7.31 11.10
N GLU A 38 3.80 -8.15 12.06
CA GLU A 38 2.88 -8.54 13.14
C GLU A 38 2.43 -7.32 13.94
N GLY A 39 1.18 -7.38 14.41
CA GLY A 39 0.61 -6.29 15.19
C GLY A 39 0.59 -4.95 14.45
N GLY A 40 0.65 -4.99 13.13
CA GLY A 40 0.64 -3.77 12.34
C GLY A 40 -0.77 -3.34 11.92
N ALA A 41 -0.87 -2.14 11.36
CA ALA A 41 -2.15 -1.60 10.90
C ALA A 41 -2.96 -2.62 10.10
N ALA A 42 -2.36 -3.12 9.02
CA ALA A 42 -3.03 -4.11 8.16
C ALA A 42 -3.25 -5.42 8.91
N HIS A 43 -2.17 -5.92 9.53
CA HIS A 43 -2.24 -7.18 10.29
C HIS A 43 -3.39 -7.19 11.29
N LYS A 44 -3.50 -6.12 12.07
CA LYS A 44 -4.56 -5.99 13.08
C LYS A 44 -5.94 -5.80 12.42
N ASP A 45 -5.97 -5.02 11.33
CA ASP A 45 -7.22 -4.76 10.61
C ASP A 45 -7.79 -6.05 10.02
N GLY A 46 -6.99 -6.73 9.21
CA GLY A 46 -7.44 -7.97 8.60
C GLY A 46 -7.94 -7.79 7.17
N LYS A 47 -8.44 -6.58 6.87
CA LYS A 47 -8.96 -6.28 5.54
C LYS A 47 -7.85 -6.28 4.48
N LEU A 48 -6.67 -5.78 4.86
CA LEU A 48 -5.53 -5.73 3.95
C LEU A 48 -4.69 -7.00 4.03
N GLN A 49 -4.53 -7.66 2.89
CA GLN A 49 -3.74 -8.89 2.80
C GLN A 49 -2.73 -8.79 1.66
N ILE A 50 -1.53 -9.33 1.87
CA ILE A 50 -0.47 -9.30 0.86
C ILE A 50 -1.02 -9.71 -0.52
N GLY A 51 -0.83 -8.83 -1.51
CA GLY A 51 -1.32 -9.10 -2.85
C GLY A 51 -2.29 -8.05 -3.35
N ASP A 52 -2.90 -7.28 -2.44
CA ASP A 52 -3.84 -6.24 -2.83
C ASP A 52 -3.09 -5.06 -3.45
N LYS A 53 -3.81 -4.24 -4.22
CA LYS A 53 -3.22 -3.07 -4.86
C LYS A 53 -3.67 -1.78 -4.20
N LEU A 54 -2.79 -0.81 -4.20
CA LEU A 54 -3.06 0.49 -3.59
C LEU A 54 -3.55 1.51 -4.62
N LEU A 55 -4.86 1.77 -4.58
CA LEU A 55 -5.48 2.73 -5.49
C LEU A 55 -5.08 4.15 -5.09
N ALA A 56 -5.30 4.51 -3.83
CA ALA A 56 -4.95 5.85 -3.35
C ALA A 56 -4.56 5.86 -1.87
N VAL A 57 -3.65 6.77 -1.50
CA VAL A 57 -3.19 6.89 -0.12
C VAL A 57 -3.34 8.32 0.39
N ASN A 58 -4.25 8.53 1.34
CA ASN A 58 -4.49 9.85 1.91
C ASN A 58 -4.99 10.84 0.85
N ASN A 59 -5.92 10.37 0.01
CA ASN A 59 -6.51 11.17 -1.07
C ASN A 59 -5.67 11.17 -2.36
N VAL A 60 -4.38 10.84 -2.26
CA VAL A 60 -3.51 10.79 -3.43
C VAL A 60 -3.60 9.43 -4.11
N CYS A 61 -3.38 9.39 -5.42
CA CYS A 61 -3.42 8.12 -6.14
C CYS A 61 -2.04 7.47 -6.15
N LEU A 62 -2.01 6.17 -5.83
CA LEU A 62 -0.75 5.44 -5.77
C LEU A 62 -0.52 4.57 -7.02
N GLU A 63 -0.94 5.07 -8.19
CA GLU A 63 -0.77 4.33 -9.44
C GLU A 63 0.59 4.69 -10.09
N GLU A 64 0.57 5.40 -11.23
CA GLU A 64 1.80 5.76 -11.95
C GLU A 64 2.76 6.60 -11.10
N VAL A 65 3.53 5.92 -10.25
CA VAL A 65 4.51 6.57 -9.38
C VAL A 65 5.70 5.66 -9.11
N THR A 66 6.88 6.27 -9.00
CA THR A 66 8.09 5.50 -8.70
C THR A 66 7.98 4.93 -7.30
N HIS A 67 8.74 3.89 -7.00
CA HIS A 67 8.66 3.27 -5.68
C HIS A 67 8.82 4.30 -4.56
N GLU A 68 9.66 5.31 -4.78
CA GLU A 68 9.87 6.36 -3.77
C GLU A 68 8.52 6.93 -3.31
N GLU A 69 7.65 7.25 -4.27
CA GLU A 69 6.32 7.79 -3.96
C GLU A 69 5.49 6.75 -3.19
N ALA A 70 5.71 5.47 -3.51
CA ALA A 70 5.00 4.38 -2.83
C ALA A 70 5.28 4.40 -1.32
N VAL A 71 6.54 4.64 -0.98
CA VAL A 71 6.94 4.72 0.43
C VAL A 71 6.62 6.09 1.03
N THR A 72 6.74 7.14 0.21
CA THR A 72 6.46 8.50 0.67
C THR A 72 4.99 8.67 1.07
N ALA A 73 4.09 8.03 0.32
CA ALA A 73 2.67 8.12 0.58
C ALA A 73 2.26 7.21 1.74
N LEU A 74 2.90 6.05 1.85
CA LEU A 74 2.61 5.11 2.93
C LEU A 74 3.18 5.65 4.25
N LYS A 75 4.27 6.42 4.15
CA LYS A 75 4.91 7.00 5.32
C LYS A 75 4.28 8.33 5.73
N ASN A 76 3.57 8.99 4.80
CA ASN A 76 2.94 10.28 5.07
C ASN A 76 1.67 10.12 5.94
N THR A 77 1.88 9.77 7.20
CA THR A 77 0.78 9.56 8.14
C THR A 77 0.98 10.41 9.41
N SER A 78 -0.11 11.02 9.87
CA SER A 78 -0.07 11.84 11.08
C SER A 78 -1.06 11.33 12.13
N ASP A 79 -2.34 11.69 11.99
CA ASP A 79 -3.37 11.25 12.92
C ASP A 79 -4.10 10.03 12.37
N PHE A 80 -4.62 10.15 11.16
CA PHE A 80 -5.34 9.06 10.51
C PHE A 80 -4.79 8.81 9.10
N VAL A 81 -5.18 7.69 8.50
CA VAL A 81 -4.73 7.33 7.16
C VAL A 81 -5.88 6.68 6.38
N TYR A 82 -6.26 7.30 5.26
CA TYR A 82 -7.34 6.76 4.43
C TYR A 82 -6.77 5.93 3.29
N LEU A 83 -6.76 4.62 3.49
CA LEU A 83 -6.23 3.69 2.51
C LEU A 83 -7.27 3.31 1.45
N LYS A 84 -6.88 3.47 0.18
CA LYS A 84 -7.76 3.14 -0.94
C LYS A 84 -7.15 2.03 -1.78
N VAL A 85 -7.88 0.93 -1.95
CA VAL A 85 -7.40 -0.21 -2.73
C VAL A 85 -8.27 -0.42 -3.97
N ALA A 86 -7.60 -0.59 -5.12
CA ALA A 86 -8.30 -0.80 -6.39
C ALA A 86 -8.62 -2.28 -6.60
N LYS A 87 -9.65 -2.55 -7.40
CA LYS A 87 -10.05 -3.92 -7.70
C LYS A 87 -9.66 -4.32 -9.13
N PRO A 88 -8.97 -5.46 -9.29
CA PRO A 88 -8.52 -5.94 -10.61
C PRO A 88 -9.68 -6.39 -11.50
N THR A 89 -9.48 -6.28 -12.82
CA THR A 89 -10.50 -6.67 -13.79
C THR A 89 -9.89 -7.58 -14.87
N GLY A 90 -10.64 -8.62 -15.24
CA GLY A 90 -10.17 -9.55 -16.25
C GLY A 90 -10.15 -8.94 -17.65
N SER A 91 -8.96 -8.63 -18.14
CA SER A 91 -8.79 -8.04 -19.46
C SER A 91 -9.07 -9.07 -20.56
N HIS A 92 -8.34 -10.20 -20.52
CA HIS A 92 -8.50 -11.27 -21.50
C HIS A 92 -9.35 -12.40 -20.93
N ARG B 1 11.91 -4.90 -10.48
CA ARG B 1 11.11 -5.17 -9.25
C ARG B 1 11.85 -4.74 -7.98
N ARG B 2 11.12 -4.10 -7.07
CA ARG B 2 11.71 -3.63 -5.81
C ARG B 2 10.64 -3.55 -4.72
N GLU B 3 10.98 -4.09 -3.55
CA GLU B 3 10.05 -4.10 -2.41
C GLU B 3 10.70 -3.47 -1.18
N THR B 4 9.96 -2.60 -0.49
CA THR B 4 10.47 -1.94 0.70
C THR B 4 9.37 -1.79 1.76
N GLN B 5 9.78 -1.82 3.04
CA GLN B 5 8.85 -1.68 4.16
C GLN B 5 8.45 -0.23 4.39
N VAL B 6 7.24 -0.02 4.91
CA VAL B 6 6.72 1.31 5.18
C VAL B 6 5.97 1.37 6.51
N MET A 1 -12.75 0.11 -3.02
CA MET A 1 -12.75 -0.28 -1.59
C MET A 1 -11.76 0.56 -0.78
N GLU A 2 -12.15 0.91 0.45
CA GLU A 2 -11.30 1.71 1.32
C GLU A 2 -11.13 1.05 2.68
N ILE A 3 -10.07 1.43 3.40
CA ILE A 3 -9.79 0.91 4.72
C ILE A 3 -9.50 2.06 5.68
N LYS A 4 -9.99 1.97 6.93
CA LYS A 4 -9.76 3.03 7.89
C LYS A 4 -8.60 2.70 8.83
N LEU A 5 -7.40 3.09 8.41
CA LEU A 5 -6.18 2.83 9.17
C LEU A 5 -5.88 3.94 10.17
N ILE A 6 -5.99 3.62 11.46
CA ILE A 6 -5.72 4.57 12.53
C ILE A 6 -4.26 4.48 12.99
N LYS A 7 -3.57 5.61 13.01
CA LYS A 7 -2.16 5.66 13.42
C LYS A 7 -1.95 4.96 14.77
N GLY A 8 -1.22 3.84 14.74
CA GLY A 8 -0.95 3.10 15.96
C GLY A 8 0.33 3.56 16.64
N PRO A 9 1.03 2.68 17.38
CA PRO A 9 2.27 3.04 18.07
C PRO A 9 3.41 3.34 17.10
N LYS A 10 4.07 2.29 16.59
CA LYS A 10 5.18 2.46 15.66
C LYS A 10 4.73 3.17 14.37
N GLY A 11 3.92 2.47 13.56
CA GLY A 11 3.44 3.06 12.32
C GLY A 11 2.49 2.15 11.57
N LEU A 12 2.93 1.70 10.38
CA LEU A 12 2.11 0.83 9.54
C LEU A 12 2.33 -0.64 9.90
N GLY A 13 3.59 -1.06 9.97
CA GLY A 13 3.92 -2.43 10.31
C GLY A 13 3.83 -3.40 9.14
N PHE A 14 4.23 -2.95 7.95
CA PHE A 14 4.21 -3.79 6.75
C PHE A 14 5.12 -3.21 5.66
N SER A 15 5.09 -3.82 4.48
CA SER A 15 5.91 -3.37 3.36
C SER A 15 5.05 -3.23 2.10
N ILE A 16 5.63 -2.69 1.03
CA ILE A 16 4.91 -2.51 -0.24
C ILE A 16 5.87 -2.44 -1.42
N ALA A 17 5.30 -2.49 -2.62
CA ALA A 17 6.04 -2.38 -3.87
C ALA A 17 5.27 -1.41 -4.77
N GLY A 18 5.86 -0.88 -5.83
CA GLY A 18 5.07 0.02 -6.67
C GLY A 18 5.84 0.87 -7.65
N GLY A 19 5.39 0.92 -8.91
CA GLY A 19 6.08 1.75 -9.91
C GLY A 19 6.84 0.94 -10.92
N VAL A 20 7.05 1.52 -12.11
CA VAL A 20 7.79 0.86 -13.18
C VAL A 20 9.25 0.62 -12.76
N GLY A 21 9.79 -0.54 -13.15
CA GLY A 21 11.17 -0.87 -12.79
C GLY A 21 11.28 -1.46 -11.38
N ASN A 22 10.22 -1.29 -10.59
CA ASN A 22 10.13 -1.79 -9.23
C ASN A 22 8.71 -2.27 -8.93
N GLN A 23 7.97 -2.67 -9.99
CA GLN A 23 6.59 -3.13 -9.85
C GLN A 23 6.46 -4.40 -9.03
N HIS A 24 5.32 -4.53 -8.35
CA HIS A 24 5.03 -5.70 -7.52
C HIS A 24 4.30 -6.78 -8.33
N ILE A 25 3.52 -6.33 -9.32
CA ILE A 25 2.75 -7.24 -10.16
C ILE A 25 2.86 -6.84 -11.63
N PRO A 26 3.29 -7.79 -12.49
CA PRO A 26 3.44 -7.53 -13.93
C PRO A 26 2.18 -6.91 -14.55
N GLY A 27 2.35 -5.73 -15.15
CA GLY A 27 1.23 -5.05 -15.77
C GLY A 27 0.63 -3.98 -14.87
N ASP A 28 0.33 -4.35 -13.62
CA ASP A 28 -0.24 -3.42 -12.65
C ASP A 28 0.85 -2.70 -11.87
N ASN A 29 1.06 -1.42 -12.17
CA ASN A 29 2.08 -0.61 -11.51
C ASN A 29 1.54 0.02 -10.22
N SER A 30 0.42 -0.49 -9.69
CA SER A 30 -0.16 0.01 -8.46
C SER A 30 0.59 -0.55 -7.26
N ILE A 31 0.58 0.16 -6.14
CA ILE A 31 1.33 -0.28 -4.96
C ILE A 31 0.66 -1.46 -4.24
N TYR A 32 1.41 -2.56 -4.11
CA TYR A 32 0.95 -3.77 -3.44
C TYR A 32 1.77 -4.04 -2.18
N VAL A 33 1.13 -4.62 -1.17
CA VAL A 33 1.82 -4.96 0.06
C VAL A 33 2.64 -6.24 -0.14
N THR A 34 3.94 -6.17 0.16
CA THR A 34 4.84 -7.31 -0.03
C THR A 34 5.01 -8.15 1.23
N LYS A 35 4.83 -7.55 2.41
CA LYS A 35 5.00 -8.28 3.68
C LYS A 35 4.42 -7.50 4.85
N ILE A 36 3.52 -8.14 5.60
CA ILE A 36 2.91 -7.51 6.76
C ILE A 36 3.55 -8.01 8.07
N ILE A 37 4.02 -7.08 8.88
CA ILE A 37 4.65 -7.41 10.16
C ILE A 37 3.59 -7.70 11.22
N GLU A 38 3.93 -8.58 12.16
CA GLU A 38 3.01 -8.96 13.24
C GLU A 38 2.64 -7.73 14.09
N GLY A 39 1.40 -7.74 14.60
CA GLY A 39 0.93 -6.64 15.43
C GLY A 39 0.95 -5.28 14.72
N GLY A 40 0.99 -5.29 13.38
CA GLY A 40 1.01 -4.05 12.63
C GLY A 40 -0.38 -3.53 12.31
N ALA A 41 -0.45 -2.29 11.84
CA ALA A 41 -1.72 -1.65 11.48
C ALA A 41 -2.59 -2.56 10.61
N ALA A 42 -2.02 -3.05 9.51
CA ALA A 42 -2.73 -3.93 8.59
C ALA A 42 -3.02 -5.29 9.23
N HIS A 43 -1.96 -5.91 9.77
CA HIS A 43 -2.07 -7.22 10.42
C HIS A 43 -3.17 -7.24 11.49
N LYS A 44 -3.17 -6.23 12.35
CA LYS A 44 -4.16 -6.13 13.43
C LYS A 44 -5.55 -5.81 12.90
N ASP A 45 -5.62 -4.92 11.90
CA ASP A 45 -6.90 -4.53 11.30
C ASP A 45 -7.57 -5.73 10.62
N GLY A 46 -6.83 -6.40 9.73
CA GLY A 46 -7.37 -7.55 9.02
C GLY A 46 -7.86 -7.21 7.61
N LYS A 47 -8.34 -5.98 7.42
CA LYS A 47 -8.84 -5.55 6.11
C LYS A 47 -7.75 -5.63 5.05
N LEU A 48 -6.53 -5.21 5.41
CA LEU A 48 -5.41 -5.24 4.48
C LEU A 48 -4.68 -6.59 4.57
N GLN A 49 -4.56 -7.26 3.42
CA GLN A 49 -3.88 -8.54 3.33
C GLN A 49 -2.87 -8.53 2.18
N ILE A 50 -1.73 -9.18 2.37
CA ILE A 50 -0.70 -9.23 1.34
C ILE A 50 -1.28 -9.59 -0.02
N GLY A 51 -1.07 -8.73 -1.01
CA GLY A 51 -1.61 -8.97 -2.35
C GLY A 51 -2.53 -7.87 -2.83
N ASP A 52 -3.11 -7.08 -1.91
CA ASP A 52 -4.00 -5.99 -2.28
C ASP A 52 -3.24 -4.91 -3.03
N LYS A 53 -3.97 -4.15 -3.86
CA LYS A 53 -3.37 -3.07 -4.64
C LYS A 53 -3.85 -1.72 -4.12
N LEU A 54 -2.98 -0.72 -4.25
CA LEU A 54 -3.29 0.63 -3.78
C LEU A 54 -3.70 1.55 -4.93
N LEU A 55 -4.88 2.14 -4.78
CA LEU A 55 -5.42 3.06 -5.75
C LEU A 55 -5.00 4.49 -5.41
N ALA A 56 -5.25 4.90 -4.16
CA ALA A 56 -4.88 6.25 -3.72
C ALA A 56 -4.56 6.28 -2.22
N VAL A 57 -3.75 7.25 -1.81
CA VAL A 57 -3.37 7.41 -0.41
C VAL A 57 -3.44 8.88 0.02
N ASN A 58 -4.39 9.19 0.91
CA ASN A 58 -4.56 10.56 1.40
C ASN A 58 -4.93 11.51 0.26
N ASN A 59 -5.81 11.04 -0.64
CA ASN A 59 -6.27 11.84 -1.80
C ASN A 59 -5.33 11.73 -3.00
N VAL A 60 -4.09 11.26 -2.79
CA VAL A 60 -3.13 11.12 -3.89
C VAL A 60 -3.25 9.74 -4.53
N CYS A 61 -3.04 9.64 -5.83
CA CYS A 61 -3.13 8.34 -6.51
C CYS A 61 -1.80 7.59 -6.39
N LEU A 62 -1.89 6.34 -5.95
CA LEU A 62 -0.71 5.50 -5.79
C LEU A 62 -0.61 4.48 -6.95
N GLU A 63 -1.19 4.82 -8.10
CA GLU A 63 -1.19 3.92 -9.27
C GLU A 63 -0.24 4.40 -10.36
N GLU A 64 0.13 5.69 -10.35
CA GLU A 64 1.02 6.24 -11.36
C GLU A 64 2.21 6.97 -10.73
N VAL A 65 2.95 6.25 -9.88
CA VAL A 65 4.10 6.83 -9.20
C VAL A 65 5.21 5.80 -8.97
N THR A 66 6.45 6.29 -8.89
CA THR A 66 7.60 5.43 -8.64
C THR A 66 7.52 4.83 -7.24
N HIS A 67 8.32 3.80 -6.98
CA HIS A 67 8.29 3.14 -5.67
C HIS A 67 8.49 4.13 -4.53
N GLU A 68 9.37 5.12 -4.72
CA GLU A 68 9.61 6.13 -3.70
C GLU A 68 8.30 6.77 -3.23
N GLU A 69 7.42 7.08 -4.19
CA GLU A 69 6.12 7.68 -3.89
C GLU A 69 5.25 6.70 -3.09
N ALA A 70 5.35 5.41 -3.41
CA ALA A 70 4.61 4.36 -2.72
C ALA A 70 4.95 4.36 -1.22
N VAL A 71 6.23 4.57 -0.93
CA VAL A 71 6.71 4.61 0.45
C VAL A 71 6.43 5.97 1.09
N THR A 72 6.57 7.03 0.29
CA THR A 72 6.34 8.40 0.77
C THR A 72 4.89 8.59 1.21
N ALA A 73 3.96 7.97 0.48
CA ALA A 73 2.53 8.08 0.79
C ALA A 73 2.15 7.20 1.97
N LEU A 74 2.77 6.02 2.06
CA LEU A 74 2.50 5.10 3.17
C LEU A 74 3.14 5.64 4.45
N LYS A 75 4.27 6.33 4.30
CA LYS A 75 4.99 6.90 5.44
C LYS A 75 4.38 8.24 5.89
N ASN A 76 3.67 8.91 4.98
CA ASN A 76 3.05 10.21 5.29
C ASN A 76 1.81 10.03 6.16
N THR A 77 2.01 9.62 7.40
CA THR A 77 0.90 9.40 8.34
C THR A 77 1.13 10.14 9.66
N SER A 78 0.06 10.74 10.18
CA SER A 78 0.13 11.47 11.44
C SER A 78 -0.96 10.99 12.41
N ASP A 79 -2.19 11.45 12.20
CA ASP A 79 -3.31 11.06 13.06
C ASP A 79 -4.03 9.84 12.48
N PHE A 80 -4.52 9.97 11.25
CA PHE A 80 -5.24 8.88 10.59
C PHE A 80 -4.68 8.62 9.20
N VAL A 81 -5.12 7.52 8.58
CA VAL A 81 -4.67 7.15 7.24
C VAL A 81 -5.85 6.57 6.44
N TYR A 82 -6.19 7.20 5.33
CA TYR A 82 -7.30 6.73 4.50
C TYR A 82 -6.77 6.00 3.27
N LEU A 83 -6.76 4.68 3.35
CA LEU A 83 -6.27 3.83 2.27
C LEU A 83 -7.32 3.61 1.18
N LYS A 84 -6.92 3.85 -0.07
CA LYS A 84 -7.79 3.66 -1.22
C LYS A 84 -7.26 2.53 -2.10
N VAL A 85 -8.00 1.42 -2.17
CA VAL A 85 -7.56 0.28 -2.97
C VAL A 85 -8.55 -0.02 -4.10
N ALA A 86 -8.02 -0.22 -5.30
CA ALA A 86 -8.84 -0.52 -6.48
C ALA A 86 -8.91 -2.02 -6.73
N LYS A 87 -9.97 -2.45 -7.42
CA LYS A 87 -10.16 -3.87 -7.73
C LYS A 87 -9.55 -4.21 -9.09
N PRO A 88 -8.88 -5.38 -9.20
CA PRO A 88 -8.25 -5.82 -10.45
C PRO A 88 -9.27 -6.17 -11.54
N THR A 89 -8.82 -6.18 -12.79
CA THR A 89 -9.69 -6.50 -13.93
C THR A 89 -9.01 -7.52 -14.84
N GLY A 90 -9.71 -8.63 -15.11
CA GLY A 90 -9.17 -9.67 -15.97
C GLY A 90 -9.22 -9.29 -17.44
N SER A 91 -8.05 -9.23 -18.09
CA SER A 91 -7.97 -8.88 -19.50
C SER A 91 -8.35 -10.08 -20.38
N HIS A 92 -7.88 -11.27 -19.99
CA HIS A 92 -8.18 -12.49 -20.74
C HIS A 92 -9.64 -12.89 -20.61
N ARG B 1 11.27 -5.20 -10.34
CA ARG B 1 10.50 -5.43 -9.08
C ARG B 1 11.30 -4.99 -7.86
N ARG B 2 10.64 -4.24 -6.97
CA ARG B 2 11.30 -3.74 -5.75
C ARG B 2 10.31 -3.67 -4.59
N GLU B 3 10.73 -4.17 -3.43
CA GLU B 3 9.88 -4.17 -2.24
C GLU B 3 10.60 -3.48 -1.08
N THR B 4 9.86 -2.67 -0.33
CA THR B 4 10.43 -1.95 0.81
C THR B 4 9.39 -1.79 1.93
N GLN B 5 9.86 -1.86 3.17
CA GLN B 5 8.98 -1.73 4.34
C GLN B 5 8.64 -0.26 4.58
N VAL B 6 7.47 -0.03 5.17
CA VAL B 6 7.00 1.32 5.47
C VAL B 6 6.33 1.39 6.84
N MET A 1 -13.08 0.57 -2.19
CA MET A 1 -12.46 -0.13 -1.04
C MET A 1 -11.54 0.80 -0.24
N GLU A 2 -12.00 1.20 0.94
CA GLU A 2 -11.22 2.10 1.81
C GLU A 2 -11.07 1.51 3.21
N ILE A 3 -10.07 1.98 3.93
CA ILE A 3 -9.80 1.53 5.29
C ILE A 3 -9.34 2.71 6.13
N LYS A 4 -9.93 2.90 7.31
CA LYS A 4 -9.56 4.01 8.17
C LYS A 4 -8.63 3.58 9.31
N LEU A 5 -7.33 3.64 9.04
CA LEU A 5 -6.31 3.25 10.02
C LEU A 5 -5.82 4.46 10.82
N ILE A 6 -5.82 4.33 12.14
CA ILE A 6 -5.37 5.40 13.03
C ILE A 6 -3.86 5.30 13.30
N LYS A 7 -3.15 6.40 13.07
CA LYS A 7 -1.70 6.45 13.28
C LYS A 7 -1.31 6.12 14.72
N GLY A 8 -0.46 5.11 14.87
CA GLY A 8 0.00 4.71 16.20
C GLY A 8 1.51 4.78 16.35
N PRO A 9 2.06 4.27 17.47
CA PRO A 9 3.51 4.28 17.73
C PRO A 9 4.30 3.55 16.64
N LYS A 10 3.76 2.43 16.17
CA LYS A 10 4.40 1.64 15.12
C LYS A 10 4.16 2.28 13.76
N GLY A 11 2.89 2.33 13.35
CA GLY A 11 2.53 2.91 12.07
C GLY A 11 1.66 1.98 11.24
N LEU A 12 2.17 1.55 10.09
CA LEU A 12 1.43 0.65 9.20
C LEU A 12 1.69 -0.80 9.58
N GLY A 13 2.96 -1.17 9.73
CA GLY A 13 3.32 -2.53 10.11
C GLY A 13 3.33 -3.49 8.92
N PHE A 14 3.81 -3.02 7.77
CA PHE A 14 3.87 -3.86 6.58
C PHE A 14 4.83 -3.26 5.54
N SER A 15 4.90 -3.86 4.35
CA SER A 15 5.75 -3.37 3.29
C SER A 15 4.96 -3.22 2.00
N ILE A 16 5.58 -2.66 0.96
CA ILE A 16 4.92 -2.47 -0.32
C ILE A 16 5.93 -2.37 -1.46
N ALA A 17 5.42 -2.40 -2.68
CA ALA A 17 6.20 -2.27 -3.90
C ALA A 17 5.46 -1.31 -4.82
N GLY A 18 6.09 -0.78 -5.87
CA GLY A 18 5.33 0.11 -6.73
C GLY A 18 6.15 0.96 -7.69
N GLY A 19 5.75 1.02 -8.97
CA GLY A 19 6.48 1.85 -9.92
C GLY A 19 7.35 1.05 -10.85
N VAL A 20 7.70 1.67 -11.99
CA VAL A 20 8.56 1.02 -12.97
C VAL A 20 9.96 0.76 -12.39
N GLY A 21 10.53 -0.40 -12.70
CA GLY A 21 11.85 -0.74 -12.18
C GLY A 21 11.81 -1.35 -10.78
N ASN A 22 10.68 -1.12 -10.09
CA ASN A 22 10.47 -1.65 -8.73
C ASN A 22 9.05 -2.23 -8.61
N GLN A 23 8.41 -2.54 -9.75
CA GLN A 23 7.05 -3.07 -9.77
C GLN A 23 6.88 -4.34 -8.95
N HIS A 24 5.71 -4.47 -8.33
CA HIS A 24 5.39 -5.64 -7.52
C HIS A 24 4.70 -6.72 -8.36
N ILE A 25 3.99 -6.30 -9.40
CA ILE A 25 3.29 -7.21 -10.28
C ILE A 25 3.46 -6.82 -11.75
N PRO A 26 3.71 -7.81 -12.63
CA PRO A 26 3.91 -7.56 -14.07
C PRO A 26 2.69 -6.94 -14.73
N GLY A 27 2.89 -5.75 -15.31
CA GLY A 27 1.80 -5.06 -15.98
C GLY A 27 1.23 -3.92 -15.15
N ASP A 28 0.97 -4.19 -13.86
CA ASP A 28 0.41 -3.18 -12.96
C ASP A 28 1.48 -2.52 -12.11
N ASN A 29 1.75 -1.24 -12.40
CA ASN A 29 2.76 -0.47 -11.66
C ASN A 29 2.18 0.12 -10.37
N SER A 30 1.05 -0.45 -9.89
CA SER A 30 0.40 0.03 -8.67
C SER A 30 1.25 -0.30 -7.43
N ILE A 31 0.76 0.07 -6.26
CA ILE A 31 1.48 -0.23 -5.02
C ILE A 31 0.87 -1.44 -4.31
N TYR A 32 1.61 -2.55 -4.33
CA TYR A 32 1.17 -3.80 -3.71
C TYR A 32 1.95 -4.10 -2.44
N VAL A 33 1.29 -4.72 -1.46
CA VAL A 33 1.93 -5.09 -0.21
C VAL A 33 2.80 -6.34 -0.38
N THR A 34 4.03 -6.27 0.09
CA THR A 34 4.98 -7.38 -0.06
C THR A 34 5.13 -8.22 1.21
N LYS A 35 4.98 -7.61 2.39
CA LYS A 35 5.11 -8.33 3.65
C LYS A 35 4.41 -7.59 4.80
N ILE A 36 3.47 -8.25 5.45
CA ILE A 36 2.75 -7.66 6.58
C ILE A 36 3.34 -8.10 7.91
N ILE A 37 3.80 -7.14 8.71
CA ILE A 37 4.39 -7.42 10.01
C ILE A 37 3.31 -7.79 11.03
N GLU A 38 3.63 -8.72 11.94
CA GLU A 38 2.69 -9.16 12.97
C GLU A 38 2.24 -8.00 13.84
N GLY A 39 0.99 -8.07 14.31
CA GLY A 39 0.45 -7.01 15.16
C GLY A 39 0.47 -5.64 14.52
N GLY A 40 0.56 -5.58 13.19
CA GLY A 40 0.60 -4.30 12.49
C GLY A 40 -0.79 -3.81 12.10
N ALA A 41 -0.86 -2.57 11.62
CA ALA A 41 -2.13 -1.96 11.21
C ALA A 41 -2.94 -2.89 10.30
N ALA A 42 -2.32 -3.35 9.21
CA ALA A 42 -2.98 -4.24 8.26
C ALA A 42 -3.22 -5.62 8.89
N HIS A 43 -2.17 -6.21 9.45
CA HIS A 43 -2.25 -7.52 10.08
C HIS A 43 -3.40 -7.61 11.09
N LYS A 44 -3.51 -6.59 11.95
CA LYS A 44 -4.56 -6.54 12.96
C LYS A 44 -5.93 -6.24 12.34
N ASP A 45 -5.94 -5.37 11.33
CA ASP A 45 -7.19 -5.00 10.65
C ASP A 45 -7.80 -6.22 9.94
N GLY A 46 -7.02 -6.84 9.05
CA GLY A 46 -7.50 -8.00 8.33
C GLY A 46 -7.92 -7.68 6.90
N LYS A 47 -8.38 -6.44 6.68
CA LYS A 47 -8.83 -6.01 5.36
C LYS A 47 -7.70 -6.11 4.33
N LEU A 48 -6.51 -5.62 4.69
CA LEU A 48 -5.37 -5.66 3.79
C LEU A 48 -4.63 -6.99 3.88
N GLN A 49 -4.54 -7.68 2.74
CA GLN A 49 -3.86 -8.96 2.63
C GLN A 49 -2.95 -8.98 1.40
N ILE A 50 -1.81 -9.68 1.49
CA ILE A 50 -0.87 -9.77 0.37
C ILE A 50 -1.60 -9.96 -0.96
N GLY A 51 -1.15 -9.24 -1.99
CA GLY A 51 -1.78 -9.35 -3.31
C GLY A 51 -2.61 -8.14 -3.68
N ASP A 52 -3.06 -7.36 -2.69
CA ASP A 52 -3.88 -6.18 -2.97
C ASP A 52 -3.04 -5.03 -3.51
N LYS A 53 -3.69 -4.16 -4.30
CA LYS A 53 -3.02 -3.02 -4.88
C LYS A 53 -3.57 -1.73 -4.27
N LEU A 54 -2.70 -0.74 -4.18
CA LEU A 54 -3.07 0.55 -3.60
C LEU A 54 -3.51 1.55 -4.66
N LEU A 55 -4.83 1.75 -4.74
CA LEU A 55 -5.41 2.69 -5.69
C LEU A 55 -4.96 4.11 -5.38
N ALA A 56 -5.13 4.53 -4.11
CA ALA A 56 -4.73 5.87 -3.71
C ALA A 56 -4.45 5.97 -2.20
N VAL A 57 -3.69 6.99 -1.81
CA VAL A 57 -3.35 7.21 -0.40
C VAL A 57 -3.34 8.70 -0.05
N ASN A 58 -4.31 9.12 0.77
CA ASN A 58 -4.43 10.52 1.19
C ASN A 58 -4.74 11.43 0.00
N ASN A 59 -5.72 11.01 -0.82
CA ASN A 59 -6.17 11.75 -2.01
C ASN A 59 -5.24 11.57 -3.22
N VAL A 60 -4.03 11.03 -3.01
CA VAL A 60 -3.10 10.82 -4.12
C VAL A 60 -3.23 9.39 -4.66
N CYS A 61 -3.07 9.22 -5.97
CA CYS A 61 -3.16 7.89 -6.56
C CYS A 61 -1.84 7.15 -6.40
N LEU A 62 -1.93 5.89 -5.98
CA LEU A 62 -0.74 5.05 -5.79
C LEU A 62 -0.60 4.04 -6.94
N GLU A 63 -1.10 4.41 -8.13
CA GLU A 63 -1.05 3.52 -9.30
C GLU A 63 -0.17 4.09 -10.42
N GLU A 64 0.04 5.42 -10.42
CA GLU A 64 0.86 6.06 -11.46
C GLU A 64 2.06 6.79 -10.85
N VAL A 65 2.73 6.15 -9.89
CA VAL A 65 3.89 6.73 -9.24
C VAL A 65 5.00 5.71 -9.00
N THR A 66 6.22 6.23 -8.85
CA THR A 66 7.40 5.39 -8.59
C THR A 66 7.31 4.80 -7.18
N HIS A 67 8.28 3.94 -6.83
CA HIS A 67 8.27 3.32 -5.51
C HIS A 67 8.36 4.37 -4.41
N GLU A 68 9.19 5.40 -4.62
CA GLU A 68 9.35 6.47 -3.63
C GLU A 68 7.98 7.00 -3.20
N GLU A 69 7.13 7.31 -4.17
CA GLU A 69 5.78 7.82 -3.90
C GLU A 69 4.95 6.80 -3.11
N ALA A 70 5.17 5.52 -3.40
CA ALA A 70 4.46 4.43 -2.71
C ALA A 70 4.76 4.46 -1.21
N VAL A 71 6.05 4.66 -0.88
CA VAL A 71 6.49 4.72 0.51
C VAL A 71 6.20 6.08 1.13
N THR A 72 6.37 7.14 0.33
CA THR A 72 6.14 8.50 0.80
C THR A 72 4.67 8.71 1.18
N ALA A 73 3.77 8.06 0.46
CA ALA A 73 2.33 8.17 0.71
C ALA A 73 1.92 7.31 1.90
N LEU A 74 2.55 6.15 2.03
CA LEU A 74 2.27 5.24 3.15
C LEU A 74 2.86 5.80 4.43
N LYS A 75 4.02 6.46 4.30
CA LYS A 75 4.70 7.04 5.45
C LYS A 75 4.12 8.40 5.85
N ASN A 76 3.50 9.10 4.89
CA ASN A 76 2.91 10.41 5.16
C ASN A 76 1.60 10.28 5.95
N THR A 77 1.71 9.85 7.20
CA THR A 77 0.55 9.66 8.07
C THR A 77 0.68 10.50 9.35
N SER A 78 -0.23 11.46 9.49
CA SER A 78 -0.23 12.34 10.66
C SER A 78 -1.03 11.71 11.80
N ASP A 79 -2.36 11.95 11.82
CA ASP A 79 -3.22 11.40 12.85
C ASP A 79 -3.92 10.13 12.34
N PHE A 80 -4.41 10.19 11.10
CA PHE A 80 -5.10 9.06 10.48
C PHE A 80 -4.53 8.80 9.09
N VAL A 81 -4.94 7.69 8.47
CA VAL A 81 -4.49 7.36 7.12
C VAL A 81 -5.63 6.74 6.32
N TYR A 82 -6.00 7.38 5.22
CA TYR A 82 -7.08 6.89 4.37
C TYR A 82 -6.52 6.10 3.19
N LEU A 83 -6.54 4.78 3.34
CA LEU A 83 -6.01 3.88 2.32
C LEU A 83 -7.06 3.51 1.28
N LYS A 84 -6.72 3.73 0.01
CA LYS A 84 -7.60 3.41 -1.11
C LYS A 84 -7.02 2.24 -1.89
N VAL A 85 -7.68 1.09 -1.81
CA VAL A 85 -7.20 -0.11 -2.50
C VAL A 85 -8.14 -0.50 -3.64
N ALA A 86 -7.54 -0.78 -4.82
CA ALA A 86 -8.32 -1.17 -5.99
C ALA A 86 -8.32 -2.68 -6.18
N LYS A 87 -9.36 -3.19 -6.85
CA LYS A 87 -9.48 -4.63 -7.10
C LYS A 87 -9.03 -4.96 -8.52
N PRO A 88 -8.17 -5.99 -8.69
CA PRO A 88 -7.66 -6.41 -10.00
C PRO A 88 -8.79 -6.73 -10.99
N THR A 89 -8.51 -6.54 -12.28
CA THR A 89 -9.50 -6.80 -13.33
C THR A 89 -8.82 -7.22 -14.63
N GLY A 90 -9.60 -7.71 -15.59
CA GLY A 90 -9.08 -8.12 -16.87
C GLY A 90 -7.99 -9.18 -16.76
N SER A 91 -8.38 -10.46 -16.79
CA SER A 91 -7.43 -11.56 -16.69
C SER A 91 -6.68 -11.75 -18.01
N HIS A 92 -7.41 -11.65 -19.13
CA HIS A 92 -6.82 -11.81 -20.46
C HIS A 92 -5.93 -10.61 -20.82
N ARG B 1 12.09 -4.79 -10.01
CA ARG B 1 11.12 -5.22 -8.95
C ARG B 1 11.77 -5.21 -7.56
N ARG B 2 11.26 -4.34 -6.69
CA ARG B 2 11.79 -4.22 -5.33
C ARG B 2 10.68 -3.85 -4.34
N GLU B 3 10.91 -4.16 -3.06
CA GLU B 3 9.94 -3.86 -2.02
C GLU B 3 10.60 -3.15 -0.83
N THR B 4 9.80 -2.41 -0.07
CA THR B 4 10.30 -1.68 1.10
C THR B 4 9.23 -1.56 2.17
N GLN B 5 9.64 -1.64 3.44
CA GLN B 5 8.72 -1.55 4.56
C GLN B 5 8.24 -0.11 4.77
N VAL B 6 7.03 0.02 5.30
CA VAL B 6 6.44 1.34 5.55
C VAL B 6 5.61 1.34 6.84
N MET A 1 -12.77 -1.72 -0.51
CA MET A 1 -12.30 -0.56 -1.33
C MET A 1 -11.42 0.38 -0.51
N GLU A 2 -11.95 0.87 0.61
CA GLU A 2 -11.20 1.78 1.48
C GLU A 2 -11.14 1.24 2.91
N ILE A 3 -10.17 1.71 3.69
CA ILE A 3 -10.00 1.30 5.07
C ILE A 3 -9.54 2.50 5.91
N LYS A 4 -10.09 2.65 7.11
CA LYS A 4 -9.71 3.76 7.98
C LYS A 4 -8.75 3.30 9.07
N LEU A 5 -7.46 3.39 8.77
CA LEU A 5 -6.42 2.96 9.71
C LEU A 5 -6.00 4.11 10.64
N ILE A 6 -6.05 3.84 11.94
CA ILE A 6 -5.67 4.84 12.95
C ILE A 6 -4.19 4.71 13.30
N LYS A 7 -3.47 5.83 13.21
CA LYS A 7 -2.04 5.85 13.51
C LYS A 7 -1.77 5.46 14.98
N GLY A 8 -1.11 4.31 15.16
CA GLY A 8 -0.78 3.84 16.50
C GLY A 8 0.68 4.09 16.83
N PRO A 9 1.31 3.23 17.67
CA PRO A 9 2.72 3.38 18.03
C PRO A 9 3.61 3.35 16.79
N LYS A 10 3.95 2.14 16.31
CA LYS A 10 4.78 2.00 15.12
C LYS A 10 4.06 2.54 13.89
N GLY A 11 2.90 1.96 13.58
CA GLY A 11 2.12 2.40 12.43
C GLY A 11 1.77 1.26 11.49
N LEU A 12 1.86 1.54 10.18
CA LEU A 12 1.54 0.56 9.13
C LEU A 12 1.98 -0.86 9.52
N GLY A 13 3.29 -1.04 9.73
CA GLY A 13 3.82 -2.34 10.10
C GLY A 13 3.74 -3.36 8.98
N PHE A 14 4.18 -2.96 7.78
CA PHE A 14 4.17 -3.85 6.61
C PHE A 14 5.08 -3.29 5.52
N SER A 15 5.08 -3.90 4.33
CA SER A 15 5.89 -3.44 3.22
C SER A 15 5.05 -3.35 1.96
N ILE A 16 5.65 -2.81 0.89
CA ILE A 16 4.95 -2.67 -0.39
C ILE A 16 5.94 -2.59 -1.54
N ALA A 17 5.40 -2.59 -2.76
CA ALA A 17 6.17 -2.47 -3.99
C ALA A 17 5.43 -1.46 -4.87
N GLY A 18 6.05 -0.91 -5.91
CA GLY A 18 5.28 0.03 -6.72
C GLY A 18 6.06 0.88 -7.69
N GLY A 19 5.63 0.93 -8.96
CA GLY A 19 6.31 1.77 -9.94
C GLY A 19 7.09 0.97 -10.95
N VAL A 20 7.34 1.56 -12.11
CA VAL A 20 8.10 0.89 -13.17
C VAL A 20 9.53 0.64 -12.71
N GLY A 21 10.09 -0.53 -13.06
CA GLY A 21 11.44 -0.88 -12.65
C GLY A 21 11.50 -1.47 -11.24
N ASN A 22 10.43 -1.26 -10.48
CA ASN A 22 10.30 -1.77 -9.12
C ASN A 22 8.89 -2.34 -8.90
N GLN A 23 8.20 -2.67 -10.00
CA GLN A 23 6.82 -3.18 -9.95
C GLN A 23 6.70 -4.46 -9.12
N HIS A 24 5.55 -4.60 -8.47
CA HIS A 24 5.26 -5.77 -7.65
C HIS A 24 4.59 -6.88 -8.47
N ILE A 25 3.90 -6.48 -9.54
CA ILE A 25 3.21 -7.43 -10.41
C ILE A 25 3.22 -6.93 -11.85
N PRO A 26 3.62 -7.80 -12.81
CA PRO A 26 3.67 -7.43 -14.24
C PRO A 26 2.31 -6.97 -14.76
N GLY A 27 2.29 -5.78 -15.36
CA GLY A 27 1.05 -5.24 -15.90
C GLY A 27 0.52 -4.09 -15.06
N ASP A 28 0.33 -4.33 -13.76
CA ASP A 28 -0.18 -3.32 -12.85
C ASP A 28 0.96 -2.64 -12.09
N ASN A 29 1.19 -1.36 -12.42
CA ASN A 29 2.25 -0.57 -11.78
C ASN A 29 1.76 0.09 -10.49
N SER A 30 0.65 -0.39 -9.92
CA SER A 30 0.12 0.15 -8.67
C SER A 30 0.83 -0.49 -7.48
N ILE A 31 0.80 0.19 -6.34
CA ILE A 31 1.50 -0.31 -5.14
C ILE A 31 0.79 -1.50 -4.49
N TYR A 32 1.54 -2.59 -4.29
CA TYR A 32 1.03 -3.81 -3.65
C TYR A 32 1.82 -4.12 -2.39
N VAL A 33 1.16 -4.72 -1.40
CA VAL A 33 1.82 -5.10 -0.15
C VAL A 33 2.67 -6.36 -0.36
N THR A 34 3.93 -6.30 0.06
CA THR A 34 4.85 -7.43 -0.10
C THR A 34 5.03 -8.26 1.17
N LYS A 35 4.92 -7.63 2.34
CA LYS A 35 5.07 -8.34 3.62
C LYS A 35 4.42 -7.58 4.78
N ILE A 36 3.49 -8.23 5.47
CA ILE A 36 2.82 -7.60 6.60
C ILE A 36 3.44 -8.05 7.93
N ILE A 37 3.92 -7.08 8.72
CA ILE A 37 4.54 -7.37 10.01
C ILE A 37 3.47 -7.63 11.07
N GLU A 38 3.79 -8.49 12.04
CA GLU A 38 2.86 -8.83 13.12
C GLU A 38 2.56 -7.61 13.99
N GLY A 39 1.33 -7.56 14.52
CA GLY A 39 0.92 -6.45 15.37
C GLY A 39 0.93 -5.11 14.66
N GLY A 40 0.96 -5.13 13.32
CA GLY A 40 0.97 -3.89 12.56
C GLY A 40 -0.42 -3.40 12.18
N ALA A 41 -0.50 -2.17 11.69
CA ALA A 41 -1.77 -1.55 11.29
C ALA A 41 -2.62 -2.50 10.44
N ALA A 42 -2.07 -2.94 9.30
CA ALA A 42 -2.79 -3.85 8.41
C ALA A 42 -3.03 -5.21 9.08
N HIS A 43 -1.96 -5.78 9.64
CA HIS A 43 -2.04 -7.08 10.31
C HIS A 43 -3.17 -7.13 11.35
N LYS A 44 -3.24 -6.10 12.20
CA LYS A 44 -4.28 -6.03 13.24
C LYS A 44 -5.66 -5.76 12.64
N ASP A 45 -5.70 -4.90 11.61
CA ASP A 45 -6.96 -4.56 10.95
C ASP A 45 -7.58 -5.78 10.29
N GLY A 46 -6.79 -6.50 9.49
CA GLY A 46 -7.29 -7.69 8.82
C GLY A 46 -7.80 -7.41 7.42
N LYS A 47 -8.26 -6.18 7.17
CA LYS A 47 -8.77 -5.80 5.85
C LYS A 47 -7.68 -5.90 4.78
N LEU A 48 -6.49 -5.40 5.09
CA LEU A 48 -5.37 -5.43 4.15
C LEU A 48 -4.65 -6.78 4.21
N GLN A 49 -4.57 -7.46 3.07
CA GLN A 49 -3.90 -8.74 2.95
C GLN A 49 -2.94 -8.74 1.76
N ILE A 50 -1.80 -9.42 1.89
CA ILE A 50 -0.81 -9.49 0.81
C ILE A 50 -1.48 -9.80 -0.52
N GLY A 51 -1.23 -8.95 -1.52
CA GLY A 51 -1.83 -9.15 -2.84
C GLY A 51 -2.69 -7.98 -3.28
N ASP A 52 -3.19 -7.18 -2.32
CA ASP A 52 -4.02 -6.03 -2.65
C ASP A 52 -3.21 -4.92 -3.32
N LYS A 53 -3.89 -4.12 -4.15
CA LYS A 53 -3.25 -3.02 -4.84
C LYS A 53 -3.70 -1.68 -4.27
N LEU A 54 -2.81 -0.71 -4.33
CA LEU A 54 -3.10 0.62 -3.79
C LEU A 54 -3.54 1.58 -4.88
N LEU A 55 -4.81 1.98 -4.81
CA LEU A 55 -5.39 2.91 -5.76
C LEU A 55 -5.00 4.34 -5.38
N ALA A 56 -5.26 4.72 -4.11
CA ALA A 56 -4.91 6.07 -3.65
C ALA A 56 -4.64 6.09 -2.13
N VAL A 57 -3.87 7.09 -1.68
CA VAL A 57 -3.54 7.21 -0.26
C VAL A 57 -3.61 8.68 0.18
N ASN A 58 -4.55 9.00 1.07
CA ASN A 58 -4.72 10.36 1.57
C ASN A 58 -5.10 11.33 0.44
N ASN A 59 -5.98 10.87 -0.45
CA ASN A 59 -6.47 11.67 -1.59
C ASN A 59 -5.53 11.60 -2.80
N VAL A 60 -4.30 11.14 -2.61
CA VAL A 60 -3.34 11.03 -3.71
C VAL A 60 -3.43 9.64 -4.34
N CYS A 61 -3.18 9.55 -5.65
CA CYS A 61 -3.23 8.26 -6.33
C CYS A 61 -1.87 7.56 -6.22
N LEU A 62 -1.90 6.29 -5.83
CA LEU A 62 -0.69 5.50 -5.69
C LEU A 62 -0.48 4.55 -6.89
N GLU A 63 -0.96 4.95 -8.06
CA GLU A 63 -0.82 4.14 -9.26
C GLU A 63 0.49 4.46 -9.98
N GLU A 64 0.42 5.16 -11.12
CA GLU A 64 1.61 5.51 -11.92
C GLU A 64 2.63 6.39 -11.17
N VAL A 65 3.22 5.81 -10.12
CA VAL A 65 4.21 6.50 -9.31
C VAL A 65 5.40 5.60 -9.05
N THR A 66 6.56 6.21 -8.77
CA THR A 66 7.77 5.43 -8.47
C THR A 66 7.64 4.82 -7.08
N HIS A 67 8.44 3.78 -6.82
CA HIS A 67 8.37 3.10 -5.52
C HIS A 67 8.50 4.10 -4.37
N GLU A 68 9.34 5.12 -4.54
CA GLU A 68 9.53 6.14 -3.51
C GLU A 68 8.19 6.78 -3.12
N GLU A 69 7.33 7.04 -4.11
CA GLU A 69 6.01 7.62 -3.86
C GLU A 69 5.16 6.67 -3.02
N ALA A 70 5.28 5.36 -3.29
CA ALA A 70 4.55 4.34 -2.55
C ALA A 70 4.90 4.38 -1.07
N VAL A 71 6.19 4.59 -0.79
CA VAL A 71 6.69 4.67 0.58
C VAL A 71 6.44 6.04 1.20
N THR A 72 6.61 7.10 0.40
CA THR A 72 6.40 8.46 0.88
C THR A 72 4.95 8.72 1.26
N ALA A 73 4.01 8.14 0.51
CA ALA A 73 2.59 8.32 0.76
C ALA A 73 2.11 7.48 1.93
N LEU A 74 2.62 6.25 2.03
CA LEU A 74 2.25 5.35 3.12
C LEU A 74 2.89 5.80 4.43
N LYS A 75 4.06 6.40 4.32
CA LYS A 75 4.80 6.90 5.49
C LYS A 75 4.25 8.25 5.97
N ASN A 76 3.62 9.00 5.06
CA ASN A 76 3.06 10.32 5.41
C ASN A 76 1.75 10.18 6.18
N THR A 77 1.85 9.70 7.42
CA THR A 77 0.69 9.51 8.27
C THR A 77 0.84 10.26 9.60
N SER A 78 -0.20 11.02 9.96
CA SER A 78 -0.18 11.79 11.20
C SER A 78 -1.09 11.15 12.25
N ASP A 79 -2.40 11.42 12.16
CA ASP A 79 -3.38 10.87 13.09
C ASP A 79 -4.09 9.67 12.48
N PHE A 80 -4.56 9.83 11.25
CA PHE A 80 -5.26 8.76 10.53
C PHE A 80 -4.68 8.59 9.13
N VAL A 81 -5.05 7.49 8.46
CA VAL A 81 -4.59 7.22 7.10
C VAL A 81 -5.72 6.61 6.28
N TYR A 82 -6.11 7.27 5.20
CA TYR A 82 -7.19 6.77 4.35
C TYR A 82 -6.63 6.02 3.15
N LEU A 83 -6.61 4.70 3.27
CA LEU A 83 -6.09 3.83 2.23
C LEU A 83 -7.16 3.48 1.19
N LYS A 84 -6.81 3.68 -0.08
CA LYS A 84 -7.71 3.38 -1.19
C LYS A 84 -7.13 2.26 -2.05
N VAL A 85 -7.85 1.15 -2.15
CA VAL A 85 -7.38 0.02 -2.94
C VAL A 85 -8.39 -0.37 -4.01
N ALA A 86 -7.89 -0.60 -5.23
CA ALA A 86 -8.74 -0.98 -6.36
C ALA A 86 -8.88 -2.49 -6.48
N LYS A 87 -9.99 -2.93 -7.08
CA LYS A 87 -10.25 -4.36 -7.25
C LYS A 87 -9.87 -4.80 -8.67
N PRO A 88 -9.08 -5.88 -8.80
CA PRO A 88 -8.64 -6.41 -10.10
C PRO A 88 -9.79 -7.08 -10.86
N THR A 89 -9.68 -7.10 -12.19
CA THR A 89 -10.71 -7.72 -13.04
C THR A 89 -10.07 -8.36 -14.27
N GLY A 90 -9.59 -7.53 -15.19
CA GLY A 90 -8.96 -8.05 -16.40
C GLY A 90 -9.69 -7.63 -17.66
N SER A 91 -8.95 -7.05 -18.61
CA SER A 91 -9.54 -6.60 -19.87
C SER A 91 -9.33 -7.63 -20.98
N HIS A 92 -8.10 -8.16 -21.06
CA HIS A 92 -7.76 -9.16 -22.08
C HIS A 92 -8.29 -10.54 -21.70
N ARG B 1 11.85 -5.00 -9.99
CA ARG B 1 10.99 -5.25 -8.79
C ARG B 1 11.69 -4.81 -7.50
N ARG B 2 11.01 -3.96 -6.73
CA ARG B 2 11.57 -3.47 -5.47
C ARG B 2 10.52 -3.52 -4.35
N GLU B 3 10.93 -4.08 -3.22
CA GLU B 3 10.04 -4.20 -2.06
C GLU B 3 10.67 -3.54 -0.84
N THR B 4 9.96 -2.58 -0.26
CA THR B 4 10.46 -1.86 0.92
C THR B 4 9.39 -1.75 2.00
N GLN B 5 9.81 -1.75 3.26
CA GLN B 5 8.89 -1.65 4.39
C GLN B 5 8.48 -0.20 4.62
N VAL B 6 7.27 -0.02 5.15
CA VAL B 6 6.72 1.30 5.43
C VAL B 6 5.92 1.32 6.72
N MET A 1 -12.36 0.91 -3.16
CA MET A 1 -12.78 0.78 -1.74
C MET A 1 -11.85 1.55 -0.80
N GLU A 2 -12.37 1.97 0.34
CA GLU A 2 -11.61 2.72 1.33
C GLU A 2 -11.57 1.99 2.67
N ILE A 3 -10.54 2.30 3.47
CA ILE A 3 -10.37 1.70 4.79
C ILE A 3 -9.73 2.73 5.73
N LYS A 4 -10.46 3.15 6.75
CA LYS A 4 -9.94 4.14 7.70
C LYS A 4 -9.02 3.49 8.73
N LEU A 5 -7.73 3.47 8.39
CA LEU A 5 -6.72 2.85 9.26
C LEU A 5 -6.16 3.83 10.28
N ILE A 6 -6.01 3.34 11.52
CA ILE A 6 -5.49 4.14 12.63
C ILE A 6 -3.96 4.01 12.69
N LYS A 7 -3.29 5.02 13.23
CA LYS A 7 -1.83 4.98 13.34
C LYS A 7 -1.41 4.24 14.61
N GLY A 8 -0.44 3.35 14.48
CA GLY A 8 0.05 2.59 15.62
C GLY A 8 1.28 3.23 16.26
N PRO A 9 1.95 2.53 17.20
CA PRO A 9 3.14 3.04 17.87
C PRO A 9 4.29 3.27 16.89
N LYS A 10 4.93 2.19 16.42
CA LYS A 10 6.04 2.28 15.47
C LYS A 10 5.59 2.91 14.16
N GLY A 11 4.68 2.22 13.46
CA GLY A 11 4.20 2.73 12.18
C GLY A 11 3.08 1.87 11.60
N LEU A 12 3.16 1.61 10.29
CA LEU A 12 2.16 0.80 9.61
C LEU A 12 2.30 -0.68 9.96
N GLY A 13 3.54 -1.15 10.06
CA GLY A 13 3.79 -2.54 10.40
C GLY A 13 3.71 -3.48 9.20
N PHE A 14 4.13 -3.01 8.03
CA PHE A 14 4.11 -3.81 6.81
C PHE A 14 5.04 -3.21 5.75
N SER A 15 5.03 -3.78 4.55
CA SER A 15 5.84 -3.28 3.45
C SER A 15 4.98 -3.09 2.20
N ILE A 16 5.56 -2.49 1.18
CA ILE A 16 4.85 -2.24 -0.07
C ILE A 16 5.82 -2.13 -1.24
N ALA A 17 5.26 -2.12 -2.44
CA ALA A 17 6.01 -1.99 -3.67
C ALA A 17 5.25 -1.02 -4.57
N GLY A 18 5.85 -0.52 -5.64
CA GLY A 18 5.10 0.38 -6.51
C GLY A 18 5.94 1.16 -7.50
N GLY A 19 5.60 1.10 -8.80
CA GLY A 19 6.36 1.88 -9.77
C GLY A 19 7.20 1.04 -10.71
N VAL A 20 7.47 1.60 -11.89
CA VAL A 20 8.29 0.92 -12.90
C VAL A 20 9.73 0.75 -12.38
N GLY A 21 10.38 -0.33 -12.81
CA GLY A 21 11.75 -0.60 -12.36
C GLY A 21 11.80 -1.28 -11.00
N ASN A 22 10.71 -1.16 -10.24
CA ASN A 22 10.59 -1.79 -8.92
C ASN A 22 9.19 -2.43 -8.77
N GLN A 23 8.51 -2.65 -9.91
CA GLN A 23 7.16 -3.21 -9.94
C GLN A 23 6.99 -4.47 -9.08
N HIS A 24 5.85 -4.55 -8.40
CA HIS A 24 5.50 -5.68 -7.55
C HIS A 24 4.71 -6.73 -8.32
N ILE A 25 3.92 -6.27 -9.29
CA ILE A 25 3.09 -7.17 -10.09
C ILE A 25 3.21 -6.83 -11.58
N PRO A 26 3.51 -7.83 -12.43
CA PRO A 26 3.66 -7.63 -13.88
C PRO A 26 2.40 -7.05 -14.52
N GLY A 27 2.54 -5.88 -15.15
CA GLY A 27 1.40 -5.25 -15.78
C GLY A 27 0.84 -4.09 -14.98
N ASP A 28 0.63 -4.32 -13.68
CA ASP A 28 0.09 -3.28 -12.79
C ASP A 28 1.20 -2.61 -11.99
N ASN A 29 1.44 -1.33 -12.27
CA ASN A 29 2.48 -0.56 -11.57
C ASN A 29 1.93 0.06 -10.27
N SER A 30 0.81 -0.47 -9.77
CA SER A 30 0.20 0.04 -8.54
C SER A 30 1.08 -0.27 -7.33
N ILE A 31 0.61 0.15 -6.15
CA ILE A 31 1.36 -0.10 -4.92
C ILE A 31 0.80 -1.33 -4.18
N TYR A 32 1.57 -2.42 -4.18
CA TYR A 32 1.17 -3.67 -3.55
C TYR A 32 1.95 -3.97 -2.28
N VAL A 33 1.27 -4.56 -1.29
CA VAL A 33 1.91 -4.95 -0.03
C VAL A 33 2.70 -6.24 -0.22
N THR A 34 3.97 -6.22 0.15
CA THR A 34 4.85 -7.39 -0.01
C THR A 34 5.04 -8.21 1.27
N LYS A 35 4.97 -7.57 2.43
CA LYS A 35 5.16 -8.27 3.71
C LYS A 35 4.51 -7.53 4.88
N ILE A 36 3.57 -8.19 5.55
CA ILE A 36 2.90 -7.57 6.69
C ILE A 36 3.50 -8.08 8.00
N ILE A 37 3.99 -7.15 8.83
CA ILE A 37 4.60 -7.49 10.11
C ILE A 37 3.52 -7.82 11.15
N GLU A 38 3.84 -8.74 12.06
CA GLU A 38 2.90 -9.16 13.11
C GLU A 38 2.53 -7.96 13.99
N GLY A 39 1.28 -7.95 14.48
CA GLY A 39 0.81 -6.86 15.32
C GLY A 39 0.84 -5.49 14.64
N GLY A 40 0.88 -5.49 13.30
CA GLY A 40 0.91 -4.24 12.57
C GLY A 40 -0.47 -3.70 12.24
N ALA A 41 -0.54 -2.44 11.81
CA ALA A 41 -1.81 -1.80 11.47
C ALA A 41 -2.66 -2.68 10.55
N ALA A 42 -2.07 -3.15 9.45
CA ALA A 42 -2.77 -4.01 8.50
C ALA A 42 -3.04 -5.40 9.10
N HIS A 43 -1.98 -6.02 9.62
CA HIS A 43 -2.09 -7.36 10.22
C HIS A 43 -3.21 -7.42 11.26
N LYS A 44 -3.26 -6.43 12.15
CA LYS A 44 -4.28 -6.36 13.19
C LYS A 44 -5.67 -6.08 12.61
N ASP A 45 -5.72 -5.22 11.59
CA ASP A 45 -6.98 -4.87 10.93
C ASP A 45 -7.62 -6.09 10.27
N GLY A 46 -6.83 -6.79 9.44
CA GLY A 46 -7.34 -7.97 8.75
C GLY A 46 -7.81 -7.67 7.33
N LYS A 47 -8.25 -6.43 7.09
CA LYS A 47 -8.73 -6.02 5.78
C LYS A 47 -7.61 -6.07 4.73
N LEU A 48 -6.41 -5.63 5.11
CA LEU A 48 -5.28 -5.63 4.21
C LEU A 48 -4.51 -6.95 4.27
N GLN A 49 -4.35 -7.57 3.11
CA GLN A 49 -3.63 -8.84 2.99
C GLN A 49 -2.60 -8.77 1.86
N ILE A 50 -1.45 -9.40 2.04
CA ILE A 50 -0.39 -9.40 1.03
C ILE A 50 -0.95 -9.74 -0.35
N GLY A 51 -0.75 -8.82 -1.30
CA GLY A 51 -1.24 -9.02 -2.66
C GLY A 51 -2.21 -7.94 -3.12
N ASP A 52 -2.85 -7.24 -2.17
CA ASP A 52 -3.79 -6.19 -2.53
C ASP A 52 -3.07 -5.02 -3.20
N LYS A 53 -3.81 -4.21 -3.95
CA LYS A 53 -3.23 -3.06 -4.62
C LYS A 53 -3.75 -1.76 -4.03
N LEU A 54 -2.89 -0.75 -4.05
CA LEU A 54 -3.24 0.54 -3.50
C LEU A 54 -3.65 1.53 -4.59
N LEU A 55 -4.97 1.74 -4.69
CA LEU A 55 -5.54 2.66 -5.65
C LEU A 55 -5.10 4.09 -5.33
N ALA A 56 -5.27 4.50 -4.07
CA ALA A 56 -4.88 5.85 -3.66
C ALA A 56 -4.53 5.92 -2.17
N VAL A 57 -3.74 6.94 -1.79
CA VAL A 57 -3.34 7.14 -0.40
C VAL A 57 -3.43 8.61 0.00
N ASN A 58 -4.42 8.94 0.83
CA ASN A 58 -4.62 10.31 1.30
C ASN A 58 -4.97 11.26 0.13
N ASN A 59 -5.93 10.84 -0.69
CA ASN A 59 -6.39 11.62 -1.84
C ASN A 59 -5.47 11.49 -3.07
N VAL A 60 -4.25 10.97 -2.89
CA VAL A 60 -3.32 10.80 -4.00
C VAL A 60 -3.45 9.40 -4.59
N CYS A 61 -3.24 9.27 -5.91
CA CYS A 61 -3.33 7.96 -6.54
C CYS A 61 -2.01 7.22 -6.41
N LEU A 62 -2.08 5.96 -5.99
CA LEU A 62 -0.89 5.13 -5.82
C LEU A 62 -0.75 4.12 -6.97
N GLU A 63 -1.22 4.48 -8.17
CA GLU A 63 -1.16 3.61 -9.33
C GLU A 63 -0.27 4.16 -10.45
N GLU A 64 0.01 5.47 -10.42
CA GLU A 64 0.85 6.09 -11.45
C GLU A 64 2.06 6.79 -10.84
N VAL A 65 2.78 6.07 -9.96
CA VAL A 65 3.95 6.63 -9.30
C VAL A 65 5.05 5.60 -9.09
N THR A 66 6.28 6.09 -8.92
CA THR A 66 7.44 5.23 -8.68
C THR A 66 7.36 4.63 -7.28
N HIS A 67 8.45 4.04 -6.78
CA HIS A 67 8.43 3.47 -5.45
C HIS A 67 8.55 4.56 -4.39
N GLU A 68 9.39 5.57 -4.66
CA GLU A 68 9.55 6.69 -3.73
C GLU A 68 8.20 7.27 -3.33
N GLU A 69 7.28 7.36 -4.31
CA GLU A 69 5.93 7.87 -4.06
C GLU A 69 5.09 6.86 -3.30
N ALA A 70 5.27 5.56 -3.63
CA ALA A 70 4.55 4.48 -2.95
C ALA A 70 4.94 4.41 -1.47
N VAL A 71 6.24 4.46 -1.23
CA VAL A 71 6.79 4.39 0.12
C VAL A 71 6.52 5.67 0.92
N THR A 72 6.67 6.82 0.27
CA THR A 72 6.45 8.12 0.92
C THR A 72 4.97 8.34 1.25
N ALA A 73 4.08 7.84 0.39
CA ALA A 73 2.64 7.98 0.59
C ALA A 73 2.19 7.21 1.82
N LEU A 74 2.73 6.00 1.96
CA LEU A 74 2.42 5.16 3.12
C LEU A 74 3.10 5.73 4.34
N LYS A 75 4.33 6.21 4.14
CA LYS A 75 5.14 6.80 5.21
C LYS A 75 4.48 8.06 5.79
N ASN A 76 3.75 8.80 4.94
CA ASN A 76 3.09 10.02 5.37
C ASN A 76 1.88 9.75 6.27
N THR A 77 2.16 9.24 7.47
CA THR A 77 1.11 8.92 8.44
C THR A 77 1.34 9.66 9.76
N SER A 78 0.28 10.29 10.26
CA SER A 78 0.35 11.03 11.53
C SER A 78 -0.57 10.41 12.57
N ASP A 79 -1.86 10.71 12.47
CA ASP A 79 -2.86 10.16 13.39
C ASP A 79 -3.68 9.09 12.68
N PHE A 80 -4.17 9.42 11.48
CA PHE A 80 -4.96 8.49 10.68
C PHE A 80 -4.43 8.41 9.26
N VAL A 81 -4.85 7.39 8.52
CA VAL A 81 -4.43 7.21 7.14
C VAL A 81 -5.60 6.70 6.30
N TYR A 82 -5.93 7.39 5.21
CA TYR A 82 -7.03 6.98 4.36
C TYR A 82 -6.52 6.12 3.21
N LEU A 83 -6.64 4.81 3.39
CA LEU A 83 -6.17 3.85 2.41
C LEU A 83 -7.23 3.54 1.34
N LYS A 84 -6.85 3.75 0.08
CA LYS A 84 -7.73 3.48 -1.05
C LYS A 84 -7.19 2.30 -1.85
N VAL A 85 -7.87 1.16 -1.74
CA VAL A 85 -7.43 -0.06 -2.44
C VAL A 85 -8.29 -0.33 -3.67
N ALA A 86 -7.63 -0.65 -4.79
CA ALA A 86 -8.32 -0.93 -6.05
C ALA A 86 -8.69 -2.41 -6.14
N LYS A 87 -9.84 -2.68 -6.78
CA LYS A 87 -10.32 -4.05 -6.95
C LYS A 87 -9.85 -4.62 -8.29
N PRO A 88 -9.18 -5.79 -8.28
CA PRO A 88 -8.69 -6.44 -9.50
C PRO A 88 -9.80 -6.70 -10.51
N THR A 89 -9.48 -6.53 -11.80
CA THR A 89 -10.45 -6.74 -12.88
C THR A 89 -9.77 -7.34 -14.11
N GLY A 90 -10.58 -7.90 -15.01
CA GLY A 90 -10.04 -8.49 -16.23
C GLY A 90 -11.13 -9.00 -17.16
N SER A 91 -11.06 -8.58 -18.42
CA SER A 91 -12.04 -8.99 -19.44
C SER A 91 -11.77 -10.41 -19.90
N HIS A 92 -10.49 -10.71 -20.20
CA HIS A 92 -10.10 -12.03 -20.66
C HIS A 92 -9.96 -13.00 -19.48
N ARG B 1 12.36 -5.13 -10.00
CA ARG B 1 11.41 -5.13 -8.85
C ARG B 1 12.13 -4.84 -7.53
N ARG B 2 11.51 -4.00 -6.69
CA ARG B 2 12.08 -3.64 -5.40
C ARG B 2 10.97 -3.38 -4.38
N GLU B 3 11.09 -4.02 -3.22
CA GLU B 3 10.10 -3.87 -2.15
C GLU B 3 10.73 -3.20 -0.93
N THR B 4 9.93 -2.41 -0.22
CA THR B 4 10.41 -1.71 0.97
C THR B 4 9.32 -1.61 2.04
N GLN B 5 9.73 -1.59 3.31
CA GLN B 5 8.80 -1.49 4.42
C GLN B 5 8.37 -0.05 4.66
N VAL B 6 7.24 0.11 5.36
CA VAL B 6 6.70 1.43 5.67
C VAL B 6 6.02 1.45 7.04
N MET A 1 -11.12 -1.43 -2.15
CA MET A 1 -11.96 -0.41 -1.45
C MET A 1 -11.12 0.43 -0.47
N GLU A 2 -11.75 1.46 0.08
CA GLU A 2 -11.07 2.34 1.03
C GLU A 2 -10.97 1.68 2.40
N ILE A 3 -9.87 1.94 3.11
CA ILE A 3 -9.65 1.38 4.43
C ILE A 3 -8.92 2.38 5.34
N LYS A 4 -9.69 3.07 6.18
CA LYS A 4 -9.13 4.04 7.11
C LYS A 4 -8.89 3.36 8.46
N LEU A 5 -7.88 3.80 9.20
CA LEU A 5 -7.58 3.20 10.51
C LEU A 5 -6.99 4.25 11.45
N ILE A 6 -6.87 3.87 12.73
CA ILE A 6 -6.32 4.77 13.73
C ILE A 6 -4.83 4.47 13.97
N LYS A 7 -3.99 5.49 13.80
CA LYS A 7 -2.54 5.34 13.97
C LYS A 7 -2.18 4.75 15.33
N GLY A 8 -1.38 3.69 15.32
CA GLY A 8 -0.95 3.06 16.56
C GLY A 8 0.43 3.53 16.99
N PRO A 9 1.20 2.67 17.69
CA PRO A 9 2.55 3.02 18.15
C PRO A 9 3.53 3.18 16.99
N LYS A 10 4.02 2.05 16.46
CA LYS A 10 4.96 2.07 15.34
C LYS A 10 4.31 2.65 14.08
N GLY A 11 3.24 2.00 13.61
CA GLY A 11 2.54 2.46 12.43
C GLY A 11 2.09 1.33 11.53
N LEU A 12 2.11 1.59 10.22
CA LEU A 12 1.71 0.59 9.21
C LEU A 12 2.11 -0.82 9.61
N GLY A 13 3.42 -1.06 9.73
CA GLY A 13 3.90 -2.37 10.11
C GLY A 13 3.81 -3.39 8.97
N PHE A 14 4.24 -2.98 7.78
CA PHE A 14 4.20 -3.86 6.61
C PHE A 14 5.10 -3.30 5.50
N SER A 15 5.07 -3.92 4.32
CA SER A 15 5.88 -3.47 3.19
C SER A 15 5.00 -3.30 1.96
N ILE A 16 5.59 -2.76 0.88
CA ILE A 16 4.87 -2.55 -0.37
C ILE A 16 5.81 -2.42 -1.55
N ALA A 17 5.22 -2.36 -2.73
CA ALA A 17 5.94 -2.17 -3.98
C ALA A 17 5.14 -1.16 -4.81
N GLY A 18 5.70 -0.63 -5.91
CA GLY A 18 4.92 0.31 -6.69
C GLY A 18 5.69 1.11 -7.71
N GLY A 19 5.29 1.04 -8.99
CA GLY A 19 5.95 1.82 -10.01
C GLY A 19 6.83 1.00 -10.94
N VAL A 20 7.13 1.57 -12.10
CA VAL A 20 7.98 0.92 -13.10
C VAL A 20 9.40 0.71 -12.56
N GLY A 21 10.03 -0.39 -12.94
CA GLY A 21 11.38 -0.68 -12.47
C GLY A 21 11.39 -1.38 -11.11
N ASN A 22 10.29 -1.25 -10.37
CA ASN A 22 10.15 -1.89 -9.06
C ASN A 22 8.77 -2.57 -8.95
N GLN A 23 8.08 -2.73 -10.08
CA GLN A 23 6.74 -3.33 -10.12
C GLN A 23 6.62 -4.60 -9.26
N HIS A 24 5.49 -4.70 -8.56
CA HIS A 24 5.21 -5.84 -7.70
C HIS A 24 4.49 -6.96 -8.46
N ILE A 25 3.80 -6.59 -9.54
CA ILE A 25 3.07 -7.56 -10.34
C ILE A 25 3.04 -7.13 -11.82
N PRO A 26 3.45 -8.03 -12.73
CA PRO A 26 3.48 -7.74 -14.18
C PRO A 26 2.14 -7.23 -14.70
N GLY A 27 2.19 -6.07 -15.36
CA GLY A 27 0.97 -5.48 -15.91
C GLY A 27 0.46 -4.31 -15.08
N ASP A 28 0.28 -4.53 -13.78
CA ASP A 28 -0.22 -3.51 -12.88
C ASP A 28 0.93 -2.82 -12.12
N ASN A 29 1.20 -1.56 -12.46
CA ASN A 29 2.27 -0.80 -11.81
C ASN A 29 1.78 -0.14 -10.51
N SER A 30 0.67 -0.63 -9.95
CA SER A 30 0.11 -0.10 -8.71
C SER A 30 0.99 -0.48 -7.52
N ILE A 31 0.58 -0.08 -6.32
CA ILE A 31 1.33 -0.40 -5.12
C ILE A 31 0.74 -1.63 -4.41
N TYR A 32 1.54 -2.69 -4.34
CA TYR A 32 1.10 -3.94 -3.71
C TYR A 32 1.90 -4.25 -2.45
N VAL A 33 1.23 -4.78 -1.43
CA VAL A 33 1.88 -5.16 -0.17
C VAL A 33 2.62 -6.49 -0.33
N THR A 34 3.92 -6.49 0.03
CA THR A 34 4.75 -7.68 -0.13
C THR A 34 4.96 -8.45 1.20
N LYS A 35 4.91 -7.76 2.33
CA LYS A 35 5.11 -8.42 3.64
C LYS A 35 4.46 -7.65 4.78
N ILE A 36 3.50 -8.27 5.46
CA ILE A 36 2.83 -7.63 6.58
C ILE A 36 3.45 -8.08 7.91
N ILE A 37 3.96 -7.12 8.68
CA ILE A 37 4.59 -7.41 9.97
C ILE A 37 3.54 -7.69 11.04
N GLU A 38 3.85 -8.61 11.95
CA GLU A 38 2.92 -8.98 13.03
C GLU A 38 2.57 -7.78 13.90
N GLY A 39 1.35 -7.80 14.45
CA GLY A 39 0.88 -6.73 15.30
C GLY A 39 0.91 -5.35 14.63
N GLY A 40 0.92 -5.34 13.30
CA GLY A 40 0.96 -4.09 12.56
C GLY A 40 -0.43 -3.55 12.23
N ALA A 41 -0.47 -2.32 11.71
CA ALA A 41 -1.73 -1.67 11.34
C ALA A 41 -2.60 -2.57 10.46
N ALA A 42 -2.00 -3.12 9.39
CA ALA A 42 -2.73 -4.00 8.48
C ALA A 42 -2.99 -5.36 9.11
N HIS A 43 -1.91 -5.99 9.60
CA HIS A 43 -2.00 -7.30 10.24
C HIS A 43 -3.10 -7.36 11.30
N LYS A 44 -3.19 -6.32 12.13
CA LYS A 44 -4.20 -6.24 13.18
C LYS A 44 -5.59 -5.94 12.59
N ASP A 45 -5.61 -5.12 11.54
CA ASP A 45 -6.87 -4.76 10.88
C ASP A 45 -7.56 -5.99 10.30
N GLY A 46 -6.81 -6.76 9.51
CA GLY A 46 -7.37 -7.97 8.91
C GLY A 46 -7.92 -7.75 7.51
N LYS A 47 -8.31 -6.52 7.18
CA LYS A 47 -8.85 -6.20 5.87
C LYS A 47 -7.76 -6.23 4.79
N LEU A 48 -6.56 -5.78 5.13
CA LEU A 48 -5.45 -5.76 4.18
C LEU A 48 -4.64 -7.06 4.24
N GLN A 49 -4.42 -7.66 3.08
CA GLN A 49 -3.68 -8.91 2.96
C GLN A 49 -2.66 -8.83 1.83
N ILE A 50 -1.49 -9.42 2.02
CA ILE A 50 -0.44 -9.40 0.99
C ILE A 50 -1.01 -9.77 -0.39
N GLY A 51 -0.83 -8.85 -1.35
CA GLY A 51 -1.33 -9.09 -2.70
C GLY A 51 -2.31 -8.02 -3.17
N ASP A 52 -2.91 -7.26 -2.24
CA ASP A 52 -3.85 -6.22 -2.62
C ASP A 52 -3.12 -5.07 -3.32
N LYS A 53 -3.87 -4.25 -4.06
CA LYS A 53 -3.29 -3.13 -4.77
C LYS A 53 -3.74 -1.81 -4.16
N LEU A 54 -2.86 -0.83 -4.21
CA LEU A 54 -3.14 0.49 -3.66
C LEU A 54 -3.57 1.49 -4.73
N LEU A 55 -4.88 1.78 -4.74
CA LEU A 55 -5.46 2.72 -5.69
C LEU A 55 -5.00 4.14 -5.35
N ALA A 56 -5.18 4.54 -4.08
CA ALA A 56 -4.78 5.88 -3.66
C ALA A 56 -4.41 5.92 -2.18
N VAL A 57 -3.56 6.89 -1.80
CA VAL A 57 -3.13 7.04 -0.41
C VAL A 57 -3.07 8.52 -0.03
N ASN A 58 -3.95 8.92 0.90
CA ASN A 58 -4.01 10.31 1.37
C ASN A 58 -4.44 11.25 0.25
N ASN A 59 -5.42 10.81 -0.55
CA ASN A 59 -5.98 11.59 -1.67
C ASN A 59 -5.14 11.43 -2.96
N VAL A 60 -3.91 10.93 -2.86
CA VAL A 60 -3.06 10.74 -4.03
C VAL A 60 -3.22 9.33 -4.60
N CYS A 61 -3.06 9.17 -5.90
CA CYS A 61 -3.18 7.86 -6.53
C CYS A 61 -1.86 7.10 -6.43
N LEU A 62 -1.93 5.85 -5.94
CA LEU A 62 -0.75 5.01 -5.80
C LEU A 62 -0.69 3.96 -6.91
N GLU A 63 -1.25 4.28 -8.09
CA GLU A 63 -1.27 3.35 -9.22
C GLU A 63 -0.43 3.85 -10.40
N GLU A 64 -0.12 5.15 -10.42
CA GLU A 64 0.67 5.74 -11.50
C GLU A 64 1.90 6.49 -10.97
N VAL A 65 2.55 5.92 -9.96
CA VAL A 65 3.74 6.53 -9.36
C VAL A 65 4.85 5.52 -9.13
N THR A 66 6.08 6.03 -9.01
CA THR A 66 7.25 5.19 -8.78
C THR A 66 7.20 4.59 -7.37
N HIS A 67 8.29 3.95 -6.93
CA HIS A 67 8.32 3.37 -5.59
C HIS A 67 8.47 4.46 -4.54
N GLU A 68 9.27 5.49 -4.84
CA GLU A 68 9.48 6.59 -3.91
C GLU A 68 8.15 7.14 -3.42
N GLU A 69 7.21 7.35 -4.35
CA GLU A 69 5.88 7.85 -4.03
C GLU A 69 5.09 6.80 -3.25
N ALA A 70 5.30 5.53 -3.60
CA ALA A 70 4.63 4.41 -2.93
C ALA A 70 4.93 4.42 -1.43
N VAL A 71 6.21 4.65 -1.09
CA VAL A 71 6.64 4.69 0.30
C VAL A 71 6.33 6.05 0.94
N THR A 72 6.40 7.12 0.13
CA THR A 72 6.12 8.46 0.61
C THR A 72 4.68 8.59 1.09
N ALA A 73 3.75 7.95 0.38
CA ALA A 73 2.33 8.01 0.72
C ALA A 73 2.01 7.08 1.89
N LEU A 74 2.68 5.93 1.95
CA LEU A 74 2.47 4.98 3.04
C LEU A 74 3.11 5.50 4.33
N LYS A 75 4.20 6.25 4.16
CA LYS A 75 4.92 6.80 5.31
C LYS A 75 4.30 8.12 5.78
N ASN A 76 3.53 8.78 4.91
CA ASN A 76 2.89 10.05 5.25
C ASN A 76 1.58 9.82 6.01
N THR A 77 1.69 9.21 7.19
CA THR A 77 0.52 8.92 8.03
C THR A 77 0.65 9.58 9.40
N SER A 78 -0.39 10.34 9.77
CA SER A 78 -0.42 11.01 11.07
C SER A 78 -1.40 10.31 12.02
N ASP A 79 -2.11 11.09 12.85
CA ASP A 79 -3.06 10.51 13.81
C ASP A 79 -3.98 9.50 13.13
N PHE A 80 -4.57 9.90 12.00
CA PHE A 80 -5.45 9.01 11.25
C PHE A 80 -4.94 8.85 9.81
N VAL A 81 -5.41 7.82 9.11
CA VAL A 81 -5.00 7.58 7.73
C VAL A 81 -6.17 7.09 6.88
N TYR A 82 -6.16 7.44 5.60
CA TYR A 82 -7.21 7.03 4.68
C TYR A 82 -6.60 6.34 3.46
N LEU A 83 -6.59 5.01 3.49
CA LEU A 83 -6.01 4.22 2.41
C LEU A 83 -7.07 3.83 1.37
N LYS A 84 -6.67 3.89 0.09
CA LYS A 84 -7.56 3.52 -1.02
C LYS A 84 -6.98 2.34 -1.78
N VAL A 85 -7.70 1.22 -1.77
CA VAL A 85 -7.24 0.01 -2.45
C VAL A 85 -8.03 -0.21 -3.76
N ALA A 86 -7.31 -0.64 -4.79
CA ALA A 86 -7.92 -0.90 -6.10
C ALA A 86 -8.51 -2.31 -6.14
N LYS A 87 -9.71 -2.43 -6.73
CA LYS A 87 -10.39 -3.73 -6.84
C LYS A 87 -10.39 -4.22 -8.29
N PRO A 88 -9.60 -5.27 -8.59
CA PRO A 88 -9.51 -5.84 -9.94
C PRO A 88 -10.77 -6.60 -10.33
N THR A 89 -11.17 -6.50 -11.60
CA THR A 89 -12.36 -7.18 -12.09
C THR A 89 -12.13 -7.74 -13.50
N GLY A 90 -12.01 -6.85 -14.48
CA GLY A 90 -11.78 -7.27 -15.85
C GLY A 90 -12.34 -6.29 -16.87
N SER A 91 -11.47 -5.44 -17.41
CA SER A 91 -11.87 -4.45 -18.40
C SER A 91 -12.09 -5.09 -19.77
N HIS A 92 -11.21 -6.02 -20.14
CA HIS A 92 -11.31 -6.71 -21.43
C HIS A 92 -12.59 -7.54 -21.51
N ARG B 1 12.28 -5.13 -10.30
CA ARG B 1 11.22 -5.24 -9.26
C ARG B 1 11.82 -5.30 -7.85
N ARG B 2 11.38 -4.38 -6.99
CA ARG B 2 11.88 -4.33 -5.61
C ARG B 2 10.75 -3.93 -4.66
N GLU B 3 10.92 -4.28 -3.38
CA GLU B 3 9.92 -3.96 -2.36
C GLU B 3 10.58 -3.37 -1.11
N THR B 4 9.89 -2.41 -0.48
CA THR B 4 10.41 -1.75 0.71
C THR B 4 9.34 -1.65 1.80
N GLN B 5 9.77 -1.75 3.06
CA GLN B 5 8.85 -1.67 4.19
C GLN B 5 8.38 -0.23 4.43
N VAL B 6 7.20 -0.09 5.01
CA VAL B 6 6.62 1.23 5.28
C VAL B 6 5.80 1.23 6.58
N MET A 1 -11.87 0.17 -3.20
CA MET A 1 -12.23 -0.01 -1.77
C MET A 1 -11.39 0.89 -0.87
N GLU A 2 -12.02 1.47 0.15
CA GLU A 2 -11.33 2.34 1.09
C GLU A 2 -11.12 1.65 2.43
N ILE A 3 -10.03 2.00 3.11
CA ILE A 3 -9.71 1.42 4.41
C ILE A 3 -9.07 2.47 5.32
N LYS A 4 -9.89 3.11 6.15
CA LYS A 4 -9.41 4.12 7.09
C LYS A 4 -9.11 3.47 8.44
N LEU A 5 -8.05 3.92 9.11
CA LEU A 5 -7.67 3.37 10.40
C LEU A 5 -6.97 4.42 11.25
N ILE A 6 -6.73 4.12 12.52
CA ILE A 6 -6.03 5.05 13.41
C ILE A 6 -4.53 4.79 13.34
N LYS A 7 -3.74 5.86 13.34
CA LYS A 7 -2.28 5.73 13.26
C LYS A 7 -1.63 5.92 14.62
N GLY A 8 -0.69 5.02 14.95
CA GLY A 8 0.01 5.10 16.22
C GLY A 8 1.48 5.50 16.05
N PRO A 9 2.18 5.83 17.16
CA PRO A 9 3.59 6.24 17.12
C PRO A 9 4.53 5.06 16.83
N LYS A 10 4.62 4.70 15.55
CA LYS A 10 5.50 3.60 15.12
C LYS A 10 5.53 3.49 13.60
N GLY A 11 4.50 2.87 13.02
CA GLY A 11 4.44 2.72 11.57
C GLY A 11 3.27 1.85 11.12
N LEU A 12 3.21 1.59 9.81
CA LEU A 12 2.14 0.77 9.25
C LEU A 12 2.28 -0.70 9.64
N GLY A 13 3.52 -1.20 9.67
CA GLY A 13 3.77 -2.58 10.04
C GLY A 13 3.78 -3.53 8.85
N PHE A 14 4.12 -3.03 7.67
CA PHE A 14 4.16 -3.88 6.47
C PHE A 14 5.07 -3.27 5.40
N SER A 15 5.13 -3.92 4.24
CA SER A 15 5.96 -3.46 3.13
C SER A 15 5.13 -3.30 1.86
N ILE A 16 5.73 -2.73 0.81
CA ILE A 16 5.04 -2.53 -0.45
C ILE A 16 6.03 -2.43 -1.61
N ALA A 17 5.49 -2.48 -2.83
CA ALA A 17 6.26 -2.33 -4.06
C ALA A 17 5.48 -1.40 -4.97
N GLY A 18 6.07 -0.86 -6.04
CA GLY A 18 5.27 0.03 -6.88
C GLY A 18 6.03 0.87 -7.88
N GLY A 19 5.57 0.89 -9.13
CA GLY A 19 6.23 1.71 -10.14
C GLY A 19 7.06 0.91 -11.11
N VAL A 20 7.27 1.46 -12.31
CA VAL A 20 8.06 0.79 -13.33
C VAL A 20 9.52 0.63 -12.87
N GLY A 21 10.12 -0.52 -13.17
CA GLY A 21 11.50 -0.78 -12.76
C GLY A 21 11.60 -1.33 -11.33
N ASN A 22 10.52 -1.17 -10.57
CA ASN A 22 10.44 -1.64 -9.18
C ASN A 22 9.03 -2.19 -8.89
N GLN A 23 8.32 -2.62 -9.94
CA GLN A 23 6.95 -3.14 -9.80
C GLN A 23 6.87 -4.40 -8.94
N HIS A 24 5.70 -4.58 -8.32
CA HIS A 24 5.44 -5.73 -7.46
C HIS A 24 4.87 -6.89 -8.28
N ILE A 25 4.16 -6.55 -9.36
CA ILE A 25 3.53 -7.55 -10.21
C ILE A 25 3.52 -7.07 -11.68
N PRO A 26 4.10 -7.88 -12.59
CA PRO A 26 4.15 -7.54 -14.02
C PRO A 26 2.79 -7.13 -14.59
N GLY A 27 2.77 -5.98 -15.28
CA GLY A 27 1.52 -5.48 -15.85
C GLY A 27 0.90 -4.38 -15.00
N ASP A 28 0.66 -4.69 -13.72
CA ASP A 28 0.06 -3.73 -12.80
C ASP A 28 1.14 -2.93 -12.07
N ASN A 29 1.29 -1.66 -12.45
CA ASN A 29 2.29 -0.78 -11.85
C ASN A 29 1.77 -0.11 -10.57
N SER A 30 0.70 -0.65 -9.98
CA SER A 30 0.14 -0.10 -8.75
C SER A 30 0.87 -0.67 -7.54
N ILE A 31 0.82 0.02 -6.40
CA ILE A 31 1.52 -0.41 -5.21
C ILE A 31 0.85 -1.61 -4.51
N TYR A 32 1.63 -2.68 -4.28
CA TYR A 32 1.12 -3.89 -3.62
C TYR A 32 1.94 -4.19 -2.37
N VAL A 33 1.31 -4.81 -1.38
CA VAL A 33 1.98 -5.17 -0.13
C VAL A 33 2.76 -6.47 -0.29
N THR A 34 4.08 -6.39 -0.12
CA THR A 34 4.97 -7.54 -0.28
C THR A 34 5.18 -8.35 1.01
N LYS A 35 4.98 -7.73 2.18
CA LYS A 35 5.14 -8.43 3.46
C LYS A 35 4.49 -7.67 4.61
N ILE A 36 3.64 -8.36 5.37
CA ILE A 36 2.97 -7.74 6.51
C ILE A 36 3.56 -8.24 7.83
N ILE A 37 3.93 -7.30 8.69
CA ILE A 37 4.51 -7.61 10.00
C ILE A 37 3.42 -7.92 11.02
N GLU A 38 3.73 -8.77 12.00
CA GLU A 38 2.78 -9.14 13.04
C GLU A 38 2.32 -7.91 13.83
N GLY A 39 1.09 -7.97 14.34
CA GLY A 39 0.54 -6.87 15.13
C GLY A 39 0.57 -5.53 14.40
N GLY A 40 0.72 -5.54 13.08
CA GLY A 40 0.76 -4.30 12.31
C GLY A 40 -0.62 -3.77 11.97
N ALA A 41 -0.67 -2.54 11.46
CA ALA A 41 -1.93 -1.90 11.08
C ALA A 41 -2.78 -2.83 10.19
N ALA A 42 -2.18 -3.32 9.11
CA ALA A 42 -2.89 -4.21 8.19
C ALA A 42 -3.16 -5.57 8.83
N HIS A 43 -2.10 -6.18 9.37
CA HIS A 43 -2.20 -7.49 10.02
C HIS A 43 -3.30 -7.53 11.08
N LYS A 44 -3.40 -6.46 11.87
CA LYS A 44 -4.41 -6.37 12.93
C LYS A 44 -5.79 -6.05 12.37
N ASP A 45 -5.84 -5.18 11.35
CA ASP A 45 -7.11 -4.79 10.74
C ASP A 45 -7.77 -5.99 10.04
N GLY A 46 -7.03 -6.62 9.13
CA GLY A 46 -7.55 -7.77 8.41
C GLY A 46 -8.00 -7.45 6.99
N LYS A 47 -8.50 -6.22 6.78
CA LYS A 47 -8.96 -5.80 5.46
C LYS A 47 -7.82 -5.86 4.43
N LEU A 48 -6.64 -5.40 4.83
CA LEU A 48 -5.47 -5.41 3.94
C LEU A 48 -4.69 -6.72 4.10
N GLN A 49 -4.45 -7.41 2.99
CA GLN A 49 -3.72 -8.68 2.99
C GLN A 49 -2.86 -8.80 1.74
N ILE A 50 -1.70 -9.46 1.85
CA ILE A 50 -0.80 -9.64 0.70
C ILE A 50 -1.59 -9.87 -0.58
N GLY A 51 -1.19 -9.20 -1.67
CA GLY A 51 -1.88 -9.35 -2.93
C GLY A 51 -2.78 -8.17 -3.27
N ASP A 52 -3.06 -7.29 -2.29
CA ASP A 52 -3.91 -6.13 -2.53
C ASP A 52 -3.12 -5.01 -3.21
N LYS A 53 -3.82 -4.22 -4.03
CA LYS A 53 -3.20 -3.09 -4.71
C LYS A 53 -3.65 -1.78 -4.09
N LEU A 54 -2.76 -0.80 -4.12
CA LEU A 54 -3.05 0.50 -3.54
C LEU A 54 -3.56 1.49 -4.58
N LEU A 55 -4.87 1.74 -4.53
CA LEU A 55 -5.52 2.68 -5.44
C LEU A 55 -5.04 4.10 -5.14
N ALA A 56 -5.15 4.52 -3.87
CA ALA A 56 -4.72 5.86 -3.49
C ALA A 56 -4.49 5.99 -1.97
N VAL A 57 -3.78 7.02 -1.56
CA VAL A 57 -3.49 7.26 -0.15
C VAL A 57 -3.33 8.75 0.14
N ASN A 58 -4.20 9.30 0.99
CA ASN A 58 -4.17 10.72 1.34
C ASN A 58 -4.24 11.59 0.08
N ASN A 59 -5.40 11.54 -0.57
CA ASN A 59 -5.68 12.32 -1.80
C ASN A 59 -4.83 11.92 -3.02
N VAL A 60 -3.67 11.28 -2.82
CA VAL A 60 -2.82 10.90 -3.94
C VAL A 60 -3.06 9.48 -4.40
N CYS A 61 -3.05 9.27 -5.72
CA CYS A 61 -3.23 7.93 -6.28
C CYS A 61 -1.91 7.18 -6.25
N LEU A 62 -1.96 5.92 -5.85
CA LEU A 62 -0.77 5.09 -5.78
C LEU A 62 -0.69 4.10 -6.96
N GLU A 63 -1.39 4.42 -8.06
CA GLU A 63 -1.42 3.54 -9.23
C GLU A 63 -0.46 4.01 -10.33
N GLU A 64 -0.14 5.30 -10.35
CA GLU A 64 0.75 5.85 -11.37
C GLU A 64 1.89 6.65 -10.74
N VAL A 65 2.72 5.98 -9.94
CA VAL A 65 3.84 6.64 -9.27
C VAL A 65 5.00 5.68 -9.03
N THR A 66 6.20 6.26 -8.99
CA THR A 66 7.42 5.49 -8.74
C THR A 66 7.38 4.87 -7.35
N HIS A 67 8.25 3.90 -7.08
CA HIS A 67 8.25 3.24 -5.77
C HIS A 67 8.40 4.26 -4.63
N GLU A 68 9.24 5.29 -4.84
CA GLU A 68 9.43 6.32 -3.83
C GLU A 68 8.09 6.89 -3.37
N GLU A 69 7.20 7.17 -4.33
CA GLU A 69 5.88 7.71 -4.03
C GLU A 69 5.06 6.71 -3.20
N ALA A 70 5.23 5.42 -3.49
CA ALA A 70 4.52 4.36 -2.76
C ALA A 70 4.87 4.41 -1.27
N VAL A 71 6.16 4.63 -0.99
CA VAL A 71 6.64 4.72 0.38
C VAL A 71 6.39 6.10 0.98
N THR A 72 6.53 7.14 0.15
CA THR A 72 6.30 8.51 0.59
C THR A 72 4.84 8.73 1.01
N ALA A 73 3.92 8.05 0.34
CA ALA A 73 2.50 8.17 0.63
C ALA A 73 2.12 7.34 1.86
N LEU A 74 2.76 6.17 2.00
CA LEU A 74 2.50 5.31 3.14
C LEU A 74 3.13 5.89 4.40
N LYS A 75 4.28 6.57 4.22
CA LYS A 75 4.99 7.19 5.33
C LYS A 75 4.37 8.53 5.71
N ASN A 76 3.68 9.17 4.77
CA ASN A 76 3.04 10.47 5.03
C ASN A 76 1.68 10.28 5.72
N THR A 77 1.73 9.78 6.96
CA THR A 77 0.51 9.53 7.73
C THR A 77 0.55 10.24 9.08
N SER A 78 -0.55 10.92 9.42
CA SER A 78 -0.67 11.62 10.69
C SER A 78 -1.54 10.84 11.66
N ASP A 79 -2.30 11.53 12.53
CA ASP A 79 -3.17 10.87 13.51
C ASP A 79 -4.02 9.79 12.83
N PHE A 80 -4.68 10.15 11.72
CA PHE A 80 -5.50 9.21 10.98
C PHE A 80 -4.99 9.09 9.55
N VAL A 81 -5.31 7.98 8.88
CA VAL A 81 -4.87 7.76 7.51
C VAL A 81 -5.97 7.07 6.69
N TYR A 82 -6.37 7.69 5.58
CA TYR A 82 -7.40 7.12 4.72
C TYR A 82 -6.76 6.43 3.52
N LEU A 83 -6.63 5.11 3.63
CA LEU A 83 -6.00 4.30 2.60
C LEU A 83 -7.01 3.78 1.57
N LYS A 84 -6.63 3.81 0.30
CA LYS A 84 -7.49 3.34 -0.78
C LYS A 84 -6.83 2.18 -1.52
N VAL A 85 -7.43 1.00 -1.41
CA VAL A 85 -6.91 -0.20 -2.06
C VAL A 85 -7.95 -0.76 -3.05
N ALA A 86 -7.52 -1.05 -4.27
CA ALA A 86 -8.40 -1.59 -5.29
C ALA A 86 -8.50 -3.12 -5.17
N LYS A 87 -9.65 -3.67 -5.57
CA LYS A 87 -9.88 -5.10 -5.50
C LYS A 87 -9.69 -5.76 -6.87
N PRO A 88 -8.73 -6.70 -6.98
CA PRO A 88 -8.46 -7.39 -8.25
C PRO A 88 -9.57 -8.37 -8.63
N THR A 89 -10.03 -8.30 -9.88
CA THR A 89 -11.10 -9.18 -10.36
C THR A 89 -10.70 -9.86 -11.66
N GLY A 90 -10.51 -9.06 -12.72
CA GLY A 90 -10.13 -9.60 -14.01
C GLY A 90 -11.15 -9.27 -15.09
N SER A 91 -10.70 -8.56 -16.13
CA SER A 91 -11.57 -8.18 -17.24
C SER A 91 -11.96 -9.40 -18.08
N HIS A 92 -10.96 -10.21 -18.45
CA HIS A 92 -11.19 -11.40 -19.25
C HIS A 92 -11.62 -12.58 -18.37
N ARG B 1 12.20 -5.22 -9.73
CA ARG B 1 11.10 -5.40 -8.74
C ARG B 1 11.62 -5.31 -7.30
N ARG B 2 11.77 -4.08 -6.80
CA ARG B 2 12.26 -3.86 -5.45
C ARG B 2 11.10 -3.67 -4.48
N GLU B 3 11.26 -4.20 -3.26
CA GLU B 3 10.24 -4.10 -2.23
C GLU B 3 10.80 -3.47 -0.96
N THR B 4 10.14 -2.43 -0.47
CA THR B 4 10.58 -1.72 0.73
C THR B 4 9.50 -1.70 1.81
N GLN B 5 9.93 -1.74 3.07
CA GLN B 5 9.00 -1.72 4.20
C GLN B 5 8.59 -0.29 4.53
N VAL B 6 7.39 -0.14 5.08
CA VAL B 6 6.86 1.18 5.44
C VAL B 6 6.13 1.15 6.78
N MET A 1 -12.00 0.30 -2.90
CA MET A 1 -11.93 -0.34 -1.56
C MET A 1 -11.12 0.49 -0.58
N GLU A 2 -11.78 1.44 0.08
CA GLU A 2 -11.11 2.31 1.05
C GLU A 2 -10.89 1.59 2.37
N ILE A 3 -9.75 1.88 3.02
CA ILE A 3 -9.41 1.27 4.29
C ILE A 3 -8.68 2.27 5.19
N LYS A 4 -9.42 2.93 6.06
CA LYS A 4 -8.84 3.91 6.98
C LYS A 4 -8.64 3.29 8.36
N LEU A 5 -7.63 3.76 9.09
CA LEU A 5 -7.35 3.24 10.43
C LEU A 5 -6.74 4.33 11.31
N ILE A 6 -6.61 4.05 12.61
CA ILE A 6 -6.03 5.01 13.54
C ILE A 6 -4.52 4.75 13.72
N LYS A 7 -3.71 5.78 13.51
CA LYS A 7 -2.26 5.67 13.65
C LYS A 7 -1.87 5.27 15.07
N GLY A 8 -1.09 4.19 15.16
CA GLY A 8 -0.65 3.70 16.46
C GLY A 8 0.79 4.12 16.76
N PRO A 9 1.33 3.73 17.95
CA PRO A 9 2.69 4.06 18.35
C PRO A 9 3.75 3.14 17.72
N LYS A 10 3.63 2.91 16.41
CA LYS A 10 4.56 2.05 15.69
C LYS A 10 4.68 2.49 14.22
N GLY A 11 3.56 2.45 13.51
CA GLY A 11 3.56 2.84 12.10
C GLY A 11 2.58 2.02 11.28
N LEU A 12 3.02 1.56 10.11
CA LEU A 12 2.17 0.76 9.23
C LEU A 12 2.29 -0.72 9.62
N GLY A 13 3.53 -1.22 9.65
CA GLY A 13 3.76 -2.61 10.02
C GLY A 13 3.70 -3.57 8.85
N PHE A 14 4.10 -3.10 7.66
CA PHE A 14 4.09 -3.96 6.47
C PHE A 14 5.07 -3.45 5.42
N SER A 15 5.10 -4.11 4.27
CA SER A 15 5.97 -3.72 3.18
C SER A 15 5.13 -3.45 1.93
N ILE A 16 5.76 -2.90 0.91
CA ILE A 16 5.07 -2.55 -0.33
C ILE A 16 6.03 -2.45 -1.50
N ALA A 17 5.44 -2.42 -2.70
CA ALA A 17 6.18 -2.27 -3.95
C ALA A 17 5.39 -1.32 -4.84
N GLY A 18 5.95 -0.82 -5.94
CA GLY A 18 5.16 0.07 -6.78
C GLY A 18 5.92 0.89 -7.80
N GLY A 19 5.46 0.91 -9.05
CA GLY A 19 6.12 1.72 -10.07
C GLY A 19 6.98 0.92 -11.03
N VAL A 20 7.24 1.51 -12.21
CA VAL A 20 8.06 0.85 -13.23
C VAL A 20 9.50 0.65 -12.73
N GLY A 21 10.08 -0.51 -13.06
CA GLY A 21 11.44 -0.82 -12.63
C GLY A 21 11.49 -1.39 -11.21
N ASN A 22 10.44 -1.14 -10.43
CA ASN A 22 10.33 -1.63 -9.07
C ASN A 22 8.92 -2.21 -8.81
N GLN A 23 8.21 -2.55 -9.90
CA GLN A 23 6.85 -3.09 -9.81
C GLN A 23 6.76 -4.36 -8.96
N HIS A 24 5.62 -4.52 -8.30
CA HIS A 24 5.37 -5.68 -7.43
C HIS A 24 4.75 -6.84 -8.21
N ILE A 25 4.10 -6.52 -9.34
CA ILE A 25 3.46 -7.54 -10.15
C ILE A 25 3.47 -7.15 -11.64
N PRO A 26 3.71 -8.12 -12.53
CA PRO A 26 3.74 -7.88 -13.98
C PRO A 26 2.38 -7.45 -14.53
N GLY A 27 2.37 -6.32 -15.24
CA GLY A 27 1.13 -5.82 -15.81
C GLY A 27 0.47 -4.75 -14.97
N ASP A 28 0.83 -4.66 -13.69
CA ASP A 28 0.25 -3.66 -12.79
C ASP A 28 1.34 -2.90 -12.03
N ASN A 29 1.48 -1.61 -12.33
CA ASN A 29 2.48 -0.77 -11.68
C ASN A 29 1.96 -0.11 -10.41
N SER A 30 0.84 -0.63 -9.87
CA SER A 30 0.26 -0.08 -8.64
C SER A 30 1.12 -0.42 -7.43
N ILE A 31 0.68 0.00 -6.24
CA ILE A 31 1.43 -0.28 -5.02
C ILE A 31 0.85 -1.50 -4.28
N TYR A 32 1.60 -2.61 -4.28
CA TYR A 32 1.17 -3.84 -3.63
C TYR A 32 1.96 -4.15 -2.37
N VAL A 33 1.29 -4.69 -1.37
CA VAL A 33 1.93 -5.07 -0.11
C VAL A 33 2.63 -6.43 -0.27
N THR A 34 3.96 -6.45 -0.07
CA THR A 34 4.74 -7.66 -0.24
C THR A 34 4.87 -8.50 1.04
N LYS A 35 4.71 -7.87 2.22
CA LYS A 35 4.81 -8.60 3.50
C LYS A 35 4.22 -7.80 4.65
N ILE A 36 3.31 -8.42 5.40
CA ILE A 36 2.70 -7.75 6.56
C ILE A 36 3.34 -8.23 7.86
N ILE A 37 3.83 -7.28 8.66
CA ILE A 37 4.47 -7.59 9.94
C ILE A 37 3.43 -7.87 11.02
N GLU A 38 3.76 -8.76 11.95
CA GLU A 38 2.85 -9.13 13.04
C GLU A 38 2.48 -7.91 13.88
N GLY A 39 1.28 -7.91 14.43
CA GLY A 39 0.80 -6.81 15.26
C GLY A 39 0.85 -5.45 14.56
N GLY A 40 0.89 -5.46 13.22
CA GLY A 40 0.94 -4.21 12.47
C GLY A 40 -0.44 -3.67 12.14
N ALA A 41 -0.47 -2.44 11.61
CA ALA A 41 -1.74 -1.78 11.25
C ALA A 41 -2.62 -2.70 10.40
N ALA A 42 -2.07 -3.22 9.30
CA ALA A 42 -2.83 -4.11 8.41
C ALA A 42 -3.10 -5.45 9.10
N HIS A 43 -2.03 -6.06 9.61
CA HIS A 43 -2.12 -7.36 10.30
C HIS A 43 -3.23 -7.38 11.35
N LYS A 44 -3.32 -6.30 12.15
CA LYS A 44 -4.34 -6.20 13.19
C LYS A 44 -5.71 -5.89 12.59
N ASP A 45 -5.72 -5.08 11.53
CA ASP A 45 -6.97 -4.70 10.86
C ASP A 45 -7.64 -5.92 10.23
N GLY A 46 -6.89 -6.67 9.42
CA GLY A 46 -7.44 -7.85 8.76
C GLY A 46 -7.95 -7.58 7.36
N LYS A 47 -8.36 -6.33 7.10
CA LYS A 47 -8.87 -5.95 5.79
C LYS A 47 -7.79 -6.01 4.71
N LEU A 48 -6.57 -5.57 5.04
CA LEU A 48 -5.47 -5.58 4.09
C LEU A 48 -4.68 -6.90 4.16
N GLN A 49 -4.54 -7.56 3.02
CA GLN A 49 -3.82 -8.82 2.93
C GLN A 49 -2.77 -8.75 1.81
N ILE A 50 -1.60 -9.33 2.07
CA ILE A 50 -0.51 -9.32 1.09
C ILE A 50 -1.00 -9.72 -0.31
N GLY A 51 -0.80 -8.83 -1.29
CA GLY A 51 -1.24 -9.10 -2.65
C GLY A 51 -2.21 -8.05 -3.18
N ASP A 52 -2.83 -7.28 -2.28
CA ASP A 52 -3.76 -6.25 -2.70
C ASP A 52 -3.02 -5.09 -3.35
N LYS A 53 -3.75 -4.25 -4.09
CA LYS A 53 -3.15 -3.10 -4.74
C LYS A 53 -3.65 -1.80 -4.12
N LEU A 54 -2.78 -0.81 -4.13
CA LEU A 54 -3.10 0.48 -3.56
C LEU A 54 -3.53 1.48 -4.63
N LEU A 55 -4.83 1.74 -4.67
CA LEU A 55 -5.41 2.68 -5.62
C LEU A 55 -4.96 4.11 -5.30
N ALA A 56 -5.12 4.52 -4.04
CA ALA A 56 -4.72 5.87 -3.63
C ALA A 56 -4.38 5.95 -2.14
N VAL A 57 -3.60 6.96 -1.76
CA VAL A 57 -3.22 7.15 -0.35
C VAL A 57 -3.17 8.64 0.01
N ASN A 58 -4.03 9.05 0.94
CA ASN A 58 -4.10 10.45 1.37
C ASN A 58 -4.52 11.37 0.22
N ASN A 59 -5.46 10.89 -0.61
CA ASN A 59 -5.98 11.64 -1.76
C ASN A 59 -5.13 11.48 -3.03
N VAL A 60 -3.90 10.99 -2.89
CA VAL A 60 -3.03 10.79 -4.05
C VAL A 60 -3.18 9.37 -4.59
N CYS A 61 -3.05 9.20 -5.92
CA CYS A 61 -3.16 7.88 -6.52
C CYS A 61 -1.85 7.11 -6.40
N LEU A 62 -1.95 5.87 -5.94
CA LEU A 62 -0.78 5.00 -5.78
C LEU A 62 -0.69 3.97 -6.91
N GLU A 63 -1.24 4.31 -8.08
CA GLU A 63 -1.22 3.40 -9.23
C GLU A 63 -0.44 3.99 -10.42
N GLU A 64 -0.23 5.31 -10.42
CA GLU A 64 0.51 5.98 -11.49
C GLU A 64 1.72 6.74 -10.95
N VAL A 65 2.39 6.15 -9.95
CA VAL A 65 3.56 6.80 -9.34
C VAL A 65 4.70 5.80 -9.14
N THR A 66 5.91 6.34 -8.98
CA THR A 66 7.11 5.53 -8.75
C THR A 66 7.09 4.94 -7.34
N HIS A 67 7.98 3.98 -7.09
CA HIS A 67 8.04 3.35 -5.77
C HIS A 67 8.19 4.38 -4.66
N GLU A 68 9.02 5.41 -4.91
CA GLU A 68 9.24 6.46 -3.92
C GLU A 68 7.92 7.01 -3.40
N GLU A 69 6.99 7.31 -4.31
CA GLU A 69 5.67 7.83 -3.95
C GLU A 69 4.88 6.82 -3.12
N ALA A 70 5.05 5.53 -3.42
CA ALA A 70 4.37 4.45 -2.70
C ALA A 70 4.73 4.49 -1.21
N VAL A 71 6.00 4.73 -0.92
CA VAL A 71 6.49 4.80 0.45
C VAL A 71 6.21 6.18 1.06
N THR A 72 6.28 7.22 0.23
CA THR A 72 6.04 8.59 0.69
C THR A 72 4.60 8.77 1.18
N ALA A 73 3.65 8.11 0.51
CA ALA A 73 2.24 8.22 0.87
C ALA A 73 1.91 7.33 2.06
N LEU A 74 2.53 6.15 2.14
CA LEU A 74 2.30 5.22 3.25
C LEU A 74 2.95 5.76 4.52
N LYS A 75 4.05 6.50 4.34
CA LYS A 75 4.79 7.06 5.47
C LYS A 75 4.20 8.41 5.91
N ASN A 76 3.45 9.07 5.02
CA ASN A 76 2.85 10.37 5.33
C ASN A 76 1.61 10.22 6.22
N THR A 77 1.84 9.77 7.46
CA THR A 77 0.74 9.57 8.42
C THR A 77 1.05 10.26 9.75
N SER A 78 0.00 10.72 10.44
CA SER A 78 0.14 11.39 11.73
C SER A 78 -0.88 10.88 12.73
N ASP A 79 -2.14 11.29 12.56
CA ASP A 79 -3.22 10.86 13.45
C ASP A 79 -4.00 9.73 12.81
N PHE A 80 -4.55 10.00 11.62
CA PHE A 80 -5.32 9.00 10.87
C PHE A 80 -4.77 8.86 9.46
N VAL A 81 -5.12 7.75 8.79
CA VAL A 81 -4.66 7.51 7.43
C VAL A 81 -5.77 6.87 6.59
N TYR A 82 -6.18 7.55 5.51
CA TYR A 82 -7.22 7.02 4.66
C TYR A 82 -6.62 6.35 3.42
N LEU A 83 -6.52 5.03 3.49
CA LEU A 83 -5.95 4.23 2.42
C LEU A 83 -7.00 3.83 1.40
N LYS A 84 -6.61 3.86 0.12
CA LYS A 84 -7.50 3.48 -0.97
C LYS A 84 -6.93 2.31 -1.75
N VAL A 85 -7.58 1.15 -1.62
CA VAL A 85 -7.11 -0.06 -2.30
C VAL A 85 -8.00 -0.37 -3.51
N ALA A 86 -7.37 -0.72 -4.63
CA ALA A 86 -8.09 -1.04 -5.86
C ALA A 86 -8.47 -2.53 -5.90
N LYS A 87 -9.64 -2.82 -6.48
CA LYS A 87 -10.12 -4.19 -6.59
C LYS A 87 -10.10 -4.66 -8.05
N PRO A 88 -9.35 -5.75 -8.34
CA PRO A 88 -9.26 -6.30 -9.70
C PRO A 88 -10.54 -6.98 -10.15
N THR A 89 -10.82 -6.91 -11.45
CA THR A 89 -12.02 -7.52 -12.02
C THR A 89 -11.73 -8.14 -13.39
N GLY A 90 -11.55 -7.27 -14.39
CA GLY A 90 -11.27 -7.75 -15.74
C GLY A 90 -12.51 -7.96 -16.57
N SER A 91 -12.53 -7.40 -17.78
CA SER A 91 -13.67 -7.53 -18.68
C SER A 91 -13.51 -8.72 -19.62
N HIS A 92 -12.30 -8.88 -20.17
CA HIS A 92 -12.01 -9.99 -21.08
C HIS A 92 -12.11 -11.33 -20.38
N ARG B 1 12.32 -5.09 -9.96
CA ARG B 1 11.40 -5.35 -8.81
C ARG B 1 11.97 -4.81 -7.52
N ARG B 2 11.17 -4.03 -6.79
CA ARG B 2 11.60 -3.44 -5.52
C ARG B 2 10.44 -3.35 -4.54
N GLU B 3 10.58 -4.00 -3.39
CA GLU B 3 9.55 -3.98 -2.36
C GLU B 3 10.14 -3.55 -1.02
N THR B 4 9.99 -2.26 -0.71
CA THR B 4 10.50 -1.68 0.52
C THR B 4 9.47 -1.75 1.64
N GLN B 5 9.93 -1.88 2.88
CA GLN B 5 9.03 -1.92 4.03
C GLN B 5 8.68 -0.51 4.49
N VAL B 6 7.43 -0.33 4.93
CA VAL B 6 6.96 0.97 5.38
C VAL B 6 6.35 0.89 6.78
N MET A 1 -14.76 1.01 -1.10
CA MET A 1 -13.92 0.43 -0.03
C MET A 1 -12.91 1.44 0.50
N GLU A 2 -13.07 1.83 1.77
CA GLU A 2 -12.17 2.80 2.40
C GLU A 2 -11.56 2.24 3.68
N ILE A 3 -10.24 2.07 3.65
CA ILE A 3 -9.50 1.52 4.79
C ILE A 3 -8.91 2.65 5.63
N LYS A 4 -9.63 3.03 6.69
CA LYS A 4 -9.18 4.08 7.59
C LYS A 4 -8.35 3.50 8.74
N LEU A 5 -7.04 3.45 8.52
CA LEU A 5 -6.13 2.86 9.49
C LEU A 5 -5.66 3.88 10.54
N ILE A 6 -5.45 3.38 11.76
CA ILE A 6 -5.03 4.20 12.88
C ILE A 6 -3.51 4.32 12.91
N LYS A 7 -3.00 5.41 13.50
CA LYS A 7 -1.57 5.64 13.58
C LYS A 7 -1.07 5.56 15.02
N GLY A 8 -0.15 4.63 15.27
CA GLY A 8 0.40 4.45 16.61
C GLY A 8 1.92 4.54 16.63
N PRO A 9 2.57 4.08 17.72
CA PRO A 9 4.03 4.11 17.88
C PRO A 9 4.75 3.39 16.73
N LYS A 10 4.17 2.28 16.27
CA LYS A 10 4.75 1.52 15.16
C LYS A 10 4.47 2.20 13.83
N GLY A 11 3.17 2.37 13.52
CA GLY A 11 2.78 3.01 12.28
C GLY A 11 1.91 2.13 11.41
N LEU A 12 2.46 1.70 10.28
CA LEU A 12 1.74 0.83 9.34
C LEU A 12 1.90 -0.64 9.71
N GLY A 13 3.15 -1.07 9.89
CA GLY A 13 3.44 -2.45 10.25
C GLY A 13 3.39 -3.41 9.07
N PHE A 14 3.85 -2.95 7.90
CA PHE A 14 3.86 -3.78 6.70
C PHE A 14 4.83 -3.21 5.66
N SER A 15 4.85 -3.79 4.46
CA SER A 15 5.72 -3.32 3.39
C SER A 15 4.91 -3.18 2.10
N ILE A 16 5.52 -2.59 1.07
CA ILE A 16 4.86 -2.40 -0.22
C ILE A 16 5.86 -2.30 -1.35
N ALA A 17 5.35 -2.33 -2.57
CA ALA A 17 6.14 -2.19 -3.79
C ALA A 17 5.40 -1.21 -4.70
N GLY A 18 6.04 -0.67 -5.74
CA GLY A 18 5.31 0.24 -6.62
C GLY A 18 6.16 1.07 -7.56
N GLY A 19 5.84 1.06 -8.86
CA GLY A 19 6.60 1.87 -9.80
C GLY A 19 7.48 1.04 -10.72
N VAL A 20 7.84 1.63 -11.87
CA VAL A 20 8.69 0.95 -12.84
C VAL A 20 10.09 0.72 -12.26
N GLY A 21 10.67 -0.45 -12.55
CA GLY A 21 12.00 -0.78 -12.04
C GLY A 21 11.97 -1.32 -10.61
N ASN A 22 10.86 -1.06 -9.91
CA ASN A 22 10.67 -1.52 -8.53
C ASN A 22 9.23 -2.01 -8.34
N GLN A 23 8.57 -2.40 -9.44
CA GLN A 23 7.19 -2.86 -9.41
C GLN A 23 7.02 -4.18 -8.67
N HIS A 24 5.82 -4.37 -8.12
CA HIS A 24 5.48 -5.58 -7.36
C HIS A 24 4.90 -6.68 -8.26
N ILE A 25 4.30 -6.28 -9.39
CA ILE A 25 3.71 -7.25 -10.31
C ILE A 25 3.78 -6.74 -11.76
N PRO A 26 4.29 -7.59 -12.68
CA PRO A 26 4.42 -7.24 -14.10
C PRO A 26 3.06 -6.92 -14.73
N GLY A 27 2.99 -5.76 -15.40
CA GLY A 27 1.76 -5.35 -16.04
C GLY A 27 1.14 -4.13 -15.36
N ASP A 28 1.04 -4.18 -14.03
CA ASP A 28 0.48 -3.07 -13.26
C ASP A 28 1.52 -2.52 -12.29
N ASN A 29 1.95 -1.28 -12.54
CA ASN A 29 2.95 -0.62 -11.71
C ASN A 29 2.32 0.00 -10.44
N SER A 30 1.18 -0.55 -9.99
CA SER A 30 0.50 -0.07 -8.80
C SER A 30 1.32 -0.41 -7.55
N ILE A 31 0.80 -0.04 -6.37
CA ILE A 31 1.49 -0.35 -5.14
C ILE A 31 0.85 -1.55 -4.43
N TYR A 32 1.63 -2.60 -4.24
CA TYR A 32 1.16 -3.82 -3.59
C TYR A 32 1.92 -4.09 -2.30
N VAL A 33 1.23 -4.69 -1.33
CA VAL A 33 1.85 -5.04 -0.05
C VAL A 33 2.68 -6.31 -0.21
N THR A 34 3.94 -6.24 0.21
CA THR A 34 4.86 -7.38 0.06
C THR A 34 5.01 -8.19 1.35
N LYS A 35 4.82 -7.56 2.51
CA LYS A 35 4.96 -8.25 3.79
C LYS A 35 4.32 -7.47 4.94
N ILE A 36 3.39 -8.11 5.65
CA ILE A 36 2.72 -7.47 6.77
C ILE A 36 3.32 -7.94 8.10
N ILE A 37 3.82 -7.00 8.90
CA ILE A 37 4.42 -7.31 10.20
C ILE A 37 3.33 -7.65 11.22
N GLU A 38 3.67 -8.55 12.15
CA GLU A 38 2.71 -8.96 13.19
C GLU A 38 2.32 -7.76 14.07
N GLY A 39 1.07 -7.77 14.52
CA GLY A 39 0.58 -6.68 15.37
C GLY A 39 0.60 -5.32 14.68
N GLY A 40 0.69 -5.31 13.35
CA GLY A 40 0.71 -4.05 12.61
C GLY A 40 -0.68 -3.56 12.24
N ALA A 41 -0.75 -2.30 11.80
CA ALA A 41 -2.03 -1.69 11.40
C ALA A 41 -2.84 -2.60 10.49
N ALA A 42 -2.24 -3.03 9.37
CA ALA A 42 -2.92 -3.90 8.42
C ALA A 42 -3.18 -5.29 9.02
N HIS A 43 -2.14 -5.88 9.62
CA HIS A 43 -2.23 -7.20 10.25
C HIS A 43 -3.41 -7.27 11.22
N LYS A 44 -3.51 -6.27 12.10
CA LYS A 44 -4.59 -6.22 13.08
C LYS A 44 -5.94 -5.98 12.42
N ASP A 45 -5.95 -5.15 11.37
CA ASP A 45 -7.19 -4.85 10.65
C ASP A 45 -7.77 -6.10 9.99
N GLY A 46 -6.93 -6.81 9.23
CA GLY A 46 -7.38 -8.02 8.55
C GLY A 46 -7.85 -7.77 7.13
N LYS A 47 -8.34 -6.56 6.85
CA LYS A 47 -8.81 -6.21 5.51
C LYS A 47 -7.67 -6.24 4.49
N LEU A 48 -6.51 -5.71 4.87
CA LEU A 48 -5.36 -5.68 3.98
C LEU A 48 -4.55 -6.98 4.08
N GLN A 49 -4.37 -7.62 2.92
CA GLN A 49 -3.62 -8.86 2.83
C GLN A 49 -2.61 -8.80 1.67
N ILE A 50 -1.46 -9.43 1.84
CA ILE A 50 -0.41 -9.43 0.82
C ILE A 50 -0.99 -9.77 -0.57
N GLY A 51 -0.79 -8.85 -1.53
CA GLY A 51 -1.29 -9.05 -2.88
C GLY A 51 -2.25 -7.97 -3.32
N ASP A 52 -2.89 -7.27 -2.38
CA ASP A 52 -3.81 -6.21 -2.73
C ASP A 52 -3.07 -5.06 -3.39
N LYS A 53 -3.79 -4.28 -4.19
CA LYS A 53 -3.19 -3.14 -4.87
C LYS A 53 -3.70 -1.83 -4.30
N LEU A 54 -2.85 -0.84 -4.30
CA LEU A 54 -3.18 0.47 -3.76
C LEU A 54 -3.66 1.45 -4.82
N LEU A 55 -4.95 1.76 -4.76
CA LEU A 55 -5.57 2.69 -5.68
C LEU A 55 -5.13 4.11 -5.35
N ALA A 56 -5.33 4.51 -4.08
CA ALA A 56 -4.93 5.85 -3.66
C ALA A 56 -4.57 5.92 -2.17
N VAL A 57 -3.72 6.88 -1.80
CA VAL A 57 -3.30 7.06 -0.41
C VAL A 57 -3.34 8.53 -0.01
N ASN A 58 -4.31 8.89 0.83
CA ASN A 58 -4.46 10.27 1.30
C ASN A 58 -4.80 11.22 0.13
N ASN A 59 -5.77 10.81 -0.69
CA ASN A 59 -6.23 11.59 -1.85
C ASN A 59 -5.34 11.43 -3.09
N VAL A 60 -4.11 10.91 -2.92
CA VAL A 60 -3.20 10.72 -4.06
C VAL A 60 -3.33 9.30 -4.61
N CYS A 61 -3.11 9.12 -5.91
CA CYS A 61 -3.19 7.80 -6.51
C CYS A 61 -1.87 7.06 -6.33
N LEU A 62 -1.95 5.79 -5.92
CA LEU A 62 -0.76 4.97 -5.72
C LEU A 62 -0.54 3.98 -6.87
N GLU A 63 -0.94 4.36 -8.09
CA GLU A 63 -0.79 3.50 -9.26
C GLU A 63 0.07 4.13 -10.36
N GLU A 64 0.23 5.46 -10.33
CA GLU A 64 1.02 6.17 -11.33
C GLU A 64 2.23 6.87 -10.70
N VAL A 65 2.92 6.15 -9.80
CA VAL A 65 4.10 6.71 -9.14
C VAL A 65 5.19 5.67 -8.92
N THR A 66 6.43 6.15 -8.80
CA THR A 66 7.58 5.29 -8.55
C THR A 66 7.47 4.68 -7.14
N HIS A 67 8.54 4.02 -6.68
CA HIS A 67 8.51 3.43 -5.35
C HIS A 67 8.61 4.51 -4.28
N GLU A 68 9.46 5.51 -4.50
CA GLU A 68 9.61 6.60 -3.54
C GLU A 68 8.25 7.15 -3.13
N GLU A 69 7.43 7.49 -4.14
CA GLU A 69 6.09 8.01 -3.91
C GLU A 69 5.21 6.97 -3.20
N ALA A 70 5.44 5.69 -3.52
CA ALA A 70 4.71 4.58 -2.90
C ALA A 70 4.92 4.55 -1.38
N VAL A 71 6.18 4.75 -0.98
CA VAL A 71 6.56 4.76 0.42
C VAL A 71 6.24 6.11 1.07
N THR A 72 6.45 7.19 0.30
CA THR A 72 6.19 8.55 0.78
C THR A 72 4.70 8.73 1.12
N ALA A 73 3.83 8.09 0.32
CA ALA A 73 2.39 8.18 0.52
C ALA A 73 1.93 7.31 1.68
N LEU A 74 2.55 6.14 1.82
CA LEU A 74 2.21 5.23 2.92
C LEU A 74 2.72 5.80 4.22
N LYS A 75 3.88 6.46 4.16
CA LYS A 75 4.51 7.06 5.33
C LYS A 75 3.86 8.41 5.69
N ASN A 76 3.21 9.06 4.72
CA ASN A 76 2.57 10.36 4.95
C ASN A 76 1.34 10.22 5.85
N THR A 77 1.58 9.91 7.13
CA THR A 77 0.51 9.72 8.09
C THR A 77 0.75 10.54 9.36
N SER A 78 -0.35 11.00 9.97
CA SER A 78 -0.27 11.79 11.19
C SER A 78 -1.05 11.11 12.31
N ASP A 79 -2.38 11.27 12.30
CA ASP A 79 -3.24 10.65 13.30
C ASP A 79 -3.95 9.44 12.71
N PHE A 80 -4.40 9.57 11.46
CA PHE A 80 -5.09 8.48 10.77
C PHE A 80 -4.48 8.24 9.39
N VAL A 81 -4.95 7.20 8.71
CA VAL A 81 -4.46 6.85 7.38
C VAL A 81 -5.61 6.39 6.49
N TYR A 82 -5.85 7.09 5.38
CA TYR A 82 -6.92 6.71 4.48
C TYR A 82 -6.36 5.97 3.26
N LEU A 83 -6.45 4.64 3.33
CA LEU A 83 -5.93 3.77 2.28
C LEU A 83 -7.03 3.35 1.30
N LYS A 84 -6.78 3.60 0.01
CA LYS A 84 -7.71 3.24 -1.06
C LYS A 84 -7.14 2.11 -1.90
N VAL A 85 -7.88 1.00 -2.00
CA VAL A 85 -7.43 -0.15 -2.76
C VAL A 85 -8.32 -0.39 -4.00
N ALA A 86 -7.66 -0.56 -5.15
CA ALA A 86 -8.38 -0.80 -6.41
C ALA A 86 -8.43 -2.28 -6.75
N LYS A 87 -9.51 -2.95 -6.37
CA LYS A 87 -9.66 -4.38 -6.64
C LYS A 87 -9.84 -4.63 -8.14
N PRO A 88 -9.04 -5.55 -8.71
CA PRO A 88 -9.10 -5.89 -10.13
C PRO A 88 -10.35 -6.69 -10.51
N THR A 89 -10.73 -6.60 -11.78
CA THR A 89 -11.91 -7.31 -12.28
C THR A 89 -11.66 -7.86 -13.68
N GLY A 90 -11.58 -6.98 -14.68
CA GLY A 90 -11.35 -7.41 -16.04
C GLY A 90 -11.17 -6.24 -17.01
N SER A 91 -10.01 -5.59 -16.93
CA SER A 91 -9.71 -4.45 -17.80
C SER A 91 -9.44 -4.89 -19.24
N HIS A 92 -8.80 -6.05 -19.39
CA HIS A 92 -8.48 -6.58 -20.71
C HIS A 92 -9.75 -6.99 -21.46
N ARG B 1 12.60 -5.65 -9.33
CA ARG B 1 11.53 -5.58 -8.29
C ARG B 1 12.09 -5.09 -6.96
N ARG B 2 11.45 -4.07 -6.38
CA ARG B 2 11.88 -3.50 -5.11
C ARG B 2 10.73 -3.45 -4.11
N GLU B 3 10.98 -3.98 -2.91
CA GLU B 3 9.96 -4.01 -1.86
C GLU B 3 10.52 -3.42 -0.57
N THR B 4 9.96 -2.29 -0.15
CA THR B 4 10.40 -1.61 1.07
C THR B 4 9.28 -1.54 2.10
N GLN B 5 9.65 -1.62 3.38
CA GLN B 5 8.69 -1.57 4.48
C GLN B 5 8.26 -0.13 4.75
N VAL B 6 7.04 0.04 5.24
CA VAL B 6 6.50 1.36 5.55
C VAL B 6 5.68 1.36 6.85
N MET A 1 -13.08 -0.90 -1.05
CA MET A 1 -12.58 0.31 -1.76
C MET A 1 -11.73 1.17 -0.84
N GLU A 2 -12.33 1.65 0.25
CA GLU A 2 -11.61 2.50 1.21
C GLU A 2 -11.68 1.90 2.61
N ILE A 3 -10.72 2.29 3.46
CA ILE A 3 -10.66 1.81 4.83
C ILE A 3 -10.08 2.91 5.73
N LYS A 4 -10.80 3.26 6.80
CA LYS A 4 -10.34 4.31 7.71
C LYS A 4 -9.42 3.75 8.78
N LEU A 5 -8.11 3.76 8.50
CA LEU A 5 -7.11 3.23 9.40
C LEU A 5 -6.63 4.28 10.40
N ILE A 6 -6.56 3.89 11.68
CA ILE A 6 -6.12 4.79 12.74
C ILE A 6 -4.61 4.71 12.91
N LYS A 7 -3.92 5.83 12.65
CA LYS A 7 -2.47 5.88 12.76
C LYS A 7 -2.02 5.74 14.21
N GLY A 8 -1.25 4.69 14.50
CA GLY A 8 -0.76 4.46 15.84
C GLY A 8 0.62 5.06 16.08
N PRO A 9 1.23 4.80 17.24
CA PRO A 9 2.56 5.32 17.59
C PRO A 9 3.66 4.78 16.67
N LYS A 10 3.79 3.46 16.63
CA LYS A 10 4.81 2.81 15.80
C LYS A 10 4.65 3.19 14.32
N GLY A 11 3.96 2.36 13.53
CA GLY A 11 3.78 2.68 12.12
C GLY A 11 2.81 1.74 11.41
N LEU A 12 3.15 1.38 10.18
CA LEU A 12 2.31 0.50 9.36
C LEU A 12 2.58 -0.97 9.68
N GLY A 13 3.85 -1.33 9.79
CA GLY A 13 4.21 -2.70 10.10
C GLY A 13 4.06 -3.66 8.94
N PHE A 14 4.42 -3.22 7.74
CA PHE A 14 4.33 -4.05 6.54
C PHE A 14 5.23 -3.50 5.44
N SER A 15 5.17 -4.08 4.23
CA SER A 15 5.98 -3.62 3.12
C SER A 15 5.10 -3.44 1.87
N ILE A 16 5.66 -2.81 0.84
CA ILE A 16 4.93 -2.58 -0.41
C ILE A 16 5.89 -2.40 -1.58
N ALA A 17 5.31 -2.37 -2.78
CA ALA A 17 6.05 -2.16 -4.02
C ALA A 17 5.24 -1.15 -4.85
N GLY A 18 5.82 -0.55 -5.89
CA GLY A 18 5.02 0.38 -6.67
C GLY A 18 5.81 1.26 -7.61
N GLY A 19 5.41 1.31 -8.88
CA GLY A 19 6.10 2.16 -9.84
C GLY A 19 6.91 1.39 -10.85
N VAL A 20 7.13 1.99 -12.02
CA VAL A 20 7.90 1.33 -13.08
C VAL A 20 9.34 1.13 -12.63
N GLY A 21 9.94 0.01 -13.05
CA GLY A 21 11.32 -0.29 -12.65
C GLY A 21 11.43 -0.92 -11.26
N ASN A 22 10.36 -0.79 -10.47
CA ASN A 22 10.27 -1.34 -9.13
C ASN A 22 8.85 -1.88 -8.86
N GLN A 23 8.16 -2.27 -9.95
CA GLN A 23 6.79 -2.77 -9.85
C GLN A 23 6.68 -4.08 -9.08
N HIS A 24 5.53 -4.27 -8.45
CA HIS A 24 5.25 -5.47 -7.66
C HIS A 24 4.63 -6.57 -8.53
N ILE A 25 3.94 -6.16 -9.58
CA ILE A 25 3.29 -7.10 -10.49
C ILE A 25 3.29 -6.55 -11.92
N PRO A 26 3.76 -7.36 -12.90
CA PRO A 26 3.81 -6.95 -14.31
C PRO A 26 2.44 -6.54 -14.84
N GLY A 27 2.38 -5.35 -15.44
CA GLY A 27 1.13 -4.85 -15.99
C GLY A 27 0.53 -3.73 -15.14
N ASP A 28 0.32 -4.00 -13.86
CA ASP A 28 -0.26 -3.01 -12.95
C ASP A 28 0.83 -2.29 -12.14
N ASN A 29 0.98 -1.00 -12.39
CA ASN A 29 1.99 -0.19 -11.69
C ASN A 29 1.47 0.34 -10.34
N SER A 30 0.38 -0.26 -9.83
CA SER A 30 -0.18 0.15 -8.54
C SER A 30 0.61 -0.48 -7.41
N ILE A 31 0.61 0.17 -6.24
CA ILE A 31 1.37 -0.32 -5.10
C ILE A 31 0.72 -1.56 -4.45
N TYR A 32 1.50 -2.61 -4.25
CA TYR A 32 1.03 -3.85 -3.62
C TYR A 32 1.86 -4.17 -2.38
N VAL A 33 1.22 -4.82 -1.40
CA VAL A 33 1.90 -5.21 -0.16
C VAL A 33 2.65 -6.52 -0.37
N THR A 34 3.95 -6.52 -0.07
CA THR A 34 4.79 -7.70 -0.26
C THR A 34 5.01 -8.50 1.04
N LYS A 35 4.88 -7.86 2.20
CA LYS A 35 5.09 -8.55 3.47
C LYS A 35 4.54 -7.76 4.66
N ILE A 36 3.65 -8.39 5.43
CA ILE A 36 3.07 -7.74 6.60
C ILE A 36 3.75 -8.23 7.88
N ILE A 37 4.27 -7.29 8.68
CA ILE A 37 4.94 -7.60 9.94
C ILE A 37 3.92 -7.84 11.06
N GLU A 38 4.30 -8.65 12.04
CA GLU A 38 3.41 -8.95 13.17
C GLU A 38 3.20 -7.73 14.05
N GLY A 39 1.99 -7.59 14.58
CA GLY A 39 1.66 -6.47 15.45
C GLY A 39 1.60 -5.13 14.71
N GLY A 40 1.57 -5.17 13.38
CA GLY A 40 1.53 -3.95 12.59
C GLY A 40 0.12 -3.49 12.27
N ALA A 41 -0.01 -2.24 11.82
CA ALA A 41 -1.31 -1.65 11.49
C ALA A 41 -2.16 -2.60 10.65
N ALA A 42 -1.67 -2.97 9.46
CA ALA A 42 -2.39 -3.88 8.57
C ALA A 42 -2.60 -5.24 9.22
N HIS A 43 -1.53 -5.80 9.78
CA HIS A 43 -1.57 -7.11 10.44
C HIS A 43 -2.68 -7.17 11.49
N LYS A 44 -2.68 -6.20 12.40
CA LYS A 44 -3.67 -6.14 13.47
C LYS A 44 -5.08 -5.94 12.91
N ASP A 45 -5.20 -5.08 11.89
CA ASP A 45 -6.50 -4.81 11.27
C ASP A 45 -7.07 -6.06 10.63
N GLY A 46 -6.26 -6.72 9.79
CA GLY A 46 -6.70 -7.94 9.12
C GLY A 46 -7.29 -7.68 7.73
N LYS A 47 -7.84 -6.48 7.53
CA LYS A 47 -8.42 -6.12 6.24
C LYS A 47 -7.40 -6.20 5.12
N LEU A 48 -6.23 -5.58 5.34
CA LEU A 48 -5.16 -5.58 4.34
C LEU A 48 -4.39 -6.90 4.36
N GLN A 49 -4.30 -7.54 3.19
CA GLN A 49 -3.59 -8.80 3.04
C GLN A 49 -2.68 -8.75 1.81
N ILE A 50 -1.52 -9.40 1.89
CA ILE A 50 -0.57 -9.43 0.77
C ILE A 50 -1.27 -9.73 -0.56
N GLY A 51 -1.06 -8.86 -1.55
CA GLY A 51 -1.68 -9.05 -2.86
C GLY A 51 -2.58 -7.89 -3.27
N ASP A 52 -3.12 -7.15 -2.29
CA ASP A 52 -3.98 -6.01 -2.59
C ASP A 52 -3.19 -4.88 -3.22
N LYS A 53 -3.87 -4.06 -4.03
CA LYS A 53 -3.23 -2.93 -4.68
C LYS A 53 -3.73 -1.61 -4.11
N LEU A 54 -2.84 -0.63 -4.11
CA LEU A 54 -3.16 0.69 -3.58
C LEU A 54 -3.56 1.66 -4.68
N LEU A 55 -4.86 1.90 -4.78
CA LEU A 55 -5.39 2.82 -5.77
C LEU A 55 -5.00 4.25 -5.41
N ALA A 56 -5.24 4.64 -4.15
CA ALA A 56 -4.89 5.99 -3.69
C ALA A 56 -4.53 6.00 -2.20
N VAL A 57 -3.73 6.99 -1.80
CA VAL A 57 -3.31 7.13 -0.40
C VAL A 57 -3.47 8.57 0.08
N ASN A 58 -4.46 8.81 0.94
CA ASN A 58 -4.73 10.14 1.48
C ASN A 58 -5.07 11.14 0.36
N ASN A 59 -5.93 10.70 -0.57
CA ASN A 59 -6.37 11.53 -1.70
C ASN A 59 -5.41 11.47 -2.90
N VAL A 60 -4.17 11.00 -2.68
CA VAL A 60 -3.20 10.88 -3.76
C VAL A 60 -3.30 9.52 -4.43
N CYS A 61 -3.05 9.47 -5.73
CA CYS A 61 -3.12 8.19 -6.45
C CYS A 61 -1.78 7.47 -6.35
N LEU A 62 -1.83 6.19 -5.97
CA LEU A 62 -0.62 5.38 -5.85
C LEU A 62 -0.43 4.44 -7.04
N GLU A 63 -0.94 4.85 -8.22
CA GLU A 63 -0.83 4.04 -9.43
C GLU A 63 0.08 4.68 -10.49
N GLU A 64 0.33 5.98 -10.37
CA GLU A 64 1.19 6.69 -11.33
C GLU A 64 2.36 7.38 -10.62
N VAL A 65 3.06 6.64 -9.77
CA VAL A 65 4.21 7.19 -9.03
C VAL A 65 5.30 6.15 -8.80
N THR A 66 6.54 6.63 -8.74
CA THR A 66 7.70 5.76 -8.50
C THR A 66 7.61 5.14 -7.12
N HIS A 67 8.45 4.14 -6.85
CA HIS A 67 8.42 3.47 -5.54
C HIS A 67 8.58 4.48 -4.41
N GLU A 68 9.43 5.49 -4.59
CA GLU A 68 9.64 6.51 -3.56
C GLU A 68 8.30 7.02 -3.05
N GLU A 69 7.44 7.48 -3.98
CA GLU A 69 6.12 7.99 -3.63
C GLU A 69 5.26 6.91 -2.95
N ALA A 70 5.47 5.65 -3.36
CA ALA A 70 4.75 4.52 -2.78
C ALA A 70 5.02 4.41 -1.28
N VAL A 71 6.29 4.59 -0.92
CA VAL A 71 6.72 4.53 0.48
C VAL A 71 6.42 5.85 1.19
N THR A 72 6.59 6.97 0.50
CA THR A 72 6.36 8.28 1.07
C THR A 72 4.89 8.46 1.47
N ALA A 73 3.98 7.82 0.73
CA ALA A 73 2.54 7.91 1.01
C ALA A 73 2.12 6.93 2.09
N LEU A 74 2.75 5.75 2.11
CA LEU A 74 2.45 4.74 3.11
C LEU A 74 3.11 5.08 4.44
N LYS A 75 4.33 5.62 4.36
CA LYS A 75 5.10 5.98 5.55
C LYS A 75 4.57 7.25 6.21
N ASN A 76 3.94 8.14 5.43
CA ASN A 76 3.42 9.40 5.95
C ASN A 76 2.48 9.21 7.14
N THR A 77 3.07 9.12 8.34
CA THR A 77 2.30 8.92 9.58
C THR A 77 1.73 10.24 10.10
N SER A 78 0.41 10.25 10.30
CA SER A 78 -0.28 11.44 10.80
C SER A 78 -1.29 11.01 11.89
N ASP A 79 -2.51 11.58 11.85
CA ASP A 79 -3.54 11.22 12.81
C ASP A 79 -4.32 10.01 12.27
N PHE A 80 -4.86 10.18 11.08
CA PHE A 80 -5.61 9.11 10.41
C PHE A 80 -4.99 8.81 9.04
N VAL A 81 -5.41 7.70 8.43
CA VAL A 81 -4.89 7.32 7.13
C VAL A 81 -6.02 6.74 6.27
N TYR A 82 -6.30 7.36 5.14
CA TYR A 82 -7.36 6.90 4.25
C TYR A 82 -6.78 6.07 3.11
N LEU A 83 -6.84 4.76 3.27
CA LEU A 83 -6.31 3.83 2.28
C LEU A 83 -7.33 3.53 1.18
N LYS A 84 -6.92 3.76 -0.07
CA LYS A 84 -7.78 3.50 -1.22
C LYS A 84 -7.22 2.33 -2.02
N VAL A 85 -7.88 1.18 -1.90
CA VAL A 85 -7.44 -0.02 -2.61
C VAL A 85 -8.43 -0.39 -3.72
N ALA A 86 -7.91 -0.59 -4.93
CA ALA A 86 -8.74 -0.95 -6.07
C ALA A 86 -8.87 -2.47 -6.21
N LYS A 87 -9.98 -2.91 -6.80
CA LYS A 87 -10.21 -4.34 -7.00
C LYS A 87 -9.57 -4.81 -8.31
N PRO A 88 -8.60 -5.75 -8.22
CA PRO A 88 -7.91 -6.28 -9.39
C PRO A 88 -8.81 -7.19 -10.24
N THR A 89 -9.07 -6.80 -11.49
CA THR A 89 -9.91 -7.58 -12.39
C THR A 89 -9.61 -7.23 -13.85
N GLY A 90 -9.44 -8.26 -14.68
CA GLY A 90 -9.17 -8.06 -16.09
C GLY A 90 -10.38 -8.27 -16.97
N SER A 91 -10.40 -7.59 -18.12
CA SER A 91 -11.52 -7.72 -19.06
C SER A 91 -11.16 -8.67 -20.20
N HIS A 92 -10.00 -8.43 -20.83
CA HIS A 92 -9.54 -9.27 -21.93
C HIS A 92 -8.86 -10.53 -21.42
N ARG B 1 11.83 -4.47 -10.48
CA ARG B 1 11.01 -4.83 -9.30
C ARG B 1 11.74 -4.48 -7.99
N ARG B 2 11.04 -3.82 -7.08
CA ARG B 2 11.62 -3.42 -5.80
C ARG B 2 10.54 -3.38 -4.70
N GLU B 3 10.82 -4.05 -3.59
CA GLU B 3 9.89 -4.09 -2.47
C GLU B 3 10.55 -3.55 -1.20
N THR B 4 9.96 -2.50 -0.61
CA THR B 4 10.49 -1.89 0.60
C THR B 4 9.43 -1.81 1.68
N GLN B 5 9.85 -1.90 2.95
CA GLN B 5 8.93 -1.83 4.08
C GLN B 5 8.51 -0.39 4.36
N VAL B 6 7.38 -0.23 5.04
CA VAL B 6 6.85 1.08 5.37
C VAL B 6 6.11 1.07 6.71
N MET A 1 -12.43 0.02 -2.72
CA MET A 1 -12.33 -0.51 -1.34
C MET A 1 -11.39 0.33 -0.49
N GLU A 2 -11.92 0.94 0.57
CA GLU A 2 -11.14 1.78 1.47
C GLU A 2 -11.20 1.27 2.91
N ILE A 3 -10.21 1.68 3.70
CA ILE A 3 -10.12 1.30 5.11
C ILE A 3 -9.58 2.47 5.93
N LYS A 4 -10.15 2.72 7.10
CA LYS A 4 -9.69 3.82 7.95
C LYS A 4 -8.77 3.31 9.07
N LEU A 5 -7.48 3.30 8.78
CA LEU A 5 -6.48 2.82 9.73
C LEU A 5 -6.01 3.95 10.65
N ILE A 6 -6.10 3.71 11.96
CA ILE A 6 -5.68 4.70 12.96
C ILE A 6 -4.21 4.51 13.35
N LYS A 7 -3.44 5.60 13.32
CA LYS A 7 -2.03 5.56 13.66
C LYS A 7 -1.79 4.81 14.98
N GLY A 8 -1.04 3.71 14.89
CA GLY A 8 -0.77 2.89 16.07
C GLY A 8 0.50 3.32 16.79
N PRO A 9 1.06 2.44 17.66
CA PRO A 9 2.28 2.72 18.42
C PRO A 9 3.57 2.47 17.63
N LYS A 10 3.52 2.75 16.32
CA LYS A 10 4.68 2.57 15.45
C LYS A 10 4.36 3.05 14.02
N GLY A 11 3.50 2.30 13.32
CA GLY A 11 3.13 2.66 11.96
C GLY A 11 2.39 1.55 11.25
N LEU A 12 2.32 1.65 9.93
CA LEU A 12 1.63 0.66 9.10
C LEU A 12 2.05 -0.77 9.48
N GLY A 13 3.35 -0.98 9.68
CA GLY A 13 3.85 -2.29 10.04
C GLY A 13 3.73 -3.32 8.93
N PHE A 14 4.21 -2.97 7.74
CA PHE A 14 4.17 -3.86 6.58
C PHE A 14 5.10 -3.34 5.49
N SER A 15 5.08 -3.95 4.31
CA SER A 15 5.91 -3.51 3.20
C SER A 15 5.05 -3.32 1.96
N ILE A 16 5.65 -2.79 0.89
CA ILE A 16 4.94 -2.56 -0.36
C ILE A 16 5.90 -2.49 -1.54
N ALA A 17 5.33 -2.44 -2.74
CA ALA A 17 6.08 -2.31 -3.98
C ALA A 17 5.32 -1.30 -4.85
N GLY A 18 5.93 -0.77 -5.91
CA GLY A 18 5.17 0.17 -6.72
C GLY A 18 5.98 0.98 -7.71
N GLY A 19 5.55 1.06 -8.96
CA GLY A 19 6.26 1.87 -9.94
C GLY A 19 7.09 1.06 -10.91
N VAL A 20 7.43 1.67 -12.05
CA VAL A 20 8.24 1.00 -13.06
C VAL A 20 9.65 0.70 -12.52
N GLY A 21 10.18 -0.48 -12.87
CA GLY A 21 11.51 -0.86 -12.39
C GLY A 21 11.49 -1.47 -11.00
N ASN A 22 10.43 -1.19 -10.24
CA ASN A 22 10.26 -1.71 -8.89
C ASN A 22 8.83 -2.24 -8.69
N GLN A 23 8.15 -2.57 -9.81
CA GLN A 23 6.76 -3.06 -9.77
C GLN A 23 6.63 -4.34 -8.96
N HIS A 24 5.48 -4.48 -8.31
CA HIS A 24 5.18 -5.66 -7.49
C HIS A 24 4.53 -6.77 -8.32
N ILE A 25 3.94 -6.40 -9.46
CA ILE A 25 3.29 -7.36 -10.34
C ILE A 25 3.37 -6.91 -11.79
N PRO A 26 3.82 -7.81 -12.70
CA PRO A 26 3.95 -7.51 -14.12
C PRO A 26 2.67 -6.89 -14.70
N GLY A 27 2.81 -5.71 -15.33
CA GLY A 27 1.66 -5.04 -15.91
C GLY A 27 1.09 -3.96 -15.01
N ASP A 28 0.72 -4.34 -13.78
CA ASP A 28 0.17 -3.39 -12.82
C ASP A 28 1.27 -2.69 -12.03
N ASN A 29 1.47 -1.40 -12.29
CA ASN A 29 2.51 -0.62 -11.61
C ASN A 29 1.97 0.00 -10.31
N SER A 30 0.82 -0.48 -9.83
CA SER A 30 0.23 0.03 -8.59
C SER A 30 1.09 -0.33 -7.37
N ILE A 31 0.64 0.08 -6.18
CA ILE A 31 1.37 -0.23 -4.97
C ILE A 31 0.78 -1.44 -4.23
N TYR A 32 1.52 -2.55 -4.23
CA TYR A 32 1.07 -3.78 -3.58
C TYR A 32 1.88 -4.10 -2.33
N VAL A 33 1.21 -4.65 -1.32
CA VAL A 33 1.88 -5.03 -0.07
C VAL A 33 2.66 -6.33 -0.26
N THR A 34 3.90 -6.35 0.23
CA THR A 34 4.77 -7.52 0.07
C THR A 34 4.91 -8.35 1.36
N LYS A 35 4.85 -7.69 2.53
CA LYS A 35 5.00 -8.39 3.82
C LYS A 35 4.39 -7.59 4.96
N ILE A 36 3.41 -8.16 5.66
CA ILE A 36 2.77 -7.49 6.78
C ILE A 36 3.43 -7.92 8.10
N ILE A 37 4.00 -6.95 8.81
CA ILE A 37 4.66 -7.21 10.09
C ILE A 37 3.64 -7.48 11.21
N GLU A 38 3.99 -8.39 12.12
CA GLU A 38 3.12 -8.74 13.24
C GLU A 38 2.76 -7.51 14.08
N GLY A 39 1.51 -7.46 14.55
CA GLY A 39 1.05 -6.35 15.37
C GLY A 39 1.09 -5.01 14.65
N GLY A 40 1.05 -5.04 13.31
CA GLY A 40 1.09 -3.81 12.54
C GLY A 40 -0.30 -3.32 12.15
N ALA A 41 -0.36 -2.10 11.63
CA ALA A 41 -1.63 -1.49 11.20
C ALA A 41 -2.51 -2.47 10.41
N ALA A 42 -1.97 -3.01 9.32
CA ALA A 42 -2.70 -3.96 8.48
C ALA A 42 -2.96 -5.27 9.21
N HIS A 43 -1.90 -5.83 9.81
CA HIS A 43 -2.00 -7.09 10.55
C HIS A 43 -3.17 -7.06 11.54
N LYS A 44 -3.21 -6.00 12.36
CA LYS A 44 -4.27 -5.85 13.36
C LYS A 44 -5.62 -5.59 12.71
N ASP A 45 -5.62 -4.84 11.61
CA ASP A 45 -6.86 -4.53 10.88
C ASP A 45 -7.53 -5.81 10.37
N GLY A 46 -6.75 -6.63 9.66
CA GLY A 46 -7.29 -7.87 9.12
C GLY A 46 -7.85 -7.73 7.71
N LYS A 47 -8.15 -6.49 7.30
CA LYS A 47 -8.70 -6.24 5.96
C LYS A 47 -7.59 -6.25 4.90
N LEU A 48 -6.37 -5.85 5.30
CA LEU A 48 -5.25 -5.82 4.37
C LEU A 48 -4.49 -7.15 4.37
N GLN A 49 -4.43 -7.78 3.19
CA GLN A 49 -3.74 -9.05 3.02
C GLN A 49 -2.76 -8.97 1.85
N ILE A 50 -1.60 -9.62 2.00
CA ILE A 50 -0.57 -9.61 0.95
C ILE A 50 -1.19 -9.87 -0.43
N GLY A 51 -1.00 -8.92 -1.36
CA GLY A 51 -1.54 -9.05 -2.69
C GLY A 51 -2.48 -7.92 -3.07
N ASP A 52 -3.02 -7.20 -2.08
CA ASP A 52 -3.92 -6.09 -2.35
C ASP A 52 -3.18 -4.96 -3.06
N LYS A 53 -3.94 -4.13 -3.79
CA LYS A 53 -3.36 -3.03 -4.53
C LYS A 53 -3.76 -1.68 -3.94
N LEU A 54 -2.88 -0.72 -4.07
CA LEU A 54 -3.12 0.62 -3.54
C LEU A 54 -3.52 1.60 -4.63
N LEU A 55 -4.81 1.92 -4.66
CA LEU A 55 -5.36 2.86 -5.62
C LEU A 55 -4.95 4.28 -5.24
N ALA A 56 -5.19 4.65 -3.98
CA ALA A 56 -4.83 5.99 -3.51
C ALA A 56 -4.69 6.04 -1.98
N VAL A 57 -3.88 7.00 -1.49
CA VAL A 57 -3.67 7.16 -0.06
C VAL A 57 -3.47 8.62 0.31
N ASN A 58 -4.34 9.14 1.19
CA ASN A 58 -4.27 10.53 1.63
C ASN A 58 -4.59 11.50 0.49
N ASN A 59 -5.57 11.12 -0.34
CA ASN A 59 -6.00 11.93 -1.50
C ASN A 59 -5.11 11.74 -2.73
N VAL A 60 -3.92 11.16 -2.56
CA VAL A 60 -3.01 10.94 -3.70
C VAL A 60 -3.19 9.52 -4.25
N CYS A 61 -3.02 9.38 -5.58
CA CYS A 61 -3.16 8.07 -6.22
C CYS A 61 -1.85 7.29 -6.14
N LEU A 62 -1.93 6.04 -5.72
CA LEU A 62 -0.77 5.17 -5.62
C LEU A 62 -0.72 4.16 -6.78
N GLU A 63 -1.23 4.56 -7.95
CA GLU A 63 -1.27 3.70 -9.13
C GLU A 63 -0.40 4.24 -10.28
N GLU A 64 -0.11 5.54 -10.25
CA GLU A 64 0.69 6.16 -11.32
C GLU A 64 1.97 6.80 -10.76
N VAL A 65 2.59 6.16 -9.77
CA VAL A 65 3.81 6.70 -9.16
C VAL A 65 4.88 5.62 -8.98
N THR A 66 6.14 6.07 -8.87
CA THR A 66 7.27 5.18 -8.66
C THR A 66 7.21 4.55 -7.27
N HIS A 67 8.27 3.87 -6.86
CA HIS A 67 8.28 3.24 -5.54
C HIS A 67 8.44 4.29 -4.44
N GLU A 68 9.28 5.30 -4.67
CA GLU A 68 9.50 6.36 -3.69
C GLU A 68 8.17 6.95 -3.24
N GLU A 69 7.28 7.22 -4.21
CA GLU A 69 5.96 7.77 -3.91
C GLU A 69 5.11 6.76 -3.15
N ALA A 70 5.24 5.48 -3.49
CA ALA A 70 4.51 4.40 -2.81
C ALA A 70 4.84 4.38 -1.32
N VAL A 71 6.13 4.53 -1.01
CA VAL A 71 6.60 4.54 0.38
C VAL A 71 6.36 5.89 1.05
N THR A 72 6.52 6.97 0.29
CA THR A 72 6.32 8.32 0.83
C THR A 72 4.87 8.55 1.23
N ALA A 73 3.94 8.04 0.42
CA ALA A 73 2.52 8.18 0.69
C ALA A 73 2.10 7.34 1.88
N LEU A 74 2.67 6.13 1.99
CA LEU A 74 2.39 5.25 3.11
C LEU A 74 3.03 5.79 4.37
N LYS A 75 4.20 6.42 4.18
CA LYS A 75 4.97 7.01 5.29
C LYS A 75 4.33 8.31 5.80
N ASN A 76 3.59 9.01 4.93
CA ASN A 76 2.96 10.27 5.29
C ASN A 76 1.70 10.06 6.14
N THR A 77 1.88 9.50 7.34
CA THR A 77 0.78 9.24 8.25
C THR A 77 1.01 9.93 9.60
N SER A 78 -0.02 10.62 10.10
CA SER A 78 0.07 11.34 11.37
C SER A 78 -0.91 10.77 12.39
N ASP A 79 -2.18 11.15 12.28
CA ASP A 79 -3.21 10.68 13.20
C ASP A 79 -3.97 9.51 12.59
N PHE A 80 -4.44 9.69 11.35
CA PHE A 80 -5.18 8.64 10.65
C PHE A 80 -4.62 8.42 9.25
N VAL A 81 -5.10 7.38 8.58
CA VAL A 81 -4.66 7.06 7.22
C VAL A 81 -5.85 6.57 6.39
N TYR A 82 -6.01 7.09 5.18
CA TYR A 82 -7.11 6.68 4.31
C TYR A 82 -6.59 5.92 3.11
N LEU A 83 -6.66 4.59 3.19
CA LEU A 83 -6.17 3.72 2.12
C LEU A 83 -7.27 3.41 1.10
N LYS A 84 -6.92 3.55 -0.18
CA LYS A 84 -7.83 3.25 -1.28
C LYS A 84 -7.27 2.13 -2.14
N VAL A 85 -8.13 1.25 -2.63
CA VAL A 85 -7.69 0.11 -3.44
C VAL A 85 -8.44 0.05 -4.77
N ALA A 86 -7.72 -0.26 -5.84
CA ALA A 86 -8.31 -0.35 -7.18
C ALA A 86 -8.64 -1.80 -7.54
N LYS A 87 -9.63 -1.98 -8.41
CA LYS A 87 -10.04 -3.32 -8.84
C LYS A 87 -9.75 -3.53 -10.33
N PRO A 88 -8.55 -4.03 -10.66
CA PRO A 88 -8.14 -4.28 -12.05
C PRO A 88 -8.88 -5.47 -12.68
N THR A 89 -8.89 -5.51 -14.00
CA THR A 89 -9.56 -6.59 -14.74
C THR A 89 -8.57 -7.67 -15.15
N GLY A 90 -7.47 -7.25 -15.79
CA GLY A 90 -6.46 -8.19 -16.24
C GLY A 90 -6.83 -8.87 -17.55
N SER A 91 -6.47 -10.16 -17.67
CA SER A 91 -6.77 -10.92 -18.88
C SER A 91 -8.00 -11.80 -18.67
N HIS A 92 -7.97 -12.61 -17.61
CA HIS A 92 -9.08 -13.52 -17.30
C HIS A 92 -9.99 -12.90 -16.23
N ARG B 1 12.01 -5.13 -9.47
CA ARG B 1 10.84 -5.23 -8.56
C ARG B 1 11.25 -5.03 -7.09
N ARG B 2 11.88 -3.90 -6.81
CA ARG B 2 12.33 -3.58 -5.45
C ARG B 2 11.14 -3.36 -4.51
N GLU B 3 11.20 -4.00 -3.35
CA GLU B 3 10.14 -3.88 -2.34
C GLU B 3 10.70 -3.36 -1.02
N THR B 4 10.06 -2.34 -0.46
CA THR B 4 10.51 -1.74 0.80
C THR B 4 9.39 -1.73 1.85
N GLN B 5 9.80 -1.75 3.12
CA GLN B 5 8.85 -1.73 4.23
C GLN B 5 8.41 -0.30 4.55
N VAL B 6 7.20 -0.17 5.08
CA VAL B 6 6.64 1.14 5.42
C VAL B 6 5.78 1.08 6.68
N MET A 1 -13.82 0.75 -2.27
CA MET A 1 -12.88 -0.08 -1.46
C MET A 1 -11.93 0.80 -0.64
N GLU A 2 -12.37 1.22 0.54
CA GLU A 2 -11.57 2.07 1.41
C GLU A 2 -11.54 1.52 2.84
N ILE A 3 -10.53 1.92 3.61
CA ILE A 3 -10.37 1.51 4.99
C ILE A 3 -9.87 2.68 5.83
N LYS A 4 -10.39 2.82 7.05
CA LYS A 4 -9.97 3.93 7.92
C LYS A 4 -9.03 3.44 9.02
N LEU A 5 -7.73 3.48 8.72
CA LEU A 5 -6.71 3.03 9.66
C LEU A 5 -6.24 4.18 10.56
N ILE A 6 -6.24 3.94 11.86
CA ILE A 6 -5.82 4.94 12.84
C ILE A 6 -4.33 4.81 13.16
N LYS A 7 -3.61 5.92 13.03
CA LYS A 7 -2.17 5.93 13.30
C LYS A 7 -1.90 5.84 14.80
N GLY A 8 -1.42 4.67 15.24
CA GLY A 8 -1.12 4.47 16.65
C GLY A 8 0.35 4.63 16.98
N PRO A 9 0.78 4.18 18.18
CA PRO A 9 2.18 4.29 18.62
C PRO A 9 3.07 3.16 18.05
N LYS A 10 2.76 2.70 16.84
CA LYS A 10 3.54 1.63 16.20
C LYS A 10 3.87 2.01 14.76
N GLY A 11 2.85 1.95 13.89
CA GLY A 11 3.05 2.27 12.48
C GLY A 11 2.57 1.17 11.55
N LEU A 12 2.56 1.47 10.24
CA LEU A 12 2.11 0.52 9.21
C LEU A 12 2.48 -0.92 9.58
N GLY A 13 3.77 -1.21 9.69
CA GLY A 13 4.22 -2.54 10.05
C GLY A 13 4.06 -3.55 8.91
N PHE A 14 4.45 -3.16 7.71
CA PHE A 14 4.36 -4.03 6.55
C PHE A 14 5.29 -3.52 5.43
N SER A 15 5.23 -4.14 4.25
CA SER A 15 6.06 -3.72 3.13
C SER A 15 5.21 -3.54 1.88
N ILE A 16 5.81 -2.96 0.83
CA ILE A 16 5.11 -2.73 -0.43
C ILE A 16 6.08 -2.62 -1.59
N ALA A 17 5.52 -2.61 -2.80
CA ALA A 17 6.27 -2.45 -4.04
C ALA A 17 5.50 -1.46 -4.90
N GLY A 18 6.07 -0.89 -5.96
CA GLY A 18 5.27 0.04 -6.76
C GLY A 18 6.02 0.92 -7.73
N GLY A 19 5.56 1.00 -8.98
CA GLY A 19 6.20 1.86 -9.96
C GLY A 19 7.01 1.09 -10.98
N VAL A 20 7.23 1.72 -12.14
CA VAL A 20 8.01 1.09 -13.21
C VAL A 20 9.47 0.91 -12.77
N GLY A 21 10.09 -0.20 -13.19
CA GLY A 21 11.47 -0.48 -12.80
C GLY A 21 11.58 -1.10 -11.42
N ASN A 22 10.50 -0.97 -10.62
CA ASN A 22 10.42 -1.53 -9.28
C ASN A 22 9.02 -2.11 -9.05
N GLN A 23 8.33 -2.49 -10.14
CA GLN A 23 6.98 -3.03 -10.08
C GLN A 23 6.89 -4.30 -9.22
N HIS A 24 5.73 -4.47 -8.59
CA HIS A 24 5.48 -5.63 -7.72
C HIS A 24 4.91 -6.82 -8.50
N ILE A 25 4.29 -6.54 -9.64
CA ILE A 25 3.70 -7.59 -10.46
C ILE A 25 3.50 -7.14 -11.91
N PRO A 26 3.95 -7.95 -12.89
CA PRO A 26 3.82 -7.62 -14.33
C PRO A 26 2.38 -7.32 -14.72
N GLY A 27 2.17 -6.13 -15.30
CA GLY A 27 0.84 -5.73 -15.72
C GLY A 27 0.32 -4.52 -14.97
N ASP A 28 0.35 -4.60 -13.63
CA ASP A 28 -0.13 -3.50 -12.80
C ASP A 28 1.02 -2.81 -12.07
N ASN A 29 1.25 -1.54 -12.42
CA ASN A 29 2.32 -0.76 -11.80
C ASN A 29 1.87 -0.07 -10.50
N SER A 30 0.75 -0.53 -9.92
CA SER A 30 0.24 0.05 -8.68
C SER A 30 0.95 -0.57 -7.48
N ILE A 31 0.87 0.11 -6.34
CA ILE A 31 1.56 -0.36 -5.13
C ILE A 31 0.88 -1.56 -4.47
N TYR A 32 1.64 -2.66 -4.32
CA TYR A 32 1.17 -3.89 -3.70
C TYR A 32 1.97 -4.19 -2.43
N VAL A 33 1.31 -4.79 -1.45
CA VAL A 33 1.98 -5.16 -0.19
C VAL A 33 2.76 -6.46 -0.39
N THR A 34 4.05 -6.42 -0.04
CA THR A 34 4.93 -7.58 -0.21
C THR A 34 5.06 -8.43 1.07
N LYS A 35 4.83 -7.82 2.24
CA LYS A 35 4.94 -8.56 3.50
C LYS A 35 4.38 -7.76 4.68
N ILE A 36 3.50 -8.37 5.47
CA ILE A 36 2.93 -7.70 6.63
C ILE A 36 3.59 -8.17 7.93
N ILE A 37 4.09 -7.22 8.71
CA ILE A 37 4.74 -7.52 9.99
C ILE A 37 3.69 -7.73 11.09
N GLU A 38 4.03 -8.56 12.09
CA GLU A 38 3.11 -8.84 13.19
C GLU A 38 2.87 -7.59 14.04
N GLY A 39 1.66 -7.48 14.59
CA GLY A 39 1.30 -6.34 15.42
C GLY A 39 1.32 -5.01 14.68
N GLY A 40 1.35 -5.05 13.35
CA GLY A 40 1.37 -3.82 12.57
C GLY A 40 -0.01 -3.30 12.22
N ALA A 41 -0.08 -2.06 11.73
CA ALA A 41 -1.35 -1.42 11.36
C ALA A 41 -2.22 -2.35 10.51
N ALA A 42 -1.68 -2.81 9.37
CA ALA A 42 -2.40 -3.70 8.47
C ALA A 42 -2.71 -5.04 9.15
N HIS A 43 -1.68 -5.65 9.74
CA HIS A 43 -1.82 -6.93 10.43
C HIS A 43 -2.97 -6.89 11.46
N LYS A 44 -3.00 -5.84 12.27
CA LYS A 44 -4.03 -5.68 13.29
C LYS A 44 -5.41 -5.45 12.65
N ASP A 45 -5.44 -4.66 11.57
CA ASP A 45 -6.69 -4.37 10.86
C ASP A 45 -7.30 -5.64 10.29
N GLY A 46 -6.50 -6.41 9.54
CA GLY A 46 -6.97 -7.65 8.94
C GLY A 46 -7.53 -7.46 7.53
N LYS A 47 -7.96 -6.25 7.21
CA LYS A 47 -8.51 -5.94 5.89
C LYS A 47 -7.43 -6.03 4.80
N LEU A 48 -6.23 -5.54 5.12
CA LEU A 48 -5.12 -5.57 4.17
C LEU A 48 -4.35 -6.88 4.25
N GLN A 49 -4.19 -7.53 3.09
CA GLN A 49 -3.47 -8.79 2.99
C GLN A 49 -2.49 -8.75 1.83
N ILE A 50 -1.33 -9.39 2.00
CA ILE A 50 -0.30 -9.42 0.96
C ILE A 50 -0.91 -9.78 -0.41
N GLY A 51 -0.73 -8.89 -1.39
CA GLY A 51 -1.26 -9.13 -2.72
C GLY A 51 -2.22 -8.05 -3.18
N ASP A 52 -2.83 -7.31 -2.24
CA ASP A 52 -3.77 -6.26 -2.60
C ASP A 52 -3.05 -5.10 -3.28
N LYS A 53 -3.81 -4.30 -4.03
CA LYS A 53 -3.25 -3.15 -4.73
C LYS A 53 -3.72 -1.84 -4.11
N LEU A 54 -2.86 -0.84 -4.21
CA LEU A 54 -3.13 0.48 -3.66
C LEU A 54 -3.57 1.47 -4.73
N LEU A 55 -4.83 1.89 -4.64
CA LEU A 55 -5.40 2.85 -5.58
C LEU A 55 -4.99 4.26 -5.19
N ALA A 56 -5.29 4.67 -3.95
CA ALA A 56 -4.93 6.01 -3.48
C ALA A 56 -4.71 6.02 -1.96
N VAL A 57 -3.86 6.94 -1.48
CA VAL A 57 -3.58 7.05 -0.05
C VAL A 57 -3.45 8.52 0.38
N ASN A 58 -4.32 8.94 1.30
CA ASN A 58 -4.31 10.32 1.79
C ASN A 58 -4.70 11.31 0.69
N ASN A 59 -5.63 10.87 -0.18
CA ASN A 59 -6.13 11.70 -1.30
C ASN A 59 -5.27 11.57 -2.56
N VAL A 60 -4.03 11.10 -2.42
CA VAL A 60 -3.13 10.94 -3.57
C VAL A 60 -3.29 9.55 -4.18
N CYS A 61 -3.11 9.45 -5.50
CA CYS A 61 -3.22 8.16 -6.18
C CYS A 61 -1.89 7.42 -6.11
N LEU A 62 -1.96 6.15 -5.71
CA LEU A 62 -0.78 5.30 -5.60
C LEU A 62 -0.68 4.33 -6.79
N GLU A 63 -1.32 4.65 -7.91
CA GLU A 63 -1.30 3.78 -9.08
C GLU A 63 -0.38 4.30 -10.19
N GLU A 64 -0.05 5.59 -10.16
CA GLU A 64 0.81 6.19 -11.17
C GLU A 64 2.00 6.92 -10.53
N VAL A 65 2.71 6.23 -9.64
CA VAL A 65 3.86 6.81 -8.96
C VAL A 65 5.00 5.81 -8.78
N THR A 66 6.22 6.34 -8.65
CA THR A 66 7.40 5.51 -8.45
C THR A 66 7.35 4.84 -7.08
N HIS A 67 8.24 3.89 -6.85
CA HIS A 67 8.25 3.18 -5.56
C HIS A 67 8.39 4.17 -4.41
N GLU A 68 9.24 5.19 -4.58
CA GLU A 68 9.46 6.20 -3.54
C GLU A 68 8.12 6.76 -3.05
N GLU A 69 7.25 7.13 -4.00
CA GLU A 69 5.94 7.67 -3.66
C GLU A 69 5.11 6.67 -2.87
N ALA A 70 5.25 5.38 -3.20
CA ALA A 70 4.52 4.32 -2.50
C ALA A 70 4.88 4.32 -1.01
N VAL A 71 6.16 4.51 -0.72
CA VAL A 71 6.66 4.56 0.65
C VAL A 71 6.40 5.92 1.29
N THR A 72 6.57 6.99 0.51
CA THR A 72 6.36 8.35 0.99
C THR A 72 4.91 8.60 1.37
N ALA A 73 3.98 8.04 0.60
CA ALA A 73 2.55 8.22 0.86
C ALA A 73 2.10 7.37 2.03
N LEU A 74 2.62 6.13 2.12
CA LEU A 74 2.27 5.24 3.21
C LEU A 74 2.89 5.71 4.51
N LYS A 75 4.05 6.37 4.41
CA LYS A 75 4.76 6.89 5.58
C LYS A 75 4.26 8.28 5.99
N ASN A 76 3.66 9.01 5.05
CA ASN A 76 3.16 10.36 5.32
C ASN A 76 1.82 10.33 6.07
N THR A 77 1.87 9.89 7.33
CA THR A 77 0.68 9.79 8.17
C THR A 77 0.86 10.50 9.51
N SER A 78 -0.20 11.11 10.00
CA SER A 78 -0.16 11.83 11.27
C SER A 78 -1.09 11.16 12.30
N ASP A 79 -2.39 11.41 12.19
CA ASP A 79 -3.37 10.84 13.11
C ASP A 79 -4.10 9.66 12.46
N PHE A 80 -4.57 9.85 11.23
CA PHE A 80 -5.30 8.81 10.51
C PHE A 80 -4.74 8.60 9.10
N VAL A 81 -5.16 7.52 8.44
CA VAL A 81 -4.73 7.23 7.08
C VAL A 81 -5.90 6.65 6.28
N TYR A 82 -6.16 7.23 5.11
CA TYR A 82 -7.25 6.76 4.26
C TYR A 82 -6.74 5.93 3.09
N LEU A 83 -6.80 4.62 3.25
CA LEU A 83 -6.31 3.69 2.23
C LEU A 83 -7.39 3.38 1.19
N LYS A 84 -7.03 3.57 -0.09
CA LYS A 84 -7.94 3.31 -1.20
C LYS A 84 -7.37 2.23 -2.10
N VAL A 85 -8.17 1.20 -2.40
CA VAL A 85 -7.72 0.09 -3.24
C VAL A 85 -8.61 -0.07 -4.48
N ALA A 86 -7.97 -0.24 -5.63
CA ALA A 86 -8.69 -0.43 -6.90
C ALA A 86 -8.61 -1.89 -7.34
N LYS A 87 -9.58 -2.31 -8.15
CA LYS A 87 -9.60 -3.68 -8.64
C LYS A 87 -9.39 -3.72 -10.16
N PRO A 88 -8.18 -4.12 -10.61
CA PRO A 88 -7.84 -4.19 -12.03
C PRO A 88 -8.77 -5.13 -12.80
N THR A 89 -9.10 -4.74 -14.04
CA THR A 89 -9.98 -5.55 -14.88
C THR A 89 -9.87 -5.12 -16.35
N GLY A 90 -9.88 -6.10 -17.25
CA GLY A 90 -9.78 -5.81 -18.67
C GLY A 90 -8.35 -5.74 -19.18
N SER A 91 -7.39 -6.12 -18.33
CA SER A 91 -5.97 -6.09 -18.70
C SER A 91 -5.62 -7.27 -19.62
N HIS A 92 -6.15 -8.45 -19.30
CA HIS A 92 -5.89 -9.65 -20.09
C HIS A 92 -6.69 -9.63 -21.39
N ARG B 1 12.56 -5.54 -9.24
CA ARG B 1 11.43 -5.65 -8.27
C ARG B 1 11.82 -5.10 -6.90
N ARG B 2 11.52 -3.82 -6.68
CA ARG B 2 11.84 -3.16 -5.41
C ARG B 2 10.70 -3.36 -4.40
N GLU B 3 11.05 -3.95 -3.26
CA GLU B 3 10.08 -4.20 -2.20
C GLU B 3 10.62 -3.69 -0.86
N THR B 4 10.26 -2.46 -0.52
CA THR B 4 10.71 -1.83 0.71
C THR B 4 9.62 -1.86 1.77
N GLN B 5 10.03 -1.93 3.04
CA GLN B 5 9.09 -1.95 4.15
C GLN B 5 8.70 -0.54 4.55
N VAL B 6 7.47 -0.38 5.04
CA VAL B 6 6.97 0.93 5.46
C VAL B 6 6.24 0.85 6.79
N MET A 1 -11.89 -0.54 -2.88
CA MET A 1 -12.52 -0.26 -1.56
C MET A 1 -11.61 0.61 -0.70
N GLU A 2 -12.20 1.25 0.32
CA GLU A 2 -11.44 2.11 1.22
C GLU A 2 -11.38 1.52 2.63
N ILE A 3 -10.40 1.97 3.41
CA ILE A 3 -10.22 1.52 4.78
C ILE A 3 -9.79 2.70 5.65
N LYS A 4 -10.29 2.79 6.88
CA LYS A 4 -9.93 3.89 7.77
C LYS A 4 -8.96 3.43 8.86
N LEU A 5 -7.66 3.53 8.55
CA LEU A 5 -6.62 3.10 9.48
C LEU A 5 -6.19 4.23 10.42
N ILE A 6 -6.25 3.94 11.72
CA ILE A 6 -5.87 4.92 12.74
C ILE A 6 -4.40 4.75 13.13
N LYS A 7 -3.65 5.85 13.11
CA LYS A 7 -2.23 5.83 13.45
C LYS A 7 -2.00 5.21 14.84
N GLY A 8 -1.30 4.08 14.87
CA GLY A 8 -1.03 3.40 16.12
C GLY A 8 0.26 3.87 16.77
N PRO A 9 0.72 3.17 17.84
CA PRO A 9 1.94 3.54 18.58
C PRO A 9 3.23 3.08 17.87
N LYS A 10 3.29 3.25 16.55
CA LYS A 10 4.46 2.86 15.77
C LYS A 10 4.34 3.37 14.33
N GLY A 11 3.75 2.54 13.46
CA GLY A 11 3.58 2.93 12.07
C GLY A 11 2.64 2.01 11.32
N LEU A 12 3.08 1.52 10.16
CA LEU A 12 2.26 0.63 9.33
C LEU A 12 2.46 -0.82 9.74
N GLY A 13 3.72 -1.25 9.86
CA GLY A 13 4.02 -2.62 10.24
C GLY A 13 3.92 -3.59 9.08
N PHE A 14 4.34 -3.14 7.90
CA PHE A 14 4.30 -3.96 6.69
C PHE A 14 5.19 -3.37 5.60
N SER A 15 5.16 -3.95 4.40
CA SER A 15 5.95 -3.46 3.29
C SER A 15 5.07 -3.32 2.04
N ILE A 16 5.63 -2.78 0.97
CA ILE A 16 4.88 -2.60 -0.27
C ILE A 16 5.82 -2.49 -1.48
N ALA A 17 5.22 -2.47 -2.66
CA ALA A 17 5.93 -2.33 -3.92
C ALA A 17 5.15 -1.31 -4.77
N GLY A 18 5.72 -0.78 -5.85
CA GLY A 18 4.94 0.17 -6.64
C GLY A 18 5.73 0.98 -7.64
N GLY A 19 5.29 1.00 -8.90
CA GLY A 19 5.97 1.80 -9.91
C GLY A 19 6.74 0.97 -10.90
N VAL A 20 6.98 1.54 -12.08
CA VAL A 20 7.72 0.85 -13.14
C VAL A 20 9.18 0.62 -12.70
N GLY A 21 9.74 -0.52 -13.09
CA GLY A 21 11.11 -0.85 -12.70
C GLY A 21 11.21 -1.44 -11.30
N ASN A 22 10.17 -1.22 -10.49
CA ASN A 22 10.10 -1.73 -9.12
C ASN A 22 8.69 -2.27 -8.85
N GLN A 23 7.97 -2.64 -9.92
CA GLN A 23 6.60 -3.14 -9.83
C GLN A 23 6.48 -4.43 -9.02
N HIS A 24 5.34 -4.58 -8.36
CA HIS A 24 5.05 -5.76 -7.53
C HIS A 24 4.38 -6.86 -8.36
N ILE A 25 3.71 -6.47 -9.44
CA ILE A 25 3.02 -7.42 -10.30
C ILE A 25 2.97 -6.91 -11.74
N PRO A 26 3.42 -7.74 -12.71
CA PRO A 26 3.43 -7.35 -14.14
C PRO A 26 2.03 -6.94 -14.63
N GLY A 27 1.96 -5.76 -15.26
CA GLY A 27 0.69 -5.26 -15.75
C GLY A 27 0.16 -4.11 -14.92
N ASP A 28 -0.04 -4.37 -13.62
CA ASP A 28 -0.56 -3.35 -12.71
C ASP A 28 0.58 -2.63 -11.99
N ASN A 29 0.76 -1.35 -12.30
CA ASN A 29 1.81 -0.53 -11.68
C ASN A 29 1.36 0.08 -10.35
N SER A 30 0.26 -0.43 -9.78
CA SER A 30 -0.25 0.07 -8.50
C SER A 30 0.52 -0.56 -7.35
N ILE A 31 0.55 0.11 -6.20
CA ILE A 31 1.31 -0.37 -5.05
C ILE A 31 0.64 -1.56 -4.35
N TYR A 32 1.41 -2.65 -4.19
CA TYR A 32 0.93 -3.86 -3.52
C TYR A 32 1.76 -4.16 -2.27
N VAL A 33 1.13 -4.73 -1.26
CA VAL A 33 1.83 -5.10 -0.02
C VAL A 33 2.66 -6.37 -0.26
N THR A 34 3.94 -6.33 0.14
CA THR A 34 4.84 -7.46 -0.07
C THR A 34 5.06 -8.30 1.20
N LYS A 35 4.99 -7.68 2.39
CA LYS A 35 5.19 -8.40 3.65
C LYS A 35 4.59 -7.65 4.83
N ILE A 36 3.67 -8.30 5.54
CA ILE A 36 3.04 -7.68 6.70
C ILE A 36 3.69 -8.17 8.00
N ILE A 37 4.24 -7.23 8.78
CA ILE A 37 4.90 -7.55 10.05
C ILE A 37 3.86 -7.90 11.12
N GLU A 38 4.21 -8.85 12.00
CA GLU A 38 3.31 -9.26 13.08
C GLU A 38 2.98 -8.09 14.01
N GLY A 39 1.77 -8.10 14.56
CA GLY A 39 1.33 -7.04 15.46
C GLY A 39 1.37 -5.65 14.83
N GLY A 40 1.40 -5.60 13.49
CA GLY A 40 1.44 -4.31 12.80
C GLY A 40 0.05 -3.77 12.50
N ALA A 41 0.00 -2.52 12.03
CA ALA A 41 -1.27 -1.86 11.71
C ALA A 41 -2.16 -2.74 10.84
N ALA A 42 -1.63 -3.20 9.70
CA ALA A 42 -2.39 -4.04 8.79
C ALA A 42 -2.65 -5.42 9.41
N HIS A 43 -1.59 -6.05 9.91
CA HIS A 43 -1.68 -7.37 10.54
C HIS A 43 -2.80 -7.42 11.59
N LYS A 44 -2.84 -6.40 12.46
CA LYS A 44 -3.85 -6.33 13.51
C LYS A 44 -5.22 -5.97 12.95
N ASP A 45 -5.25 -5.10 11.94
CA ASP A 45 -6.50 -4.68 11.31
C ASP A 45 -7.21 -5.87 10.66
N GLY A 46 -6.49 -6.57 9.76
CA GLY A 46 -7.05 -7.72 9.09
C GLY A 46 -7.60 -7.39 7.71
N LYS A 47 -8.07 -6.16 7.51
CA LYS A 47 -8.62 -5.74 6.23
C LYS A 47 -7.55 -5.79 5.13
N LEU A 48 -6.33 -5.39 5.49
CA LEU A 48 -5.22 -5.39 4.53
C LEU A 48 -4.48 -6.74 4.57
N GLN A 49 -4.42 -7.39 3.41
CA GLN A 49 -3.75 -8.67 3.27
C GLN A 49 -2.80 -8.65 2.08
N ILE A 50 -1.64 -9.31 2.21
CA ILE A 50 -0.65 -9.36 1.14
C ILE A 50 -1.31 -9.68 -0.21
N GLY A 51 -1.12 -8.78 -1.18
CA GLY A 51 -1.70 -8.97 -2.51
C GLY A 51 -2.63 -7.84 -2.91
N ASP A 52 -3.15 -7.08 -1.94
CA ASP A 52 -4.04 -5.97 -2.24
C ASP A 52 -3.31 -4.86 -2.98
N LYS A 53 -4.05 -4.08 -3.77
CA LYS A 53 -3.47 -2.98 -4.54
C LYS A 53 -3.84 -1.63 -3.94
N LEU A 54 -2.95 -0.67 -4.11
CA LEU A 54 -3.16 0.67 -3.57
C LEU A 54 -3.55 1.67 -4.66
N LEU A 55 -4.85 1.99 -4.70
CA LEU A 55 -5.37 2.94 -5.66
C LEU A 55 -4.97 4.35 -5.27
N ALA A 56 -5.26 4.72 -4.01
CA ALA A 56 -4.91 6.06 -3.51
C ALA A 56 -4.71 6.03 -1.99
N VAL A 57 -3.84 6.91 -1.47
CA VAL A 57 -3.58 6.96 -0.03
C VAL A 57 -3.41 8.39 0.44
N ASN A 58 -4.24 8.80 1.41
CA ASN A 58 -4.18 10.16 1.96
C ASN A 58 -4.59 11.20 0.90
N ASN A 59 -5.52 10.80 0.01
CA ASN A 59 -6.03 11.67 -1.07
C ASN A 59 -5.17 11.58 -2.34
N VAL A 60 -3.92 11.11 -2.23
CA VAL A 60 -3.04 10.99 -3.39
C VAL A 60 -3.22 9.62 -4.05
N CYS A 61 -3.00 9.56 -5.37
CA CYS A 61 -3.13 8.30 -6.09
C CYS A 61 -1.81 7.53 -6.05
N LEU A 62 -1.88 6.25 -5.68
CA LEU A 62 -0.70 5.40 -5.59
C LEU A 62 -0.62 4.45 -6.80
N GLU A 63 -1.16 4.88 -7.94
CA GLU A 63 -1.15 4.06 -9.16
C GLU A 63 -0.26 4.64 -10.25
N GLU A 64 0.05 5.94 -10.17
CA GLU A 64 0.89 6.60 -11.18
C GLU A 64 2.11 7.27 -10.54
N VAL A 65 2.85 6.50 -9.74
CA VAL A 65 4.04 7.02 -9.07
C VAL A 65 5.12 5.95 -8.87
N THR A 66 6.38 6.40 -8.82
CA THR A 66 7.52 5.51 -8.61
C THR A 66 7.45 4.91 -7.20
N HIS A 67 8.28 3.89 -6.94
CA HIS A 67 8.28 3.25 -5.62
C HIS A 67 8.51 4.28 -4.51
N GLU A 68 9.40 5.25 -4.74
CA GLU A 68 9.69 6.28 -3.74
C GLU A 68 8.38 6.89 -3.21
N GLU A 69 7.50 7.29 -4.14
CA GLU A 69 6.19 7.87 -3.79
C GLU A 69 5.32 6.85 -3.06
N ALA A 70 5.46 5.58 -3.45
CA ALA A 70 4.70 4.48 -2.83
C ALA A 70 4.99 4.41 -1.33
N VAL A 71 6.27 4.56 -0.98
CA VAL A 71 6.70 4.52 0.41
C VAL A 71 6.45 5.84 1.11
N THR A 72 6.60 6.94 0.37
CA THR A 72 6.39 8.28 0.92
C THR A 72 4.94 8.49 1.34
N ALA A 73 4.00 7.92 0.59
CA ALA A 73 2.58 8.05 0.88
C ALA A 73 2.14 7.09 1.98
N LEU A 74 2.75 5.90 2.01
CA LEU A 74 2.44 4.90 3.03
C LEU A 74 2.97 5.35 4.38
N LYS A 75 4.09 6.07 4.35
CA LYS A 75 4.71 6.57 5.57
C LYS A 75 4.20 7.97 5.95
N ASN A 76 3.54 8.66 5.01
CA ASN A 76 3.01 9.99 5.27
C ASN A 76 1.69 9.92 6.05
N THR A 77 1.77 9.43 7.29
CA THR A 77 0.59 9.30 8.15
C THR A 77 0.78 10.04 9.47
N SER A 78 -0.22 10.82 9.85
CA SER A 78 -0.17 11.58 11.10
C SER A 78 -1.16 11.01 12.12
N ASP A 79 -2.44 11.39 11.99
CA ASP A 79 -3.48 10.90 12.89
C ASP A 79 -4.22 9.72 12.26
N PHE A 80 -4.71 9.93 11.04
CA PHE A 80 -5.44 8.89 10.31
C PHE A 80 -4.89 8.73 8.90
N VAL A 81 -5.30 7.66 8.22
CA VAL A 81 -4.87 7.41 6.85
C VAL A 81 -6.02 6.82 6.03
N TYR A 82 -6.37 7.51 4.94
CA TYR A 82 -7.46 7.04 4.08
C TYR A 82 -6.90 6.24 2.90
N LEU A 83 -6.95 4.92 3.04
CA LEU A 83 -6.44 4.02 2.03
C LEU A 83 -7.50 3.66 0.99
N LYS A 84 -7.12 3.76 -0.28
CA LYS A 84 -8.00 3.42 -1.40
C LYS A 84 -7.41 2.28 -2.19
N VAL A 85 -8.25 1.34 -2.63
CA VAL A 85 -7.78 0.20 -3.40
C VAL A 85 -8.56 0.03 -4.70
N ALA A 86 -7.83 -0.35 -5.76
CA ALA A 86 -8.44 -0.55 -7.07
C ALA A 86 -9.05 -1.95 -7.18
N LYS A 87 -10.22 -2.05 -7.81
CA LYS A 87 -10.90 -3.33 -7.98
C LYS A 87 -10.53 -3.98 -9.31
N PRO A 88 -9.72 -5.06 -9.26
CA PRO A 88 -9.29 -5.77 -10.47
C PRO A 88 -10.42 -6.56 -11.12
N THR A 89 -10.77 -6.21 -12.36
CA THR A 89 -11.84 -6.90 -13.07
C THR A 89 -11.45 -7.11 -14.54
N GLY A 90 -11.34 -6.03 -15.30
CA GLY A 90 -10.96 -6.12 -16.70
C GLY A 90 -12.10 -6.60 -17.59
N SER A 91 -12.08 -6.17 -18.85
CA SER A 91 -13.12 -6.56 -19.81
C SER A 91 -13.03 -8.06 -20.13
N HIS A 92 -11.80 -8.57 -20.25
CA HIS A 92 -11.57 -9.98 -20.55
C HIS A 92 -11.89 -10.85 -19.33
N ARG B 1 11.68 -5.85 -9.67
CA ARG B 1 10.69 -5.92 -8.56
C ARG B 1 11.31 -5.48 -7.24
N ARG B 2 11.02 -4.24 -6.84
CA ARG B 2 11.55 -3.70 -5.59
C ARG B 2 10.47 -3.65 -4.52
N GLU B 3 10.79 -4.19 -3.34
CA GLU B 3 9.85 -4.20 -2.21
C GLU B 3 10.50 -3.60 -0.97
N THR B 4 9.94 -2.50 -0.47
CA THR B 4 10.47 -1.83 0.70
C THR B 4 9.42 -1.75 1.81
N GLN B 5 9.89 -1.77 3.06
CA GLN B 5 8.99 -1.69 4.22
C GLN B 5 8.55 -0.26 4.48
N VAL B 6 7.37 -0.11 5.08
CA VAL B 6 6.82 1.20 5.38
C VAL B 6 6.05 1.21 6.71
N MET A 1 -13.24 0.38 -2.31
CA MET A 1 -12.53 -0.38 -1.25
C MET A 1 -11.57 0.51 -0.47
N GLU A 2 -12.00 0.96 0.71
CA GLU A 2 -11.19 1.82 1.55
C GLU A 2 -11.17 1.30 2.99
N ILE A 3 -10.16 1.73 3.75
CA ILE A 3 -10.01 1.32 5.14
C ILE A 3 -9.53 2.51 5.98
N LYS A 4 -10.12 2.72 7.15
CA LYS A 4 -9.74 3.84 8.00
C LYS A 4 -8.79 3.38 9.11
N LEU A 5 -7.48 3.44 8.82
CA LEU A 5 -6.46 3.03 9.76
C LEU A 5 -6.00 4.18 10.65
N ILE A 6 -6.08 3.98 11.96
CA ILE A 6 -5.68 5.00 12.92
C ILE A 6 -4.20 4.86 13.27
N LYS A 7 -3.45 5.95 13.15
CA LYS A 7 -2.02 5.96 13.45
C LYS A 7 -1.76 5.52 14.90
N GLY A 8 -1.12 4.36 15.04
CA GLY A 8 -0.81 3.84 16.37
C GLY A 8 0.60 4.17 16.81
N PRO A 9 1.01 3.71 18.01
CA PRO A 9 2.35 3.97 18.57
C PRO A 9 3.42 3.02 18.00
N LYS A 10 3.44 2.87 16.67
CA LYS A 10 4.41 2.01 16.00
C LYS A 10 4.58 2.40 14.53
N GLY A 11 3.49 2.32 13.77
CA GLY A 11 3.53 2.66 12.36
C GLY A 11 2.59 1.81 11.53
N LEU A 12 3.03 1.41 10.34
CA LEU A 12 2.22 0.57 9.46
C LEU A 12 2.44 -0.91 9.79
N GLY A 13 3.72 -1.31 9.86
CA GLY A 13 4.06 -2.69 10.18
C GLY A 13 3.89 -3.63 9.00
N PHE A 14 4.28 -3.18 7.81
CA PHE A 14 4.19 -3.99 6.60
C PHE A 14 5.11 -3.44 5.52
N SER A 15 5.05 -4.02 4.31
CA SER A 15 5.88 -3.57 3.20
C SER A 15 5.01 -3.34 1.96
N ILE A 16 5.60 -2.73 0.93
CA ILE A 16 4.86 -2.46 -0.30
C ILE A 16 5.80 -2.33 -1.49
N ALA A 17 5.20 -2.26 -2.68
CA ALA A 17 5.91 -2.06 -3.93
C ALA A 17 5.12 -1.04 -4.74
N GLY A 18 5.67 -0.49 -5.81
CA GLY A 18 4.90 0.47 -6.59
C GLY A 18 5.69 1.28 -7.59
N GLY A 19 5.31 1.23 -8.88
CA GLY A 19 6.01 2.02 -9.87
C GLY A 19 6.84 1.18 -10.83
N VAL A 20 7.13 1.76 -12.00
CA VAL A 20 7.93 1.07 -13.01
C VAL A 20 9.35 0.84 -12.49
N GLY A 21 9.96 -0.28 -12.92
CA GLY A 21 11.31 -0.60 -12.46
C GLY A 21 11.32 -1.32 -11.12
N ASN A 22 10.22 -1.20 -10.38
CA ASN A 22 10.06 -1.85 -9.07
C ASN A 22 8.67 -2.50 -8.97
N GLN A 23 8.00 -2.67 -10.12
CA GLN A 23 6.66 -3.24 -10.18
C GLN A 23 6.50 -4.50 -9.32
N HIS A 24 5.38 -4.57 -8.60
CA HIS A 24 5.07 -5.70 -7.73
C HIS A 24 4.30 -6.80 -8.49
N ILE A 25 3.59 -6.38 -9.54
CA ILE A 25 2.81 -7.32 -10.34
C ILE A 25 2.72 -6.85 -11.79
N PRO A 26 2.94 -7.76 -12.76
CA PRO A 26 2.90 -7.43 -14.19
C PRO A 26 1.50 -7.05 -14.65
N GLY A 27 1.39 -5.86 -15.24
CA GLY A 27 0.11 -5.39 -15.72
C GLY A 27 -0.38 -4.14 -15.00
N ASP A 28 -0.12 -4.06 -13.70
CA ASP A 28 -0.54 -2.92 -12.90
C ASP A 28 0.62 -2.32 -12.11
N ASN A 29 0.94 -1.05 -12.41
CA ASN A 29 2.02 -0.33 -11.73
C ASN A 29 1.58 0.24 -10.37
N SER A 30 0.48 -0.31 -9.82
CA SER A 30 -0.05 0.14 -8.53
C SER A 30 0.89 -0.24 -7.38
N ILE A 31 0.50 0.11 -6.16
CA ILE A 31 1.30 -0.23 -4.99
C ILE A 31 0.71 -1.45 -4.28
N TYR A 32 1.50 -2.53 -4.22
CA TYR A 32 1.06 -3.77 -3.59
C TYR A 32 1.86 -4.09 -2.32
N VAL A 33 1.18 -4.66 -1.33
CA VAL A 33 1.82 -5.05 -0.07
C VAL A 33 2.53 -6.40 -0.25
N THR A 34 3.81 -6.44 0.08
CA THR A 34 4.61 -7.67 -0.10
C THR A 34 4.80 -8.47 1.19
N LYS A 35 4.76 -7.80 2.36
CA LYS A 35 4.95 -8.51 3.64
C LYS A 35 4.37 -7.73 4.82
N ILE A 36 3.42 -8.35 5.53
CA ILE A 36 2.81 -7.72 6.69
C ILE A 36 3.50 -8.17 7.98
N ILE A 37 4.09 -7.21 8.71
CA ILE A 37 4.79 -7.50 9.96
C ILE A 37 3.81 -7.68 11.13
N GLU A 38 3.72 -8.91 11.67
CA GLU A 38 2.81 -9.21 12.79
C GLU A 38 2.70 -8.03 13.77
N GLY A 39 1.51 -7.85 14.36
CA GLY A 39 1.30 -6.77 15.30
C GLY A 39 1.28 -5.39 14.64
N GLY A 40 1.23 -5.35 13.30
CA GLY A 40 1.21 -4.08 12.59
C GLY A 40 -0.20 -3.59 12.27
N ALA A 41 -0.29 -2.34 11.82
CA ALA A 41 -1.55 -1.71 11.47
C ALA A 41 -2.43 -2.62 10.59
N ALA A 42 -1.87 -3.08 9.47
CA ALA A 42 -2.60 -3.95 8.55
C ALA A 42 -2.94 -5.29 9.20
N HIS A 43 -1.91 -5.92 9.79
CA HIS A 43 -2.09 -7.22 10.46
C HIS A 43 -3.23 -7.16 11.48
N LYS A 44 -3.22 -6.12 12.33
CA LYS A 44 -4.25 -5.95 13.35
C LYS A 44 -5.62 -5.70 12.71
N ASP A 45 -5.64 -4.92 11.62
CA ASP A 45 -6.88 -4.61 10.91
C ASP A 45 -7.51 -5.88 10.35
N GLY A 46 -6.71 -6.68 9.63
CA GLY A 46 -7.21 -7.91 9.05
C GLY A 46 -7.76 -7.75 7.65
N LYS A 47 -8.09 -6.52 7.27
CA LYS A 47 -8.63 -6.24 5.93
C LYS A 47 -7.53 -6.26 4.86
N LEU A 48 -6.33 -5.81 5.23
CA LEU A 48 -5.20 -5.78 4.29
C LEU A 48 -4.43 -7.10 4.32
N GLN A 49 -4.28 -7.70 3.14
CA GLN A 49 -3.56 -8.96 2.99
C GLN A 49 -2.60 -8.88 1.81
N ILE A 50 -1.44 -9.53 1.94
CA ILE A 50 -0.43 -9.52 0.86
C ILE A 50 -1.06 -9.81 -0.49
N GLY A 51 -0.88 -8.89 -1.44
CA GLY A 51 -1.45 -9.05 -2.77
C GLY A 51 -2.40 -7.94 -3.17
N ASP A 52 -2.97 -7.23 -2.18
CA ASP A 52 -3.90 -6.14 -2.48
C ASP A 52 -3.17 -4.99 -3.17
N LYS A 53 -3.92 -4.17 -3.89
CA LYS A 53 -3.34 -3.04 -4.61
C LYS A 53 -3.79 -1.71 -4.00
N LEU A 54 -2.92 -0.73 -4.10
CA LEU A 54 -3.18 0.60 -3.55
C LEU A 54 -3.56 1.59 -4.64
N LEU A 55 -4.86 1.89 -4.70
CA LEU A 55 -5.40 2.83 -5.67
C LEU A 55 -5.03 4.25 -5.29
N ALA A 56 -5.26 4.62 -4.02
CA ALA A 56 -4.94 5.96 -3.56
C ALA A 56 -4.63 6.01 -2.06
N VAL A 57 -3.80 6.98 -1.66
CA VAL A 57 -3.41 7.16 -0.26
C VAL A 57 -3.52 8.63 0.15
N ASN A 58 -4.52 8.93 0.99
CA ASN A 58 -4.74 10.30 1.47
C ASN A 58 -5.06 11.26 0.32
N ASN A 59 -5.98 10.85 -0.55
CA ASN A 59 -6.41 11.65 -1.71
C ASN A 59 -5.46 11.53 -2.91
N VAL A 60 -4.25 11.01 -2.70
CA VAL A 60 -3.29 10.84 -3.80
C VAL A 60 -3.40 9.45 -4.40
N CYS A 61 -3.14 9.32 -5.70
CA CYS A 61 -3.20 8.02 -6.35
C CYS A 61 -1.89 7.27 -6.20
N LEU A 62 -1.97 6.01 -5.76
CA LEU A 62 -0.80 5.18 -5.57
C LEU A 62 -0.63 4.17 -6.73
N GLU A 63 -1.03 4.58 -7.93
CA GLU A 63 -0.94 3.71 -9.10
C GLU A 63 -0.12 4.34 -10.25
N GLU A 64 0.09 5.65 -10.20
CA GLU A 64 0.86 6.34 -11.24
C GLU A 64 2.12 7.02 -10.68
N VAL A 65 2.77 6.35 -9.73
CA VAL A 65 3.98 6.89 -9.12
C VAL A 65 5.06 5.82 -8.93
N THR A 66 6.30 6.28 -8.81
CA THR A 66 7.44 5.39 -8.60
C THR A 66 7.37 4.76 -7.21
N HIS A 67 8.42 4.02 -6.83
CA HIS A 67 8.43 3.38 -5.51
C HIS A 67 8.58 4.44 -4.41
N GLU A 68 9.42 5.43 -4.64
CA GLU A 68 9.65 6.50 -3.66
C GLU A 68 8.30 7.04 -3.16
N GLU A 69 7.41 7.35 -4.12
CA GLU A 69 6.08 7.87 -3.80
C GLU A 69 5.25 6.83 -3.04
N ALA A 70 5.44 5.55 -3.40
CA ALA A 70 4.73 4.45 -2.74
C ALA A 70 5.02 4.43 -1.25
N VAL A 71 6.29 4.63 -0.90
CA VAL A 71 6.73 4.65 0.49
C VAL A 71 6.42 6.00 1.14
N THR A 72 6.55 7.07 0.35
CA THR A 72 6.28 8.43 0.85
C THR A 72 4.82 8.59 1.27
N ALA A 73 3.91 8.00 0.50
CA ALA A 73 2.47 8.09 0.78
C ALA A 73 2.09 7.19 1.94
N LEU A 74 2.72 6.01 2.03
CA LEU A 74 2.46 5.09 3.12
C LEU A 74 3.01 5.67 4.41
N LYS A 75 4.13 6.38 4.29
CA LYS A 75 4.78 7.00 5.45
C LYS A 75 4.16 8.36 5.79
N ASN A 76 3.39 8.93 4.87
CA ASN A 76 2.75 10.23 5.09
C ASN A 76 1.46 10.08 5.92
N THR A 77 1.62 9.56 7.14
CA THR A 77 0.48 9.35 8.04
C THR A 77 0.65 10.13 9.34
N SER A 78 -0.26 11.07 9.58
CA SER A 78 -0.22 11.89 10.79
C SER A 78 -1.04 11.24 11.91
N ASP A 79 -2.35 11.51 11.91
CA ASP A 79 -3.25 10.94 12.91
C ASP A 79 -3.98 9.73 12.34
N PHE A 80 -4.46 9.87 11.09
CA PHE A 80 -5.18 8.80 10.41
C PHE A 80 -4.60 8.57 9.01
N VAL A 81 -5.02 7.49 8.36
CA VAL A 81 -4.58 7.17 7.01
C VAL A 81 -5.73 6.59 6.20
N TYR A 82 -6.08 7.25 5.10
CA TYR A 82 -7.17 6.79 4.25
C TYR A 82 -6.63 5.98 3.06
N LEU A 83 -6.69 4.66 3.21
CA LEU A 83 -6.20 3.74 2.19
C LEU A 83 -7.27 3.41 1.15
N LYS A 84 -6.90 3.55 -0.12
CA LYS A 84 -7.80 3.25 -1.24
C LYS A 84 -7.21 2.13 -2.08
N VAL A 85 -8.06 1.16 -2.48
CA VAL A 85 -7.60 0.03 -3.27
C VAL A 85 -8.33 -0.07 -4.62
N ALA A 86 -7.58 -0.39 -5.67
CA ALA A 86 -8.14 -0.51 -7.01
C ALA A 86 -8.63 -1.94 -7.28
N LYS A 87 -9.70 -2.06 -8.06
CA LYS A 87 -10.26 -3.37 -8.39
C LYS A 87 -9.67 -3.90 -9.70
N PRO A 88 -8.98 -5.06 -9.64
CA PRO A 88 -8.35 -5.67 -10.82
C PRO A 88 -9.39 -6.22 -11.80
N THR A 89 -9.00 -6.34 -13.07
CA THR A 89 -9.89 -6.85 -14.11
C THR A 89 -9.18 -7.86 -15.01
N GLY A 90 -9.93 -8.85 -15.49
CA GLY A 90 -9.36 -9.87 -16.36
C GLY A 90 -9.99 -11.23 -16.17
N SER A 91 -10.40 -11.87 -17.27
CA SER A 91 -11.02 -13.19 -17.23
C SER A 91 -9.97 -14.29 -17.04
N HIS A 92 -8.80 -14.10 -17.65
CA HIS A 92 -7.71 -15.08 -17.56
C HIS A 92 -7.24 -15.24 -16.12
N ARG B 1 11.51 -5.27 -10.31
CA ARG B 1 10.75 -5.54 -9.06
C ARG B 1 11.56 -5.14 -7.83
N ARG B 2 10.99 -4.27 -7.00
CA ARG B 2 11.64 -3.80 -5.79
C ARG B 2 10.62 -3.47 -4.72
N GLU B 3 10.73 -4.14 -3.57
CA GLU B 3 9.81 -3.94 -2.45
C GLU B 3 10.55 -3.34 -1.25
N THR B 4 9.84 -2.53 -0.47
CA THR B 4 10.41 -1.90 0.71
C THR B 4 9.37 -1.80 1.83
N GLN B 5 9.83 -1.97 3.07
CA GLN B 5 8.95 -1.91 4.24
C GLN B 5 8.57 -0.46 4.54
N VAL B 6 7.40 -0.28 5.16
CA VAL B 6 6.90 1.05 5.51
C VAL B 6 6.17 1.03 6.85
N MET A 1 -10.94 -2.69 -1.01
CA MET A 1 -11.72 -1.53 -0.51
C MET A 1 -10.88 -0.63 0.40
N GLU A 2 -11.46 0.50 0.81
CA GLU A 2 -10.77 1.45 1.67
C GLU A 2 -10.75 0.97 3.12
N ILE A 3 -9.80 1.48 3.90
CA ILE A 3 -9.66 1.13 5.31
C ILE A 3 -9.32 2.39 6.12
N LYS A 4 -9.91 2.53 7.31
CA LYS A 4 -9.63 3.69 8.15
C LYS A 4 -8.70 3.31 9.31
N LEU A 5 -7.40 3.45 9.05
CA LEU A 5 -6.39 3.10 10.05
C LEU A 5 -5.85 4.32 10.78
N ILE A 6 -5.81 4.22 12.11
CA ILE A 6 -5.32 5.32 12.96
C ILE A 6 -3.82 5.18 13.17
N LYS A 7 -3.07 6.26 12.93
CA LYS A 7 -1.62 6.26 13.10
C LYS A 7 -1.23 5.91 14.54
N GLY A 8 -0.44 4.84 14.68
CA GLY A 8 0.02 4.42 15.99
C GLY A 8 1.48 4.74 16.23
N PRO A 9 2.19 3.92 17.05
CA PRO A 9 3.61 4.14 17.33
C PRO A 9 4.46 4.04 16.07
N LYS A 10 4.73 2.81 15.61
CA LYS A 10 5.53 2.59 14.41
C LYS A 10 4.87 3.23 13.20
N GLY A 11 3.69 2.71 12.82
CA GLY A 11 2.98 3.25 11.67
C GLY A 11 2.06 2.25 11.01
N LEU A 12 2.49 1.74 9.86
CA LEU A 12 1.69 0.78 9.09
C LEU A 12 1.94 -0.66 9.53
N GLY A 13 3.22 -1.03 9.70
CA GLY A 13 3.55 -2.39 10.11
C GLY A 13 3.47 -3.39 8.98
N PHE A 14 3.93 -2.99 7.79
CA PHE A 14 3.91 -3.87 6.62
C PHE A 14 4.84 -3.30 5.54
N SER A 15 4.85 -3.90 4.35
CA SER A 15 5.68 -3.44 3.25
C SER A 15 4.84 -3.25 1.99
N ILE A 16 5.47 -2.69 0.96
CA ILE A 16 4.79 -2.44 -0.31
C ILE A 16 5.79 -2.35 -1.46
N ALA A 17 5.26 -2.29 -2.66
CA ALA A 17 6.06 -2.15 -3.88
C ALA A 17 5.33 -1.16 -4.77
N GLY A 18 5.96 -0.64 -5.82
CA GLY A 18 5.23 0.30 -6.67
C GLY A 18 6.08 1.09 -7.64
N GLY A 19 5.71 1.12 -8.92
CA GLY A 19 6.45 1.91 -9.90
C GLY A 19 7.31 1.08 -10.82
N VAL A 20 7.68 1.68 -11.96
CA VAL A 20 8.53 0.99 -12.94
C VAL A 20 9.92 0.73 -12.35
N GLY A 21 10.49 -0.44 -12.68
CA GLY A 21 11.81 -0.78 -12.16
C GLY A 21 11.76 -1.36 -10.76
N ASN A 22 10.68 -1.08 -10.03
CA ASN A 22 10.48 -1.58 -8.67
C ASN A 22 9.05 -2.12 -8.49
N GLN A 23 8.39 -2.45 -9.61
CA GLN A 23 7.01 -2.95 -9.58
C GLN A 23 6.87 -4.26 -8.81
N HIS A 24 5.70 -4.44 -8.21
CA HIS A 24 5.40 -5.63 -7.40
C HIS A 24 4.80 -6.77 -8.22
N ILE A 25 4.22 -6.45 -9.37
CA ILE A 25 3.60 -7.47 -10.21
C ILE A 25 3.69 -7.11 -11.69
N PRO A 26 4.16 -8.04 -12.54
CA PRO A 26 4.30 -7.81 -13.99
C PRO A 26 2.99 -7.30 -14.61
N GLY A 27 3.09 -6.15 -15.29
CA GLY A 27 1.91 -5.58 -15.92
C GLY A 27 1.33 -4.42 -15.13
N ASP A 28 1.06 -4.67 -13.84
CA ASP A 28 0.49 -3.65 -12.97
C ASP A 28 1.60 -2.95 -12.17
N ASN A 29 1.83 -1.67 -12.48
CA ASN A 29 2.85 -0.89 -11.78
C ASN A 29 2.30 -0.18 -10.54
N SER A 30 1.12 -0.62 -10.08
CA SER A 30 0.49 -0.04 -8.89
C SER A 30 1.29 -0.41 -7.63
N ILE A 31 0.81 0.05 -6.48
CA ILE A 31 1.48 -0.27 -5.22
C ILE A 31 0.82 -1.48 -4.54
N TYR A 32 1.58 -2.56 -4.39
CA TYR A 32 1.08 -3.78 -3.77
C TYR A 32 1.84 -4.11 -2.50
N VAL A 33 1.14 -4.68 -1.52
CA VAL A 33 1.77 -5.09 -0.25
C VAL A 33 2.67 -6.31 -0.48
N THR A 34 3.81 -6.31 0.20
CA THR A 34 4.78 -7.41 0.04
C THR A 34 4.93 -8.26 1.30
N LYS A 35 4.81 -7.65 2.48
CA LYS A 35 4.95 -8.37 3.75
C LYS A 35 4.26 -7.63 4.90
N ILE A 36 3.29 -8.27 5.53
CA ILE A 36 2.58 -7.66 6.65
C ILE A 36 3.19 -8.11 7.98
N ILE A 37 3.71 -7.14 8.74
CA ILE A 37 4.34 -7.42 10.03
C ILE A 37 3.29 -7.72 11.10
N GLU A 38 3.62 -8.64 12.01
CA GLU A 38 2.70 -9.03 13.09
C GLU A 38 2.31 -7.81 13.93
N GLY A 39 1.06 -7.80 14.41
CA GLY A 39 0.57 -6.71 15.23
C GLY A 39 0.64 -5.36 14.52
N GLY A 40 0.66 -5.36 13.19
CA GLY A 40 0.71 -4.13 12.42
C GLY A 40 -0.66 -3.59 12.07
N ALA A 41 -0.71 -2.35 11.59
CA ALA A 41 -1.97 -1.70 11.22
C ALA A 41 -2.82 -2.61 10.34
N ALA A 42 -2.24 -3.11 9.25
CA ALA A 42 -2.97 -3.99 8.33
C ALA A 42 -3.24 -5.35 8.97
N HIS A 43 -2.18 -5.97 9.50
CA HIS A 43 -2.29 -7.28 10.15
C HIS A 43 -3.44 -7.31 11.15
N LYS A 44 -3.53 -6.28 11.99
CA LYS A 44 -4.58 -6.18 13.01
C LYS A 44 -5.95 -5.89 12.38
N ASP A 45 -5.94 -5.08 11.31
CA ASP A 45 -7.19 -4.73 10.61
C ASP A 45 -7.84 -5.96 9.99
N GLY A 46 -7.07 -6.71 9.19
CA GLY A 46 -7.58 -7.91 8.55
C GLY A 46 -8.10 -7.65 7.14
N LYS A 47 -8.50 -6.41 6.85
CA LYS A 47 -9.01 -6.05 5.53
C LYS A 47 -7.91 -6.10 4.48
N LEU A 48 -6.70 -5.67 4.85
CA LEU A 48 -5.57 -5.67 3.92
C LEU A 48 -4.80 -6.99 3.98
N GLN A 49 -4.66 -7.63 2.82
CA GLN A 49 -3.94 -8.89 2.70
C GLN A 49 -2.95 -8.83 1.55
N ILE A 50 -1.78 -9.46 1.71
CA ILE A 50 -0.75 -9.46 0.69
C ILE A 50 -1.34 -9.79 -0.69
N GLY A 51 -1.10 -8.90 -1.66
CA GLY A 51 -1.62 -9.10 -3.01
C GLY A 51 -2.54 -7.98 -3.47
N ASP A 52 -3.11 -7.23 -2.53
CA ASP A 52 -4.00 -6.13 -2.88
C ASP A 52 -3.20 -4.98 -3.50
N LYS A 53 -3.89 -4.11 -4.25
CA LYS A 53 -3.24 -2.97 -4.89
C LYS A 53 -3.71 -1.66 -4.27
N LEU A 54 -2.80 -0.70 -4.24
CA LEU A 54 -3.09 0.60 -3.69
C LEU A 54 -3.55 1.59 -4.75
N LEU A 55 -4.87 1.81 -4.78
CA LEU A 55 -5.48 2.73 -5.72
C LEU A 55 -5.07 4.16 -5.39
N ALA A 56 -5.26 4.54 -4.11
CA ALA A 56 -4.90 5.90 -3.69
C ALA A 56 -4.52 5.95 -2.20
N VAL A 57 -3.69 6.93 -1.84
CA VAL A 57 -3.24 7.11 -0.46
C VAL A 57 -3.45 8.55 0.00
N ASN A 58 -4.46 8.77 0.84
CA ASN A 58 -4.77 10.10 1.37
C ASN A 58 -5.12 11.09 0.24
N ASN A 59 -6.01 10.66 -0.66
CA ASN A 59 -6.47 11.49 -1.78
C ASN A 59 -5.53 11.40 -3.00
N VAL A 60 -4.29 10.94 -2.82
CA VAL A 60 -3.34 10.81 -3.92
C VAL A 60 -3.45 9.42 -4.54
N CYS A 61 -3.16 9.30 -5.84
CA CYS A 61 -3.22 8.00 -6.51
C CYS A 61 -1.88 7.27 -6.39
N LEU A 62 -1.93 6.03 -5.92
CA LEU A 62 -0.73 5.20 -5.78
C LEU A 62 -0.63 4.18 -6.92
N GLU A 63 -1.13 4.55 -8.11
CA GLU A 63 -1.11 3.66 -9.27
C GLU A 63 -0.20 4.19 -10.39
N GLU A 64 0.12 5.49 -10.35
CA GLU A 64 0.98 6.09 -11.38
C GLU A 64 2.20 6.79 -10.75
N VAL A 65 2.85 6.10 -9.80
CA VAL A 65 4.02 6.66 -9.13
C VAL A 65 5.12 5.62 -8.92
N THR A 66 6.35 6.12 -8.76
CA THR A 66 7.51 5.25 -8.52
C THR A 66 7.40 4.63 -7.13
N HIS A 67 8.47 3.98 -6.67
CA HIS A 67 8.46 3.38 -5.35
C HIS A 67 8.61 4.45 -4.28
N GLU A 68 9.45 5.46 -4.54
CA GLU A 68 9.66 6.54 -3.58
C GLU A 68 8.31 7.14 -3.15
N GLU A 69 7.42 7.36 -4.12
CA GLU A 69 6.10 7.90 -3.84
C GLU A 69 5.24 6.87 -3.09
N ALA A 70 5.44 5.58 -3.44
CA ALA A 70 4.72 4.49 -2.78
C ALA A 70 4.97 4.49 -1.27
N VAL A 71 6.24 4.69 -0.90
CA VAL A 71 6.63 4.74 0.50
C VAL A 71 6.36 6.11 1.12
N THR A 72 6.50 7.17 0.30
CA THR A 72 6.27 8.53 0.77
C THR A 72 4.81 8.72 1.19
N ALA A 73 3.89 8.10 0.44
CA ALA A 73 2.46 8.21 0.74
C ALA A 73 2.08 7.31 1.89
N LEU A 74 2.72 6.13 2.00
CA LEU A 74 2.45 5.21 3.09
C LEU A 74 3.04 5.74 4.39
N LYS A 75 4.13 6.49 4.27
CA LYS A 75 4.79 7.07 5.44
C LYS A 75 4.24 8.46 5.78
N ASN A 76 3.57 9.11 4.82
CA ASN A 76 3.00 10.44 5.03
C ASN A 76 2.03 10.47 6.22
N THR A 77 1.42 9.32 6.51
CA THR A 77 0.46 9.18 7.61
C THR A 77 0.79 10.07 8.80
N SER A 78 -0.16 10.94 9.17
CA SER A 78 0.01 11.86 10.29
C SER A 78 -0.82 11.39 11.49
N ASP A 79 -2.09 11.81 11.56
CA ASP A 79 -2.99 11.41 12.63
C ASP A 79 -3.72 10.14 12.23
N PHE A 80 -4.28 10.15 11.02
CA PHE A 80 -5.00 9.00 10.48
C PHE A 80 -4.49 8.69 9.08
N VAL A 81 -4.94 7.57 8.51
CA VAL A 81 -4.53 7.20 7.16
C VAL A 81 -5.70 6.59 6.39
N TYR A 82 -6.06 7.22 5.29
CA TYR A 82 -7.16 6.74 4.46
C TYR A 82 -6.62 5.99 3.24
N LEU A 83 -6.60 4.67 3.35
CA LEU A 83 -6.09 3.81 2.30
C LEU A 83 -7.16 3.50 1.25
N LYS A 84 -6.79 3.70 -0.01
CA LYS A 84 -7.69 3.42 -1.13
C LYS A 84 -7.14 2.25 -1.94
N VAL A 85 -7.83 1.12 -1.88
CA VAL A 85 -7.40 -0.08 -2.59
C VAL A 85 -8.31 -0.39 -3.77
N ALA A 86 -7.71 -0.68 -4.92
CA ALA A 86 -8.46 -0.99 -6.13
C ALA A 86 -8.73 -2.49 -6.24
N LYS A 87 -9.86 -2.84 -6.84
CA LYS A 87 -10.24 -4.24 -7.01
C LYS A 87 -9.98 -4.70 -8.45
N PRO A 88 -9.21 -5.79 -8.63
CA PRO A 88 -8.89 -6.33 -9.96
C PRO A 88 -10.14 -6.78 -10.72
N THR A 89 -10.13 -6.58 -12.03
CA THR A 89 -11.26 -6.97 -12.88
C THR A 89 -10.85 -6.93 -14.37
N GLY A 90 -10.55 -8.11 -14.93
CA GLY A 90 -10.15 -8.18 -16.32
C GLY A 90 -11.20 -7.62 -17.27
N SER A 91 -10.76 -6.74 -18.17
CA SER A 91 -11.65 -6.12 -19.15
C SER A 91 -11.71 -6.94 -20.44
N HIS A 92 -10.57 -7.57 -20.79
CA HIS A 92 -10.49 -8.38 -21.99
C HIS A 92 -11.56 -9.48 -22.02
N ARG B 1 12.41 -6.81 -8.03
CA ARG B 1 11.09 -6.22 -7.69
C ARG B 1 11.25 -4.98 -6.79
N ARG B 2 12.24 -5.00 -5.90
CA ARG B 2 12.49 -3.89 -4.99
C ARG B 2 11.27 -3.61 -4.09
N GLU B 3 11.21 -4.33 -2.97
CA GLU B 3 10.11 -4.18 -2.02
C GLU B 3 10.60 -3.59 -0.71
N THR B 4 10.02 -2.45 -0.30
CA THR B 4 10.42 -1.77 0.93
C THR B 4 9.27 -1.74 1.94
N GLN B 5 9.63 -1.72 3.23
CA GLN B 5 8.65 -1.67 4.31
C GLN B 5 8.20 -0.24 4.59
N VAL B 6 7.02 -0.09 5.17
CA VAL B 6 6.46 1.22 5.49
C VAL B 6 5.63 1.19 6.77
#